data_7LER
#
_entry.id   7LER
#
_cell.length_a   196.690
_cell.length_b   196.690
_cell.length_c   476.330
_cell.angle_alpha   90.000
_cell.angle_beta   90.000
_cell.angle_gamma   120.000
#
_symmetry.space_group_name_H-M   'P 65'
#
loop_
_entity.id
_entity.type
_entity.pdbx_description
1 polymer Netrin-1
2 branched alpha-D-mannopyranose-(1-3)-[alpha-D-mannopyranose-(1-6)]beta-D-mannopyranose-(1-4)-2-acetamido-2-deoxy-beta-D-glucopyranose-(1-4)-2-acetamido-2-deoxy-beta-D-glucopyranose
3 branched 2-acetamido-2-deoxy-beta-D-glucopyranose-(1-4)-2-acetamido-2-deoxy-beta-D-glucopyranose
4 non-polymer 2-acetamido-2-deoxy-beta-D-glucopyranose
#
_entity_poly.entity_id   1
_entity_poly.type   'polypeptide(L)'
_entity_poly.pdbx_seq_one_letter_code
;APLAGYPGLNMFAVQTAQPDPCYDEHGLPRRCIPDFVNSAFGKEVKVSSTCGKPPSRYCVVTEKGEEQVRSCHLCNASDP
KRAHPPSFLTDLNNPHNLTCWQSDSYVQYPHNVTLTLSLGKKFEVTYVSLQFCSPRPESMAIYKSMDYGKTWVPFQFYST
QCRKMYNKPSRAAITKQNEQEAICTDSHTDVRPLSGGLIAFSTLDGRPTAHDFDNSPVLQDWVTATDIKVTFSRLHTFGD
ENEDDSELARDSYFYAVSDLQVGGRCKCNGHASRCVRDRDDNLVCDCKHNTAGPECDRCKPFHYDRPWQRATAREANECV
ACNCNLHARRCRFNMELYKLSGRKSGGVCLNCRHNTAGRHCHYCKEGFYRDLSKPISHRKACKECDCHPVGAAGQTCNQT
TGQCPCKDGVTGITCNRCAKGYQQSRSPIAPCIKIPAGSLVPR
;
_entity_poly.pdbx_strand_id   A,B,C,E,D,F,G,H
#
loop_
_chem_comp.id
_chem_comp.type
_chem_comp.name
_chem_comp.formula
BMA D-saccharide, beta linking beta-D-mannopyranose 'C6 H12 O6'
MAN D-saccharide, alpha linking alpha-D-mannopyranose 'C6 H12 O6'
NAG D-saccharide, beta linking 2-acetamido-2-deoxy-beta-D-glucopyranose 'C8 H15 N O6'
#
# COMPACT_ATOMS: atom_id res chain seq x y z
N PRO A 19 -34.74 4.73 49.79
CA PRO A 19 -34.41 4.73 51.22
C PRO A 19 -35.65 4.82 52.10
N ASP A 20 -36.05 6.02 52.53
CA ASP A 20 -37.26 6.18 53.32
C ASP A 20 -38.26 7.16 52.72
N PRO A 21 -39.41 6.68 52.24
CA PRO A 21 -40.48 7.60 51.81
C PRO A 21 -41.19 8.30 52.95
N CYS A 22 -40.89 7.96 54.21
CA CYS A 22 -41.47 8.65 55.35
C CYS A 22 -40.93 10.05 55.52
N TYR A 23 -39.92 10.44 54.74
CA TYR A 23 -39.32 11.76 54.81
C TYR A 23 -39.11 12.27 53.39
N ASP A 24 -39.39 13.56 53.20
CA ASP A 24 -39.47 14.15 51.88
C ASP A 24 -38.07 14.26 51.26
N GLU A 25 -38.01 14.85 50.07
CA GLU A 25 -36.74 15.10 49.39
C GLU A 25 -35.68 15.64 50.36
N HIS A 26 -36.03 16.67 51.13
CA HIS A 26 -35.16 17.21 52.18
C HIS A 26 -35.42 16.55 53.52
N GLY A 27 -35.60 15.22 53.53
CA GLY A 27 -35.97 14.53 54.74
C GLY A 27 -37.17 15.07 55.50
N LEU A 28 -38.04 15.84 54.86
CA LEU A 28 -39.20 16.39 55.57
C LEU A 28 -40.20 15.27 55.82
N PRO A 29 -40.69 15.10 57.06
CA PRO A 29 -41.59 13.96 57.33
C PRO A 29 -42.87 14.02 56.50
N ARG A 30 -43.03 13.02 55.63
CA ARG A 30 -44.17 12.90 54.75
C ARG A 30 -44.82 11.54 54.96
N ARG A 31 -46.09 11.45 54.58
CA ARG A 31 -46.84 10.22 54.75
C ARG A 31 -46.21 9.06 53.99
N CYS A 32 -45.91 7.98 54.70
CA CYS A 32 -45.43 6.74 54.11
C CYS A 32 -46.44 5.64 54.42
N ILE A 33 -46.88 4.94 53.38
CA ILE A 33 -48.06 4.08 53.46
C ILE A 33 -47.76 2.70 52.88
N PRO A 34 -48.25 1.60 53.48
CA PRO A 34 -48.19 0.32 52.78
C PRO A 34 -49.04 0.38 51.51
N ASP A 35 -48.50 -0.18 50.44
CA ASP A 35 -49.16 -0.10 49.15
C ASP A 35 -50.44 -0.92 49.16
N PHE A 36 -51.28 -0.65 48.16
CA PHE A 36 -52.57 -1.32 48.09
C PHE A 36 -52.40 -2.79 47.73
N VAL A 37 -53.02 -3.65 48.55
CA VAL A 37 -52.90 -5.09 48.41
C VAL A 37 -54.25 -5.72 48.70
N ASN A 38 -54.49 -6.92 48.18
CA ASN A 38 -55.65 -7.68 48.61
C ASN A 38 -55.46 -8.05 50.06
N SER A 39 -56.51 -8.02 50.89
CA SER A 39 -56.34 -8.28 52.33
C SER A 39 -56.36 -9.80 52.56
N ALA A 40 -57.31 -10.49 52.00
CA ALA A 40 -57.47 -11.94 52.19
C ALA A 40 -56.65 -12.73 51.15
N PHE A 41 -55.43 -13.19 51.50
CA PHE A 41 -54.58 -13.89 50.52
C PHE A 41 -53.75 -14.91 51.29
N GLY A 42 -54.20 -16.17 51.26
CA GLY A 42 -53.35 -17.23 51.78
C GLY A 42 -53.61 -17.52 53.25
N LYS A 43 -54.78 -17.11 53.75
CA LYS A 43 -55.05 -17.10 55.18
C LYS A 43 -56.16 -18.09 55.53
N GLU A 44 -56.32 -18.36 56.82
CA GLU A 44 -57.31 -19.31 57.31
C GLU A 44 -58.61 -18.62 57.72
N VAL A 45 -59.71 -19.35 57.56
CA VAL A 45 -61.06 -18.89 57.84
C VAL A 45 -61.80 -20.02 58.55
N LYS A 46 -62.47 -19.70 59.65
CA LYS A 46 -63.36 -20.66 60.29
C LYS A 46 -64.78 -20.47 59.78
N VAL A 47 -65.41 -21.58 59.42
CA VAL A 47 -66.71 -21.59 58.76
C VAL A 47 -67.69 -22.40 59.61
N SER A 48 -68.93 -22.52 59.16
CA SER A 48 -69.91 -23.30 59.90
C SER A 48 -69.93 -24.78 59.49
N SER A 49 -69.96 -25.07 58.18
CA SER A 49 -70.03 -26.45 57.73
C SER A 49 -69.61 -26.54 56.27
N THR A 50 -69.40 -27.77 55.80
CA THR A 50 -68.92 -28.04 54.45
C THR A 50 -69.22 -29.50 54.08
N CYS A 51 -69.45 -29.72 52.79
CA CYS A 51 -69.77 -31.04 52.25
C CYS A 51 -68.66 -32.04 52.55
N GLY A 52 -68.99 -33.30 52.43
CA GLY A 52 -68.02 -34.35 52.56
C GLY A 52 -67.98 -34.96 53.96
N LYS A 53 -68.72 -34.39 54.90
CA LYS A 53 -68.79 -34.95 56.26
C LYS A 53 -70.24 -34.89 56.72
N PRO A 54 -71.03 -35.98 56.51
CA PRO A 54 -70.62 -37.19 55.77
C PRO A 54 -70.49 -36.92 54.27
N PRO A 55 -69.80 -37.81 53.50
CA PRO A 55 -69.64 -37.56 52.07
C PRO A 55 -71.00 -37.23 51.45
N SER A 56 -71.12 -36.06 50.84
CA SER A 56 -72.42 -35.56 50.41
C SER A 56 -72.46 -35.41 48.90
N ARG A 57 -73.69 -35.31 48.38
CA ARG A 57 -73.93 -35.12 46.97
C ARG A 57 -74.31 -33.66 46.74
N TYR A 58 -74.37 -33.30 45.45
CA TYR A 58 -74.79 -31.96 45.05
C TYR A 58 -75.09 -32.04 43.56
N CYS A 59 -76.20 -31.44 43.15
CA CYS A 59 -76.60 -31.51 41.75
C CYS A 59 -76.46 -30.13 41.12
N VAL A 60 -76.12 -30.13 39.82
CA VAL A 60 -75.79 -28.92 39.08
C VAL A 60 -76.56 -28.93 37.78
N VAL A 61 -77.36 -27.90 37.54
CA VAL A 61 -78.15 -27.81 36.33
C VAL A 61 -77.42 -26.92 35.33
N THR A 62 -77.60 -27.22 34.04
CA THR A 62 -77.04 -26.40 32.97
C THR A 62 -78.12 -26.23 31.91
N GLU A 63 -78.21 -25.03 31.37
CA GLU A 63 -79.18 -24.74 30.32
C GLU A 63 -78.54 -24.88 28.95
N LYS A 64 -79.37 -24.90 27.92
CA LYS A 64 -78.86 -24.95 26.55
C LYS A 64 -79.92 -24.42 25.59
N GLY A 65 -79.71 -23.21 25.09
CA GLY A 65 -80.61 -22.62 24.12
C GLY A 65 -81.94 -22.17 24.70
N GLU A 66 -82.81 -23.13 25.03
CA GLU A 66 -84.12 -22.81 25.56
C GLU A 66 -84.50 -23.59 26.82
N GLU A 67 -83.78 -24.64 27.18
CA GLU A 67 -84.17 -25.46 28.32
C GLU A 67 -82.93 -25.88 29.09
N GLN A 68 -83.14 -26.72 30.11
CA GLN A 68 -82.17 -27.08 31.13
C GLN A 68 -81.70 -28.52 30.96
N VAL A 69 -80.58 -28.81 31.61
CA VAL A 69 -80.08 -30.18 31.80
C VAL A 69 -79.21 -30.18 33.05
N ARG A 70 -79.42 -31.15 33.94
CA ARG A 70 -78.86 -31.11 35.28
C ARG A 70 -77.87 -32.25 35.52
N SER A 71 -76.64 -31.88 35.89
CA SER A 71 -75.66 -32.83 36.36
C SER A 71 -75.71 -32.91 37.89
N CYS A 72 -74.93 -33.83 38.46
CA CYS A 72 -74.95 -34.00 39.90
C CYS A 72 -73.72 -34.79 40.30
N HIS A 73 -73.15 -34.46 41.46
CA HIS A 73 -71.88 -35.06 41.86
C HIS A 73 -71.88 -35.28 43.38
N LEU A 74 -70.73 -35.69 43.89
CA LEU A 74 -70.56 -36.06 45.29
C LEU A 74 -69.34 -35.34 45.86
N CYS A 75 -69.24 -35.36 47.18
CA CYS A 75 -68.20 -34.63 47.90
C CYS A 75 -67.66 -35.49 49.02
N ASN A 76 -66.41 -35.90 48.90
CA ASN A 76 -65.66 -36.34 50.06
C ASN A 76 -64.46 -35.44 50.24
N ALA A 77 -64.32 -34.88 51.45
CA ALA A 77 -63.11 -34.13 51.78
C ALA A 77 -61.89 -35.04 51.75
N SER A 78 -62.05 -36.30 52.17
CA SER A 78 -60.99 -37.29 52.03
C SER A 78 -60.70 -37.62 50.56
N ASP A 79 -61.59 -37.23 49.63
CA ASP A 79 -61.27 -37.23 48.21
C ASP A 79 -60.74 -35.84 47.90
N PRO A 80 -59.42 -35.68 47.74
CA PRO A 80 -58.88 -34.31 47.53
C PRO A 80 -59.50 -33.57 46.36
N LYS A 81 -59.59 -34.22 45.19
CA LYS A 81 -60.18 -33.60 44.01
C LYS A 81 -61.70 -33.46 44.16
N ARG A 82 -62.33 -34.29 45.00
CA ARG A 82 -63.73 -34.13 45.36
C ARG A 82 -63.88 -33.38 46.68
N ALA A 83 -62.78 -33.10 47.37
CA ALA A 83 -62.79 -32.12 48.44
C ALA A 83 -62.88 -30.76 47.79
N HIS A 84 -63.48 -29.81 48.49
CA HIS A 84 -63.60 -28.45 47.98
C HIS A 84 -63.37 -27.50 49.16
N PRO A 85 -62.12 -27.38 49.60
CA PRO A 85 -61.82 -26.62 50.82
C PRO A 85 -61.86 -25.13 50.58
N PRO A 86 -61.93 -24.32 51.64
CA PRO A 86 -61.78 -22.87 51.47
C PRO A 86 -60.42 -22.48 50.91
N SER A 87 -59.44 -23.39 50.96
CA SER A 87 -58.17 -23.16 50.28
C SER A 87 -58.40 -22.86 48.81
N PHE A 88 -59.47 -23.41 48.25
CA PHE A 88 -59.92 -23.03 46.91
C PHE A 88 -60.28 -21.55 46.81
N LEU A 89 -60.48 -20.85 47.93
CA LEU A 89 -60.80 -19.42 47.91
C LEU A 89 -59.58 -18.50 48.01
N THR A 90 -58.65 -18.79 48.91
CA THR A 90 -57.51 -17.89 49.12
C THR A 90 -56.40 -18.15 48.11
N ASP A 91 -56.49 -19.26 47.38
CA ASP A 91 -55.54 -19.63 46.35
C ASP A 91 -55.61 -18.63 45.20
N LEU A 92 -54.71 -18.77 44.25
CA LEU A 92 -54.78 -17.99 43.04
C LEU A 92 -55.99 -18.43 42.21
N ASN A 93 -56.75 -17.46 41.69
CA ASN A 93 -57.94 -17.78 40.90
C ASN A 93 -57.47 -17.95 39.47
N ASN A 94 -57.33 -19.19 39.03
CA ASN A 94 -57.03 -19.36 37.63
C ASN A 94 -58.36 -19.31 36.88
N PRO A 95 -58.56 -18.34 35.97
CA PRO A 95 -59.79 -18.31 35.16
C PRO A 95 -59.92 -19.51 34.21
N HIS A 96 -58.91 -20.41 34.23
CA HIS A 96 -58.88 -21.61 33.40
C HIS A 96 -58.79 -22.92 34.19
N ASN A 97 -58.57 -22.87 35.50
CA ASN A 97 -58.64 -24.03 36.41
C ASN A 97 -59.21 -23.47 37.70
N LEU A 98 -60.54 -23.40 37.77
CA LEU A 98 -61.19 -22.77 38.90
C LEU A 98 -61.00 -23.60 40.17
N THR A 99 -61.22 -22.95 41.30
CA THR A 99 -61.01 -23.56 42.61
C THR A 99 -62.32 -23.37 43.39
N CYS A 100 -63.28 -24.28 43.16
CA CYS A 100 -64.61 -24.15 43.74
C CYS A 100 -64.63 -24.79 45.13
N TRP A 101 -64.79 -23.96 46.16
CA TRP A 101 -65.10 -24.45 47.49
C TRP A 101 -66.57 -24.88 47.54
N GLN A 102 -66.88 -25.81 48.45
CA GLN A 102 -68.25 -26.31 48.57
C GLN A 102 -68.66 -26.36 50.03
N SER A 103 -69.95 -26.12 50.27
CA SER A 103 -70.60 -26.26 51.57
C SER A 103 -71.28 -27.61 51.66
N ASP A 104 -71.78 -27.92 52.87
CA ASP A 104 -72.78 -28.99 52.98
C ASP A 104 -73.99 -28.54 52.19
N SER A 105 -74.81 -29.49 51.79
CA SER A 105 -75.90 -29.10 50.93
C SER A 105 -77.18 -29.02 51.75
N TYR A 106 -78.27 -28.63 51.09
CA TYR A 106 -79.59 -28.60 51.70
C TYR A 106 -79.65 -27.73 52.95
N VAL A 107 -79.21 -26.48 52.84
CA VAL A 107 -79.22 -25.58 53.98
C VAL A 107 -79.71 -24.21 53.51
N GLN A 108 -80.46 -23.54 54.38
CA GLN A 108 -81.12 -22.27 54.04
C GLN A 108 -81.64 -21.62 55.32
N TYR A 109 -82.24 -20.43 55.15
CA TYR A 109 -82.99 -19.76 56.20
C TYR A 109 -84.09 -20.68 56.73
N PRO A 110 -84.37 -20.65 58.05
CA PRO A 110 -83.62 -19.80 58.97
C PRO A 110 -82.44 -20.51 59.60
N HIS A 111 -81.23 -20.19 59.15
CA HIS A 111 -80.01 -20.75 59.73
C HIS A 111 -78.89 -19.79 59.43
N ASN A 112 -77.99 -19.61 60.38
CA ASN A 112 -76.85 -18.74 60.16
C ASN A 112 -75.84 -19.49 59.29
N VAL A 113 -75.59 -18.99 58.07
CA VAL A 113 -74.50 -19.54 57.25
C VAL A 113 -73.31 -18.65 57.53
N THR A 114 -72.58 -18.95 58.62
CA THR A 114 -71.66 -18.01 59.24
C THR A 114 -70.22 -18.29 58.84
N LEU A 115 -69.49 -17.23 58.55
CA LEU A 115 -68.07 -17.26 58.23
C LEU A 115 -67.38 -16.31 59.18
N THR A 116 -66.24 -16.72 59.73
CA THR A 116 -65.59 -15.95 60.76
C THR A 116 -64.22 -15.50 60.27
N LEU A 117 -63.67 -14.48 60.92
CA LEU A 117 -62.31 -14.06 60.60
C LEU A 117 -61.78 -13.19 61.73
N SER A 118 -60.68 -13.63 62.34
CA SER A 118 -59.94 -12.84 63.30
C SER A 118 -58.58 -12.56 62.65
N LEU A 119 -58.24 -11.28 62.50
CA LEU A 119 -56.96 -10.95 61.88
C LEU A 119 -55.87 -10.80 62.93
N GLY A 120 -56.02 -9.85 63.82
CA GLY A 120 -54.99 -9.49 64.77
C GLY A 120 -54.39 -8.13 64.49
N LYS A 121 -54.74 -7.52 63.36
CA LYS A 121 -54.35 -6.17 63.03
C LYS A 121 -55.56 -5.44 62.46
N LYS A 122 -55.74 -4.18 62.86
CA LYS A 122 -56.84 -3.36 62.39
C LYS A 122 -56.59 -2.91 60.95
N PHE A 123 -57.63 -2.98 60.11
CA PHE A 123 -57.50 -2.70 58.69
C PHE A 123 -58.63 -1.83 58.15
N GLU A 124 -58.34 -1.25 56.99
CA GLU A 124 -59.29 -0.55 56.12
C GLU A 124 -59.39 -1.27 54.78
N VAL A 125 -60.59 -1.25 54.19
CA VAL A 125 -60.88 -1.95 52.95
C VAL A 125 -61.33 -0.93 51.92
N THR A 126 -60.97 -1.17 50.65
CA THR A 126 -61.45 -0.36 49.52
C THR A 126 -62.28 -1.22 48.58
N TYR A 127 -61.74 -2.33 48.08
CA TYR A 127 -62.48 -3.22 47.20
C TYR A 127 -63.00 -4.42 47.99
N VAL A 128 -64.19 -4.86 47.64
CA VAL A 128 -64.78 -6.07 48.20
C VAL A 128 -65.29 -6.83 46.98
N SER A 129 -64.56 -7.86 46.57
CA SER A 129 -64.83 -8.57 45.33
C SER A 129 -65.03 -10.05 45.59
N LEU A 130 -65.81 -10.68 44.71
CA LEU A 130 -66.10 -12.11 44.82
C LEU A 130 -66.08 -12.73 43.42
N GLN A 131 -66.10 -14.05 43.40
CA GLN A 131 -66.20 -14.84 42.18
C GLN A 131 -66.94 -16.11 42.54
N PHE A 132 -67.97 -16.45 41.77
CA PHE A 132 -68.94 -17.45 42.16
C PHE A 132 -68.70 -18.78 41.45
N CYS A 133 -68.96 -19.87 42.16
CA CYS A 133 -69.23 -21.17 41.55
C CYS A 133 -70.71 -21.52 41.61
N SER A 134 -71.44 -20.81 42.45
CA SER A 134 -72.88 -20.94 42.61
C SER A 134 -73.57 -19.67 42.12
N PRO A 135 -74.89 -19.71 41.93
CA PRO A 135 -75.61 -18.47 41.63
C PRO A 135 -75.59 -17.51 42.83
N ARG A 136 -75.97 -16.27 42.57
CA ARG A 136 -75.97 -15.25 43.59
C ARG A 136 -77.23 -15.38 44.45
N PRO A 137 -77.10 -15.54 45.78
CA PRO A 137 -78.31 -15.64 46.61
C PRO A 137 -79.05 -14.32 46.67
N GLU A 138 -80.10 -14.23 47.48
CA GLU A 138 -80.92 -13.02 47.52
C GLU A 138 -80.61 -12.17 48.75
N SER A 139 -80.75 -12.74 49.94
CA SER A 139 -80.60 -11.99 51.18
C SER A 139 -79.30 -12.38 51.87
N MET A 140 -78.51 -11.38 52.21
CA MET A 140 -77.27 -11.55 52.97
C MET A 140 -76.86 -10.17 53.47
N ALA A 141 -75.91 -10.17 54.39
CA ALA A 141 -75.43 -8.93 54.99
C ALA A 141 -73.94 -9.06 55.24
N ILE A 142 -73.34 -7.98 55.71
CA ILE A 142 -71.92 -7.92 55.98
C ILE A 142 -71.76 -7.61 57.46
N TYR A 143 -70.69 -8.13 58.06
CA TYR A 143 -70.33 -7.82 59.43
C TYR A 143 -68.89 -7.34 59.46
N LYS A 144 -68.46 -6.91 60.64
CA LYS A 144 -67.07 -6.57 60.90
C LYS A 144 -66.89 -6.55 62.41
N SER A 145 -65.63 -6.54 62.83
CA SER A 145 -65.32 -6.48 64.25
C SER A 145 -64.06 -5.63 64.40
N MET A 146 -64.19 -4.47 65.04
CA MET A 146 -63.03 -3.69 65.41
C MET A 146 -62.29 -4.22 66.64
N ASP A 147 -62.69 -5.38 67.17
CA ASP A 147 -61.98 -6.06 68.25
C ASP A 147 -61.41 -7.37 67.71
N TYR A 148 -60.82 -8.17 68.60
CA TYR A 148 -60.22 -9.44 68.18
C TYR A 148 -61.21 -10.58 68.46
N GLY A 149 -62.30 -10.57 67.70
CA GLY A 149 -63.29 -11.65 67.74
C GLY A 149 -64.25 -11.65 68.91
N LYS A 150 -64.39 -10.55 69.64
CA LYS A 150 -65.26 -10.50 70.82
C LYS A 150 -66.61 -9.85 70.51
N THR A 151 -66.61 -8.59 70.05
CA THR A 151 -67.81 -7.89 69.63
C THR A 151 -67.88 -7.89 68.11
N TRP A 152 -69.10 -7.76 67.58
CA TRP A 152 -69.34 -7.81 66.14
C TRP A 152 -70.48 -6.86 65.77
N VAL A 153 -70.28 -6.12 64.69
CA VAL A 153 -71.27 -5.18 64.19
C VAL A 153 -71.46 -5.43 62.70
N PRO A 154 -72.65 -5.18 62.15
CA PRO A 154 -72.85 -5.41 60.72
C PRO A 154 -72.12 -4.39 59.86
N PHE A 155 -72.22 -4.51 58.54
CA PHE A 155 -71.59 -3.52 57.69
C PHE A 155 -72.56 -2.97 56.66
N GLN A 156 -73.16 -3.84 55.84
CA GLN A 156 -74.19 -3.39 54.91
C GLN A 156 -75.26 -4.47 54.78
N PHE A 157 -76.38 -4.12 54.13
CA PHE A 157 -77.49 -5.03 53.90
C PHE A 157 -77.73 -5.19 52.41
N TYR A 158 -78.33 -6.33 52.06
CA TYR A 158 -78.69 -6.62 50.67
C TYR A 158 -79.87 -7.59 50.65
N SER A 159 -80.99 -7.16 50.08
CA SER A 159 -82.17 -8.03 49.99
C SER A 159 -83.20 -7.40 49.06
N THR A 160 -84.08 -8.26 48.52
CA THR A 160 -85.24 -7.77 47.78
C THR A 160 -86.30 -7.27 48.75
N GLN A 161 -86.61 -8.08 49.76
CA GLN A 161 -87.53 -7.71 50.83
C GLN A 161 -86.70 -7.25 52.01
N CYS A 162 -86.25 -6.00 51.95
CA CYS A 162 -85.52 -5.43 53.06
C CYS A 162 -86.37 -5.35 54.32
N ARG A 163 -87.70 -5.26 54.15
CA ARG A 163 -88.62 -5.10 55.27
C ARG A 163 -89.07 -6.42 55.88
N LYS A 164 -89.74 -7.28 55.09
CA LYS A 164 -90.30 -8.50 55.67
C LYS A 164 -89.24 -9.39 56.29
N MET A 165 -88.03 -9.42 55.74
CA MET A 165 -86.96 -10.23 56.31
C MET A 165 -86.11 -9.45 57.29
N TYR A 166 -85.64 -8.26 56.90
CA TYR A 166 -84.68 -7.50 57.69
C TYR A 166 -85.27 -6.28 58.38
N ASN A 167 -86.55 -5.96 58.16
CA ASN A 167 -87.15 -4.72 58.68
C ASN A 167 -86.35 -3.50 58.22
N LYS A 168 -86.12 -3.42 56.92
CA LYS A 168 -85.24 -2.40 56.36
C LYS A 168 -85.90 -1.72 55.17
N PRO A 169 -85.51 -0.48 54.87
CA PRO A 169 -85.97 0.17 53.64
C PRO A 169 -85.11 -0.21 52.44
N SER A 170 -85.74 -0.26 51.27
CA SER A 170 -85.04 -0.59 50.03
C SER A 170 -84.44 0.67 49.44
N ARG A 171 -83.12 0.67 49.22
CA ARG A 171 -82.38 1.76 48.57
C ARG A 171 -82.60 3.10 49.30
N ALA A 172 -82.26 3.10 50.58
CA ALA A 172 -82.37 4.30 51.40
C ALA A 172 -81.26 5.27 51.01
N ALA A 173 -81.30 6.47 51.59
CA ALA A 173 -80.34 7.52 51.32
C ALA A 173 -79.26 7.57 52.40
N ILE A 174 -78.09 8.07 52.03
CA ILE A 174 -76.97 8.22 52.95
C ILE A 174 -77.03 9.65 53.49
N THR A 175 -77.58 9.81 54.69
CA THR A 175 -77.64 11.12 55.33
C THR A 175 -76.25 11.59 55.73
N LYS A 176 -76.01 12.90 55.60
CA LYS A 176 -74.72 13.45 56.04
C LYS A 176 -74.53 13.32 57.55
N GLN A 177 -75.63 13.49 58.32
CA GLN A 177 -75.53 13.44 59.78
C GLN A 177 -75.23 12.03 60.28
N ASN A 178 -75.48 11.01 59.46
CA ASN A 178 -75.04 9.66 59.72
C ASN A 178 -74.53 9.13 58.37
N GLU A 179 -73.29 9.51 58.00
CA GLU A 179 -72.72 8.91 56.79
C GLU A 179 -72.34 7.45 57.00
N GLN A 180 -72.54 6.93 58.20
CA GLN A 180 -72.45 5.51 58.50
C GLN A 180 -73.74 4.74 58.19
N GLU A 181 -74.58 5.27 57.30
CA GLU A 181 -75.83 4.57 56.95
C GLU A 181 -75.52 3.27 56.22
N ALA A 182 -76.36 2.28 56.44
CA ALA A 182 -76.25 0.97 55.83
C ALA A 182 -77.50 0.72 55.00
N ILE A 183 -77.35 0.70 53.68
CA ILE A 183 -78.50 0.60 52.79
C ILE A 183 -78.82 -0.85 52.52
N CYS A 184 -80.01 -1.09 51.97
CA CYS A 184 -80.43 -2.41 51.53
C CYS A 184 -81.03 -2.23 50.14
N THR A 185 -80.67 -3.12 49.21
CA THR A 185 -81.19 -3.07 47.85
C THR A 185 -81.32 -4.48 47.30
N ASP A 186 -82.19 -4.62 46.28
CA ASP A 186 -82.32 -5.83 45.51
C ASP A 186 -81.48 -5.80 44.23
N SER A 187 -80.84 -4.67 43.93
CA SER A 187 -80.05 -4.55 42.72
C SER A 187 -78.87 -5.52 42.76
N HIS A 188 -78.62 -6.14 41.61
CA HIS A 188 -77.48 -7.03 41.41
C HIS A 188 -77.52 -8.21 42.38
N THR A 189 -78.72 -8.52 42.88
CA THR A 189 -79.01 -9.76 43.58
C THR A 189 -79.56 -10.82 42.64
N ASP A 190 -79.42 -10.59 41.33
CA ASP A 190 -80.05 -11.39 40.30
C ASP A 190 -79.17 -12.57 39.88
N VAL A 191 -79.83 -13.55 39.28
CA VAL A 191 -79.18 -14.67 38.59
C VAL A 191 -79.90 -14.85 37.27
N ARG A 192 -79.16 -14.82 36.15
CA ARG A 192 -77.69 -14.76 36.00
C ARG A 192 -77.02 -13.58 36.74
N PRO A 193 -75.80 -13.80 37.29
CA PRO A 193 -74.95 -14.99 37.17
C PRO A 193 -75.32 -16.22 38.02
N LEU A 194 -75.45 -17.36 37.32
CA LEU A 194 -75.49 -18.67 37.98
C LEU A 194 -74.12 -19.12 38.44
N SER A 195 -73.05 -18.62 37.81
CA SER A 195 -71.70 -18.87 38.29
C SER A 195 -70.83 -17.68 37.89
N GLY A 196 -69.71 -17.54 38.59
CA GLY A 196 -68.81 -16.43 38.33
C GLY A 196 -69.43 -15.07 38.57
N GLY A 197 -70.37 -14.96 39.50
CA GLY A 197 -71.01 -13.69 39.76
C GLY A 197 -70.01 -12.71 40.33
N LEU A 198 -70.11 -11.46 39.88
CA LEU A 198 -69.16 -10.43 40.27
C LEU A 198 -69.89 -9.36 41.07
N ILE A 199 -69.60 -9.29 42.35
CA ILE A 199 -70.13 -8.25 43.23
C ILE A 199 -68.90 -7.53 43.78
N ALA A 200 -68.82 -6.23 43.49
CA ALA A 200 -67.67 -5.43 43.90
C ALA A 200 -68.19 -4.31 44.78
N PHE A 201 -68.33 -4.60 46.08
CA PHE A 201 -68.77 -3.58 47.01
C PHE A 201 -67.66 -2.55 47.13
N SER A 202 -68.02 -1.29 46.88
CA SER A 202 -67.12 -0.17 47.12
C SER A 202 -67.78 0.66 48.22
N THR A 203 -67.16 0.66 49.41
CA THR A 203 -67.69 1.45 50.52
C THR A 203 -67.69 2.94 50.19
N LEU A 204 -66.83 3.34 49.26
CA LEU A 204 -66.61 4.73 48.85
C LEU A 204 -67.76 5.28 48.01
N ASP A 205 -68.61 4.41 47.47
CA ASP A 205 -69.73 4.83 46.63
C ASP A 205 -70.82 5.52 47.44
N GLY A 206 -71.35 6.61 46.89
CA GLY A 206 -72.48 7.28 47.48
C GLY A 206 -72.20 8.27 48.61
N ARG A 207 -71.08 8.14 49.31
CA ARG A 207 -70.83 9.03 50.46
C ARG A 207 -70.54 10.44 49.94
N PRO A 208 -71.35 11.44 50.30
CA PRO A 208 -71.11 12.79 49.77
C PRO A 208 -69.77 13.39 50.18
N THR A 209 -69.31 13.09 51.40
CA THR A 209 -68.04 13.62 51.91
C THR A 209 -66.88 12.63 51.70
N ALA A 210 -66.97 11.73 50.71
CA ALA A 210 -65.92 10.76 50.43
C ALA A 210 -64.77 11.39 49.67
N HIS A 211 -65.03 12.49 48.96
CA HIS A 211 -64.03 13.25 48.22
C HIS A 211 -62.98 13.85 49.14
N ASP A 212 -63.30 14.02 50.42
CA ASP A 212 -62.37 14.51 51.42
C ASP A 212 -62.33 13.53 52.60
N PHE A 213 -62.07 12.24 52.29
CA PHE A 213 -62.03 11.22 53.32
C PHE A 213 -60.84 11.43 54.26
N ASP A 214 -59.77 12.06 53.76
CA ASP A 214 -58.61 12.32 54.60
C ASP A 214 -58.97 13.16 55.82
N ASN A 215 -60.11 13.88 55.75
CA ASN A 215 -60.67 14.68 56.85
C ASN A 215 -62.07 14.18 57.26
N SER A 216 -62.31 12.87 57.13
CA SER A 216 -63.57 12.24 57.52
C SER A 216 -63.29 11.21 58.63
N PRO A 217 -63.07 11.68 59.87
CA PRO A 217 -62.67 10.75 60.95
C PRO A 217 -63.72 9.71 61.32
N VAL A 218 -65.00 10.09 61.35
CA VAL A 218 -66.07 9.10 61.55
C VAL A 218 -66.04 8.06 60.45
N LEU A 219 -65.78 8.50 59.21
CA LEU A 219 -65.55 7.57 58.10
C LEU A 219 -64.20 6.85 58.28
N GLN A 220 -63.19 7.56 58.78
CA GLN A 220 -61.91 6.95 59.15
C GLN A 220 -62.06 5.96 60.30
N ASP A 221 -63.18 6.01 61.02
CA ASP A 221 -63.58 4.94 61.92
C ASP A 221 -64.43 3.89 61.22
N TRP A 222 -65.27 4.28 60.25
CA TRP A 222 -66.07 3.31 59.50
C TRP A 222 -65.18 2.34 58.75
N VAL A 223 -63.99 2.78 58.34
CA VAL A 223 -63.01 1.91 57.68
C VAL A 223 -62.19 1.11 58.67
N THR A 224 -62.22 1.45 59.97
CA THR A 224 -61.49 0.69 60.98
C THR A 224 -62.12 -0.70 61.08
N ALA A 225 -61.29 -1.74 61.00
CA ALA A 225 -61.79 -3.11 61.09
C ALA A 225 -60.64 -4.02 61.47
N THR A 226 -60.90 -4.92 62.42
CA THR A 226 -59.94 -5.92 62.86
C THR A 226 -60.40 -7.32 62.48
N ASP A 227 -61.59 -7.72 62.90
CA ASP A 227 -62.13 -9.05 62.59
C ASP A 227 -63.39 -8.94 61.72
N ILE A 228 -63.64 -9.97 60.92
CA ILE A 228 -64.72 -9.95 59.93
C ILE A 228 -65.57 -11.21 60.08
N LYS A 229 -66.87 -11.07 59.93
CA LYS A 229 -67.81 -12.18 60.00
C LYS A 229 -68.79 -12.07 58.84
N VAL A 230 -69.17 -13.20 58.24
CA VAL A 230 -70.14 -13.22 57.14
C VAL A 230 -71.13 -14.35 57.40
N THR A 231 -72.43 -14.01 57.49
CA THR A 231 -73.51 -14.96 57.74
C THR A 231 -74.60 -14.84 56.67
N PHE A 232 -75.10 -16.00 56.21
CA PHE A 232 -76.21 -16.07 55.28
C PHE A 232 -77.36 -16.87 55.88
N SER A 233 -78.57 -16.63 55.37
CA SER A 233 -79.66 -17.55 55.68
C SER A 233 -80.46 -17.90 54.44
N ARG A 234 -80.77 -16.89 53.62
CA ARG A 234 -81.71 -17.02 52.51
C ARG A 234 -81.03 -17.08 51.14
N LEU A 235 -81.69 -17.78 50.20
CA LEU A 235 -81.29 -17.82 48.80
C LEU A 235 -82.54 -18.03 47.95
N HIS A 236 -82.42 -17.73 46.65
CA HIS A 236 -83.56 -17.79 45.72
C HIS A 236 -84.15 -19.19 45.61
N THR A 237 -85.25 -19.27 44.87
CA THR A 237 -85.93 -20.51 44.55
C THR A 237 -86.27 -20.53 43.07
N PHE A 238 -86.69 -21.69 42.58
CA PHE A 238 -87.12 -21.83 41.21
C PHE A 238 -88.14 -22.97 41.10
N GLY A 239 -88.41 -23.44 39.88
CA GLY A 239 -89.38 -24.51 39.70
C GLY A 239 -90.79 -23.98 39.52
N ASP A 240 -91.76 -24.75 40.03
CA ASP A 240 -91.51 -25.95 40.81
C ASP A 240 -92.20 -27.19 40.20
N ALA A 249 -84.63 -36.13 47.21
CA ALA A 249 -83.73 -35.03 46.90
C ALA A 249 -83.33 -35.07 45.42
N ARG A 250 -84.07 -34.33 44.58
CA ARG A 250 -83.71 -34.24 43.17
C ARG A 250 -82.37 -33.56 43.01
N ASP A 251 -82.27 -32.33 43.50
CA ASP A 251 -81.03 -31.59 43.56
C ASP A 251 -80.56 -31.52 45.01
N SER A 252 -79.24 -31.45 45.19
CA SER A 252 -78.65 -31.18 46.49
C SER A 252 -78.11 -29.77 46.44
N TYR A 253 -79.01 -28.82 46.69
CA TYR A 253 -78.62 -27.42 46.69
C TYR A 253 -77.67 -27.17 47.84
N PHE A 254 -76.68 -26.33 47.57
CA PHE A 254 -75.50 -26.20 48.40
C PHE A 254 -75.02 -24.77 48.25
N TYR A 255 -73.79 -24.50 48.64
CA TYR A 255 -73.19 -23.20 48.42
C TYR A 255 -71.74 -23.40 48.00
N ALA A 256 -71.29 -22.59 47.05
CA ALA A 256 -69.98 -22.76 46.45
C ALA A 256 -69.47 -21.42 45.95
N VAL A 257 -68.14 -21.30 45.88
CA VAL A 257 -67.45 -20.06 45.57
C VAL A 257 -66.03 -20.42 45.12
N SER A 258 -65.50 -19.66 44.14
CA SER A 258 -64.24 -20.01 43.47
C SER A 258 -63.01 -19.32 44.05
N ASP A 259 -63.13 -18.11 44.57
CA ASP A 259 -61.92 -17.40 45.01
C ASP A 259 -62.36 -16.22 45.86
N LEU A 260 -61.37 -15.49 46.40
CA LEU A 260 -61.69 -14.28 47.15
C LEU A 260 -60.56 -13.25 47.03
N GLN A 261 -60.96 -11.98 46.83
CA GLN A 261 -60.07 -10.83 46.85
C GLN A 261 -60.79 -9.69 47.56
N VAL A 262 -60.09 -9.04 48.49
CA VAL A 262 -60.58 -7.86 49.21
C VAL A 262 -59.39 -6.93 49.42
N GLY A 263 -59.49 -5.69 48.98
CA GLY A 263 -58.36 -4.80 48.97
C GLY A 263 -58.30 -3.87 50.17
N GLY A 264 -57.09 -3.60 50.64
CA GLY A 264 -56.90 -2.73 51.78
C GLY A 264 -55.43 -2.43 51.98
N ARG A 265 -55.16 -1.59 52.98
CA ARG A 265 -53.80 -1.21 53.35
C ARG A 265 -53.65 -1.31 54.86
N CYS A 266 -52.44 -1.62 55.31
CA CYS A 266 -52.20 -1.87 56.71
C CYS A 266 -52.30 -0.57 57.52
N LYS A 267 -53.09 -0.59 58.58
CA LYS A 267 -53.41 0.62 59.35
C LYS A 267 -52.23 0.98 60.23
N CYS A 268 -51.41 1.91 59.75
CA CYS A 268 -50.31 2.47 60.54
C CYS A 268 -50.49 3.97 60.72
N ASN A 269 -51.71 4.47 60.52
CA ASN A 269 -52.03 5.87 60.77
C ASN A 269 -51.16 6.80 59.93
N GLY A 270 -50.65 6.31 58.80
CA GLY A 270 -49.72 7.12 58.03
C GLY A 270 -48.32 7.18 58.62
N HIS A 271 -47.91 6.15 59.37
CA HIS A 271 -46.62 6.18 60.05
C HIS A 271 -45.73 4.97 59.77
N ALA A 272 -46.12 4.06 58.88
CA ALA A 272 -45.25 2.96 58.50
C ALA A 272 -45.60 2.54 57.09
N SER A 273 -44.58 2.28 56.27
CA SER A 273 -44.79 1.88 54.87
C SER A 273 -45.13 0.40 54.73
N ARG A 274 -45.17 -0.36 55.82
CA ARG A 274 -45.50 -1.78 55.78
C ARG A 274 -45.79 -2.26 57.19
N CYS A 275 -45.97 -3.57 57.33
CA CYS A 275 -46.27 -4.21 58.60
C CYS A 275 -45.48 -5.51 58.72
N VAL A 276 -44.89 -5.76 59.88
CA VAL A 276 -44.04 -6.93 60.14
C VAL A 276 -44.54 -7.65 61.40
N ARG A 277 -44.00 -8.84 61.62
CA ARG A 277 -44.40 -9.69 62.73
C ARG A 277 -43.86 -9.18 64.07
N ASP A 278 -44.53 -9.62 65.14
CA ASP A 278 -44.17 -9.32 66.52
C ASP A 278 -43.26 -10.43 67.04
N ARG A 279 -42.67 -10.17 68.20
CA ARG A 279 -41.87 -11.16 68.89
C ARG A 279 -42.69 -12.38 69.27
N ASP A 280 -44.03 -12.23 69.33
CA ASP A 280 -44.98 -13.32 69.55
C ASP A 280 -45.82 -13.61 68.30
N ASP A 281 -45.20 -13.46 67.13
CA ASP A 281 -45.82 -13.80 65.84
C ASP A 281 -47.11 -13.00 65.62
N ASN A 282 -46.98 -11.67 65.56
CA ASN A 282 -48.13 -10.78 65.41
C ASN A 282 -47.78 -9.62 64.47
N LEU A 283 -48.55 -9.47 63.39
CA LEU A 283 -48.23 -8.46 62.39
C LEU A 283 -48.38 -7.06 63.01
N VAL A 284 -47.28 -6.32 63.07
CA VAL A 284 -47.26 -5.00 63.69
C VAL A 284 -46.58 -3.99 62.75
N CYS A 285 -46.98 -2.73 62.89
CA CYS A 285 -46.32 -1.65 62.18
C CYS A 285 -45.00 -1.29 62.86
N ASP A 286 -43.97 -1.05 62.05
CA ASP A 286 -42.75 -0.40 62.56
C ASP A 286 -43.04 1.09 62.52
N CYS A 287 -43.79 1.54 63.52
CA CYS A 287 -44.36 2.88 63.53
C CYS A 287 -43.31 3.98 63.50
N LYS A 288 -43.25 4.72 62.39
CA LYS A 288 -42.39 5.89 62.27
C LYS A 288 -43.17 7.13 62.71
N HIS A 289 -42.65 8.31 62.38
CA HIS A 289 -43.28 9.59 62.71
C HIS A 289 -43.48 9.70 64.22
N ASN A 290 -42.56 9.09 64.96
CA ASN A 290 -42.50 9.14 66.42
C ASN A 290 -43.73 8.48 67.05
N THR A 291 -44.30 7.49 66.37
CA THR A 291 -45.52 6.83 66.80
C THR A 291 -45.19 5.44 67.32
N ALA A 292 -46.10 4.88 68.13
CA ALA A 292 -45.91 3.55 68.71
C ALA A 292 -47.23 2.80 68.61
N GLY A 293 -47.22 1.55 69.05
CA GLY A 293 -48.39 0.71 68.93
C GLY A 293 -48.44 -0.11 67.66
N PRO A 294 -49.19 -1.21 67.70
CA PRO A 294 -49.28 -2.08 66.51
C PRO A 294 -49.86 -1.38 65.30
N GLU A 295 -50.52 -0.24 65.49
CA GLU A 295 -51.17 0.50 64.42
C GLU A 295 -50.65 1.93 64.31
N CYS A 296 -49.57 2.24 65.03
CA CYS A 296 -49.07 3.61 65.18
C CYS A 296 -50.12 4.48 65.86
N ASP A 297 -50.98 3.81 66.64
CA ASP A 297 -52.13 4.44 67.29
C ASP A 297 -51.69 5.42 68.37
N ARG A 298 -50.51 5.21 68.96
CA ARG A 298 -49.98 6.05 70.02
C ARG A 298 -48.62 6.59 69.58
N CYS A 299 -48.17 7.61 70.29
CA CYS A 299 -46.86 8.17 70.01
C CYS A 299 -45.77 7.29 70.65
N LYS A 300 -44.55 7.41 70.14
CA LYS A 300 -43.44 6.72 70.76
C LYS A 300 -43.22 7.33 72.15
N PRO A 301 -42.73 6.55 73.12
CA PRO A 301 -42.45 7.11 74.44
C PRO A 301 -41.55 8.35 74.42
N PHE A 302 -41.79 9.21 75.40
CA PHE A 302 -41.16 10.51 75.61
C PHE A 302 -41.53 11.52 74.52
N HIS A 303 -42.50 11.20 73.65
CA HIS A 303 -42.99 12.13 72.63
C HIS A 303 -44.26 12.84 73.06
N TYR A 304 -44.38 13.17 74.34
CA TYR A 304 -45.59 13.71 74.91
C TYR A 304 -45.59 15.25 74.86
N ASP A 305 -44.99 15.82 73.82
CA ASP A 305 -44.97 17.28 73.61
C ASP A 305 -46.22 17.78 72.90
N ARG A 306 -46.52 17.22 71.73
CA ARG A 306 -47.80 17.62 71.16
C ARG A 306 -48.70 16.41 70.99
N PRO A 307 -50.03 16.60 71.05
CA PRO A 307 -50.92 15.44 71.12
C PRO A 307 -50.77 14.54 69.90
N TRP A 308 -51.28 13.32 70.04
CA TRP A 308 -51.20 12.36 68.95
C TRP A 308 -52.07 12.82 67.80
N GLN A 309 -51.56 12.70 66.59
CA GLN A 309 -52.30 12.99 65.36
C GLN A 309 -51.75 12.11 64.25
N ARG A 310 -52.50 12.05 63.15
CA ARG A 310 -52.04 11.36 61.96
C ARG A 310 -51.38 12.37 61.04
N ALA A 311 -50.24 12.00 60.48
CA ALA A 311 -49.54 12.88 59.55
C ALA A 311 -50.41 13.11 58.33
N THR A 312 -50.64 14.37 57.98
CA THR A 312 -51.45 14.68 56.82
C THR A 312 -50.53 15.06 55.64
N ALA A 313 -51.10 15.03 54.43
CA ALA A 313 -50.29 15.34 53.26
C ALA A 313 -49.78 16.78 53.29
N ARG A 314 -50.65 17.73 53.65
CA ARG A 314 -50.23 19.11 53.80
C ARG A 314 -49.56 19.42 55.13
N GLU A 315 -49.78 18.59 56.16
CA GLU A 315 -49.19 18.86 57.48
C GLU A 315 -48.66 17.56 58.07
N ALA A 316 -47.36 17.53 58.34
CA ALA A 316 -46.73 16.38 58.97
C ALA A 316 -47.10 16.38 60.46
N ASN A 317 -48.05 15.53 60.84
CA ASN A 317 -48.47 15.42 62.24
C ASN A 317 -47.77 14.28 62.96
N GLU A 318 -46.43 14.32 62.91
CA GLU A 318 -45.64 13.32 63.60
C GLU A 318 -45.69 13.61 65.09
N CYS A 319 -45.24 12.66 65.90
CA CYS A 319 -45.10 12.99 67.31
C CYS A 319 -43.73 13.64 67.53
N VAL A 320 -43.54 14.25 68.70
CA VAL A 320 -42.31 14.96 69.00
C VAL A 320 -41.96 14.76 70.47
N ALA A 321 -40.68 14.49 70.71
CA ALA A 321 -40.21 14.21 72.06
C ALA A 321 -40.19 15.50 72.88
N CYS A 322 -39.90 15.37 74.16
CA CYS A 322 -39.78 16.50 75.06
C CYS A 322 -38.33 16.98 75.10
N ASN A 323 -38.14 18.25 75.43
CA ASN A 323 -36.80 18.81 75.59
C ASN A 323 -36.46 18.82 77.07
N CYS A 324 -35.35 18.16 77.43
CA CYS A 324 -34.80 18.14 78.78
C CYS A 324 -33.41 18.76 78.82
N ASN A 325 -32.94 19.29 77.70
CA ASN A 325 -31.60 19.85 77.58
C ASN A 325 -30.55 18.82 78.03
N LEU A 326 -30.78 17.57 77.65
CA LEU A 326 -29.88 16.46 77.98
C LEU A 326 -29.75 16.24 79.49
N HIS A 327 -30.90 16.29 80.20
CA HIS A 327 -30.87 16.12 81.64
C HIS A 327 -32.04 15.28 82.17
N ALA A 328 -32.82 14.65 81.30
CA ALA A 328 -33.87 13.73 81.70
C ALA A 328 -34.28 12.93 80.48
N ARG A 329 -34.91 11.79 80.75
CA ARG A 329 -35.41 10.90 79.70
C ARG A 329 -36.92 10.72 79.73
N ARG A 330 -37.61 11.32 80.70
CA ARG A 330 -39.06 11.16 80.82
C ARG A 330 -39.76 12.52 80.82
N CYS A 331 -41.01 12.52 80.36
CA CYS A 331 -41.85 13.72 80.38
C CYS A 331 -43.30 13.30 80.40
N ARG A 332 -44.17 14.27 80.67
CA ARG A 332 -45.62 14.06 80.59
C ARG A 332 -46.22 15.27 79.88
N PHE A 333 -47.55 15.41 79.94
CA PHE A 333 -48.25 16.43 79.19
C PHE A 333 -49.51 16.85 79.93
N ASN A 334 -49.90 18.11 79.70
CA ASN A 334 -51.18 18.66 80.14
C ASN A 334 -51.83 19.46 79.02
N MET A 335 -53.16 19.34 78.91
CA MET A 335 -53.90 19.95 77.81
C MET A 335 -53.80 21.48 77.85
N GLU A 336 -53.94 22.07 79.04
CA GLU A 336 -53.88 23.52 79.17
C GLU A 336 -52.58 24.10 78.63
N LEU A 337 -51.47 23.37 78.78
CA LEU A 337 -50.18 23.81 78.25
C LEU A 337 -50.26 24.04 76.74
N TYR A 338 -50.64 23.02 75.97
CA TYR A 338 -50.79 23.20 74.53
C TYR A 338 -51.88 24.22 74.23
N LYS A 339 -52.98 24.19 74.98
CA LYS A 339 -54.03 25.19 74.83
C LYS A 339 -53.48 26.60 75.02
N LEU A 340 -52.86 26.87 76.17
CA LEU A 340 -52.28 28.19 76.43
C LEU A 340 -51.01 28.47 75.64
N SER A 341 -50.44 27.47 74.96
CA SER A 341 -49.26 27.67 74.14
C SER A 341 -49.58 28.33 72.80
N GLY A 342 -50.82 28.79 72.60
CA GLY A 342 -51.20 29.19 71.26
C GLY A 342 -51.11 28.06 70.26
N ARG A 343 -51.41 26.84 70.71
CA ARG A 343 -51.25 25.61 69.92
C ARG A 343 -49.79 25.42 69.45
N LYS A 344 -48.88 25.28 70.43
CA LYS A 344 -47.50 25.06 70.01
C LYS A 344 -46.77 23.90 70.69
N SER A 345 -46.96 23.72 71.99
CA SER A 345 -46.21 22.69 72.73
C SER A 345 -46.82 22.46 74.09
N GLY A 346 -46.50 21.31 74.69
CA GLY A 346 -46.96 21.01 76.04
C GLY A 346 -46.07 20.06 76.83
N GLY A 347 -44.87 19.79 76.33
CA GLY A 347 -44.00 18.86 77.01
C GLY A 347 -43.36 19.46 78.25
N VAL A 348 -43.00 18.57 79.18
CA VAL A 348 -42.33 18.97 80.41
C VAL A 348 -41.55 17.79 80.98
N CYS A 349 -40.28 18.00 81.29
CA CYS A 349 -39.45 16.87 81.70
C CYS A 349 -39.65 16.54 83.17
N LEU A 350 -39.27 15.32 83.52
CA LEU A 350 -39.37 14.80 84.86
C LEU A 350 -38.02 14.27 85.30
N ASN A 351 -37.68 14.52 86.56
CA ASN A 351 -36.44 14.02 87.17
C ASN A 351 -35.21 14.50 86.40
N CYS A 352 -35.03 15.81 86.48
CA CYS A 352 -33.99 16.51 85.74
C CYS A 352 -32.63 16.31 86.41
N ARG A 353 -31.76 15.53 85.77
CA ARG A 353 -30.50 15.11 86.35
C ARG A 353 -29.47 16.22 86.28
N HIS A 354 -28.23 15.89 86.66
CA HIS A 354 -27.09 16.81 86.61
C HIS A 354 -27.38 18.08 87.39
N ASN A 355 -28.08 17.93 88.53
CA ASN A 355 -28.42 19.04 89.41
C ASN A 355 -29.21 20.12 88.68
N THR A 356 -29.91 19.73 87.62
CA THR A 356 -30.72 20.63 86.83
C THR A 356 -32.17 20.51 87.24
N ALA A 357 -32.99 21.46 86.78
CA ALA A 357 -34.40 21.44 87.12
C ALA A 357 -35.15 22.30 86.12
N GLY A 358 -36.43 21.96 85.92
CA GLY A 358 -37.33 22.71 85.08
C GLY A 358 -38.01 21.82 84.06
N ARG A 359 -38.93 22.43 83.31
CA ARG A 359 -39.61 21.74 82.23
C ARG A 359 -38.63 21.18 81.21
N HIS A 360 -37.57 21.95 80.92
CA HIS A 360 -36.48 21.52 80.06
C HIS A 360 -35.23 21.18 80.87
N CYS A 361 -35.39 20.93 82.17
CA CYS A 361 -34.26 20.78 83.08
C CYS A 361 -33.27 21.93 82.89
N HIS A 362 -33.80 23.15 82.76
CA HIS A 362 -33.07 24.27 82.21
C HIS A 362 -32.61 25.25 83.29
N TYR A 363 -32.51 24.80 84.53
CA TYR A 363 -31.90 25.61 85.58
C TYR A 363 -31.46 24.71 86.72
N CYS A 364 -30.43 25.16 87.43
CA CYS A 364 -29.89 24.46 88.59
C CYS A 364 -30.69 24.75 89.84
N LYS A 365 -31.01 23.69 90.60
CA LYS A 365 -31.82 23.83 91.78
C LYS A 365 -31.01 24.45 92.93
N GLU A 366 -31.63 24.56 94.10
CA GLU A 366 -30.97 25.12 95.27
C GLU A 366 -29.78 24.25 95.70
N GLY A 367 -28.61 24.86 95.85
CA GLY A 367 -27.38 24.16 96.14
C GLY A 367 -26.34 24.24 95.05
N PHE A 368 -26.78 24.23 93.79
CA PHE A 368 -25.90 24.33 92.63
C PHE A 368 -26.16 25.64 91.90
N TYR A 369 -25.29 25.99 90.93
CA TYR A 369 -25.50 27.14 90.06
C TYR A 369 -25.24 26.74 88.62
N ARG A 370 -25.41 27.70 87.70
CA ARG A 370 -25.27 27.43 86.27
C ARG A 370 -23.83 27.68 85.86
N ASP A 371 -23.15 26.63 85.38
CA ASP A 371 -21.82 26.79 84.80
C ASP A 371 -21.95 27.47 83.46
N LEU A 372 -21.93 28.81 83.47
CA LEU A 372 -22.19 29.58 82.25
C LEU A 372 -21.22 29.23 81.13
N SER A 373 -20.00 28.78 81.47
CA SER A 373 -19.03 28.37 80.47
C SER A 373 -19.50 27.18 79.65
N LYS A 374 -20.29 26.30 80.24
CA LYS A 374 -20.74 25.11 79.54
C LYS A 374 -21.93 25.43 78.64
N PRO A 375 -22.17 24.62 77.61
CA PRO A 375 -23.33 24.85 76.75
C PRO A 375 -24.64 24.74 77.52
N ILE A 376 -25.72 25.18 76.89
CA ILE A 376 -27.01 25.30 77.57
C ILE A 376 -27.58 23.96 77.98
N SER A 377 -27.01 22.85 77.45
CA SER A 377 -27.47 21.49 77.71
C SER A 377 -26.34 20.58 78.19
N HIS A 378 -25.24 21.15 78.69
CA HIS A 378 -24.05 20.36 79.05
C HIS A 378 -24.31 19.41 80.21
N ARG A 379 -23.60 18.27 80.20
CA ARG A 379 -23.83 17.22 81.20
C ARG A 379 -23.50 17.67 82.61
N LYS A 380 -22.59 18.62 82.78
CA LYS A 380 -22.26 19.16 84.10
C LYS A 380 -22.52 20.66 84.16
N ALA A 381 -23.55 21.14 83.45
CA ALA A 381 -23.85 22.57 83.37
C ALA A 381 -24.23 23.16 84.72
N CYS A 382 -24.60 22.34 85.70
CA CYS A 382 -24.93 22.81 87.03
C CYS A 382 -23.79 22.46 87.98
N LYS A 383 -23.28 23.46 88.69
CA LYS A 383 -22.18 23.30 89.63
C LYS A 383 -22.55 23.93 90.97
N GLU A 384 -22.07 23.33 92.05
CA GLU A 384 -22.34 23.91 93.37
C GLU A 384 -21.59 25.25 93.47
N CYS A 385 -22.10 26.12 94.33
CA CYS A 385 -21.44 27.42 94.50
C CYS A 385 -20.21 27.27 95.38
N ASP A 386 -19.03 27.33 94.76
CA ASP A 386 -17.77 27.29 95.50
C ASP A 386 -17.51 28.71 96.02
N CYS A 387 -18.39 29.12 96.91
CA CYS A 387 -18.36 30.46 97.49
C CYS A 387 -17.30 30.53 98.56
N HIS A 388 -16.63 31.68 98.64
CA HIS A 388 -15.57 31.89 99.63
C HIS A 388 -16.15 31.66 101.02
N PRO A 389 -15.74 30.59 101.72
CA PRO A 389 -16.32 30.31 103.04
C PRO A 389 -16.13 31.45 104.03
N VAL A 390 -15.24 32.40 103.74
CA VAL A 390 -15.04 33.59 104.55
C VAL A 390 -15.49 34.85 103.82
N GLY A 391 -14.99 35.06 102.60
CA GLY A 391 -15.30 36.28 101.87
C GLY A 391 -16.73 36.35 101.38
N ALA A 392 -17.39 35.21 101.22
CA ALA A 392 -18.81 35.16 100.88
C ALA A 392 -19.59 34.95 102.17
N ALA A 393 -20.75 35.58 102.28
CA ALA A 393 -21.50 35.53 103.53
C ALA A 393 -22.34 34.26 103.65
N GLY A 394 -22.80 33.73 102.52
CA GLY A 394 -23.57 32.51 102.49
C GLY A 394 -22.96 31.53 101.50
N GLN A 395 -23.56 30.33 101.48
CA GLN A 395 -23.09 29.27 100.62
C GLN A 395 -23.81 29.24 99.28
N THR A 396 -24.75 30.16 99.06
CA THR A 396 -25.52 30.24 97.83
C THR A 396 -25.04 31.41 97.00
N CYS A 397 -24.72 31.14 95.75
CA CYS A 397 -24.26 32.14 94.80
C CYS A 397 -25.39 32.40 93.83
N ASN A 398 -25.29 33.53 93.12
CA ASN A 398 -26.38 33.74 92.19
C ASN A 398 -26.39 32.60 91.15
N GLN A 399 -27.31 31.57 91.34
CA GLN A 399 -27.62 30.74 90.21
C GLN A 399 -27.89 31.31 88.86
N THR A 400 -28.04 32.65 88.74
CA THR A 400 -27.96 33.07 87.36
C THR A 400 -26.53 33.48 87.20
N THR A 401 -26.09 34.54 87.91
CA THR A 401 -24.74 35.12 87.72
C THR A 401 -23.61 34.26 88.33
N GLY A 402 -23.82 33.74 89.54
CA GLY A 402 -22.79 33.07 90.30
C GLY A 402 -22.12 33.98 91.31
N GLN A 403 -22.61 35.20 91.46
CA GLN A 403 -22.04 36.12 92.44
C GLN A 403 -22.33 35.57 93.83
N CYS A 404 -21.28 35.25 94.57
CA CYS A 404 -21.42 34.73 95.91
C CYS A 404 -21.88 35.85 96.84
N PRO A 405 -22.29 35.53 98.07
CA PRO A 405 -22.79 36.59 98.95
C PRO A 405 -21.68 37.50 99.47
N CYS A 406 -21.31 38.51 98.69
CA CYS A 406 -20.33 39.49 99.14
C CYS A 406 -20.92 40.29 100.29
N LYS A 407 -20.18 40.35 101.40
CA LYS A 407 -20.62 41.06 102.57
C LYS A 407 -20.15 42.50 102.48
N ASP A 408 -20.41 43.26 103.55
CA ASP A 408 -20.46 44.72 103.55
C ASP A 408 -19.59 45.43 102.51
N GLY A 409 -18.28 45.22 102.61
CA GLY A 409 -17.32 45.78 101.69
C GLY A 409 -16.72 44.78 100.74
N VAL A 410 -17.16 43.53 100.77
CA VAL A 410 -16.56 42.50 99.95
C VAL A 410 -17.02 42.64 98.51
N THR A 411 -16.07 42.43 97.59
CA THR A 411 -16.35 42.39 96.17
C THR A 411 -15.77 41.10 95.59
N GLY A 412 -15.81 40.95 94.27
CA GLY A 412 -15.42 39.70 93.62
C GLY A 412 -16.61 38.80 93.40
N ILE A 413 -16.52 37.96 92.36
CA ILE A 413 -17.64 37.10 92.00
C ILE A 413 -17.94 36.10 93.12
N THR A 414 -16.93 35.30 93.48
CA THR A 414 -17.04 34.40 94.62
C THR A 414 -16.83 35.12 95.94
N CYS A 415 -16.69 36.45 95.90
CA CYS A 415 -16.48 37.29 97.08
C CYS A 415 -15.15 36.91 97.75
N ASN A 416 -14.09 37.19 97.00
CA ASN A 416 -12.73 36.88 97.42
C ASN A 416 -11.89 38.11 97.66
N ARG A 417 -11.93 39.08 96.75
CA ARG A 417 -11.10 40.26 96.86
C ARG A 417 -11.74 41.28 97.80
N CYS A 418 -10.92 42.21 98.27
CA CYS A 418 -11.40 43.35 99.02
C CYS A 418 -11.62 44.52 98.06
N ALA A 419 -12.46 45.45 98.47
CA ALA A 419 -12.83 46.52 97.56
C ALA A 419 -11.83 47.65 97.65
N LYS A 420 -12.02 48.68 96.82
CA LYS A 420 -11.13 49.84 96.83
C LYS A 420 -11.21 50.54 98.17
N GLY A 421 -10.08 50.62 98.87
CA GLY A 421 -10.14 51.18 100.20
C GLY A 421 -10.57 50.18 101.25
N TYR A 422 -10.41 48.89 100.98
CA TYR A 422 -10.80 47.84 101.91
C TYR A 422 -9.62 46.90 102.08
N GLN A 423 -9.16 46.75 103.31
CA GLN A 423 -7.96 45.96 103.61
C GLN A 423 -8.32 44.61 104.21
N GLN A 424 -7.65 43.58 103.68
CA GLN A 424 -7.82 42.22 104.18
C GLN A 424 -7.29 42.10 105.61
N SER A 425 -8.05 41.39 106.46
CA SER A 425 -7.67 41.14 107.84
C SER A 425 -7.64 39.63 108.10
N ARG A 426 -6.80 39.21 109.03
CA ARG A 426 -6.73 37.80 109.38
C ARG A 426 -7.92 37.36 110.23
N SER A 427 -8.88 38.24 110.47
CA SER A 427 -10.09 37.88 111.19
C SER A 427 -10.83 36.79 110.42
N PRO A 428 -11.14 35.65 111.04
CA PRO A 428 -11.91 34.61 110.35
C PRO A 428 -13.36 35.01 110.15
N ILE A 429 -13.73 36.25 110.49
CA ILE A 429 -15.09 36.76 110.36
C ILE A 429 -15.13 38.07 109.56
N ALA A 430 -14.27 39.03 109.89
CA ALA A 430 -14.28 40.33 109.21
C ALA A 430 -12.99 40.52 108.44
N PRO A 431 -12.93 40.08 107.15
CA PRO A 431 -11.69 40.24 106.37
C PRO A 431 -11.39 41.63 105.84
N CYS A 432 -12.36 42.24 105.16
CA CYS A 432 -12.19 43.51 104.47
C CYS A 432 -12.77 44.65 105.30
N ILE A 433 -12.02 45.73 105.44
CA ILE A 433 -12.43 46.88 106.24
C ILE A 433 -12.16 48.14 105.45
N LYS A 434 -13.12 49.06 105.45
CA LYS A 434 -12.97 50.31 104.73
C LYS A 434 -11.75 51.08 105.23
N ILE A 435 -11.28 52.00 104.40
CA ILE A 435 -10.20 52.89 104.80
C ILE A 435 -10.72 54.31 104.66
N PRO A 436 -10.34 55.24 105.55
CA PRO A 436 -10.74 56.65 105.44
C PRO A 436 -10.05 57.33 104.26
N PRO B 19 18.93 28.62 34.91
CA PRO B 19 19.93 27.78 35.56
C PRO B 19 19.92 28.01 37.07
N ASP B 20 20.81 28.88 37.54
CA ASP B 20 20.84 29.28 38.94
C ASP B 20 20.72 30.80 39.01
N PRO B 21 19.62 31.34 39.56
CA PRO B 21 19.53 32.80 39.74
C PRO B 21 20.55 33.37 40.72
N CYS B 22 21.31 32.51 41.41
CA CYS B 22 22.39 32.95 42.27
C CYS B 22 23.59 33.46 41.48
N TYR B 23 23.55 33.35 40.16
CA TYR B 23 24.64 33.83 39.30
C TYR B 23 24.07 34.55 38.08
N ASP B 24 24.72 35.64 37.69
CA ASP B 24 24.26 36.52 36.63
C ASP B 24 24.48 35.82 35.28
N GLU B 25 24.05 36.48 34.21
CA GLU B 25 24.37 36.05 32.85
C GLU B 25 25.87 35.75 32.74
N HIS B 26 26.68 36.68 33.24
CA HIS B 26 28.08 36.44 33.50
C HIS B 26 28.06 35.79 34.87
N GLY B 27 28.70 34.63 35.03
CA GLY B 27 28.39 33.86 36.23
C GLY B 27 28.79 34.49 37.55
N LEU B 28 28.29 35.77 37.76
CA LEU B 28 28.46 36.68 38.89
C LEU B 28 27.46 36.35 40.00
N PRO B 29 27.93 36.08 41.22
CA PRO B 29 26.99 35.76 42.30
C PRO B 29 26.10 36.95 42.67
N ARG B 30 24.79 36.78 42.48
CA ARG B 30 23.82 37.82 42.77
C ARG B 30 22.78 37.26 43.73
N ARG B 31 22.03 38.16 44.38
CA ARG B 31 20.99 37.75 45.33
C ARG B 31 19.99 36.82 44.67
N CYS B 32 19.82 35.64 45.24
CA CYS B 32 18.82 34.66 44.78
C CYS B 32 17.84 34.37 45.91
N ILE B 33 16.54 34.48 45.62
CA ILE B 33 15.47 34.47 46.62
C ILE B 33 14.36 33.49 46.23
N PRO B 34 13.82 32.72 47.18
CA PRO B 34 12.58 31.96 46.91
C PRO B 34 11.44 32.92 46.61
N ASP B 35 10.59 32.50 45.67
CA ASP B 35 9.49 33.38 45.26
C ASP B 35 8.50 33.57 46.40
N PHE B 36 7.73 34.65 46.32
CA PHE B 36 6.77 34.99 47.35
C PHE B 36 5.61 34.01 47.29
N VAL B 37 5.36 33.32 48.40
CA VAL B 37 4.38 32.24 48.44
C VAL B 37 3.58 32.33 49.73
N ASN B 38 2.38 31.77 49.68
CA ASN B 38 1.61 31.58 50.90
C ASN B 38 2.30 30.54 51.78
N SER B 39 2.25 30.76 53.09
CA SER B 39 2.91 29.89 54.06
C SER B 39 1.93 28.99 54.78
N ALA B 40 0.83 29.54 55.32
CA ALA B 40 -0.14 28.77 56.10
C ALA B 40 -1.08 28.06 55.14
N PHE B 41 -0.55 27.04 54.46
CA PHE B 41 -1.33 26.29 53.47
C PHE B 41 -1.03 24.80 53.63
N GLY B 42 -1.93 24.08 54.33
CA GLY B 42 -1.94 22.64 54.40
C GLY B 42 -1.33 22.00 55.64
N LYS B 43 -0.90 22.79 56.63
CA LYS B 43 -0.19 22.24 57.78
C LYS B 43 -1.14 21.95 58.94
N GLU B 44 -0.68 21.16 59.89
CA GLU B 44 -1.52 20.86 61.04
C GLU B 44 -1.20 21.79 62.20
N VAL B 45 -2.20 22.00 63.04
CA VAL B 45 -2.11 22.91 64.17
C VAL B 45 -2.72 22.23 65.39
N LYS B 46 -2.02 22.30 66.52
CA LYS B 46 -2.58 21.85 67.78
C LYS B 46 -3.36 22.99 68.43
N VAL B 47 -4.57 22.67 68.89
CA VAL B 47 -5.51 23.68 69.38
C VAL B 47 -5.84 23.37 70.83
N SER B 48 -6.67 24.22 71.44
CA SER B 48 -7.08 24.04 72.82
C SER B 48 -8.57 23.75 73.00
N SER B 49 -9.40 23.87 71.96
CA SER B 49 -10.82 23.60 72.15
C SER B 49 -11.50 23.34 70.82
N THR B 50 -12.49 22.44 70.83
CA THR B 50 -13.28 22.11 69.64
C THR B 50 -14.53 21.35 70.07
N CYS B 51 -15.64 21.59 69.37
CA CYS B 51 -16.91 20.91 69.55
C CYS B 51 -16.80 19.45 69.14
N GLY B 52 -17.76 18.65 69.59
CA GLY B 52 -17.89 17.30 69.09
C GLY B 52 -17.32 16.18 69.93
N LYS B 53 -16.71 16.48 71.08
CA LYS B 53 -16.18 15.44 71.96
C LYS B 53 -16.55 15.74 73.41
N PRO B 54 -17.69 15.18 73.91
CA PRO B 54 -18.67 14.37 73.15
C PRO B 54 -19.43 15.19 72.08
N PRO B 55 -20.09 14.53 71.13
CA PRO B 55 -20.74 15.25 70.02
C PRO B 55 -21.56 16.46 70.49
N SER B 56 -21.27 17.62 69.87
CA SER B 56 -21.82 18.90 70.27
C SER B 56 -22.74 19.44 69.19
N ARG B 57 -23.56 20.39 69.58
CA ARG B 57 -24.50 21.08 68.69
C ARG B 57 -24.12 22.56 68.63
N TYR B 58 -24.76 23.27 67.71
CA TYR B 58 -24.54 24.72 67.57
C TYR B 58 -25.61 25.30 66.66
N CYS B 59 -26.11 26.48 67.04
CA CYS B 59 -27.16 27.17 66.30
C CYS B 59 -26.58 28.40 65.61
N VAL B 60 -27.16 28.76 64.46
CA VAL B 60 -26.60 29.76 63.54
C VAL B 60 -27.65 30.80 63.18
N VAL B 61 -27.34 32.10 63.40
CA VAL B 61 -28.26 33.20 63.10
C VAL B 61 -27.92 33.79 61.73
N THR B 62 -28.95 34.27 61.03
CA THR B 62 -28.80 34.94 59.73
C THR B 62 -29.73 36.14 59.66
N GLU B 63 -29.31 37.19 58.95
CA GLU B 63 -30.13 38.37 58.76
C GLU B 63 -31.00 38.21 57.51
N LYS B 64 -32.27 38.57 57.65
CA LYS B 64 -33.19 38.50 56.50
C LYS B 64 -33.88 39.85 56.31
N GLY B 65 -33.45 40.59 55.30
CA GLY B 65 -34.08 41.87 55.00
C GLY B 65 -33.76 42.90 56.06
N GLU B 66 -34.51 42.89 57.16
CA GLU B 66 -34.31 43.82 58.25
C GLU B 66 -34.15 43.15 59.60
N GLU B 67 -34.75 41.97 59.79
CA GLU B 67 -34.70 41.27 61.06
C GLU B 67 -33.87 39.99 60.93
N GLN B 68 -33.83 39.21 62.01
CA GLN B 68 -32.92 38.09 62.19
C GLN B 68 -33.66 36.77 62.08
N VAL B 69 -32.90 35.70 61.82
CA VAL B 69 -33.44 34.33 61.82
C VAL B 69 -32.29 33.37 62.10
N ARG B 70 -32.55 32.38 62.97
CA ARG B 70 -31.52 31.52 63.54
C ARG B 70 -31.71 30.08 63.06
N SER B 71 -30.70 29.54 62.39
CA SER B 71 -30.60 28.13 62.01
C SER B 71 -29.80 27.39 63.08
N CYS B 72 -29.58 26.09 62.89
CA CYS B 72 -28.88 25.33 63.92
C CYS B 72 -28.36 24.02 63.34
N HIS B 73 -27.21 23.57 63.82
CA HIS B 73 -26.55 22.39 63.25
C HIS B 73 -25.91 21.58 64.38
N LEU B 74 -25.14 20.55 64.01
CA LEU B 74 -24.57 19.61 64.96
C LEU B 74 -23.09 19.40 64.62
N CYS B 75 -22.36 18.83 65.59
CA CYS B 75 -20.91 18.65 65.48
C CYS B 75 -20.55 17.29 66.04
N ASN B 76 -20.27 16.32 65.16
CA ASN B 76 -19.48 15.16 65.55
C ASN B 76 -18.29 15.06 64.60
N ALA B 77 -17.09 15.06 65.17
CA ALA B 77 -15.89 14.80 64.38
C ALA B 77 -15.87 13.37 63.82
N SER B 78 -16.43 12.40 64.55
CA SER B 78 -16.54 11.04 64.04
C SER B 78 -17.45 10.94 62.82
N ASP B 79 -18.29 11.96 62.58
CA ASP B 79 -19.05 12.08 61.33
C ASP B 79 -18.21 12.91 60.38
N PRO B 80 -17.63 12.30 59.33
CA PRO B 80 -16.77 13.08 58.41
C PRO B 80 -17.47 14.31 57.87
N LYS B 81 -18.74 14.17 57.45
CA LYS B 81 -19.50 15.30 56.93
C LYS B 81 -19.85 16.28 58.06
N ARG B 82 -19.97 15.79 59.29
CA ARG B 82 -20.13 16.66 60.45
C ARG B 82 -18.82 16.95 61.15
N ALA B 83 -17.72 16.33 60.72
CA ALA B 83 -16.40 16.74 61.16
C ALA B 83 -16.01 18.02 60.44
N HIS B 84 -15.24 18.85 61.12
CA HIS B 84 -14.73 20.10 60.57
C HIS B 84 -13.34 20.34 61.14
N PRO B 85 -12.33 19.64 60.61
CA PRO B 85 -11.00 19.66 61.22
C PRO B 85 -10.28 20.97 60.95
N PRO B 86 -9.20 21.26 61.68
CA PRO B 86 -8.39 22.45 61.35
C PRO B 86 -7.79 22.38 59.98
N SER B 87 -7.75 21.19 59.37
CA SER B 87 -7.38 21.08 57.96
C SER B 87 -8.30 21.94 57.11
N PHE B 88 -9.54 22.15 57.56
CA PHE B 88 -10.43 23.10 56.89
C PHE B 88 -9.87 24.51 56.86
N LEU B 89 -8.90 24.82 57.74
CA LEU B 89 -8.26 26.12 57.70
C LEU B 89 -7.10 26.11 56.72
N THR B 90 -6.41 24.98 56.63
CA THR B 90 -5.25 24.80 55.78
C THR B 90 -5.56 24.16 54.43
N ASP B 91 -6.70 23.48 54.27
CA ASP B 91 -7.06 22.89 52.98
C ASP B 91 -7.38 24.01 51.99
N LEU B 92 -7.52 23.66 50.72
CA LEU B 92 -7.95 24.69 49.78
C LEU B 92 -9.38 25.08 50.09
N ASN B 93 -9.60 26.39 50.25
CA ASN B 93 -10.92 26.94 50.58
C ASN B 93 -11.52 27.37 49.26
N ASN B 94 -12.50 26.63 48.77
CA ASN B 94 -13.18 27.06 47.57
C ASN B 94 -14.17 28.16 47.93
N PRO B 95 -14.08 29.35 47.32
CA PRO B 95 -15.05 30.41 47.63
C PRO B 95 -16.50 30.00 47.37
N HIS B 96 -16.73 28.80 46.82
CA HIS B 96 -18.05 28.21 46.66
C HIS B 96 -18.17 26.89 47.40
N ASN B 97 -17.07 26.40 48.00
CA ASN B 97 -17.06 25.23 48.88
C ASN B 97 -16.10 25.58 50.02
N LEU B 98 -16.61 26.30 51.02
CA LEU B 98 -15.78 26.77 52.11
C LEU B 98 -15.41 25.62 53.05
N THR B 99 -14.38 25.85 53.86
CA THR B 99 -13.88 24.84 54.78
C THR B 99 -13.79 25.46 56.18
N CYS B 100 -14.92 25.50 56.88
CA CYS B 100 -15.00 26.15 58.20
C CYS B 100 -14.66 25.17 59.31
N TRP B 101 -13.56 25.42 60.02
CA TRP B 101 -13.34 24.79 61.31
C TRP B 101 -14.13 25.56 62.36
N GLN B 102 -14.53 24.87 63.45
CA GLN B 102 -15.34 25.48 64.49
C GLN B 102 -14.78 25.18 65.87
N SER B 103 -14.94 26.16 66.76
CA SER B 103 -14.56 26.04 68.17
C SER B 103 -15.75 25.61 69.02
N ASP B 104 -15.48 25.33 70.29
CA ASP B 104 -16.55 25.19 71.27
C ASP B 104 -17.24 26.53 71.48
N SER B 105 -18.42 26.46 72.08
CA SER B 105 -19.25 27.64 72.29
C SER B 105 -19.34 27.93 73.79
N TYR B 106 -20.14 28.96 74.11
CA TYR B 106 -20.38 29.38 75.50
C TYR B 106 -19.07 29.70 76.21
N VAL B 107 -18.19 30.44 75.53
CA VAL B 107 -16.88 30.76 76.07
C VAL B 107 -16.57 32.21 75.68
N GLN B 108 -15.83 32.90 76.56
CA GLN B 108 -15.55 34.30 76.37
C GLN B 108 -14.42 34.69 77.33
N TYR B 109 -13.95 35.92 77.19
CA TYR B 109 -13.04 36.51 78.16
C TYR B 109 -13.67 36.48 79.56
N PRO B 110 -12.88 36.25 80.62
CA PRO B 110 -11.44 36.00 80.51
C PRO B 110 -11.05 34.54 80.35
N HIS B 111 -10.62 34.14 79.16
CA HIS B 111 -10.15 32.78 78.98
C HIS B 111 -9.24 32.75 77.76
N ASN B 112 -8.20 31.96 77.85
CA ASN B 112 -7.26 31.82 76.74
C ASN B 112 -7.90 30.95 75.66
N VAL B 113 -8.06 31.52 74.48
CA VAL B 113 -8.46 30.75 73.30
C VAL B 113 -7.19 30.69 72.47
N THR B 114 -6.32 29.71 72.77
CA THR B 114 -4.94 29.73 72.31
C THR B 114 -4.74 28.66 71.24
N LEU B 115 -4.15 29.08 70.13
CA LEU B 115 -3.74 28.19 69.05
C LEU B 115 -2.28 28.46 68.73
N THR B 116 -1.54 27.40 68.50
CA THR B 116 -0.10 27.50 68.32
C THR B 116 0.26 26.99 66.93
N LEU B 117 1.46 27.35 66.49
CA LEU B 117 2.02 26.79 65.26
C LEU B 117 3.52 26.97 65.41
N SER B 118 4.24 25.85 65.52
CA SER B 118 5.68 25.89 65.62
C SER B 118 6.25 25.54 64.26
N LEU B 119 7.03 26.47 63.71
CA LEU B 119 7.64 26.30 62.41
C LEU B 119 9.05 25.74 62.52
N GLY B 120 9.95 26.47 63.14
CA GLY B 120 11.33 26.07 63.15
C GLY B 120 12.23 26.90 62.27
N LYS B 121 11.68 27.81 61.47
CA LYS B 121 12.48 28.66 60.61
C LYS B 121 12.05 30.12 60.69
N LYS B 122 13.04 31.02 60.76
CA LYS B 122 12.82 32.45 60.80
C LYS B 122 12.52 32.94 59.41
N PHE B 123 11.51 33.83 59.29
CA PHE B 123 11.06 34.32 57.99
C PHE B 123 10.83 35.82 58.02
N GLU B 124 10.67 36.36 56.82
CA GLU B 124 10.16 37.70 56.60
C GLU B 124 8.79 37.56 55.95
N VAL B 125 7.82 38.32 56.44
CA VAL B 125 6.44 38.18 56.02
C VAL B 125 5.98 39.50 55.42
N THR B 126 5.09 39.41 54.42
CA THR B 126 4.45 40.59 53.86
C THR B 126 2.95 40.54 54.04
N TYR B 127 2.27 39.49 53.57
CA TYR B 127 0.82 39.39 53.67
C TYR B 127 0.41 38.45 54.81
N VAL B 128 -0.65 38.82 55.53
CA VAL B 128 -1.28 37.94 56.51
C VAL B 128 -2.78 38.04 56.27
N SER B 129 -3.32 37.17 55.41
CA SER B 129 -4.73 37.28 55.03
C SER B 129 -5.56 36.27 55.82
N LEU B 130 -6.84 36.59 55.99
CA LEU B 130 -7.73 35.74 56.76
C LEU B 130 -9.07 35.63 56.05
N GLN B 131 -9.87 34.67 56.49
CA GLN B 131 -11.21 34.45 55.94
C GLN B 131 -12.05 33.86 57.05
N PHE B 132 -13.17 34.50 57.39
CA PHE B 132 -13.92 34.15 58.59
C PHE B 132 -15.22 33.42 58.26
N CYS B 133 -15.59 32.47 59.13
CA CYS B 133 -16.97 31.98 59.17
C CYS B 133 -17.75 32.48 60.38
N SER B 134 -17.08 33.07 61.35
CA SER B 134 -17.77 33.64 62.51
C SER B 134 -17.64 35.15 62.50
N PRO B 135 -18.46 35.86 63.28
CA PRO B 135 -18.32 37.31 63.35
C PRO B 135 -16.99 37.72 63.95
N ARG B 136 -16.65 38.99 63.74
CA ARG B 136 -15.39 39.52 64.24
C ARG B 136 -15.57 39.96 65.68
N PRO B 137 -14.85 39.38 66.62
CA PRO B 137 -14.99 39.78 68.02
C PRO B 137 -14.37 41.13 68.25
N GLU B 138 -14.25 41.56 69.51
CA GLU B 138 -13.75 42.90 69.78
C GLU B 138 -12.26 42.90 70.15
N SER B 139 -11.87 42.17 71.18
CA SER B 139 -10.50 42.24 71.70
C SER B 139 -9.70 41.02 71.27
N MET B 140 -8.53 41.26 70.69
CA MET B 140 -7.59 40.23 70.31
C MET B 140 -6.24 40.89 70.06
N ALA B 141 -5.21 40.06 69.96
CA ALA B 141 -3.85 40.55 69.77
C ALA B 141 -3.12 39.59 68.87
N ILE B 142 -1.87 39.93 68.55
CA ILE B 142 -1.03 39.12 67.69
C ILE B 142 0.15 38.67 68.53
N TYR B 143 0.63 37.46 68.27
CA TYR B 143 1.85 36.93 68.89
C TYR B 143 2.74 36.31 67.83
N LYS B 144 3.93 35.93 68.27
CA LYS B 144 4.88 35.21 67.45
C LYS B 144 5.91 34.58 68.37
N SER B 145 6.74 33.73 67.78
CA SER B 145 7.85 33.11 68.47
C SER B 145 9.03 33.09 67.51
N MET B 146 10.06 33.89 67.79
CA MET B 146 11.32 33.76 67.08
C MET B 146 12.16 32.59 67.59
N ASP B 147 11.62 31.82 68.54
CA ASP B 147 12.17 30.57 69.03
C ASP B 147 11.23 29.43 68.63
N TYR B 148 11.54 28.22 69.09
CA TYR B 148 10.80 27.02 68.67
C TYR B 148 9.76 26.63 69.71
N GLY B 149 8.73 27.47 69.84
CA GLY B 149 7.58 27.19 70.68
C GLY B 149 7.78 27.36 72.16
N LYS B 150 8.90 27.95 72.60
CA LYS B 150 9.19 28.12 74.02
C LYS B 150 8.85 29.54 74.48
N THR B 151 9.43 30.55 73.83
CA THR B 151 9.17 31.95 74.12
C THR B 151 8.10 32.47 73.16
N TRP B 152 7.40 33.52 73.59
CA TRP B 152 6.32 34.10 72.79
C TRP B 152 6.30 35.59 73.07
N VAL B 153 6.16 36.38 71.99
CA VAL B 153 6.11 37.83 72.12
C VAL B 153 4.94 38.31 71.29
N PRO B 154 4.27 39.39 71.69
CA PRO B 154 3.14 39.90 70.90
C PRO B 154 3.64 40.58 69.64
N PHE B 155 2.68 41.01 68.82
CA PHE B 155 3.06 41.76 67.64
C PHE B 155 2.23 43.02 67.55
N GLN B 156 0.91 42.87 67.63
CA GLN B 156 -0.03 43.98 67.76
C GLN B 156 -1.21 43.54 68.60
N PHE B 157 -2.05 44.51 68.97
CA PHE B 157 -3.29 44.29 69.70
C PHE B 157 -4.43 44.75 68.80
N TYR B 158 -5.64 44.29 69.08
CA TYR B 158 -6.80 44.73 68.31
C TYR B 158 -8.04 44.68 69.20
N SER B 159 -8.62 45.84 69.43
CA SER B 159 -9.80 45.99 70.28
C SER B 159 -10.33 47.41 70.15
N THR B 160 -11.62 47.58 70.50
CA THR B 160 -12.14 48.92 70.67
C THR B 160 -11.62 49.51 71.98
N GLN B 161 -11.70 48.72 73.06
CA GLN B 161 -11.09 49.07 74.35
C GLN B 161 -9.76 48.32 74.44
N CYS B 162 -8.75 48.88 73.78
CA CYS B 162 -7.41 48.32 73.88
C CYS B 162 -6.86 48.43 75.29
N ARG B 163 -7.37 49.40 76.05
CA ARG B 163 -6.86 49.70 77.40
C ARG B 163 -7.50 48.81 78.46
N LYS B 164 -8.83 48.88 78.61
CA LYS B 164 -9.49 48.13 79.68
C LYS B 164 -9.20 46.64 79.57
N MET B 165 -9.00 46.13 78.36
CA MET B 165 -8.70 44.73 78.13
C MET B 165 -7.19 44.43 78.14
N TYR B 166 -6.42 45.14 77.33
CA TYR B 166 -5.00 44.87 77.16
C TYR B 166 -4.07 45.93 77.74
N ASN B 167 -4.60 46.99 78.34
CA ASN B 167 -3.80 48.15 78.76
C ASN B 167 -3.04 48.73 77.57
N LYS B 168 -3.79 49.01 76.49
CA LYS B 168 -3.19 49.44 75.24
C LYS B 168 -3.92 50.64 74.65
N PRO B 169 -3.24 51.45 73.85
CA PRO B 169 -3.91 52.52 73.11
C PRO B 169 -4.42 52.04 71.77
N SER B 170 -5.51 52.66 71.32
CA SER B 170 -6.10 52.37 70.02
C SER B 170 -5.49 53.30 68.98
N ARG B 171 -4.94 52.72 67.91
CA ARG B 171 -4.35 53.47 66.79
C ARG B 171 -3.28 54.45 67.28
N ALA B 172 -2.29 53.92 67.99
CA ALA B 172 -1.19 54.75 68.44
C ALA B 172 -0.30 55.11 67.25
N ALA B 173 0.63 56.03 67.49
CA ALA B 173 1.54 56.44 66.44
C ALA B 173 2.81 55.61 66.50
N ILE B 174 3.43 55.43 65.34
CA ILE B 174 4.66 54.66 65.20
C ILE B 174 5.82 55.64 65.21
N THR B 175 6.50 55.76 66.35
CA THR B 175 7.67 56.61 66.43
C THR B 175 8.80 56.02 65.58
N LYS B 176 9.56 56.90 64.92
CA LYS B 176 10.69 56.44 64.11
C LYS B 176 11.77 55.79 64.98
N GLN B 177 11.95 56.30 66.21
CA GLN B 177 12.99 55.80 67.11
C GLN B 177 12.64 54.42 67.66
N ASN B 178 11.35 54.04 67.66
CA ASN B 178 10.89 52.68 67.94
C ASN B 178 9.76 52.39 66.95
N GLU B 179 10.12 52.05 65.69
CA GLU B 179 9.12 51.63 64.72
C GLU B 179 8.63 50.22 64.96
N GLN B 180 9.20 49.51 65.94
CA GLN B 180 8.74 48.19 66.36
C GLN B 180 7.60 48.26 67.39
N GLU B 181 6.84 49.35 67.43
CA GLU B 181 5.71 49.47 68.34
C GLU B 181 4.59 48.51 67.92
N ALA B 182 3.75 48.17 68.90
CA ALA B 182 2.63 47.24 68.72
C ALA B 182 1.35 48.02 68.91
N ILE B 183 0.61 48.23 67.81
CA ILE B 183 -0.56 49.08 67.80
C ILE B 183 -1.80 48.25 68.04
N CYS B 184 -2.88 48.94 68.38
CA CYS B 184 -4.20 48.35 68.53
C CYS B 184 -5.19 49.28 67.86
N THR B 185 -6.25 48.71 67.28
CA THR B 185 -7.27 49.57 66.70
C THR B 185 -8.64 48.91 66.82
N ASP B 186 -9.67 49.76 66.73
CA ASP B 186 -11.05 49.31 66.63
C ASP B 186 -11.48 49.14 65.17
N SER B 187 -10.57 49.44 64.24
CA SER B 187 -10.88 49.32 62.82
C SER B 187 -11.16 47.87 62.50
N HIS B 188 -12.21 47.63 61.72
CA HIS B 188 -12.57 46.30 61.26
C HIS B 188 -12.78 45.34 62.42
N THR B 189 -13.10 45.87 63.60
CA THR B 189 -13.62 45.07 64.70
C THR B 189 -15.14 45.06 64.69
N ASP B 190 -15.74 45.58 63.63
CA ASP B 190 -17.17 45.75 63.47
C ASP B 190 -17.76 44.55 62.75
N VAL B 191 -19.06 44.36 62.93
CA VAL B 191 -19.82 43.39 62.14
C VAL B 191 -21.14 44.04 61.76
N ARG B 192 -21.49 44.03 60.47
CA ARG B 192 -20.79 43.43 59.31
C ARG B 192 -19.37 44.01 59.11
N PRO B 193 -18.40 43.17 58.67
CA PRO B 193 -18.56 41.77 58.30
C PRO B 193 -18.65 40.81 59.47
N LEU B 194 -19.75 40.05 59.54
CA LEU B 194 -19.82 38.93 60.45
C LEU B 194 -19.01 37.76 59.92
N SER B 195 -19.53 37.14 58.87
CA SER B 195 -18.87 36.04 58.19
C SER B 195 -18.07 36.56 57.00
N GLY B 196 -17.13 35.75 56.54
CA GLY B 196 -16.27 36.17 55.46
C GLY B 196 -15.40 37.35 55.78
N GLY B 197 -14.97 37.48 57.04
CA GLY B 197 -14.13 38.59 57.41
C GLY B 197 -12.80 38.49 56.71
N LEU B 198 -12.30 39.60 56.20
CA LEU B 198 -11.06 39.63 55.45
C LEU B 198 -10.07 40.47 56.25
N ILE B 199 -9.06 39.82 56.80
CA ILE B 199 -8.04 40.48 57.59
C ILE B 199 -6.69 40.26 56.91
N ALA B 200 -6.07 41.34 56.48
CA ALA B 200 -4.76 41.33 55.84
C ALA B 200 -3.89 42.29 56.63
N PHE B 201 -2.68 41.86 56.99
CA PHE B 201 -1.79 42.69 57.78
C PHE B 201 -0.43 42.82 57.11
N SER B 202 0.00 44.06 56.94
CA SER B 202 1.33 44.41 56.47
C SER B 202 2.05 45.12 57.61
N THR B 203 3.10 44.49 58.13
CA THR B 203 3.88 45.12 59.19
C THR B 203 4.49 46.42 58.71
N LEU B 204 4.70 46.54 57.39
CA LEU B 204 5.38 47.66 56.76
C LEU B 204 4.55 48.93 56.80
N ASP B 205 3.25 48.82 57.11
CA ASP B 205 2.39 50.00 57.15
C ASP B 205 2.82 50.89 58.29
N GLY B 206 2.92 52.20 58.03
CA GLY B 206 3.31 53.15 59.05
C GLY B 206 4.80 53.27 59.27
N ARG B 207 5.58 52.24 58.97
CA ARG B 207 7.02 52.27 59.21
C ARG B 207 7.67 53.22 58.20
N PRO B 208 8.32 54.30 58.65
CA PRO B 208 8.95 55.21 57.69
C PRO B 208 10.10 54.59 56.93
N THR B 209 10.80 53.63 57.55
CA THR B 209 12.01 53.02 56.96
C THR B 209 11.66 51.69 56.26
N ALA B 210 10.46 51.63 55.69
CA ALA B 210 10.01 50.44 54.96
C ALA B 210 10.43 50.42 53.51
N HIS B 211 10.61 51.60 52.88
CA HIS B 211 11.03 51.66 51.49
C HIS B 211 12.45 51.16 51.31
N ASP B 212 13.34 51.51 52.24
CA ASP B 212 14.70 51.00 52.27
C ASP B 212 14.81 49.87 53.31
N PHE B 213 14.01 48.84 53.08
CA PHE B 213 14.00 47.70 53.99
C PHE B 213 15.32 46.94 53.91
N ASP B 214 15.98 46.98 52.74
CA ASP B 214 17.25 46.28 52.58
C ASP B 214 18.31 46.79 53.57
N ASN B 215 18.18 48.03 54.06
CA ASN B 215 19.06 48.63 55.05
C ASN B 215 18.31 48.98 56.34
N SER B 216 17.28 48.20 56.66
CA SER B 216 16.48 48.36 57.88
C SER B 216 16.60 47.09 58.71
N PRO B 217 17.76 46.87 59.37
CA PRO B 217 17.95 45.60 60.11
C PRO B 217 16.97 45.39 61.25
N VAL B 218 16.63 46.46 61.98
CA VAL B 218 15.59 46.37 63.01
C VAL B 218 14.26 45.96 62.39
N LEU B 219 13.93 46.51 61.22
CA LEU B 219 12.76 46.04 60.48
C LEU B 219 13.03 44.66 59.90
N GLN B 220 14.26 44.41 59.43
CA GLN B 220 14.71 43.06 59.04
C GLN B 220 14.75 42.12 60.23
N ASP B 221 14.77 42.67 61.46
CA ASP B 221 14.50 41.94 62.69
C ASP B 221 13.02 41.93 63.06
N TRP B 222 12.32 43.06 62.83
CA TRP B 222 10.88 43.10 63.15
C TRP B 222 10.08 42.11 62.32
N VAL B 223 10.59 41.77 61.11
CA VAL B 223 9.95 40.76 60.29
C VAL B 223 10.34 39.34 60.70
N THR B 224 11.40 39.19 61.50
CA THR B 224 11.86 37.87 61.93
C THR B 224 10.81 37.19 62.80
N ALA B 225 10.46 35.95 62.45
CA ALA B 225 9.46 35.18 63.18
C ALA B 225 9.65 33.72 62.83
N THR B 226 9.60 32.84 63.85
CA THR B 226 9.68 31.41 63.60
C THR B 226 8.35 30.75 63.90
N ASP B 227 7.84 30.84 65.14
CA ASP B 227 6.60 30.16 65.50
C ASP B 227 5.52 31.17 65.83
N ILE B 228 4.26 30.74 65.69
CA ILE B 228 3.12 31.63 65.82
C ILE B 228 2.14 31.05 66.84
N LYS B 229 1.61 31.92 67.70
CA LYS B 229 0.61 31.60 68.71
C LYS B 229 -0.45 32.67 68.66
N VAL B 230 -1.71 32.27 68.81
CA VAL B 230 -2.84 33.19 68.82
C VAL B 230 -3.73 32.80 69.99
N THR B 231 -3.90 33.73 70.94
CA THR B 231 -4.75 33.58 72.11
C THR B 231 -5.83 34.65 72.03
N PHE B 232 -7.05 34.31 72.41
CA PHE B 232 -8.13 35.27 72.35
C PHE B 232 -8.63 35.64 73.74
N SER B 233 -9.24 36.82 73.79
CA SER B 233 -9.96 37.29 74.97
C SER B 233 -11.39 37.58 74.57
N ARG B 234 -11.63 38.60 73.75
CA ARG B 234 -12.98 38.97 73.33
C ARG B 234 -13.10 38.92 71.81
N ARG B 250 -29.69 31.85 76.25
CA ARG B 250 -30.60 31.45 75.18
C ARG B 250 -29.83 31.14 73.92
N ASP B 251 -28.76 31.89 73.72
CA ASP B 251 -27.94 31.82 72.53
C ASP B 251 -26.65 31.04 72.79
N SER B 252 -26.14 30.44 71.71
CA SER B 252 -24.84 29.76 71.68
C SER B 252 -23.88 30.56 70.80
N TYR B 253 -22.86 31.17 71.41
CA TYR B 253 -21.84 31.94 70.69
C TYR B 253 -20.49 31.23 70.72
N PHE B 254 -19.77 31.33 69.60
CA PHE B 254 -18.57 30.53 69.33
C PHE B 254 -17.69 31.32 68.38
N TYR B 255 -16.70 30.65 67.77
CA TYR B 255 -15.88 31.21 66.72
C TYR B 255 -15.57 30.14 65.69
N ALA B 256 -15.48 30.57 64.42
CA ALA B 256 -15.31 29.69 63.27
C ALA B 256 -14.62 30.49 62.18
N VAL B 257 -13.95 29.76 61.28
CA VAL B 257 -13.05 30.36 60.28
C VAL B 257 -12.90 29.37 59.12
N SER B 258 -12.82 29.91 57.89
CA SER B 258 -12.83 29.07 56.69
C SER B 258 -11.45 28.74 56.14
N ASP B 259 -10.46 29.62 56.30
CA ASP B 259 -9.15 29.35 55.71
C ASP B 259 -8.16 30.35 56.31
N LEU B 260 -6.90 30.19 55.93
CA LEU B 260 -5.87 31.14 56.33
C LEU B 260 -4.81 31.18 55.23
N GLN B 261 -4.35 32.38 54.91
CA GLN B 261 -3.26 32.57 53.97
C GLN B 261 -2.30 33.63 54.51
N VAL B 262 -1.01 33.34 54.42
CA VAL B 262 0.04 34.27 54.87
C VAL B 262 1.21 34.15 53.89
N GLY B 263 1.63 35.27 53.32
CA GLY B 263 2.67 35.24 52.31
C GLY B 263 4.04 35.58 52.89
N GLY B 264 5.07 34.97 52.31
CA GLY B 264 6.41 35.21 52.78
C GLY B 264 7.41 34.56 51.83
N ARG B 265 8.68 34.76 52.15
CA ARG B 265 9.79 34.19 51.40
C ARG B 265 10.76 33.57 52.38
N CYS B 266 11.41 32.48 51.95
CA CYS B 266 12.25 31.74 52.87
C CYS B 266 13.50 32.56 53.17
N LYS B 267 13.77 32.78 54.46
CA LYS B 267 14.83 33.70 54.86
C LYS B 267 16.17 33.01 54.72
N CYS B 268 16.84 33.28 53.60
CA CYS B 268 18.20 32.82 53.35
C CYS B 268 19.13 34.01 53.18
N ASN B 269 18.70 35.18 53.67
CA ASN B 269 19.49 36.41 53.66
C ASN B 269 19.89 36.82 52.25
N GLY B 270 19.12 36.37 51.25
CA GLY B 270 19.51 36.57 49.88
C GLY B 270 20.63 35.67 49.42
N HIS B 271 20.97 34.64 50.19
CA HIS B 271 22.11 33.77 49.88
C HIS B 271 21.66 32.38 49.44
N ALA B 272 20.36 32.12 49.31
CA ALA B 272 19.87 30.88 48.74
C ALA B 272 18.53 31.16 48.08
N SER B 273 18.33 30.63 46.87
CA SER B 273 17.12 30.88 46.10
C SER B 273 15.95 29.99 46.53
N ARG B 274 16.15 29.08 47.48
CA ARG B 274 15.08 28.20 47.92
C ARG B 274 15.49 27.54 49.23
N CYS B 275 14.64 26.61 49.69
CA CYS B 275 14.87 25.90 50.93
C CYS B 275 14.47 24.45 50.71
N VAL B 276 15.31 23.52 51.17
CA VAL B 276 15.09 22.10 50.90
C VAL B 276 15.15 21.31 52.21
N ARG B 277 14.67 20.07 52.12
CA ARG B 277 14.58 19.16 53.24
C ARG B 277 15.95 18.56 53.56
N ASP B 278 16.14 18.13 54.81
CA ASP B 278 17.38 17.49 55.24
C ASP B 278 17.25 15.97 55.15
N ARG B 279 18.39 15.28 55.26
CA ARG B 279 18.40 13.82 55.30
C ARG B 279 17.65 13.28 56.52
N ASP B 280 17.48 14.10 57.55
CA ASP B 280 16.67 13.78 58.72
C ASP B 280 15.38 14.59 58.75
N ASP B 281 14.84 14.90 57.56
CA ASP B 281 13.58 15.60 57.39
C ASP B 281 13.60 16.97 58.07
N ASN B 282 14.48 17.86 57.57
CA ASN B 282 14.61 19.20 58.14
C ASN B 282 14.78 20.24 57.04
N LEU B 283 13.82 21.18 56.95
CA LEU B 283 13.82 22.19 55.89
C LEU B 283 14.90 23.23 56.16
N VAL B 284 15.89 23.32 55.25
CA VAL B 284 17.00 24.25 55.39
C VAL B 284 17.23 24.95 54.06
N CYS B 285 17.84 26.14 54.12
CA CYS B 285 18.29 26.80 52.91
C CYS B 285 19.47 26.03 52.34
N ASP B 286 19.48 25.85 51.02
CA ASP B 286 20.70 25.41 50.35
C ASP B 286 21.58 26.64 50.17
N CYS B 287 22.17 27.06 51.28
CA CYS B 287 22.84 28.35 51.36
C CYS B 287 23.96 28.46 50.34
N LYS B 288 23.75 29.30 49.33
CA LYS B 288 24.75 29.61 48.34
C LYS B 288 25.54 30.82 48.84
N HIS B 289 26.34 31.43 47.95
CA HIS B 289 27.11 32.64 48.25
C HIS B 289 28.04 32.44 49.44
N ASN B 290 28.53 31.21 49.63
CA ASN B 290 29.55 30.88 50.62
C ASN B 290 29.07 31.17 52.06
N THR B 291 27.78 30.95 52.28
CA THR B 291 27.16 31.26 53.55
C THR B 291 26.82 29.96 54.27
N ALA B 292 26.63 30.05 55.58
CA ALA B 292 26.32 28.89 56.40
C ALA B 292 25.17 29.21 57.33
N GLY B 293 24.72 28.19 58.05
CA GLY B 293 23.54 28.27 58.86
C GLY B 293 22.36 27.90 57.97
N PRO B 294 21.29 27.34 58.58
CA PRO B 294 20.13 26.95 57.78
C PRO B 294 19.45 28.14 57.10
N GLU B 295 19.80 29.37 57.47
CA GLU B 295 19.20 30.59 56.96
C GLU B 295 20.22 31.44 56.23
N CYS B 296 21.42 30.89 55.99
CA CYS B 296 22.56 31.60 55.42
C CYS B 296 23.07 32.70 56.34
N ASP B 297 22.81 32.56 57.64
CA ASP B 297 23.09 33.63 58.61
C ASP B 297 24.57 33.86 58.85
N ARG B 298 25.41 32.84 58.68
CA ARG B 298 26.83 32.92 58.94
C ARG B 298 27.63 32.50 57.70
N CYS B 299 28.93 32.78 57.74
CA CYS B 299 29.78 32.36 56.64
C CYS B 299 30.10 30.87 56.74
N LYS B 300 30.49 30.30 55.61
CA LYS B 300 30.88 28.90 55.51
C LYS B 300 32.16 28.66 56.31
N PRO B 301 32.38 27.42 56.77
CA PRO B 301 33.66 27.10 57.41
C PRO B 301 34.84 27.46 56.52
N PHE B 302 35.90 27.94 57.16
CA PHE B 302 37.09 28.43 56.46
C PHE B 302 36.75 29.66 55.59
N HIS B 303 35.71 30.42 55.98
CA HIS B 303 35.38 31.65 55.25
C HIS B 303 35.40 32.84 56.22
N TYR B 304 36.59 33.22 56.68
CA TYR B 304 36.71 34.26 57.70
C TYR B 304 37.75 35.28 57.27
N ASP B 305 37.37 36.22 56.39
CA ASP B 305 38.26 37.29 55.98
C ASP B 305 37.55 38.64 56.02
N ARG B 306 36.33 38.67 55.51
CA ARG B 306 35.44 39.80 55.59
C ARG B 306 34.18 39.36 56.33
N PRO B 307 33.54 40.24 57.12
CA PRO B 307 32.44 39.77 57.98
C PRO B 307 31.29 39.22 57.16
N TRP B 308 30.41 38.49 57.84
CA TRP B 308 29.22 38.01 57.17
C TRP B 308 28.35 39.22 56.84
N GLN B 309 27.70 39.18 55.69
CA GLN B 309 26.88 40.32 55.30
C GLN B 309 25.67 39.84 54.50
N ARG B 310 24.75 40.76 54.28
CA ARG B 310 23.50 40.51 53.58
C ARG B 310 23.64 40.91 52.12
N ALA B 311 23.08 40.09 51.22
CA ALA B 311 23.09 40.41 49.80
C ALA B 311 22.27 41.67 49.57
N THR B 312 22.87 42.70 49.00
CA THR B 312 22.15 43.94 48.72
C THR B 312 21.95 44.07 47.21
N ALA B 313 21.01 44.94 46.82
CA ALA B 313 20.84 45.22 45.41
C ALA B 313 22.09 45.88 44.84
N ARG B 314 22.78 46.67 45.66
CA ARG B 314 24.03 47.28 45.25
C ARG B 314 25.16 46.25 45.21
N GLU B 315 25.30 45.45 46.28
CA GLU B 315 26.34 44.44 46.40
C GLU B 315 25.83 43.20 47.11
N ALA B 316 26.19 42.02 46.61
CA ALA B 316 25.75 40.81 47.29
C ALA B 316 26.49 40.56 48.61
N ASN B 317 27.36 41.49 49.02
CA ASN B 317 28.13 41.46 50.27
C ASN B 317 28.35 40.02 50.77
N GLU B 318 29.01 39.24 49.92
CA GLU B 318 29.23 37.82 50.15
C GLU B 318 30.30 37.57 51.22
N CYS B 319 30.36 36.31 51.67
CA CYS B 319 31.45 35.84 52.49
C CYS B 319 32.60 35.41 51.60
N VAL B 320 33.78 35.23 52.20
CA VAL B 320 34.97 34.91 51.44
C VAL B 320 35.84 33.96 52.25
N ALA B 321 36.37 32.94 51.60
CA ALA B 321 37.21 31.99 52.28
C ALA B 321 38.53 32.65 52.65
N CYS B 322 39.34 31.95 53.44
CA CYS B 322 40.64 32.52 53.78
C CYS B 322 41.63 32.20 52.66
N ASN B 323 42.62 33.06 52.50
CA ASN B 323 43.66 32.86 51.50
C ASN B 323 44.86 32.19 52.17
N CYS B 324 45.18 30.98 51.71
CA CYS B 324 46.38 30.26 52.12
C CYS B 324 47.24 29.89 50.94
N ASN B 325 46.87 30.29 49.73
CA ASN B 325 47.63 29.98 48.51
C ASN B 325 47.87 28.47 48.40
N LEU B 326 46.80 27.70 48.65
CA LEU B 326 46.83 26.24 48.59
C LEU B 326 47.72 25.64 49.68
N HIS B 327 47.66 26.18 50.91
CA HIS B 327 48.58 25.70 51.93
C HIS B 327 47.96 25.58 53.33
N ALA B 328 46.64 25.53 53.44
CA ALA B 328 46.01 25.29 54.74
C ALA B 328 44.56 24.86 54.52
N ARG B 329 43.99 24.25 55.55
CA ARG B 329 42.61 23.80 55.53
C ARG B 329 41.72 24.46 56.58
N ARG B 330 42.29 25.06 57.63
CA ARG B 330 41.52 25.76 58.65
C ARG B 330 42.06 27.17 58.80
N CYS B 331 41.19 28.09 59.22
CA CYS B 331 41.59 29.47 59.40
C CYS B 331 40.69 30.14 60.42
N ARG B 332 41.14 31.30 60.90
CA ARG B 332 40.36 32.13 61.81
C ARG B 332 40.36 33.57 61.30
N PHE B 333 39.84 34.48 62.13
CA PHE B 333 39.67 35.86 61.73
C PHE B 333 39.66 36.74 62.97
N ASN B 334 40.11 37.98 62.80
CA ASN B 334 39.95 39.02 63.78
C ASN B 334 39.52 40.29 63.06
N MET B 335 38.58 41.03 63.67
CA MET B 335 38.04 42.23 63.02
C MET B 335 39.12 43.28 62.85
N GLU B 336 39.97 43.46 63.88
CA GLU B 336 41.03 44.46 63.80
C GLU B 336 41.89 44.27 62.56
N LEU B 337 42.13 43.02 62.16
CA LEU B 337 42.76 42.72 60.88
C LEU B 337 41.96 43.31 59.73
N TYR B 338 40.66 42.96 59.66
CA TYR B 338 39.78 43.56 58.68
C TYR B 338 39.64 45.07 58.89
N LYS B 339 39.59 45.51 60.15
CA LYS B 339 39.53 46.94 60.47
C LYS B 339 40.70 47.69 59.83
N LEU B 340 41.93 47.29 60.17
CA LEU B 340 43.13 47.95 59.67
C LEU B 340 43.39 47.67 58.20
N SER B 341 42.66 46.74 57.60
CA SER B 341 42.75 46.49 56.17
C SER B 341 41.99 47.52 55.36
N GLY B 342 41.57 48.62 55.99
CA GLY B 342 40.63 49.53 55.35
C GLY B 342 39.30 48.88 55.04
N ARG B 343 38.90 47.91 55.85
CA ARG B 343 37.71 47.09 55.63
C ARG B 343 37.76 46.40 54.26
N LYS B 344 38.79 45.56 54.09
CA LYS B 344 38.93 44.80 52.85
C LYS B 344 39.17 43.32 53.09
N SER B 345 39.95 42.97 54.12
CA SER B 345 40.32 41.59 54.38
C SER B 345 40.80 41.44 55.83
N GLY B 346 40.62 40.24 56.38
CA GLY B 346 41.07 39.96 57.73
C GLY B 346 41.35 38.48 57.95
N GLY B 347 41.39 37.73 56.86
CA GLY B 347 41.59 36.31 56.96
C GLY B 347 43.01 35.97 57.38
N VAL B 348 43.13 34.80 57.98
CA VAL B 348 44.43 34.30 58.44
C VAL B 348 44.34 32.80 58.60
N CYS B 349 45.31 32.09 58.04
CA CYS B 349 45.32 30.64 58.06
C CYS B 349 45.98 30.14 59.34
N LEU B 350 45.73 28.87 59.62
CA LEU B 350 46.25 28.19 60.79
C LEU B 350 47.02 26.98 60.31
N ASN B 351 48.18 26.72 60.93
CA ASN B 351 48.89 25.49 60.63
C ASN B 351 49.25 25.34 59.14
N CYS B 352 50.25 26.10 58.71
CA CYS B 352 50.66 26.17 57.30
C CYS B 352 51.53 24.97 56.89
N ARG B 353 50.97 24.12 56.03
CA ARG B 353 51.60 22.86 55.63
C ARG B 353 52.61 23.08 54.52
N HIS B 354 53.20 22.00 54.02
CA HIS B 354 54.14 22.03 52.90
C HIS B 354 55.31 22.98 53.12
N ASN B 355 55.82 23.03 54.35
CA ASN B 355 56.96 23.87 54.73
C ASN B 355 56.67 25.33 54.41
N THR B 356 55.38 25.70 54.40
CA THR B 356 54.89 27.04 54.14
C THR B 356 54.46 27.66 55.48
N ALA B 357 54.31 28.98 55.53
CA ALA B 357 53.93 29.69 56.76
C ALA B 357 53.42 31.09 56.46
N GLY B 358 52.60 31.60 57.38
CA GLY B 358 52.12 32.97 57.34
C GLY B 358 50.61 33.06 57.48
N ARG B 359 50.13 34.31 57.47
CA ARG B 359 48.70 34.56 57.46
C ARG B 359 48.03 33.86 56.28
N HIS B 360 48.72 33.84 55.14
CA HIS B 360 48.31 33.10 53.95
C HIS B 360 49.10 31.81 53.77
N CYS B 361 49.73 31.31 54.83
CA CYS B 361 50.64 30.16 54.75
C CYS B 361 51.63 30.36 53.60
N HIS B 362 52.11 31.60 53.49
CA HIS B 362 52.75 32.12 52.29
C HIS B 362 54.26 32.35 52.41
N TYR B 363 54.96 31.60 53.28
CA TYR B 363 56.43 31.69 53.26
C TYR B 363 57.02 30.43 53.88
N CYS B 364 58.25 30.11 53.47
CA CYS B 364 58.94 28.93 53.97
C CYS B 364 59.40 29.18 55.40
N LYS B 365 59.21 28.21 56.29
CA LYS B 365 59.62 28.43 57.67
C LYS B 365 61.14 28.48 57.75
N GLU B 366 61.64 28.62 58.98
CA GLU B 366 63.07 28.52 59.17
C GLU B 366 63.49 27.11 58.75
N GLY B 367 64.51 27.01 57.92
CA GLY B 367 64.85 25.74 57.36
C GLY B 367 64.73 25.61 55.86
N PHE B 368 63.81 26.32 55.18
CA PHE B 368 63.92 26.10 53.75
C PHE B 368 64.35 27.45 53.18
N TYR B 369 64.21 27.62 51.85
CA TYR B 369 64.25 28.89 51.15
C TYR B 369 63.10 28.83 50.16
N ARG B 370 62.87 29.91 49.44
CA ARG B 370 61.82 29.93 48.45
C ARG B 370 62.42 29.47 47.12
N ASP B 371 61.88 28.37 46.58
CA ASP B 371 62.24 27.99 45.23
C ASP B 371 61.54 28.96 44.28
N LEU B 372 62.18 30.10 44.01
CA LEU B 372 61.57 31.14 43.18
C LEU B 372 61.19 30.63 41.79
N SER B 373 61.90 29.60 41.31
CA SER B 373 61.58 28.99 40.02
C SER B 373 60.18 28.38 40.05
N LYS B 374 59.76 27.87 41.20
CA LYS B 374 58.43 27.28 41.32
C LYS B 374 57.38 28.39 41.45
N PRO B 375 56.13 28.11 41.10
CA PRO B 375 55.09 29.13 41.23
C PRO B 375 54.90 29.53 42.69
N ILE B 376 54.19 30.65 42.90
CA ILE B 376 54.08 31.26 44.23
C ILE B 376 53.27 30.40 45.20
N SER B 377 52.56 29.39 44.70
CA SER B 377 51.70 28.53 45.50
C SER B 377 52.08 27.05 45.34
N HIS B 378 53.29 26.76 44.85
CA HIS B 378 53.69 25.37 44.65
C HIS B 378 53.75 24.68 46.01
N ARG B 379 53.19 23.48 46.10
CA ARG B 379 53.12 22.80 47.39
C ARG B 379 54.51 22.42 47.90
N LYS B 380 55.50 22.31 47.01
CA LYS B 380 56.89 22.06 47.40
C LYS B 380 57.79 23.22 47.01
N ALA B 381 57.24 24.44 47.05
CA ALA B 381 58.02 25.64 46.77
C ALA B 381 59.10 25.83 47.81
N CYS B 382 58.97 25.14 48.94
CA CYS B 382 59.94 25.17 50.01
C CYS B 382 60.74 23.87 50.01
N LYS B 383 62.06 24.02 49.96
CA LYS B 383 63.06 22.96 49.92
C LYS B 383 64.58 23.06 50.96
N GLU B 384 65.26 22.05 51.60
CA GLU B 384 66.22 22.41 52.67
C GLU B 384 67.34 23.30 52.14
N CYS B 385 67.91 24.12 53.02
CA CYS B 385 68.89 25.09 52.53
C CYS B 385 70.07 24.21 52.13
N ASP B 386 70.03 23.78 50.88
CA ASP B 386 71.07 22.90 50.38
C ASP B 386 72.25 23.80 50.11
N CYS B 387 72.86 24.23 51.20
CA CYS B 387 74.02 25.08 51.27
C CYS B 387 75.23 24.17 51.19
N HIS B 388 76.28 24.63 50.54
CA HIS B 388 77.46 23.79 50.46
C HIS B 388 77.84 23.52 51.91
N PRO B 389 77.73 22.27 52.38
CA PRO B 389 77.96 22.00 53.82
C PRO B 389 79.34 22.42 54.31
N VAL B 390 80.26 22.67 53.36
CA VAL B 390 81.58 23.21 53.65
C VAL B 390 81.73 24.63 53.09
N GLY B 391 81.36 24.83 51.81
CA GLY B 391 81.52 26.10 51.12
C GLY B 391 80.60 27.21 51.60
N ALA B 392 79.51 26.85 52.28
CA ALA B 392 78.63 27.82 52.92
C ALA B 392 79.03 27.92 54.39
N ALA B 393 78.97 29.14 54.94
CA ALA B 393 79.47 29.37 56.29
C ALA B 393 78.45 28.99 57.37
N GLY B 394 77.16 29.07 57.05
CA GLY B 394 76.10 28.72 57.97
C GLY B 394 75.17 27.67 57.36
N GLN B 395 74.24 27.20 58.18
CA GLN B 395 73.33 26.14 57.77
C GLN B 395 72.04 26.66 57.15
N THR B 396 71.87 27.97 57.09
CA THR B 396 70.70 28.58 56.50
C THR B 396 71.05 29.18 55.15
N CYS B 397 70.06 29.85 54.56
CA CYS B 397 70.19 30.47 53.25
C CYS B 397 69.09 31.52 53.14
N ASN B 398 69.32 32.51 52.26
CA ASN B 398 68.38 33.62 52.12
C ASN B 398 67.03 33.07 51.69
N GLN B 399 66.03 33.06 52.60
CA GLN B 399 64.75 32.39 52.32
C GLN B 399 64.19 32.80 50.96
N THR B 400 64.43 34.06 50.57
CA THR B 400 64.15 34.57 49.23
C THR B 400 65.15 34.04 48.20
N THR B 401 66.43 34.39 48.37
CA THR B 401 67.49 34.04 47.41
C THR B 401 68.08 32.65 47.61
N GLY B 402 67.82 31.98 48.73
CA GLY B 402 68.53 30.75 49.02
C GLY B 402 70.03 30.98 49.10
N GLN B 403 70.45 32.26 49.15
CA GLN B 403 71.87 32.56 49.18
C GLN B 403 72.44 32.00 50.46
N CYS B 404 73.28 30.99 50.31
CA CYS B 404 73.92 30.37 51.45
C CYS B 404 75.00 31.32 51.95
N PRO B 405 75.48 31.11 53.16
CA PRO B 405 76.50 32.02 53.69
C PRO B 405 77.87 31.79 53.08
N CYS B 406 78.23 32.61 52.10
CA CYS B 406 79.54 32.51 51.48
C CYS B 406 80.68 32.86 52.42
N LYS B 407 81.68 32.00 52.43
CA LYS B 407 82.86 32.12 53.27
C LYS B 407 83.92 32.92 52.55
N ASP B 408 84.92 33.34 53.33
CA ASP B 408 85.72 34.55 53.10
C ASP B 408 85.83 35.05 51.66
N GLY B 409 86.38 34.24 50.76
CA GLY B 409 86.50 34.62 49.37
C GLY B 409 85.49 33.97 48.45
N VAL B 410 84.61 33.15 49.01
CA VAL B 410 83.60 32.44 48.24
C VAL B 410 82.40 33.35 47.97
N THR B 411 81.85 33.24 46.76
CA THR B 411 80.58 33.87 46.40
C THR B 411 79.67 32.81 45.77
N GLY B 412 78.54 33.20 45.20
CA GLY B 412 77.58 32.24 44.70
C GLY B 412 76.47 31.95 45.69
N ILE B 413 75.31 31.52 45.17
CA ILE B 413 74.15 31.31 46.04
C ILE B 413 74.44 30.27 47.11
N THR B 414 74.81 29.05 46.70
CA THR B 414 75.26 28.06 47.68
C THR B 414 76.72 28.24 48.05
N CYS B 415 77.40 29.25 47.49
CA CYS B 415 78.79 29.57 47.82
C CYS B 415 79.73 28.40 47.51
N ASN B 416 79.91 28.11 46.22
CA ASN B 416 80.74 27.01 45.75
C ASN B 416 81.97 27.48 44.96
N ARG B 417 81.81 28.53 44.17
CA ARG B 417 82.80 28.93 43.17
C ARG B 417 84.03 29.58 43.80
N CYS B 418 85.11 29.58 43.02
CA CYS B 418 86.30 30.36 43.32
C CYS B 418 86.31 31.65 42.50
N ALA B 419 86.98 32.66 43.03
CA ALA B 419 86.97 33.99 42.45
C ALA B 419 88.14 34.18 41.49
N LYS B 420 88.17 35.33 40.83
CA LYS B 420 89.27 35.71 39.95
C LYS B 420 90.57 35.84 40.74
N GLY B 421 91.57 35.03 40.41
CA GLY B 421 92.77 35.07 41.21
C GLY B 421 92.65 34.29 42.50
N TYR B 422 91.70 33.37 42.58
CA TYR B 422 91.48 32.57 43.77
C TYR B 422 91.51 31.12 43.34
N GLN B 423 92.51 30.38 43.84
CA GLN B 423 92.73 29.01 43.45
C GLN B 423 92.10 28.08 44.47
N GLN B 424 91.28 27.14 44.01
CA GLN B 424 90.64 26.21 44.92
C GLN B 424 91.68 25.24 45.50
N SER B 425 91.53 24.95 46.79
CA SER B 425 92.38 24.02 47.52
C SER B 425 91.52 22.87 48.04
N ARG B 426 92.17 21.71 48.20
CA ARG B 426 91.48 20.53 48.70
C ARG B 426 91.28 20.57 50.21
N SER B 427 91.67 21.66 50.86
CA SER B 427 91.42 21.80 52.29
C SER B 427 89.93 21.75 52.55
N PRO B 428 89.46 20.89 53.47
CA PRO B 428 88.02 20.82 53.77
C PRO B 428 87.56 22.04 54.54
N ILE B 429 88.40 23.08 54.61
CA ILE B 429 88.08 24.31 55.33
C ILE B 429 88.19 25.56 54.45
N ALA B 430 89.24 25.66 53.61
CA ALA B 430 89.38 26.86 52.77
C ALA B 430 89.81 26.53 51.34
N PRO B 431 88.88 26.45 50.38
CA PRO B 431 89.28 26.11 49.00
C PRO B 431 89.98 27.20 48.20
N CYS B 432 89.43 28.41 48.10
CA CYS B 432 89.96 29.38 47.13
C CYS B 432 91.07 30.22 47.76
N ILE B 433 92.16 30.36 46.99
CA ILE B 433 93.39 30.97 47.48
C ILE B 433 93.88 32.02 46.48
N LYS B 434 94.27 33.17 47.03
CA LYS B 434 94.74 34.32 46.29
C LYS B 434 95.93 33.99 45.39
N ILE B 435 96.21 34.93 44.48
CA ILE B 435 97.35 34.85 43.57
C ILE B 435 98.26 36.03 43.92
N PRO B 436 99.58 35.85 43.90
CA PRO B 436 100.50 36.98 44.16
C PRO B 436 100.50 38.00 43.00
N PRO C 19 -22.24 -22.91 -40.55
CA PRO C 19 -23.37 -23.60 -39.93
C PRO C 19 -23.40 -25.09 -40.28
N ASP C 20 -24.14 -25.45 -41.33
CA ASP C 20 -24.21 -26.82 -41.80
C ASP C 20 -23.72 -26.88 -43.25
N PRO C 21 -22.65 -27.65 -43.56
CA PRO C 21 -22.19 -27.74 -44.96
C PRO C 21 -23.23 -28.32 -45.91
N CYS C 22 -24.38 -28.74 -45.38
CA CYS C 22 -25.50 -29.13 -46.23
C CYS C 22 -26.23 -27.94 -46.86
N TYR C 23 -25.91 -26.70 -46.45
CA TYR C 23 -26.48 -25.50 -47.04
C TYR C 23 -25.40 -24.44 -47.21
N ASP C 24 -25.39 -23.76 -48.36
CA ASP C 24 -24.30 -22.84 -48.72
C ASP C 24 -24.46 -21.53 -47.93
N GLU C 25 -23.62 -20.55 -48.27
CA GLU C 25 -23.77 -19.20 -47.74
C GLU C 25 -25.21 -18.71 -47.80
N HIS C 26 -25.88 -18.88 -48.95
CA HIS C 26 -27.29 -18.52 -49.13
C HIS C 26 -28.23 -19.67 -48.73
N GLY C 27 -27.85 -20.46 -47.73
CA GLY C 27 -28.61 -21.63 -47.38
C GLY C 27 -28.98 -22.60 -48.50
N LEU C 28 -28.26 -22.60 -49.62
CA LEU C 28 -28.62 -23.51 -50.73
C LEU C 28 -28.25 -24.94 -50.36
N PRO C 29 -29.19 -25.89 -50.45
CA PRO C 29 -28.86 -27.28 -50.07
C PRO C 29 -27.76 -27.85 -50.95
N ARG C 30 -26.62 -28.13 -50.32
CA ARG C 30 -25.44 -28.64 -51.01
C ARG C 30 -25.02 -29.96 -50.39
N ARG C 31 -24.30 -30.76 -51.17
CA ARG C 31 -23.81 -32.04 -50.70
C ARG C 31 -22.88 -31.82 -49.51
N CYS C 32 -23.20 -32.43 -48.39
CA CYS C 32 -22.42 -32.37 -47.17
C CYS C 32 -21.90 -33.78 -46.85
N ILE C 33 -20.61 -33.88 -46.55
CA ILE C 33 -19.89 -35.15 -46.55
C ILE C 33 -19.12 -35.40 -45.25
N PRO C 34 -19.13 -36.62 -44.71
CA PRO C 34 -18.21 -36.96 -43.61
C PRO C 34 -16.77 -36.85 -44.08
N ASP C 35 -15.91 -36.32 -43.22
CA ASP C 35 -14.53 -36.08 -43.60
C ASP C 35 -13.75 -37.38 -43.76
N PHE C 36 -12.66 -37.30 -44.53
CA PHE C 36 -11.80 -38.44 -44.80
C PHE C 36 -10.91 -38.70 -43.59
N VAL C 37 -11.02 -39.90 -43.01
CA VAL C 37 -10.31 -40.27 -41.80
C VAL C 37 -9.82 -41.69 -41.94
N ASN C 38 -8.78 -42.04 -41.18
CA ASN C 38 -8.37 -43.43 -41.10
C ASN C 38 -9.49 -44.21 -40.43
N SER C 39 -9.73 -45.43 -40.91
CA SER C 39 -10.85 -46.23 -40.42
C SER C 39 -10.39 -47.24 -39.38
N ALA C 40 -9.34 -48.01 -39.66
CA ALA C 40 -8.89 -49.06 -38.76
C ALA C 40 -8.03 -48.52 -37.61
N PHE C 41 -8.26 -47.28 -37.18
CA PHE C 41 -7.46 -46.67 -36.12
C PHE C 41 -8.15 -46.91 -34.78
N GLY C 42 -7.60 -47.86 -34.02
CA GLY C 42 -8.00 -48.11 -32.64
C GLY C 42 -8.97 -49.25 -32.43
N LYS C 43 -9.32 -50.02 -33.45
CA LYS C 43 -10.36 -51.03 -33.37
C LYS C 43 -9.76 -52.40 -32.99
N GLU C 44 -10.58 -53.46 -33.06
CA GLU C 44 -10.15 -54.80 -32.71
C GLU C 44 -10.54 -55.81 -33.78
N VAL C 45 -9.75 -56.88 -33.85
CA VAL C 45 -9.85 -57.90 -34.89
C VAL C 45 -9.73 -59.30 -34.28
N LYS C 46 -10.61 -60.20 -34.71
CA LYS C 46 -10.46 -61.62 -34.43
C LYS C 46 -9.60 -62.26 -35.51
N VAL C 47 -8.67 -63.11 -35.11
CA VAL C 47 -7.62 -63.60 -36.01
C VAL C 47 -7.73 -65.10 -36.17
N SER C 48 -6.82 -65.68 -36.96
CA SER C 48 -6.81 -67.13 -37.14
C SER C 48 -6.05 -67.79 -35.99
N SER C 49 -4.90 -67.25 -35.64
CA SER C 49 -4.11 -67.74 -34.51
C SER C 49 -3.11 -66.65 -34.14
N THR C 50 -2.48 -66.81 -32.98
CA THR C 50 -1.52 -65.83 -32.51
C THR C 50 -0.61 -66.48 -31.48
N CYS C 51 0.65 -66.05 -31.48
CA CYS C 51 1.66 -66.57 -30.57
C CYS C 51 1.27 -66.31 -29.12
N GLY C 52 1.89 -67.06 -28.22
CA GLY C 52 1.74 -66.85 -26.79
C GLY C 52 0.75 -67.77 -26.11
N LYS C 53 0.03 -68.60 -26.87
CA LYS C 53 -0.90 -69.58 -26.30
C LYS C 53 -0.77 -70.92 -27.00
N PRO C 54 0.10 -71.82 -26.48
CA PRO C 54 1.04 -71.58 -25.37
C PRO C 54 2.17 -70.62 -25.80
N PRO C 55 2.93 -70.06 -24.83
CA PRO C 55 4.01 -69.12 -25.20
C PRO C 55 4.90 -69.64 -26.33
N SER C 56 5.07 -68.85 -27.39
CA SER C 56 5.74 -69.27 -28.61
C SER C 56 7.06 -68.54 -28.78
N ARG C 57 7.90 -69.08 -29.66
CA ARG C 57 9.20 -68.52 -29.97
C ARG C 57 9.26 -68.13 -31.45
N TYR C 58 10.28 -67.36 -31.80
CA TYR C 58 10.54 -66.92 -33.17
C TYR C 58 11.92 -66.28 -33.25
N CYS C 59 12.62 -66.57 -34.33
CA CYS C 59 13.99 -66.10 -34.52
C CYS C 59 14.05 -65.01 -35.58
N VAL C 60 15.03 -64.10 -35.45
CA VAL C 60 15.14 -62.91 -36.29
C VAL C 60 16.56 -62.82 -36.84
N VAL C 61 16.69 -62.82 -38.17
CA VAL C 61 17.98 -62.69 -38.85
C VAL C 61 18.12 -61.26 -39.33
N THR C 62 19.37 -60.78 -39.41
CA THR C 62 19.66 -59.45 -39.94
C THR C 62 20.86 -59.52 -40.87
N GLU C 63 20.84 -58.70 -41.91
CA GLU C 63 21.90 -58.66 -42.92
C GLU C 63 22.92 -57.60 -42.53
N LYS C 64 24.20 -57.96 -42.57
CA LYS C 64 25.30 -57.06 -42.22
C LYS C 64 26.08 -56.70 -43.48
N GLY C 65 25.81 -55.53 -44.05
CA GLY C 65 26.56 -55.07 -45.20
C GLY C 65 26.22 -55.88 -46.44
N GLU C 66 26.72 -57.12 -46.46
CA GLU C 66 26.49 -58.06 -47.53
C GLU C 66 26.01 -59.43 -47.06
N GLU C 67 26.36 -59.85 -45.85
CA GLU C 67 26.00 -61.17 -45.32
C GLU C 67 25.04 -61.00 -44.15
N GLN C 68 24.69 -62.13 -43.54
CA GLN C 68 23.61 -62.25 -42.57
C GLN C 68 24.15 -62.49 -41.15
N VAL C 69 23.31 -62.17 -40.17
CA VAL C 69 23.52 -62.49 -38.74
C VAL C 69 22.14 -62.65 -38.10
N ARG C 70 21.96 -63.71 -37.32
CA ARG C 70 20.65 -64.20 -36.88
C ARG C 70 20.48 -64.15 -35.37
N SER C 71 19.46 -63.41 -34.91
CA SER C 71 18.99 -63.34 -33.52
C SER C 71 17.76 -64.26 -33.36
N CYS C 72 17.19 -64.29 -32.16
CA CYS C 72 16.03 -65.15 -31.92
C CYS C 72 15.30 -64.69 -30.66
N HIS C 73 13.97 -64.84 -30.67
CA HIS C 73 13.13 -64.27 -29.61
C HIS C 73 11.97 -65.23 -29.30
N LEU C 74 11.06 -64.79 -28.44
CA LEU C 74 9.95 -65.60 -27.98
C LEU C 74 8.72 -64.71 -27.80
N CYS C 75 7.58 -65.35 -27.53
CA CYS C 75 6.28 -64.67 -27.40
C CYS C 75 5.48 -65.30 -26.27
N ASN C 76 5.22 -64.55 -25.20
CA ASN C 76 4.14 -64.90 -24.29
C ASN C 76 3.06 -63.83 -24.40
N ALA C 77 1.84 -64.25 -24.73
CA ALA C 77 0.70 -63.33 -24.68
C ALA C 77 0.43 -62.89 -23.24
N SER C 78 0.63 -63.82 -22.29
CA SER C 78 0.59 -63.47 -20.88
C SER C 78 1.73 -62.55 -20.47
N ASP C 79 2.77 -62.39 -21.32
CA ASP C 79 3.79 -61.35 -21.12
C ASP C 79 3.34 -60.11 -21.88
N PRO C 80 2.95 -59.04 -21.19
CA PRO C 80 2.38 -57.86 -21.87
C PRO C 80 3.28 -57.31 -22.97
N LYS C 81 4.55 -57.05 -22.66
CA LYS C 81 5.49 -56.57 -23.66
C LYS C 81 5.92 -57.66 -24.64
N ARG C 82 5.82 -58.94 -24.26
CA ARG C 82 6.06 -60.02 -25.20
C ARG C 82 4.76 -60.51 -25.83
N ALA C 83 3.63 -59.99 -25.37
CA ALA C 83 2.37 -60.15 -26.07
C ALA C 83 2.38 -59.26 -27.29
N HIS C 84 1.53 -59.60 -28.25
CA HIS C 84 1.44 -58.85 -29.49
C HIS C 84 -0.05 -58.75 -29.84
N PRO C 85 -0.78 -57.88 -29.16
CA PRO C 85 -2.24 -57.84 -29.34
C PRO C 85 -2.59 -57.21 -30.68
N PRO C 86 -3.82 -57.44 -31.17
CA PRO C 86 -4.26 -56.77 -32.40
C PRO C 86 -4.39 -55.26 -32.28
N SER C 87 -4.47 -54.73 -31.05
CA SER C 87 -4.47 -53.27 -30.89
C SER C 87 -3.22 -52.66 -31.49
N PHE C 88 -2.12 -53.41 -31.51
CA PHE C 88 -0.88 -52.97 -32.15
C PHE C 88 -1.05 -52.68 -33.64
N LEU C 89 -2.09 -53.22 -34.26
CA LEU C 89 -2.34 -52.90 -35.66
C LEU C 89 -3.19 -51.64 -35.78
N THR C 90 -4.11 -51.46 -34.83
CA THR C 90 -5.04 -50.34 -34.80
C THR C 90 -4.59 -49.17 -33.92
N ASP C 91 -3.65 -49.38 -32.98
CA ASP C 91 -3.20 -48.31 -32.09
C ASP C 91 -2.39 -47.27 -32.85
N LEU C 92 -2.14 -46.14 -32.19
CA LEU C 92 -1.25 -45.15 -32.78
C LEU C 92 0.15 -45.75 -32.76
N ASN C 93 0.65 -46.11 -33.95
CA ASN C 93 1.92 -46.82 -34.10
C ASN C 93 3.03 -45.80 -34.32
N ASN C 94 3.92 -45.69 -33.34
CA ASN C 94 5.06 -44.80 -33.49
C ASN C 94 6.07 -45.43 -34.44
N PRO C 95 6.44 -44.75 -35.54
CA PRO C 95 7.47 -45.29 -36.45
C PRO C 95 8.82 -45.50 -35.78
N HIS C 96 8.92 -45.09 -34.51
CA HIS C 96 10.10 -45.29 -33.68
C HIS C 96 9.82 -46.10 -32.42
N ASN C 97 8.53 -46.42 -32.16
CA ASN C 97 8.10 -47.38 -31.14
C ASN C 97 6.96 -48.15 -31.83
N LEU C 98 7.33 -49.14 -32.62
CA LEU C 98 6.38 -49.85 -33.46
C LEU C 98 5.47 -50.73 -32.62
N THR C 99 4.36 -51.14 -33.24
CA THR C 99 3.33 -51.94 -32.56
C THR C 99 3.09 -53.21 -33.39
N CYS C 100 3.96 -54.20 -33.21
CA CYS C 100 3.92 -55.43 -33.99
C CYS C 100 3.07 -56.51 -33.35
N TRP C 101 2.01 -56.95 -34.05
CA TRP C 101 1.31 -58.19 -33.72
C TRP C 101 2.04 -59.37 -34.36
N GLN C 102 1.96 -60.54 -33.73
CA GLN C 102 2.57 -61.77 -34.25
C GLN C 102 1.62 -62.95 -34.09
N SER C 103 1.71 -63.89 -35.03
CA SER C 103 0.97 -65.15 -34.98
C SER C 103 1.84 -66.23 -34.36
N ASP C 104 1.25 -67.41 -34.15
CA ASP C 104 2.05 -68.60 -33.89
C ASP C 104 2.90 -68.92 -35.12
N SER C 105 3.92 -69.72 -34.91
CA SER C 105 4.90 -70.04 -35.94
C SER C 105 4.70 -71.47 -36.41
N TYR C 106 5.64 -71.94 -37.25
CA TYR C 106 5.57 -73.27 -37.85
C TYR C 106 4.32 -73.43 -38.71
N VAL C 107 4.06 -72.42 -39.54
CA VAL C 107 2.87 -72.38 -40.38
C VAL C 107 3.22 -71.77 -41.72
N GLN C 108 2.50 -72.22 -42.76
CA GLN C 108 2.71 -71.75 -44.12
C GLN C 108 1.52 -72.21 -44.95
N TYR C 109 1.49 -71.76 -46.21
CA TYR C 109 0.55 -72.28 -47.19
C TYR C 109 0.69 -73.79 -47.28
N PRO C 110 -0.40 -74.55 -47.50
CA PRO C 110 -1.79 -74.10 -47.69
C PRO C 110 -2.64 -74.05 -46.43
N HIS C 111 -2.99 -72.85 -45.98
CA HIS C 111 -3.87 -72.68 -44.83
C HIS C 111 -4.53 -71.31 -44.93
N ASN C 112 -5.78 -71.23 -44.50
CA ASN C 112 -6.47 -69.95 -44.51
C ASN C 112 -5.86 -69.10 -43.41
N VAL C 113 -5.13 -68.05 -43.77
CA VAL C 113 -4.59 -67.09 -42.81
C VAL C 113 -5.51 -65.87 -42.89
N THR C 114 -6.62 -65.93 -42.16
CA THR C 114 -7.72 -64.98 -42.29
C THR C 114 -7.86 -64.17 -41.01
N LEU C 115 -8.11 -62.87 -41.17
CA LEU C 115 -8.34 -61.94 -40.09
C LEU C 115 -9.70 -61.26 -40.32
N THR C 116 -10.42 -60.95 -39.25
CA THR C 116 -11.82 -60.57 -39.36
C THR C 116 -12.01 -59.08 -39.10
N LEU C 117 -13.14 -58.56 -39.60
CA LEU C 117 -13.53 -57.18 -39.34
C LEU C 117 -15.00 -57.00 -39.63
N SER C 118 -15.77 -56.59 -38.62
CA SER C 118 -17.18 -56.24 -38.80
C SER C 118 -17.34 -54.76 -38.49
N LEU C 119 -17.92 -54.01 -39.43
CA LEU C 119 -18.16 -52.59 -39.19
C LEU C 119 -19.52 -52.39 -38.55
N GLY C 120 -20.59 -52.55 -39.31
CA GLY C 120 -21.93 -52.30 -38.83
C GLY C 120 -22.57 -51.15 -39.55
N LYS C 121 -21.81 -50.39 -40.32
CA LYS C 121 -22.30 -49.31 -41.15
C LYS C 121 -21.53 -49.34 -42.47
N LYS C 122 -22.22 -48.96 -43.54
CA LYS C 122 -21.63 -48.88 -44.87
C LYS C 122 -20.78 -47.62 -44.98
N PHE C 123 -19.62 -47.75 -45.62
CA PHE C 123 -18.67 -46.65 -45.76
C PHE C 123 -18.11 -46.62 -47.17
N GLU C 124 -17.45 -45.51 -47.49
CA GLU C 124 -16.65 -45.38 -48.69
C GLU C 124 -15.18 -45.25 -48.28
N VAL C 125 -14.32 -45.99 -48.97
CA VAL C 125 -12.91 -46.08 -48.63
C VAL C 125 -12.10 -45.69 -49.86
N THR C 126 -10.96 -45.03 -49.62
CA THR C 126 -10.03 -44.70 -50.70
C THR C 126 -8.68 -45.36 -50.52
N TYR C 127 -8.01 -45.16 -49.38
CA TYR C 127 -6.65 -45.65 -49.17
C TYR C 127 -6.63 -46.90 -48.30
N VAL C 128 -5.71 -47.81 -48.63
CA VAL C 128 -5.41 -49.00 -47.84
C VAL C 128 -3.91 -49.15 -47.76
N SER C 129 -3.34 -49.01 -46.56
CA SER C 129 -1.91 -49.06 -46.36
C SER C 129 -1.57 -50.08 -45.28
N LEU C 130 -0.34 -50.60 -45.35
CA LEU C 130 0.14 -51.55 -44.35
C LEU C 130 1.57 -51.17 -44.00
N GLN C 131 2.06 -51.75 -42.91
CA GLN C 131 3.38 -51.44 -42.37
C GLN C 131 3.87 -52.70 -41.65
N PHE C 132 4.90 -53.34 -42.19
CA PHE C 132 5.20 -54.71 -41.76
C PHE C 132 6.32 -54.79 -40.72
N CYS C 133 6.17 -55.76 -39.81
CA CYS C 133 7.26 -56.28 -38.99
C CYS C 133 7.68 -57.68 -39.47
N SER C 134 7.41 -58.01 -40.73
CA SER C 134 7.80 -59.28 -41.32
C SER C 134 8.03 -59.07 -42.81
N PRO C 135 8.67 -60.03 -43.48
CA PRO C 135 8.86 -59.92 -44.93
C PRO C 135 7.55 -59.98 -45.71
N ARG C 136 7.62 -59.54 -46.97
CA ARG C 136 6.46 -59.52 -47.85
C ARG C 136 6.33 -60.88 -48.53
N PRO C 137 5.23 -61.61 -48.31
CA PRO C 137 5.04 -62.90 -48.98
C PRO C 137 4.73 -62.72 -50.45
N GLU C 138 4.39 -63.82 -51.13
CA GLU C 138 4.12 -63.78 -52.56
C GLU C 138 2.63 -63.81 -52.88
N SER C 139 1.89 -64.80 -52.40
CA SER C 139 0.49 -65.02 -52.77
C SER C 139 -0.45 -64.57 -51.64
N MET C 140 -1.48 -63.82 -52.00
CA MET C 140 -2.51 -63.37 -51.07
C MET C 140 -3.72 -62.95 -51.89
N ALA C 141 -4.86 -62.79 -51.21
CA ALA C 141 -6.09 -62.45 -51.91
C ALA C 141 -6.89 -61.47 -51.07
N ILE C 142 -7.97 -60.98 -51.68
CA ILE C 142 -8.86 -60.00 -51.08
C ILE C 142 -10.26 -60.59 -51.06
N TYR C 143 -11.03 -60.21 -50.05
CA TYR C 143 -12.48 -60.44 -50.03
C TYR C 143 -13.13 -59.16 -49.54
N LYS C 144 -14.46 -59.15 -49.55
CA LYS C 144 -15.22 -58.06 -48.97
C LYS C 144 -16.63 -58.58 -48.75
N SER C 145 -17.43 -57.81 -48.04
CA SER C 145 -18.83 -58.16 -47.80
C SER C 145 -19.63 -56.89 -47.99
N MET C 146 -20.47 -56.89 -49.03
CA MET C 146 -21.46 -55.83 -49.18
C MET C 146 -22.67 -56.04 -48.28
N ASP C 147 -22.67 -57.13 -47.50
CA ASP C 147 -23.63 -57.46 -46.47
C ASP C 147 -22.92 -57.44 -45.11
N TYR C 148 -23.62 -57.85 -44.06
CA TYR C 148 -23.05 -57.79 -42.72
C TYR C 148 -22.42 -59.13 -42.36
N GLY C 149 -21.33 -59.43 -43.06
CA GLY C 149 -20.50 -60.60 -42.78
C GLY C 149 -21.04 -61.91 -43.29
N LYS C 150 -22.01 -61.88 -44.22
CA LYS C 150 -22.65 -63.10 -44.71
C LYS C 150 -22.11 -63.55 -46.07
N THR C 151 -22.15 -62.67 -47.08
CA THR C 151 -21.60 -62.93 -48.40
C THR C 151 -20.21 -62.32 -48.50
N TRP C 152 -19.40 -62.84 -49.43
CA TRP C 152 -18.03 -62.36 -49.57
C TRP C 152 -17.60 -62.38 -51.03
N VAL C 153 -16.99 -61.29 -51.49
CA VAL C 153 -16.47 -61.22 -52.85
C VAL C 153 -15.08 -60.58 -52.83
N PRO C 154 -14.16 -61.03 -53.71
CA PRO C 154 -12.80 -60.48 -53.75
C PRO C 154 -12.68 -59.12 -54.44
N PHE C 155 -11.46 -58.57 -54.49
CA PHE C 155 -11.24 -57.35 -55.26
C PHE C 155 -10.09 -57.46 -56.25
N GLN C 156 -8.88 -57.72 -55.75
CA GLN C 156 -7.74 -57.97 -56.62
C GLN C 156 -6.88 -59.07 -56.00
N PHE C 157 -5.87 -59.50 -56.76
CA PHE C 157 -4.97 -60.55 -56.30
C PHE C 157 -3.54 -60.06 -56.44
N TYR C 158 -2.64 -60.75 -55.74
CA TYR C 158 -1.20 -60.44 -55.80
C TYR C 158 -0.41 -61.72 -55.60
N SER C 159 0.34 -62.11 -56.63
CA SER C 159 1.18 -63.31 -56.61
C SER C 159 2.08 -63.30 -57.84
N THR C 160 3.19 -64.05 -57.74
CA THR C 160 4.00 -64.32 -58.92
C THR C 160 3.33 -65.35 -59.81
N GLN C 161 2.87 -66.44 -59.22
CA GLN C 161 2.10 -67.45 -59.95
C GLN C 161 0.63 -67.14 -59.75
N CYS C 162 0.15 -66.15 -60.50
CA CYS C 162 -1.27 -65.87 -60.51
C CYS C 162 -2.03 -67.07 -61.06
N ARG C 163 -1.37 -67.87 -61.88
CA ARG C 163 -1.96 -69.05 -62.51
C ARG C 163 -1.84 -70.27 -61.58
N LYS C 164 -0.62 -70.65 -61.22
CA LYS C 164 -0.46 -71.84 -60.39
C LYS C 164 -1.17 -71.70 -59.04
N MET C 165 -1.25 -70.48 -58.50
CA MET C 165 -1.91 -70.26 -57.21
C MET C 165 -3.37 -69.83 -57.36
N TYR C 166 -3.64 -68.80 -58.15
CA TYR C 166 -4.99 -68.24 -58.23
C TYR C 166 -5.73 -68.67 -59.49
N ASN C 167 -5.06 -69.42 -60.37
CA ASN C 167 -5.59 -69.74 -61.71
C ASN C 167 -5.94 -68.45 -62.44
N LYS C 168 -5.00 -67.51 -62.43
CA LYS C 168 -5.20 -66.16 -62.94
C LYS C 168 -4.01 -65.74 -63.77
N PRO C 169 -4.18 -64.78 -64.68
CA PRO C 169 -3.03 -64.19 -65.35
C PRO C 169 -2.42 -63.07 -64.53
N SER C 170 -1.11 -62.92 -64.67
CA SER C 170 -0.38 -61.86 -63.98
C SER C 170 -0.45 -60.59 -64.80
N ARG C 171 -0.76 -59.47 -64.12
CA ARG C 171 -0.89 -58.16 -64.78
C ARG C 171 -1.99 -58.19 -65.83
N ALA C 172 -3.20 -58.52 -65.39
CA ALA C 172 -4.32 -58.53 -66.31
C ALA C 172 -4.71 -57.10 -66.69
N ALA C 173 -5.56 -57.00 -67.70
CA ALA C 173 -6.02 -55.71 -68.21
C ALA C 173 -7.37 -55.35 -67.63
N ILE C 174 -7.64 -54.06 -67.49
CA ILE C 174 -8.91 -53.57 -67.01
C ILE C 174 -9.77 -53.33 -68.24
N THR C 175 -10.63 -54.29 -68.56
CA THR C 175 -11.54 -54.10 -69.67
C THR C 175 -12.55 -53.02 -69.28
N LYS C 176 -12.88 -52.15 -70.25
CA LYS C 176 -13.83 -51.09 -69.97
C LYS C 176 -15.21 -51.64 -69.67
N GLN C 177 -15.62 -52.71 -70.35
CA GLN C 177 -16.93 -53.31 -70.17
C GLN C 177 -17.05 -54.07 -68.84
N ASN C 178 -15.93 -54.40 -68.21
CA ASN C 178 -15.93 -54.97 -66.86
C ASN C 178 -14.75 -54.33 -66.09
N GLU C 179 -14.95 -53.10 -65.59
CA GLU C 179 -13.94 -52.53 -64.71
C GLU C 179 -13.93 -53.20 -63.34
N GLN C 180 -14.82 -54.16 -63.11
CA GLN C 180 -14.82 -55.00 -61.92
C GLN C 180 -13.83 -56.16 -62.02
N GLU C 181 -12.80 -56.03 -62.88
CA GLU C 181 -11.79 -57.06 -63.01
C GLU C 181 -10.99 -57.17 -61.72
N ALA C 182 -10.52 -58.37 -61.44
CA ALA C 182 -9.69 -58.63 -60.28
C ALA C 182 -8.34 -59.08 -60.82
N ILE C 183 -7.36 -58.18 -60.73
CA ILE C 183 -6.07 -58.45 -61.35
C ILE C 183 -5.14 -59.08 -60.32
N CYS C 184 -4.10 -59.71 -60.83
CA CYS C 184 -3.03 -60.27 -60.03
C CYS C 184 -1.69 -59.90 -60.64
N THR C 185 -0.72 -59.61 -59.80
CA THR C 185 0.63 -59.35 -60.32
C THR C 185 1.65 -59.75 -59.27
N ASP C 186 2.88 -59.95 -59.73
CA ASP C 186 4.04 -60.18 -58.89
C ASP C 186 4.74 -58.88 -58.52
N SER C 187 4.24 -57.75 -59.01
CA SER C 187 4.88 -56.48 -58.77
C SER C 187 4.87 -56.17 -57.28
N HIS C 188 6.02 -55.70 -56.78
CA HIS C 188 6.15 -55.27 -55.39
C HIS C 188 5.80 -56.38 -54.41
N THR C 189 5.90 -57.63 -54.87
CA THR C 189 5.88 -58.81 -54.03
C THR C 189 7.29 -59.22 -53.62
N ASP C 190 8.24 -58.32 -53.78
CA ASP C 190 9.66 -58.56 -53.62
C ASP C 190 10.07 -58.33 -52.16
N VAL C 191 11.21 -58.91 -51.79
CA VAL C 191 11.85 -58.60 -50.51
C VAL C 191 13.34 -58.43 -50.79
N ARG C 192 13.91 -57.28 -50.40
CA ARG C 192 13.29 -56.16 -49.65
C ARG C 192 12.02 -55.51 -50.23
N PRO C 193 11.11 -55.03 -49.35
CA PRO C 193 11.28 -55.03 -47.89
C PRO C 193 11.03 -56.37 -47.18
N LEU C 194 12.01 -56.80 -46.39
CA LEU C 194 11.88 -57.86 -45.41
C LEU C 194 11.15 -57.40 -44.15
N SER C 195 11.07 -56.11 -43.90
CA SER C 195 10.28 -55.56 -42.81
C SER C 195 9.88 -54.13 -43.22
N GLY C 196 8.89 -53.59 -42.52
CA GLY C 196 8.45 -52.24 -42.89
C GLY C 196 7.83 -52.18 -44.27
N GLY C 197 7.05 -53.18 -44.63
CA GLY C 197 6.49 -53.22 -45.98
C GLY C 197 5.58 -52.04 -46.25
N LEU C 198 5.62 -51.57 -47.48
CA LEU C 198 4.95 -50.35 -47.93
C LEU C 198 3.83 -50.77 -48.86
N ILE C 199 2.58 -50.53 -48.43
CA ILE C 199 1.41 -50.90 -49.22
C ILE C 199 0.67 -49.63 -49.60
N ALA C 200 0.58 -49.36 -50.90
CA ALA C 200 -0.14 -48.22 -51.46
C ALA C 200 -0.90 -48.76 -52.67
N PHE C 201 -2.21 -48.95 -52.51
CA PHE C 201 -3.05 -49.44 -53.59
C PHE C 201 -4.21 -48.48 -53.81
N SER C 202 -4.38 -48.05 -55.05
CA SER C 202 -5.49 -47.22 -55.48
C SER C 202 -6.33 -47.98 -56.49
N THR C 203 -7.59 -48.25 -56.14
CA THR C 203 -8.47 -48.97 -57.06
C THR C 203 -8.65 -48.20 -58.36
N LEU C 204 -8.55 -46.86 -58.29
CA LEU C 204 -8.83 -46.00 -59.43
C LEU C 204 -7.72 -46.01 -60.48
N ASP C 205 -6.51 -46.44 -60.13
CA ASP C 205 -5.40 -46.50 -61.08
C ASP C 205 -5.67 -47.59 -62.11
N GLY C 206 -5.47 -47.26 -63.39
CA GLY C 206 -5.71 -48.17 -64.48
C GLY C 206 -7.14 -48.10 -65.00
N ARG C 207 -8.08 -47.67 -64.16
CA ARG C 207 -9.47 -47.55 -64.60
C ARG C 207 -9.58 -46.35 -65.52
N PRO C 208 -9.97 -46.52 -66.78
CA PRO C 208 -10.11 -45.37 -67.67
C PRO C 208 -11.21 -44.42 -67.26
N THR C 209 -12.22 -44.89 -66.52
CA THR C 209 -13.37 -44.09 -66.09
C THR C 209 -13.27 -43.61 -64.64
N ALA C 210 -12.05 -43.51 -64.11
CA ALA C 210 -11.80 -43.07 -62.73
C ALA C 210 -11.82 -41.56 -62.55
N HIS C 211 -11.66 -40.79 -63.65
CA HIS C 211 -11.57 -39.33 -63.59
C HIS C 211 -12.83 -38.65 -63.06
N ASP C 212 -14.00 -39.26 -63.15
CA ASP C 212 -15.20 -38.70 -62.50
C ASP C 212 -15.91 -39.80 -61.73
N PHE C 213 -15.56 -39.95 -60.44
CA PHE C 213 -16.20 -40.96 -59.62
C PHE C 213 -17.68 -40.68 -59.35
N ASP C 214 -18.12 -39.42 -59.41
CA ASP C 214 -19.51 -39.08 -59.12
C ASP C 214 -20.50 -39.75 -60.07
N ASN C 215 -20.06 -40.18 -61.26
CA ASN C 215 -20.92 -40.87 -62.22
C ASN C 215 -20.42 -42.28 -62.59
N SER C 216 -19.75 -42.98 -61.67
CA SER C 216 -19.26 -44.34 -61.94
C SER C 216 -19.89 -45.31 -60.95
N PRO C 217 -21.17 -45.68 -61.16
CA PRO C 217 -21.87 -46.53 -60.17
C PRO C 217 -21.29 -47.92 -60.00
N VAL C 218 -20.82 -48.55 -61.09
CA VAL C 218 -20.15 -49.85 -60.97
C VAL C 218 -18.90 -49.71 -60.10
N LEU C 219 -18.14 -48.62 -60.29
CA LEU C 219 -17.06 -48.31 -59.37
C LEU C 219 -17.59 -47.87 -58.02
N GLN C 220 -18.69 -47.10 -58.01
CA GLN C 220 -19.42 -46.79 -56.77
C GLN C 220 -20.03 -48.04 -56.15
N ASP C 221 -20.16 -49.12 -56.94
CA ASP C 221 -20.41 -50.45 -56.40
C ASP C 221 -19.09 -51.14 -56.08
N TRP C 222 -18.05 -50.91 -56.89
CA TRP C 222 -16.74 -51.47 -56.59
C TRP C 222 -16.22 -50.97 -55.25
N VAL C 223 -16.60 -49.74 -54.87
CA VAL C 223 -16.27 -49.22 -53.54
C VAL C 223 -17.27 -49.65 -52.48
N THR C 224 -18.44 -50.19 -52.88
CA THR C 224 -19.42 -50.62 -51.89
C THR C 224 -18.85 -51.80 -51.12
N ALA C 225 -18.82 -51.67 -49.79
CA ALA C 225 -18.30 -52.70 -48.91
C ALA C 225 -18.81 -52.41 -47.50
N THR C 226 -19.23 -53.49 -46.83
CA THR C 226 -19.66 -53.39 -45.43
C THR C 226 -18.68 -54.15 -44.53
N ASP C 227 -18.43 -55.43 -44.79
CA ASP C 227 -17.48 -56.23 -44.03
C ASP C 227 -16.36 -56.72 -44.97
N ILE C 228 -15.19 -57.00 -44.42
CA ILE C 228 -13.99 -57.30 -45.20
C ILE C 228 -13.35 -58.60 -44.70
N LYS C 229 -12.87 -59.43 -45.63
CA LYS C 229 -12.16 -60.66 -45.32
C LYS C 229 -10.88 -60.72 -46.15
N VAL C 230 -9.79 -61.15 -45.52
CA VAL C 230 -8.50 -61.31 -46.19
C VAL C 230 -7.85 -62.60 -45.70
N THR C 231 -7.45 -63.45 -46.65
CA THR C 231 -6.81 -64.74 -46.37
C THR C 231 -5.42 -64.74 -47.00
N PHE C 232 -4.45 -65.34 -46.32
CA PHE C 232 -3.07 -65.38 -46.78
C PHE C 232 -2.63 -66.79 -47.16
N SER C 233 -1.54 -66.83 -47.92
CA SER C 233 -0.98 -67.99 -48.58
C SER C 233 0.53 -67.85 -48.71
N ARG C 234 1.10 -68.38 -49.79
CA ARG C 234 2.54 -68.55 -50.05
C ARG C 234 3.45 -67.43 -49.54
N LEU C 235 4.67 -67.81 -49.19
CA LEU C 235 5.66 -66.92 -48.57
C LEU C 235 7.05 -67.46 -48.86
N HIS C 236 8.03 -66.57 -48.79
CA HIS C 236 9.41 -66.88 -49.17
C HIS C 236 10.10 -67.74 -48.13
N THR C 237 10.96 -68.65 -48.60
CA THR C 237 11.94 -69.35 -47.78
C THR C 237 13.29 -69.20 -48.48
N PHE C 238 14.29 -68.67 -47.78
CA PHE C 238 15.49 -68.18 -48.45
C PHE C 238 16.73 -69.08 -48.31
N GLY C 239 17.02 -69.59 -47.11
CA GLY C 239 18.36 -70.09 -46.80
C GLY C 239 19.03 -71.03 -47.80
N ASP C 240 18.57 -72.27 -47.93
CA ASP C 240 17.63 -72.89 -46.99
C ASP C 240 18.27 -74.09 -46.30
N ARG C 250 14.36 -76.60 -39.01
CA ARG C 250 15.25 -75.57 -38.50
C ARG C 250 14.50 -74.28 -38.22
N ASP C 251 13.59 -73.93 -39.11
CA ASP C 251 13.00 -72.61 -39.15
C ASP C 251 11.57 -72.55 -38.62
N SER C 252 11.25 -71.41 -38.00
CA SER C 252 9.90 -71.03 -37.61
C SER C 252 9.48 -69.82 -38.43
N TYR C 253 8.49 -69.99 -39.31
CA TYR C 253 7.99 -68.92 -40.16
C TYR C 253 6.69 -68.35 -39.62
N PHE C 254 6.52 -67.05 -39.78
CA PHE C 254 5.47 -66.31 -39.10
C PHE C 254 5.05 -65.14 -39.97
N TYR C 255 4.25 -64.25 -39.39
CA TYR C 255 3.88 -62.98 -40.01
C TYR C 255 3.73 -61.93 -38.92
N ALA C 256 4.11 -60.71 -39.23
CA ALA C 256 4.08 -59.62 -38.27
C ALA C 256 3.92 -58.30 -39.03
N VAL C 257 3.34 -57.32 -38.35
CA VAL C 257 2.92 -56.06 -38.96
C VAL C 257 2.79 -55.03 -37.84
N SER C 258 3.19 -53.77 -38.13
CA SER C 258 3.30 -52.75 -37.10
C SER C 258 2.04 -51.92 -36.91
N ASP C 259 1.23 -51.77 -37.95
CA ASP C 259 0.04 -50.93 -37.83
C ASP C 259 -0.86 -51.21 -39.02
N LEU C 260 -2.00 -50.53 -39.04
CA LEU C 260 -2.91 -50.56 -40.16
C LEU C 260 -3.52 -49.18 -40.27
N GLN C 261 -3.59 -48.68 -41.50
CA GLN C 261 -4.21 -47.39 -41.80
C GLN C 261 -5.06 -47.58 -43.04
N VAL C 262 -6.32 -47.16 -42.96
CA VAL C 262 -7.23 -47.20 -44.11
C VAL C 262 -8.12 -45.97 -44.03
N GLY C 263 -8.13 -45.17 -45.08
CA GLY C 263 -8.87 -43.93 -45.05
C GLY C 263 -10.20 -44.05 -45.76
N GLY C 264 -11.16 -43.29 -45.27
CA GLY C 264 -12.48 -43.31 -45.88
C GLY C 264 -13.38 -42.23 -45.31
N ARG C 265 -14.59 -42.19 -45.86
CA ARG C 265 -15.64 -41.28 -45.42
C ARG C 265 -16.93 -42.06 -45.26
N CYS C 266 -17.73 -41.63 -44.29
CA CYS C 266 -18.91 -42.40 -43.94
C CYS C 266 -19.98 -42.25 -45.02
N LYS C 267 -20.53 -43.39 -45.46
CA LYS C 267 -21.42 -43.44 -46.62
C LYS C 267 -22.78 -42.87 -46.27
N CYS C 268 -23.00 -41.61 -46.66
CA CYS C 268 -24.28 -40.94 -46.51
C CYS C 268 -24.86 -40.50 -47.84
N ASN C 269 -24.34 -41.00 -48.96
CA ASN C 269 -24.85 -40.67 -50.29
C ASN C 269 -24.80 -39.17 -50.56
N GLY C 270 -23.93 -38.45 -49.85
CA GLY C 270 -23.91 -37.01 -49.91
C GLY C 270 -25.06 -36.34 -49.19
N HIS C 271 -25.83 -37.10 -48.39
CA HIS C 271 -27.01 -36.60 -47.71
C HIS C 271 -26.80 -36.42 -46.21
N ALA C 272 -25.59 -36.61 -45.72
CA ALA C 272 -25.28 -36.29 -44.33
C ALA C 272 -23.82 -35.91 -44.28
N SER C 273 -23.53 -34.83 -43.55
CA SER C 273 -22.17 -34.33 -43.45
C SER C 273 -21.33 -35.17 -42.52
N ARG C 274 -21.92 -36.15 -41.87
CA ARG C 274 -21.21 -37.00 -40.91
C ARG C 274 -22.10 -38.19 -40.59
N CYS C 275 -21.67 -38.96 -39.60
CA CYS C 275 -22.39 -40.11 -39.11
C CYS C 275 -22.30 -40.08 -37.59
N VAL C 276 -23.43 -40.34 -36.94
CA VAL C 276 -23.50 -40.27 -35.49
C VAL C 276 -24.06 -41.58 -34.96
N ARG C 277 -23.84 -41.80 -33.67
CA ARG C 277 -24.30 -43.03 -33.04
C ARG C 277 -25.81 -42.96 -32.81
N ASP C 278 -26.44 -44.12 -32.73
CA ASP C 278 -27.87 -44.19 -32.45
C ASP C 278 -28.10 -44.30 -30.94
N ARG C 279 -29.37 -44.23 -30.57
CA ARG C 279 -29.76 -44.41 -29.17
C ARG C 279 -29.36 -45.79 -28.64
N ASP C 280 -29.13 -46.77 -29.53
CA ASP C 280 -28.61 -48.09 -29.17
C ASP C 280 -27.18 -48.30 -29.65
N ASP C 281 -26.36 -47.22 -29.65
CA ASP C 281 -24.94 -47.28 -29.97
C ASP C 281 -24.73 -47.82 -31.40
N ASN C 282 -25.22 -47.07 -32.39
CA ASN C 282 -25.10 -47.47 -33.79
C ASN C 282 -24.74 -46.26 -34.65
N LEU C 283 -23.54 -46.27 -35.22
CA LEU C 283 -23.05 -45.12 -35.98
C LEU C 283 -23.84 -45.06 -37.29
N VAL C 284 -24.65 -44.02 -37.44
CA VAL C 284 -25.51 -43.83 -38.60
C VAL C 284 -25.37 -42.41 -39.11
N CYS C 285 -25.69 -42.22 -40.39
CA CYS C 285 -25.71 -40.88 -40.93
C CYS C 285 -26.83 -40.06 -40.31
N ASP C 286 -26.52 -38.80 -40.02
CA ASP C 286 -27.55 -37.83 -39.69
C ASP C 286 -28.15 -37.43 -41.02
N CYS C 287 -28.98 -38.32 -41.57
CA CYS C 287 -29.41 -38.21 -42.95
C CYS C 287 -30.21 -36.95 -43.23
N LYS C 288 -29.57 -36.01 -43.93
CA LYS C 288 -30.18 -34.78 -44.42
C LYS C 288 -30.71 -35.07 -45.84
N HIS C 289 -31.04 -34.03 -46.59
CA HIS C 289 -31.54 -34.16 -47.97
C HIS C 289 -32.80 -35.02 -48.01
N ASN C 290 -33.58 -35.00 -46.93
CA ASN C 290 -34.87 -35.71 -46.85
C ASN C 290 -34.68 -37.21 -46.99
N THR C 291 -33.54 -37.73 -46.53
CA THR C 291 -33.17 -39.12 -46.77
C THR C 291 -33.29 -39.94 -45.48
N ALA C 292 -33.39 -41.25 -45.66
CA ALA C 292 -33.53 -42.18 -44.55
C ALA C 292 -32.57 -43.34 -44.76
N GLY C 293 -32.54 -44.23 -43.77
CA GLY C 293 -31.58 -45.31 -43.74
C GLY C 293 -30.33 -44.84 -43.03
N PRO C 294 -29.58 -45.77 -42.41
CA PRO C 294 -28.37 -45.36 -41.71
C PRO C 294 -27.32 -44.75 -42.62
N GLU C 295 -27.48 -44.92 -43.94
CA GLU C 295 -26.54 -44.43 -44.94
C GLU C 295 -27.16 -43.41 -45.86
N CYS C 296 -28.38 -42.93 -45.54
CA CYS C 296 -29.15 -42.03 -46.38
C CYS C 296 -29.59 -42.69 -47.68
N ASP C 297 -29.73 -44.03 -47.67
CA ASP C 297 -30.00 -44.79 -48.88
C ASP C 297 -31.41 -44.59 -49.45
N ARG C 298 -32.39 -44.26 -48.61
CA ARG C 298 -33.79 -44.12 -49.01
C ARG C 298 -34.36 -42.77 -48.58
N CYS C 299 -35.55 -42.45 -49.08
CA CYS C 299 -36.20 -41.23 -48.63
C CYS C 299 -36.79 -41.41 -47.23
N LYS C 300 -36.98 -40.27 -46.58
CA LYS C 300 -37.64 -40.18 -45.29
C LYS C 300 -39.11 -40.53 -45.46
N PRO C 301 -39.77 -40.97 -44.38
CA PRO C 301 -41.22 -41.19 -44.45
C PRO C 301 -41.98 -39.98 -44.99
N PHE C 302 -43.03 -40.27 -45.76
CA PHE C 302 -43.83 -39.27 -46.47
C PHE C 302 -43.04 -38.58 -47.57
N HIS C 303 -41.74 -38.88 -47.70
CA HIS C 303 -40.94 -38.32 -48.78
C HIS C 303 -41.02 -39.22 -50.01
N TYR C 304 -42.24 -39.33 -50.52
CA TYR C 304 -42.60 -40.27 -51.57
C TYR C 304 -43.17 -39.50 -52.75
N ASP C 305 -42.59 -38.33 -53.05
CA ASP C 305 -43.01 -37.59 -54.23
C ASP C 305 -42.22 -38.07 -55.45
N ARG C 306 -40.91 -38.19 -55.31
CA ARG C 306 -40.10 -38.88 -56.31
C ARG C 306 -39.09 -39.74 -55.55
N PRO C 307 -38.61 -40.83 -56.15
CA PRO C 307 -37.78 -41.78 -55.40
C PRO C 307 -36.49 -41.15 -54.88
N TRP C 308 -35.83 -41.89 -54.00
CA TRP C 308 -34.57 -41.45 -53.41
C TRP C 308 -33.45 -41.38 -54.44
N GLN C 309 -32.55 -40.42 -54.25
CA GLN C 309 -31.37 -40.29 -55.10
C GLN C 309 -30.19 -39.77 -54.29
N ARG C 310 -28.99 -39.86 -54.89
CA ARG C 310 -27.72 -39.48 -54.28
C ARG C 310 -27.29 -38.07 -54.69
N ALA C 311 -26.70 -37.34 -53.74
CA ALA C 311 -26.22 -35.98 -53.99
C ALA C 311 -25.09 -35.98 -55.02
N THR C 312 -25.25 -35.14 -56.04
CA THR C 312 -24.26 -34.96 -57.09
C THR C 312 -23.64 -33.56 -56.96
N ALA C 313 -22.53 -33.36 -57.66
CA ALA C 313 -21.86 -32.06 -57.64
C ALA C 313 -22.73 -30.96 -58.22
N ARG C 314 -23.51 -31.27 -59.27
CA ARG C 314 -24.41 -30.27 -59.82
C ARG C 314 -25.66 -30.10 -58.96
N GLU C 315 -26.28 -31.20 -58.56
CA GLU C 315 -27.52 -31.19 -57.79
C GLU C 315 -27.48 -32.26 -56.70
N ALA C 316 -27.96 -31.90 -55.51
CA ALA C 316 -27.97 -32.84 -54.39
C ALA C 316 -29.03 -33.94 -54.53
N ASN C 317 -29.69 -34.06 -55.68
CA ASN C 317 -30.72 -35.07 -55.97
C ASN C 317 -31.44 -35.51 -54.69
N GLU C 318 -32.03 -34.52 -54.03
CA GLU C 318 -32.68 -34.70 -52.75
C GLU C 318 -34.00 -35.44 -52.87
N CYS C 319 -34.49 -35.93 -51.73
CA CYS C 319 -35.84 -36.46 -51.64
C CYS C 319 -36.81 -35.32 -51.36
N VAL C 320 -38.09 -35.58 -51.60
CA VAL C 320 -39.14 -34.60 -51.42
C VAL C 320 -40.40 -35.29 -50.93
N ALA C 321 -41.06 -34.68 -49.94
CA ALA C 321 -42.24 -35.27 -49.34
C ALA C 321 -43.42 -35.20 -50.30
N CYS C 322 -44.49 -35.90 -49.93
CA CYS C 322 -45.73 -35.82 -50.69
C CYS C 322 -46.47 -34.57 -50.27
N ASN C 323 -47.37 -34.12 -51.12
CA ASN C 323 -48.20 -33.00 -50.75
C ASN C 323 -49.53 -33.56 -50.30
N CYS C 324 -50.02 -33.08 -49.16
CA CYS C 324 -51.45 -32.97 -48.95
C CYS C 324 -51.91 -31.55 -48.65
N ASN C 325 -51.05 -30.54 -48.74
CA ASN C 325 -51.47 -29.19 -48.42
C ASN C 325 -52.04 -29.17 -46.99
N LEU C 326 -51.27 -29.79 -46.07
CA LEU C 326 -51.62 -29.89 -44.64
C LEU C 326 -52.85 -30.76 -44.40
N HIS C 327 -52.89 -31.94 -45.04
CA HIS C 327 -54.08 -32.76 -44.90
C HIS C 327 -53.79 -34.26 -44.76
N ALA C 328 -52.56 -34.64 -44.43
CA ALA C 328 -52.24 -36.03 -44.09
C ALA C 328 -50.86 -36.08 -43.46
N ARG C 329 -50.58 -37.22 -42.83
CA ARG C 329 -49.29 -37.50 -42.23
C ARG C 329 -48.57 -38.67 -42.90
N ARG C 330 -49.28 -39.47 -43.70
CA ARG C 330 -48.72 -40.59 -44.44
C ARG C 330 -49.06 -40.42 -45.91
N CYS C 331 -48.22 -40.99 -46.77
CA CYS C 331 -48.47 -40.90 -48.21
C CYS C 331 -47.82 -42.10 -48.88
N ARG C 332 -48.04 -42.24 -50.19
CA ARG C 332 -47.37 -43.28 -50.96
C ARG C 332 -46.79 -42.64 -52.22
N PHE C 333 -46.35 -43.48 -53.15
CA PHE C 333 -45.67 -43.03 -54.36
C PHE C 333 -45.86 -44.01 -55.50
N ASN C 334 -45.87 -43.49 -56.72
CA ASN C 334 -45.74 -44.32 -57.91
C ASN C 334 -44.81 -43.63 -58.90
N MET C 335 -43.91 -44.42 -59.51
CA MET C 335 -42.91 -43.85 -60.42
C MET C 335 -43.56 -43.35 -61.71
N GLU C 336 -44.50 -44.12 -62.27
CA GLU C 336 -45.12 -43.73 -63.54
C GLU C 336 -45.70 -42.32 -63.47
N LEU C 337 -46.22 -41.92 -62.31
CA LEU C 337 -46.63 -40.55 -62.11
C LEU C 337 -45.47 -39.61 -62.39
N TYR C 338 -44.34 -39.81 -61.71
CA TYR C 338 -43.15 -39.02 -61.99
C TYR C 338 -42.69 -39.23 -63.43
N LYS C 339 -42.73 -40.47 -63.91
CA LYS C 339 -42.36 -40.76 -65.29
C LYS C 339 -43.20 -39.95 -66.27
N LEU C 340 -44.53 -40.12 -66.21
CA LEU C 340 -45.45 -39.42 -67.10
C LEU C 340 -45.61 -37.94 -66.76
N SER C 341 -45.09 -37.48 -65.63
CA SER C 341 -45.08 -36.07 -65.28
C SER C 341 -44.04 -35.29 -66.06
N GLY C 342 -43.46 -35.89 -67.09
CA GLY C 342 -42.27 -35.32 -67.69
C GLY C 342 -41.11 -35.31 -66.72
N ARG C 343 -41.02 -36.33 -65.87
CA ARG C 343 -40.05 -36.41 -64.78
C ARG C 343 -40.21 -35.22 -63.81
N LYS C 344 -41.38 -35.15 -63.19
CA LYS C 344 -41.62 -34.04 -62.26
C LYS C 344 -42.11 -34.43 -60.85
N SER C 345 -43.10 -35.31 -60.73
CA SER C 345 -43.65 -35.61 -59.41
C SER C 345 -44.47 -36.90 -59.41
N GLY C 346 -44.58 -37.55 -58.24
CA GLY C 346 -45.35 -38.76 -58.07
C GLY C 346 -45.91 -39.02 -56.68
N GLY C 347 -45.82 -38.03 -55.79
CA GLY C 347 -46.31 -38.22 -54.44
C GLY C 347 -47.82 -38.24 -54.40
N VAL C 348 -48.35 -38.89 -53.37
CA VAL C 348 -49.80 -39.07 -53.24
C VAL C 348 -50.14 -39.33 -51.78
N CYS C 349 -51.19 -38.66 -51.30
CA CYS C 349 -51.61 -38.69 -49.90
C CYS C 349 -51.78 -40.13 -49.41
N LEU C 350 -51.75 -40.33 -48.10
CA LEU C 350 -52.38 -41.49 -47.49
C LEU C 350 -53.30 -40.91 -46.42
N ASN C 351 -54.54 -41.39 -46.36
CA ASN C 351 -55.55 -40.82 -45.48
C ASN C 351 -55.62 -39.33 -45.78
N CYS C 352 -56.00 -39.04 -47.03
CA CYS C 352 -55.88 -37.70 -47.57
C CYS C 352 -57.08 -36.94 -46.98
N ARG C 353 -56.83 -36.33 -45.83
CA ARG C 353 -57.82 -35.79 -44.89
C ARG C 353 -58.27 -34.35 -45.19
N HIS C 354 -58.99 -33.77 -44.22
CA HIS C 354 -59.50 -32.39 -44.25
C HIS C 354 -60.44 -32.11 -45.42
N ASN C 355 -61.33 -33.06 -45.72
CA ASN C 355 -62.32 -32.94 -46.78
C ASN C 355 -61.65 -32.66 -48.12
N THR C 356 -60.36 -32.97 -48.21
CA THR C 356 -59.54 -32.79 -49.40
C THR C 356 -59.27 -34.15 -50.03
N ALA C 357 -58.77 -34.14 -51.26
CA ALA C 357 -58.48 -35.39 -51.96
C ALA C 357 -57.50 -35.10 -53.09
N GLY C 358 -56.73 -36.13 -53.43
CA GLY C 358 -55.80 -36.11 -54.52
C GLY C 358 -54.42 -36.50 -54.06
N ARG C 359 -53.50 -36.59 -55.03
CA ARG C 359 -52.11 -36.82 -54.68
C ARG C 359 -51.53 -35.71 -53.81
N HIS C 360 -52.09 -34.50 -53.91
CA HIS C 360 -51.74 -33.38 -53.03
C HIS C 360 -52.82 -33.06 -51.98
N CYS C 361 -53.75 -33.99 -51.71
CA CYS C 361 -54.93 -33.68 -50.89
C CYS C 361 -55.48 -32.36 -51.41
N HIS C 362 -55.51 -32.19 -52.74
CA HIS C 362 -55.61 -30.89 -53.39
C HIS C 362 -56.96 -30.62 -54.05
N TYR C 363 -58.02 -31.33 -53.65
CA TYR C 363 -59.36 -30.98 -54.11
C TYR C 363 -60.38 -31.59 -53.17
N CYS C 364 -61.54 -30.95 -53.09
CA CYS C 364 -62.62 -31.38 -52.22
C CYS C 364 -63.32 -32.60 -52.83
N LYS C 365 -63.56 -33.60 -51.99
CA LYS C 365 -64.14 -34.86 -52.46
C LYS C 365 -65.61 -34.64 -52.78
N GLU C 366 -66.30 -35.72 -53.16
CA GLU C 366 -67.70 -35.66 -53.57
C GLU C 366 -68.61 -35.16 -52.45
N GLY C 367 -69.43 -34.16 -52.76
CA GLY C 367 -70.27 -33.55 -51.78
C GLY C 367 -69.88 -32.13 -51.44
N PHE C 368 -68.59 -31.84 -51.46
CA PHE C 368 -68.07 -30.55 -51.05
C PHE C 368 -67.54 -29.79 -52.25
N TYR C 369 -67.19 -28.52 -52.04
CA TYR C 369 -66.54 -27.68 -53.04
C TYR C 369 -65.44 -26.90 -52.35
N ARG C 370 -64.80 -26.02 -53.11
CA ARG C 370 -63.62 -25.31 -52.64
C ARG C 370 -64.01 -24.03 -51.89
N ASP C 371 -63.60 -23.93 -50.62
CA ASP C 371 -63.74 -22.67 -49.91
C ASP C 371 -62.71 -21.75 -50.55
N LEU C 372 -63.14 -21.07 -51.61
CA LEU C 372 -62.23 -20.26 -52.39
C LEU C 372 -61.53 -19.21 -51.54
N SER C 373 -62.19 -18.72 -50.48
CA SER C 373 -61.61 -17.68 -49.63
C SER C 373 -60.33 -18.15 -48.96
N LYS C 374 -60.24 -19.40 -48.63
CA LYS C 374 -59.08 -19.96 -47.96
C LYS C 374 -58.01 -20.37 -48.97
N PRO C 375 -56.73 -20.42 -48.53
CA PRO C 375 -55.65 -20.92 -49.40
C PRO C 375 -55.80 -22.39 -49.76
N ILE C 376 -54.94 -22.89 -50.66
CA ILE C 376 -55.05 -24.26 -51.17
C ILE C 376 -54.81 -25.31 -50.09
N SER C 377 -54.29 -24.90 -48.93
CA SER C 377 -53.91 -25.83 -47.87
C SER C 377 -54.67 -25.59 -46.56
N HIS C 378 -55.73 -24.80 -46.59
CA HIS C 378 -56.47 -24.50 -45.38
C HIS C 378 -57.17 -25.74 -44.85
N ARG C 379 -57.30 -25.83 -43.53
CA ARG C 379 -57.94 -26.98 -42.91
C ARG C 379 -59.40 -27.08 -43.33
N LYS C 380 -60.02 -25.94 -43.64
CA LYS C 380 -61.39 -25.87 -44.15
C LYS C 380 -61.42 -25.23 -45.54
N ALA C 381 -60.35 -25.45 -46.32
CA ALA C 381 -60.24 -24.92 -47.67
C ALA C 381 -61.34 -25.44 -48.58
N CYS C 382 -62.05 -26.47 -48.11
CA CYS C 382 -63.15 -27.11 -48.80
C CYS C 382 -64.47 -26.66 -48.19
N LYS C 383 -65.44 -26.40 -49.06
CA LYS C 383 -66.76 -25.93 -48.65
C LYS C 383 -67.85 -26.88 -49.11
N GLU C 384 -68.84 -27.05 -48.23
CA GLU C 384 -69.97 -27.94 -48.44
C GLU C 384 -70.99 -27.33 -49.38
N CYS C 385 -72.18 -27.92 -49.43
CA CYS C 385 -73.30 -27.33 -50.15
C CYS C 385 -74.38 -27.19 -49.09
N ASP C 386 -74.44 -26.03 -48.43
CA ASP C 386 -75.50 -25.75 -47.47
C ASP C 386 -76.66 -25.13 -48.25
N CYS C 387 -77.23 -25.97 -49.09
CA CYS C 387 -78.30 -25.59 -50.00
C CYS C 387 -79.63 -25.51 -49.28
N HIS C 388 -80.47 -24.55 -49.70
CA HIS C 388 -81.78 -24.35 -49.10
C HIS C 388 -82.58 -25.65 -49.16
N PRO C 389 -82.84 -26.27 -48.01
CA PRO C 389 -83.56 -27.56 -48.00
C PRO C 389 -84.93 -27.49 -48.65
N VAL C 390 -85.46 -26.28 -48.88
CA VAL C 390 -86.73 -26.07 -49.57
C VAL C 390 -86.53 -25.42 -50.94
N GLY C 391 -85.87 -24.25 -50.96
CA GLY C 391 -85.69 -23.54 -52.23
C GLY C 391 -84.66 -24.16 -53.16
N ALA C 392 -83.70 -24.91 -52.61
CA ALA C 392 -82.73 -25.64 -53.40
C ALA C 392 -83.16 -27.10 -53.51
N ALA C 393 -82.89 -27.72 -54.64
CA ALA C 393 -83.36 -29.07 -54.94
C ALA C 393 -82.45 -30.17 -54.36
N GLY C 394 -81.29 -29.82 -53.83
CA GLY C 394 -80.43 -30.80 -53.20
C GLY C 394 -79.23 -30.11 -52.57
N GLN C 395 -78.48 -30.88 -51.78
CA GLN C 395 -77.29 -30.39 -51.10
C GLN C 395 -76.01 -30.82 -51.82
N THR C 396 -76.12 -31.07 -53.13
CA THR C 396 -74.99 -31.50 -53.93
C THR C 396 -74.61 -30.45 -54.97
N CYS C 397 -74.53 -29.18 -54.58
CA CYS C 397 -74.24 -28.13 -55.56
C CYS C 397 -72.94 -28.42 -56.30
N ASN C 398 -72.86 -27.93 -57.55
CA ASN C 398 -71.64 -28.14 -58.32
C ASN C 398 -70.43 -27.66 -57.60
N GLN C 399 -69.49 -28.55 -57.34
CA GLN C 399 -68.21 -28.27 -56.71
C GLN C 399 -67.45 -27.10 -57.36
N THR C 400 -67.81 -26.71 -58.59
CA THR C 400 -67.23 -25.55 -59.25
C THR C 400 -67.77 -24.24 -58.65
N THR C 401 -69.07 -23.96 -58.80
CA THR C 401 -69.69 -22.74 -58.25
C THR C 401 -70.55 -23.06 -57.02
N GLY C 402 -70.71 -22.12 -56.10
CA GLY C 402 -71.47 -22.56 -54.95
C GLY C 402 -72.97 -22.62 -55.25
N GLN C 403 -73.31 -22.61 -56.55
CA GLN C 403 -74.71 -22.58 -56.98
C GLN C 403 -75.43 -23.84 -56.56
N CYS C 404 -76.38 -23.67 -55.65
CA CYS C 404 -77.18 -24.77 -55.17
C CYS C 404 -78.19 -25.18 -56.22
N PRO C 405 -78.78 -26.36 -56.08
CA PRO C 405 -79.76 -26.79 -57.08
C PRO C 405 -81.07 -26.02 -57.01
N CYS C 406 -81.10 -24.84 -57.65
CA CYS C 406 -82.35 -24.11 -57.75
C CYS C 406 -83.33 -24.89 -58.60
N LYS C 407 -84.53 -25.04 -58.09
CA LYS C 407 -85.60 -25.71 -58.80
C LYS C 407 -86.09 -24.77 -59.90
N ASP C 408 -87.41 -24.65 -60.05
CA ASP C 408 -88.03 -23.84 -61.10
C ASP C 408 -87.45 -22.43 -61.21
N GLY C 409 -88.06 -21.56 -62.01
CA GLY C 409 -87.54 -20.20 -62.26
C GLY C 409 -86.95 -19.47 -61.07
N VAL C 410 -86.85 -20.18 -59.96
CA VAL C 410 -86.15 -19.73 -58.77
C VAL C 410 -84.65 -19.71 -59.09
N THR C 411 -83.97 -18.68 -58.61
CA THR C 411 -82.51 -18.54 -58.77
C THR C 411 -82.03 -18.21 -57.36
N GLY C 412 -80.79 -17.73 -57.22
CA GLY C 412 -80.13 -17.50 -55.95
C GLY C 412 -79.12 -18.57 -55.60
N ILE C 413 -78.11 -18.17 -54.81
CA ILE C 413 -76.96 -19.04 -54.56
C ILE C 413 -77.37 -20.32 -53.85
N THR C 414 -77.94 -20.19 -52.64
CA THR C 414 -78.52 -21.35 -51.98
C THR C 414 -79.93 -21.62 -52.49
N CYS C 415 -80.40 -20.82 -53.45
CA CYS C 415 -81.73 -20.94 -54.02
C CYS C 415 -82.74 -20.68 -52.91
N ASN C 416 -82.75 -19.46 -52.39
CA ASN C 416 -83.64 -19.12 -51.28
C ASN C 416 -84.70 -18.11 -51.64
N ARG C 417 -84.34 -17.03 -52.30
CA ARG C 417 -85.28 -15.97 -52.61
C ARG C 417 -86.07 -16.37 -53.85
N CYS C 418 -87.08 -15.58 -54.17
CA CYS C 418 -87.79 -15.71 -55.43
C CYS C 418 -87.17 -14.74 -56.43
N ALA C 419 -87.54 -14.88 -57.69
CA ALA C 419 -86.94 -14.13 -58.78
C ALA C 419 -87.99 -13.19 -59.39
N LYS C 420 -87.57 -12.47 -60.43
CA LYS C 420 -88.47 -11.56 -61.13
C LYS C 420 -89.66 -12.30 -61.70
N GLY C 421 -90.86 -11.92 -61.27
CA GLY C 421 -92.03 -12.68 -61.66
C GLY C 421 -92.23 -13.91 -60.81
N TYR C 422 -91.65 -13.95 -59.62
CA TYR C 422 -91.80 -15.10 -58.74
C TYR C 422 -92.17 -14.62 -57.36
N GLN C 423 -93.37 -14.97 -56.90
CA GLN C 423 -93.85 -14.60 -55.58
C GLN C 423 -93.73 -15.81 -54.66
N GLN C 424 -93.13 -15.60 -53.49
CA GLN C 424 -92.98 -16.71 -52.54
C GLN C 424 -94.34 -17.11 -51.96
N SER C 425 -94.52 -18.43 -51.80
CA SER C 425 -95.71 -18.99 -51.20
C SER C 425 -95.32 -19.79 -49.97
N ARG C 426 -96.25 -19.86 -49.02
CA ARG C 426 -95.98 -20.66 -47.83
C ARG C 426 -96.13 -22.15 -48.09
N SER C 427 -96.41 -22.55 -49.33
CA SER C 427 -96.46 -23.97 -49.64
C SER C 427 -95.07 -24.54 -49.37
N PRO C 428 -94.95 -25.58 -48.52
CA PRO C 428 -93.61 -26.12 -48.29
C PRO C 428 -93.14 -26.99 -49.44
N ILE C 429 -93.59 -26.67 -50.66
CA ILE C 429 -93.16 -27.37 -51.87
C ILE C 429 -92.68 -26.39 -52.94
N ALA C 430 -93.57 -25.49 -53.34
CA ALA C 430 -93.30 -24.49 -54.38
C ALA C 430 -93.57 -23.08 -53.87
N PRO C 431 -92.55 -22.35 -53.39
CA PRO C 431 -92.80 -20.98 -52.92
C PRO C 431 -93.02 -19.99 -54.07
N CYS C 432 -92.15 -20.00 -55.09
CA CYS C 432 -92.17 -18.96 -56.11
C CYS C 432 -93.03 -19.36 -57.32
N ILE C 433 -93.87 -18.43 -57.78
CA ILE C 433 -94.82 -18.67 -58.86
C ILE C 433 -94.80 -17.52 -59.85
N LYS C 434 -94.85 -17.85 -61.14
CA LYS C 434 -94.88 -16.85 -62.20
C LYS C 434 -96.08 -15.92 -62.04
N ILE C 435 -95.97 -14.74 -62.66
CA ILE C 435 -97.10 -13.80 -62.75
C ILE C 435 -97.35 -13.50 -64.22
N PRO C 436 -98.63 -13.47 -64.68
CA PRO C 436 -98.93 -13.06 -66.05
C PRO C 436 -98.76 -11.56 -66.28
N PRO D 19 -58.04 -35.68 -15.97
CA PRO D 19 -58.09 -35.13 -17.33
C PRO D 19 -59.09 -33.98 -17.44
N ASP D 20 -60.33 -34.32 -17.76
CA ASP D 20 -61.36 -33.30 -17.91
C ASP D 20 -62.55 -33.55 -17.00
N PRO D 21 -62.84 -32.63 -16.07
CA PRO D 21 -64.04 -32.79 -15.22
C PRO D 21 -65.34 -32.83 -16.01
N CYS D 22 -65.27 -32.66 -17.32
CA CYS D 22 -66.41 -32.88 -18.20
C CYS D 22 -66.74 -34.35 -18.35
N TYR D 23 -65.90 -35.23 -17.81
CA TYR D 23 -66.10 -36.66 -17.95
C TYR D 23 -65.82 -37.36 -16.62
N ASP D 24 -66.65 -38.35 -16.32
CA ASP D 24 -66.68 -39.02 -15.03
C ASP D 24 -65.47 -39.94 -14.89
N GLU D 25 -65.43 -40.70 -13.78
CA GLU D 25 -64.39 -41.68 -13.51
C GLU D 25 -64.03 -42.53 -14.73
N HIS D 26 -65.03 -43.14 -15.37
CA HIS D 26 -64.84 -43.91 -16.59
C HIS D 26 -65.02 -43.07 -17.84
N GLY D 27 -64.55 -41.82 -17.81
CA GLY D 27 -64.78 -40.89 -18.89
C GLY D 27 -66.23 -40.62 -19.21
N LEU D 28 -67.15 -40.89 -18.29
CA LEU D 28 -68.57 -40.66 -18.58
C LEU D 28 -68.82 -39.16 -18.63
N PRO D 29 -69.42 -38.64 -19.69
CA PRO D 29 -69.59 -37.18 -19.80
C PRO D 29 -70.46 -36.60 -18.68
N ARG D 30 -69.84 -35.70 -17.90
CA ARG D 30 -70.51 -35.05 -16.78
C ARG D 30 -70.44 -33.54 -16.97
N ARG D 31 -71.36 -32.83 -16.32
CA ARG D 31 -71.41 -31.37 -16.42
C ARG D 31 -70.12 -30.75 -15.91
N CYS D 32 -69.48 -29.95 -16.76
CA CYS D 32 -68.26 -29.22 -16.39
C CYS D 32 -68.43 -27.71 -16.60
N ILE D 33 -68.04 -26.95 -15.59
CA ILE D 33 -68.27 -25.51 -15.56
C ILE D 33 -66.94 -24.84 -15.19
N PRO D 34 -66.59 -23.71 -15.81
CA PRO D 34 -65.45 -22.93 -15.29
C PRO D 34 -65.74 -22.51 -13.86
N ASP D 35 -64.70 -22.51 -13.03
CA ASP D 35 -64.88 -22.29 -11.60
C ASP D 35 -65.38 -20.88 -11.31
N PHE D 36 -65.95 -20.74 -10.12
CA PHE D 36 -66.52 -19.46 -9.69
C PHE D 36 -65.39 -18.48 -9.41
N VAL D 37 -65.37 -17.38 -10.16
CA VAL D 37 -64.29 -16.40 -10.09
C VAL D 37 -64.89 -15.00 -10.19
N ASN D 38 -64.17 -14.03 -9.66
CA ASN D 38 -64.54 -12.64 -9.90
C ASN D 38 -64.33 -12.35 -11.38
N SER D 39 -65.23 -11.56 -11.97
CA SER D 39 -65.19 -11.30 -13.41
C SER D 39 -64.56 -9.95 -13.73
N ALA D 40 -64.99 -8.86 -13.06
CA ALA D 40 -64.54 -7.49 -13.34
C ALA D 40 -63.21 -7.12 -12.65
N PHE D 41 -62.31 -8.08 -12.43
CA PHE D 41 -61.06 -7.83 -11.71
C PHE D 41 -59.96 -7.43 -12.69
N GLY D 42 -59.63 -6.12 -12.68
CA GLY D 42 -58.46 -5.59 -13.35
C GLY D 42 -58.70 -4.94 -14.71
N LYS D 43 -59.95 -4.84 -15.17
CA LYS D 43 -60.24 -4.36 -16.52
C LYS D 43 -60.43 -2.85 -16.56
N GLU D 44 -60.48 -2.31 -17.76
CA GLU D 44 -60.66 -0.88 -17.90
C GLU D 44 -62.14 -0.55 -18.01
N VAL D 45 -62.49 0.64 -17.53
CA VAL D 45 -63.86 1.11 -17.54
C VAL D 45 -63.86 2.57 -17.99
N LYS D 46 -64.68 2.87 -18.99
CA LYS D 46 -64.95 4.24 -19.41
C LYS D 46 -66.18 4.75 -18.67
N VAL D 47 -66.11 5.97 -18.16
CA VAL D 47 -67.17 6.49 -17.30
C VAL D 47 -67.75 7.75 -17.92
N SER D 48 -68.71 8.37 -17.23
CA SER D 48 -69.30 9.60 -17.72
C SER D 48 -68.44 10.79 -17.31
N SER D 49 -67.99 10.81 -16.06
CA SER D 49 -67.16 11.90 -15.59
C SER D 49 -66.38 11.46 -14.36
N THR D 50 -65.39 12.27 -14.01
CA THR D 50 -64.48 12.02 -12.90
C THR D 50 -63.79 13.34 -12.56
N CYS D 51 -63.52 13.53 -11.27
CA CYS D 51 -62.88 14.75 -10.80
C CYS D 51 -61.52 14.93 -11.48
N GLY D 52 -61.03 16.15 -11.45
CA GLY D 52 -59.69 16.40 -11.95
C GLY D 52 -59.59 16.98 -13.35
N LYS D 53 -60.70 17.21 -14.04
CA LYS D 53 -60.68 17.80 -15.38
C LYS D 53 -61.73 18.90 -15.49
N PRO D 54 -61.35 20.18 -15.22
CA PRO D 54 -60.03 20.62 -14.76
C PRO D 54 -59.73 20.14 -13.33
N PRO D 55 -58.45 20.20 -12.87
CA PRO D 55 -58.14 19.70 -11.51
C PRO D 55 -59.17 20.23 -10.52
N SER D 56 -59.81 19.32 -9.80
CA SER D 56 -60.94 19.61 -8.95
C SER D 56 -60.56 19.43 -7.50
N ARG D 57 -61.40 19.95 -6.62
CA ARG D 57 -61.22 19.81 -5.19
C ARG D 57 -62.34 18.95 -4.65
N TYR D 58 -62.22 18.57 -3.38
CA TYR D 58 -63.25 17.77 -2.72
C TYR D 58 -63.01 17.85 -1.22
N CYS D 59 -64.09 18.02 -0.46
CA CYS D 59 -64.00 18.16 0.97
C CYS D 59 -64.51 16.89 1.65
N VAL D 60 -63.93 16.57 2.81
CA VAL D 60 -64.14 15.29 3.47
C VAL D 60 -64.57 15.54 4.91
N VAL D 61 -65.76 15.06 5.26
CA VAL D 61 -66.31 15.19 6.60
C VAL D 61 -66.11 13.86 7.30
N THR D 62 -65.93 13.92 8.63
CA THR D 62 -65.84 12.72 9.46
C THR D 62 -66.66 13.00 10.71
N GLU D 63 -67.37 11.99 11.19
CA GLU D 63 -68.18 12.15 12.39
C GLU D 63 -67.32 11.78 13.59
N LYS D 64 -67.26 12.67 14.60
CA LYS D 64 -66.48 12.43 15.80
C LYS D 64 -67.40 12.39 17.01
N GLY D 65 -67.68 11.18 17.46
CA GLY D 65 -68.49 10.94 18.64
C GLY D 65 -69.94 11.24 18.38
N GLU D 66 -70.28 12.53 18.34
CA GLU D 66 -71.64 12.98 18.06
C GLU D 66 -71.72 14.12 17.05
N GLU D 67 -70.70 14.95 16.89
CA GLU D 67 -70.74 16.11 16.03
C GLU D 67 -69.83 15.91 14.83
N GLN D 68 -69.70 16.96 14.03
CA GLN D 68 -69.10 16.92 12.71
C GLN D 68 -67.73 17.59 12.74
N VAL D 69 -66.91 17.21 11.76
CA VAL D 69 -65.63 17.86 11.45
C VAL D 69 -65.37 17.66 9.96
N ARG D 70 -65.04 18.74 9.25
CA ARG D 70 -64.99 18.76 7.80
C ARG D 70 -63.56 19.03 7.36
N SER D 71 -62.92 18.04 6.71
CA SER D 71 -61.63 18.19 6.06
C SER D 71 -61.85 18.46 4.57
N CYS D 72 -60.76 18.65 3.82
CA CYS D 72 -60.95 18.95 2.40
C CYS D 72 -59.65 18.75 1.63
N HIS D 73 -59.77 18.28 0.39
CA HIS D 73 -58.63 17.91 -0.44
C HIS D 73 -58.95 18.28 -1.90
N LEU D 74 -58.09 17.85 -2.82
CA LEU D 74 -58.25 18.20 -4.24
C LEU D 74 -58.02 16.95 -5.10
N CYS D 75 -58.33 17.09 -6.38
CA CYS D 75 -58.27 15.97 -7.31
C CYS D 75 -57.67 16.46 -8.61
N ASN D 76 -56.45 16.02 -8.90
CA ASN D 76 -55.94 16.06 -10.27
C ASN D 76 -55.63 14.63 -10.68
N ALA D 77 -56.20 14.20 -11.81
CA ALA D 77 -55.81 12.92 -12.39
C ALA D 77 -54.35 12.91 -12.80
N SER D 78 -53.80 14.06 -13.23
CA SER D 78 -52.37 14.18 -13.51
C SER D 78 -51.51 13.99 -12.26
N ASP D 79 -52.08 14.06 -11.05
CA ASP D 79 -51.37 13.64 -9.84
C ASP D 79 -51.70 12.16 -9.63
N PRO D 80 -50.79 11.23 -9.89
CA PRO D 80 -51.14 9.80 -9.75
C PRO D 80 -51.70 9.44 -8.38
N LYS D 81 -51.08 9.94 -7.30
CA LYS D 81 -51.57 9.68 -5.96
C LYS D 81 -52.89 10.41 -5.70
N ARG D 82 -53.11 11.54 -6.39
CA ARG D 82 -54.38 12.26 -6.35
C ARG D 82 -55.26 11.90 -7.54
N ALA D 83 -54.75 11.09 -8.48
CA ALA D 83 -55.57 10.49 -9.53
C ALA D 83 -56.44 9.40 -8.95
N HIS D 84 -57.54 9.14 -9.61
CA HIS D 84 -58.48 8.11 -9.18
C HIS D 84 -59.01 7.43 -10.43
N PRO D 85 -58.20 6.59 -11.07
CA PRO D 85 -58.58 6.02 -12.36
C PRO D 85 -59.62 4.92 -12.19
N PRO D 86 -60.26 4.48 -13.28
CA PRO D 86 -61.13 3.29 -13.17
C PRO D 86 -60.35 2.06 -12.75
N SER D 87 -59.02 2.08 -12.88
CA SER D 87 -58.21 1.02 -12.30
C SER D 87 -58.44 0.94 -10.79
N PHE D 88 -58.73 2.09 -10.15
CA PHE D 88 -59.13 2.11 -8.74
C PHE D 88 -60.39 1.28 -8.49
N LEU D 89 -61.18 1.03 -9.53
CA LEU D 89 -62.37 0.21 -9.42
C LEU D 89 -62.02 -1.26 -9.61
N THR D 90 -61.08 -1.53 -10.52
CA THR D 90 -60.68 -2.88 -10.90
C THR D 90 -59.41 -3.39 -10.22
N ASP D 91 -58.59 -2.53 -9.61
CA ASP D 91 -57.40 -3.04 -8.95
C ASP D 91 -57.82 -3.88 -7.76
N LEU D 92 -56.92 -4.70 -7.25
CA LEU D 92 -57.30 -5.51 -6.10
C LEU D 92 -57.52 -4.63 -4.88
N ASN D 93 -58.60 -4.89 -4.15
CA ASN D 93 -58.94 -4.05 -3.00
C ASN D 93 -58.10 -4.57 -1.84
N ASN D 94 -57.05 -3.84 -1.52
CA ASN D 94 -56.29 -4.17 -0.32
C ASN D 94 -57.06 -3.58 0.85
N PRO D 95 -57.49 -4.40 1.84
CA PRO D 95 -58.18 -3.84 3.01
C PRO D 95 -57.32 -2.85 3.78
N HIS D 96 -56.06 -2.68 3.32
CA HIS D 96 -55.09 -1.74 3.87
C HIS D 96 -54.55 -0.72 2.86
N ASN D 97 -54.88 -0.85 1.57
CA ASN D 97 -54.57 0.18 0.57
C ASN D 97 -55.75 0.28 -0.39
N LEU D 98 -56.76 1.04 0.00
CA LEU D 98 -57.96 1.18 -0.82
C LEU D 98 -57.65 2.04 -2.03
N THR D 99 -58.51 1.94 -3.04
CA THR D 99 -58.32 2.67 -4.30
C THR D 99 -59.61 3.42 -4.63
N CYS D 100 -59.79 4.59 -4.02
CA CYS D 100 -61.05 5.32 -4.16
C CYS D 100 -61.05 6.17 -5.41
N TRP D 101 -61.88 5.81 -6.39
CA TRP D 101 -62.22 6.71 -7.50
C TRP D 101 -63.28 7.71 -7.04
N GLN D 102 -63.29 8.90 -7.66
CA GLN D 102 -64.27 9.95 -7.38
C GLN D 102 -64.75 10.58 -8.69
N SER D 103 -66.00 11.05 -8.68
CA SER D 103 -66.56 11.72 -9.84
C SER D 103 -66.32 13.23 -9.75
N ASP D 104 -66.69 13.94 -10.83
CA ASP D 104 -66.81 15.38 -10.77
C ASP D 104 -67.98 15.71 -9.87
N SER D 105 -68.12 16.99 -9.54
CA SER D 105 -69.14 17.39 -8.60
C SER D 105 -70.24 18.25 -9.20
N TYR D 106 -71.12 18.74 -8.34
CA TYR D 106 -72.23 19.62 -8.72
C TYR D 106 -73.17 18.98 -9.75
N VAL D 107 -73.54 17.72 -9.50
CA VAL D 107 -74.46 17.02 -10.39
C VAL D 107 -75.30 16.07 -9.55
N GLN D 108 -76.55 15.86 -9.98
CA GLN D 108 -77.52 15.02 -9.28
C GLN D 108 -78.70 14.79 -10.22
N TYR D 109 -79.73 14.10 -9.73
CA TYR D 109 -80.99 13.99 -10.45
C TYR D 109 -81.52 15.37 -10.81
N PRO D 110 -82.14 15.55 -11.99
CA PRO D 110 -82.27 14.48 -12.98
C PRO D 110 -81.16 14.50 -14.05
N HIS D 111 -80.23 13.54 -13.98
CA HIS D 111 -79.17 13.43 -14.97
C HIS D 111 -78.63 12.00 -14.98
N ASN D 112 -78.24 11.54 -16.16
CA ASN D 112 -77.68 10.20 -16.30
C ASN D 112 -76.27 10.17 -15.71
N VAL D 113 -76.05 9.34 -14.71
CA VAL D 113 -74.71 9.09 -14.16
C VAL D 113 -74.33 7.68 -14.63
N THR D 114 -73.75 7.60 -15.83
CA THR D 114 -73.59 6.34 -16.55
C THR D 114 -72.13 5.91 -16.60
N LEU D 115 -71.90 4.62 -16.39
CA LEU D 115 -70.60 3.98 -16.46
C LEU D 115 -70.66 2.81 -17.44
N THR D 116 -69.55 2.53 -18.10
CA THR D 116 -69.51 1.61 -19.23
C THR D 116 -68.75 0.34 -18.87
N LEU D 117 -68.91 -0.68 -19.71
CA LEU D 117 -68.24 -1.96 -19.54
C LEU D 117 -68.21 -2.70 -20.87
N SER D 118 -67.01 -3.11 -21.30
CA SER D 118 -66.86 -3.88 -22.53
C SER D 118 -66.47 -5.31 -22.20
N LEU D 119 -67.45 -6.21 -22.35
CA LEU D 119 -67.38 -7.65 -22.16
C LEU D 119 -67.03 -8.36 -23.47
N GLY D 120 -67.50 -9.59 -23.66
CA GLY D 120 -67.06 -10.40 -24.78
C GLY D 120 -67.28 -11.88 -24.59
N LYS D 121 -67.72 -12.29 -23.41
CA LYS D 121 -68.23 -13.65 -23.22
C LYS D 121 -69.46 -13.58 -22.33
N LYS D 122 -70.48 -14.34 -22.69
CA LYS D 122 -71.72 -14.39 -21.92
C LYS D 122 -71.50 -15.20 -20.66
N PHE D 123 -72.06 -14.72 -19.53
CA PHE D 123 -71.90 -15.34 -18.23
C PHE D 123 -73.23 -15.43 -17.49
N GLU D 124 -73.22 -16.27 -16.45
CA GLU D 124 -74.24 -16.29 -15.41
C GLU D 124 -73.53 -15.93 -14.11
N VAL D 125 -74.16 -15.08 -13.30
CA VAL D 125 -73.48 -14.48 -12.15
C VAL D 125 -74.18 -14.86 -10.85
N THR D 126 -73.38 -14.99 -9.79
CA THR D 126 -73.88 -15.22 -8.44
C THR D 126 -73.51 -14.08 -7.49
N TYR D 127 -72.23 -13.73 -7.36
CA TYR D 127 -71.82 -12.68 -6.43
C TYR D 127 -71.57 -11.35 -7.14
N VAL D 128 -72.03 -10.27 -6.50
CA VAL D 128 -71.76 -8.88 -6.83
C VAL D 128 -71.48 -8.17 -5.51
N SER D 129 -70.24 -7.79 -5.26
CA SER D 129 -69.90 -7.15 -4.00
C SER D 129 -69.44 -5.74 -4.27
N LEU D 130 -69.69 -4.85 -3.31
CA LEU D 130 -69.36 -3.45 -3.48
C LEU D 130 -68.76 -2.93 -2.18
N GLN D 131 -68.18 -1.74 -2.26
CA GLN D 131 -67.58 -1.05 -1.13
C GLN D 131 -67.47 0.43 -1.49
N PHE D 132 -67.85 1.29 -0.54
CA PHE D 132 -68.07 2.71 -0.79
C PHE D 132 -66.90 3.54 -0.26
N CYS D 133 -66.54 4.59 -1.01
CA CYS D 133 -65.77 5.70 -0.46
C CYS D 133 -66.62 6.94 -0.26
N SER D 134 -67.83 6.94 -0.81
CA SER D 134 -68.86 7.95 -0.72
C SER D 134 -70.04 7.42 0.08
N PRO D 135 -70.94 8.29 0.55
CA PRO D 135 -72.14 7.78 1.20
C PRO D 135 -73.00 7.00 0.21
N ARG D 136 -73.89 6.20 0.75
CA ARG D 136 -74.77 5.41 -0.09
C ARG D 136 -75.93 6.29 -0.51
N PRO D 137 -76.15 6.51 -1.80
CA PRO D 137 -77.30 7.33 -2.21
C PRO D 137 -78.59 6.58 -1.97
N GLU D 138 -79.70 7.16 -2.38
CA GLU D 138 -80.99 6.55 -2.13
C GLU D 138 -81.55 5.90 -3.40
N SER D 139 -81.60 6.63 -4.50
CA SER D 139 -82.26 6.16 -5.72
C SER D 139 -81.23 5.57 -6.65
N MET D 140 -81.50 4.36 -7.13
CA MET D 140 -80.63 3.67 -8.08
C MET D 140 -81.43 2.54 -8.72
N ALA D 141 -80.90 2.05 -9.82
CA ALA D 141 -81.53 0.97 -10.55
C ALA D 141 -80.41 0.12 -11.15
N ILE D 142 -80.81 -1.01 -11.75
CA ILE D 142 -79.87 -1.93 -12.36
C ILE D 142 -80.30 -2.08 -13.80
N TYR D 143 -79.33 -2.33 -14.69
CA TYR D 143 -79.62 -2.66 -16.08
C TYR D 143 -78.82 -3.89 -16.48
N LYS D 144 -79.08 -4.36 -17.69
CA LYS D 144 -78.29 -5.42 -18.30
C LYS D 144 -78.55 -5.38 -19.80
N SER D 145 -77.72 -6.10 -20.55
CA SER D 145 -77.87 -6.21 -21.99
C SER D 145 -77.47 -7.63 -22.39
N MET D 146 -78.44 -8.42 -22.86
CA MET D 146 -78.13 -9.73 -23.44
C MET D 146 -77.59 -9.64 -24.87
N ASP D 147 -77.33 -8.44 -25.37
CA ASP D 147 -76.72 -8.19 -26.68
C ASP D 147 -75.33 -7.58 -26.47
N TYR D 148 -74.68 -7.24 -27.58
CA TYR D 148 -73.33 -6.69 -27.54
C TYR D 148 -73.38 -5.15 -27.63
N GLY D 149 -73.91 -4.55 -26.57
CA GLY D 149 -73.92 -3.10 -26.42
C GLY D 149 -74.96 -2.34 -27.21
N LYS D 150 -76.01 -3.02 -27.71
CA LYS D 150 -77.04 -2.38 -28.52
C LYS D 150 -78.33 -2.14 -27.76
N THR D 151 -78.95 -3.19 -27.21
CA THR D 151 -80.16 -3.09 -26.40
C THR D 151 -79.77 -3.15 -24.92
N TRP D 152 -80.64 -2.62 -24.06
CA TRP D 152 -80.38 -2.58 -22.63
C TRP D 152 -81.68 -2.76 -21.87
N VAL D 153 -81.66 -3.60 -20.84
CA VAL D 153 -82.85 -3.86 -20.04
C VAL D 153 -82.50 -3.80 -18.55
N PRO D 154 -83.43 -3.36 -17.69
CA PRO D 154 -83.12 -3.24 -16.26
C PRO D 154 -83.07 -4.58 -15.53
N PHE D 155 -82.76 -4.55 -14.24
CA PHE D 155 -82.77 -5.78 -13.45
C PHE D 155 -83.54 -5.62 -12.15
N GLN D 156 -83.17 -4.64 -11.32
CA GLN D 156 -83.92 -4.25 -10.14
C GLN D 156 -83.77 -2.75 -9.90
N PHE D 157 -84.54 -2.25 -8.93
CA PHE D 157 -84.51 -0.85 -8.54
C PHE D 157 -84.16 -0.75 -7.06
N TYR D 158 -83.69 0.44 -6.66
CA TYR D 158 -83.39 0.70 -5.25
C TYR D 158 -83.63 2.17 -4.98
N SER D 159 -84.61 2.48 -4.14
CA SER D 159 -84.93 3.86 -3.78
C SER D 159 -85.96 3.86 -2.66
N THR D 160 -86.01 4.96 -1.90
CA THR D 160 -87.10 5.20 -0.95
C THR D 160 -88.37 5.59 -1.68
N GLN D 161 -88.27 6.50 -2.64
CA GLN D 161 -89.41 6.86 -3.48
C GLN D 161 -89.36 5.99 -4.72
N CYS D 162 -89.80 4.75 -4.53
CA CYS D 162 -89.89 3.83 -5.66
C CYS D 162 -90.92 4.32 -6.68
N ARG D 163 -91.92 5.08 -6.23
CA ARG D 163 -92.96 5.56 -7.14
C ARG D 163 -92.62 6.92 -7.77
N LYS D 164 -92.46 7.95 -6.94
CA LYS D 164 -92.22 9.29 -7.49
C LYS D 164 -90.95 9.35 -8.33
N MET D 165 -89.93 8.57 -7.95
CA MET D 165 -88.68 8.52 -8.70
C MET D 165 -88.66 7.42 -9.75
N TYR D 166 -89.00 6.19 -9.35
CA TYR D 166 -88.87 5.03 -10.24
C TYR D 166 -90.19 4.45 -10.73
N ASN D 167 -91.32 4.98 -10.26
CA ASN D 167 -92.64 4.41 -10.57
C ASN D 167 -92.65 2.91 -10.23
N LYS D 168 -92.27 2.62 -9.00
CA LYS D 168 -92.04 1.23 -8.60
C LYS D 168 -92.70 0.94 -7.26
N PRO D 169 -93.06 -0.32 -7.03
CA PRO D 169 -93.49 -0.71 -5.68
C PRO D 169 -92.26 -1.07 -4.87
N SER D 170 -92.32 -0.80 -3.57
CA SER D 170 -91.18 -1.07 -2.70
C SER D 170 -91.25 -2.51 -2.20
N ARG D 171 -90.16 -3.27 -2.42
CA ARG D 171 -90.03 -4.65 -1.96
C ARG D 171 -91.20 -5.51 -2.42
N ALA D 172 -91.38 -5.56 -3.74
CA ALA D 172 -92.45 -6.38 -4.28
C ALA D 172 -92.10 -7.86 -4.15
N ALA D 173 -93.11 -8.70 -4.36
CA ALA D 173 -92.90 -10.14 -4.25
C ALA D 173 -92.53 -10.70 -5.62
N ILE D 174 -91.82 -11.82 -5.61
CA ILE D 174 -91.40 -12.47 -6.83
C ILE D 174 -92.49 -13.47 -7.17
N THR D 175 -93.38 -13.10 -8.10
CA THR D 175 -94.43 -13.98 -8.53
C THR D 175 -93.85 -15.15 -9.31
N LYS D 176 -94.45 -16.33 -9.14
CA LYS D 176 -94.00 -17.50 -9.89
C LYS D 176 -94.21 -17.31 -11.39
N GLN D 177 -95.31 -16.66 -11.78
CA GLN D 177 -95.64 -16.47 -13.19
C GLN D 177 -94.70 -15.47 -13.88
N ASN D 178 -94.02 -14.62 -13.10
CA ASN D 178 -92.95 -13.76 -13.58
C ASN D 178 -91.88 -13.77 -12.49
N GLU D 179 -91.05 -14.83 -12.46
CA GLU D 179 -89.96 -14.84 -11.49
C GLU D 179 -88.85 -13.87 -11.85
N GLN D 180 -88.89 -13.28 -13.04
CA GLN D 180 -87.97 -12.21 -13.43
C GLN D 180 -88.44 -10.83 -12.99
N GLU D 181 -88.91 -10.69 -11.75
CA GLU D 181 -89.36 -9.41 -11.25
C GLU D 181 -88.20 -8.43 -11.08
N ALA D 182 -88.49 -7.15 -11.27
CA ALA D 182 -87.52 -6.08 -11.07
C ALA D 182 -88.12 -5.25 -9.95
N ILE D 183 -87.63 -5.46 -8.73
CA ILE D 183 -88.19 -4.85 -7.54
C ILE D 183 -87.48 -3.54 -7.23
N CYS D 184 -88.06 -2.75 -6.34
CA CYS D 184 -87.47 -1.53 -5.85
C CYS D 184 -87.58 -1.54 -4.33
N THR D 185 -86.55 -1.02 -3.68
CA THR D 185 -86.61 -0.86 -2.24
C THR D 185 -85.67 0.26 -1.83
N ASP D 186 -85.91 0.78 -0.62
CA ASP D 186 -85.02 1.74 0.01
C ASP D 186 -83.94 1.04 0.80
N SER D 187 -83.94 -0.29 0.80
CA SER D 187 -82.98 -1.05 1.57
C SER D 187 -81.56 -0.71 1.11
N HIS D 188 -80.68 -0.47 2.07
CA HIS D 188 -79.27 -0.20 1.83
C HIS D 188 -79.07 1.01 0.92
N THR D 189 -80.12 1.84 0.79
CA THR D 189 -80.03 3.15 0.17
C THR D 189 -79.84 4.26 1.21
N ASP D 190 -79.50 3.88 2.44
CA ASP D 190 -79.41 4.75 3.60
C ASP D 190 -77.95 5.08 3.94
N VAL D 191 -77.78 6.12 4.76
CA VAL D 191 -76.49 6.46 5.39
C VAL D 191 -76.78 6.86 6.83
N ARG D 192 -76.02 6.34 7.81
CA ARG D 192 -74.83 5.47 7.75
C ARG D 192 -75.21 4.11 7.13
N PRO D 193 -74.31 3.48 6.32
CA PRO D 193 -72.95 3.88 5.97
C PRO D 193 -72.75 5.04 4.98
N LEU D 194 -71.97 6.01 5.45
CA LEU D 194 -71.39 7.12 4.70
C LEU D 194 -70.19 6.71 3.85
N SER D 195 -69.54 5.60 4.15
CA SER D 195 -68.50 5.05 3.30
C SER D 195 -68.42 3.55 3.58
N GLY D 196 -67.83 2.82 2.63
CA GLY D 196 -67.73 1.37 2.77
C GLY D 196 -69.07 0.66 2.84
N GLY D 197 -70.09 1.22 2.20
CA GLY D 197 -71.40 0.60 2.24
C GLY D 197 -71.43 -0.72 1.50
N LEU D 198 -72.20 -1.65 2.05
CA LEU D 198 -72.32 -3.01 1.53
C LEU D 198 -73.73 -3.22 1.01
N ILE D 199 -73.84 -3.66 -0.23
CA ILE D 199 -75.12 -3.90 -0.87
C ILE D 199 -75.19 -5.41 -1.10
N ALA D 200 -76.15 -6.06 -0.45
CA ALA D 200 -76.32 -7.51 -0.55
C ALA D 200 -77.47 -7.77 -1.50
N PHE D 201 -77.15 -8.19 -2.72
CA PHE D 201 -78.15 -8.54 -3.73
C PHE D 201 -77.83 -9.91 -4.29
N SER D 202 -78.81 -10.81 -4.20
CA SER D 202 -78.77 -12.12 -4.83
C SER D 202 -79.94 -12.18 -5.82
N THR D 203 -79.63 -12.36 -7.10
CA THR D 203 -80.67 -12.44 -8.12
C THR D 203 -81.64 -13.57 -7.80
N LEU D 204 -81.17 -14.59 -7.08
CA LEU D 204 -81.92 -15.79 -6.69
C LEU D 204 -82.92 -15.54 -5.58
N ASP D 205 -82.80 -14.41 -4.87
CA ASP D 205 -83.67 -14.11 -3.74
C ASP D 205 -85.10 -13.92 -4.20
N GLY D 206 -86.05 -14.53 -3.48
CA GLY D 206 -87.44 -14.40 -3.80
C GLY D 206 -87.92 -15.31 -4.91
N ARG D 207 -87.02 -15.76 -5.78
CA ARG D 207 -87.41 -16.56 -6.95
C ARG D 207 -87.87 -17.94 -6.49
N PRO D 208 -89.12 -18.32 -6.75
CA PRO D 208 -89.59 -19.64 -6.30
C PRO D 208 -88.88 -20.82 -6.95
N THR D 209 -88.39 -20.69 -8.19
CA THR D 209 -87.76 -21.78 -8.93
C THR D 209 -86.22 -21.74 -8.86
N ALA D 210 -85.66 -21.17 -7.78
CA ALA D 210 -84.21 -21.06 -7.62
C ALA D 210 -83.57 -22.35 -7.10
N HIS D 211 -84.32 -23.19 -6.39
CA HIS D 211 -83.78 -24.41 -5.81
C HIS D 211 -83.35 -25.43 -6.86
N ASP D 212 -83.93 -25.41 -8.07
CA ASP D 212 -83.46 -26.24 -9.18
C ASP D 212 -83.24 -25.33 -10.40
N PHE D 213 -82.10 -24.63 -10.41
CA PHE D 213 -81.81 -23.69 -11.51
C PHE D 213 -81.58 -24.39 -12.83
N ASP D 214 -81.02 -25.60 -12.81
CA ASP D 214 -80.75 -26.30 -14.06
C ASP D 214 -82.02 -26.55 -14.88
N ASN D 215 -83.18 -26.55 -14.21
CA ASN D 215 -84.50 -26.69 -14.83
C ASN D 215 -85.36 -25.44 -14.62
N SER D 216 -84.73 -24.28 -14.49
CA SER D 216 -85.42 -23.00 -14.36
C SER D 216 -84.97 -22.16 -15.55
N PRO D 217 -85.49 -22.43 -16.75
CA PRO D 217 -85.01 -21.73 -17.96
C PRO D 217 -85.25 -20.23 -17.93
N VAL D 218 -86.38 -19.79 -17.38
CA VAL D 218 -86.62 -18.36 -17.20
C VAL D 218 -85.53 -17.77 -16.31
N LEU D 219 -85.15 -18.50 -15.25
CA LEU D 219 -83.98 -18.11 -14.47
C LEU D 219 -82.69 -18.34 -15.24
N GLN D 220 -82.62 -19.43 -16.01
CA GLN D 220 -81.51 -19.65 -16.95
C GLN D 220 -81.48 -18.57 -18.02
N ASP D 221 -82.60 -17.87 -18.25
CA ASP D 221 -82.63 -16.63 -19.01
C ASP D 221 -82.47 -15.41 -18.10
N TRP D 222 -83.02 -15.45 -16.88
CA TRP D 222 -82.85 -14.34 -15.95
C TRP D 222 -81.38 -14.13 -15.60
N VAL D 223 -80.58 -15.20 -15.66
CA VAL D 223 -79.14 -15.10 -15.50
C VAL D 223 -78.43 -14.74 -16.81
N THR D 224 -79.11 -14.87 -17.96
CA THR D 224 -78.48 -14.54 -19.24
C THR D 224 -78.23 -13.04 -19.29
N ALA D 225 -76.97 -12.68 -19.55
CA ALA D 225 -76.57 -11.29 -19.62
C ALA D 225 -75.24 -11.21 -20.36
N THR D 226 -75.13 -10.24 -21.25
CA THR D 226 -73.89 -9.97 -21.97
C THR D 226 -73.29 -8.63 -21.58
N ASP D 227 -74.04 -7.53 -21.70
CA ASP D 227 -73.55 -6.20 -21.37
C ASP D 227 -74.35 -5.62 -20.20
N ILE D 228 -73.72 -4.72 -19.44
CA ILE D 228 -74.29 -4.19 -18.21
C ILE D 228 -74.19 -2.67 -18.23
N LYS D 229 -75.25 -2.00 -17.73
CA LYS D 229 -75.29 -0.54 -17.64
C LYS D 229 -75.84 -0.12 -16.28
N VAL D 230 -75.28 0.94 -15.71
CA VAL D 230 -75.71 1.46 -14.42
C VAL D 230 -75.76 2.99 -14.47
N THR D 231 -76.91 3.56 -14.13
CA THR D 231 -77.12 5.00 -14.12
C THR D 231 -77.63 5.45 -12.75
N PHE D 232 -77.14 6.59 -12.28
CA PHE D 232 -77.60 7.20 -11.04
C PHE D 232 -78.34 8.50 -11.32
N SER D 233 -79.19 8.87 -10.37
CA SER D 233 -79.85 10.16 -10.40
C SER D 233 -79.69 10.89 -9.06
N ARG D 234 -80.23 10.28 -8.00
CA ARG D 234 -80.33 10.89 -6.68
C ARG D 234 -79.31 10.36 -5.68
N LEU D 235 -78.75 11.29 -4.89
CA LEU D 235 -77.85 11.01 -3.77
C LEU D 235 -78.30 11.84 -2.57
N HIS D 236 -77.95 11.34 -1.38
CA HIS D 236 -78.31 12.01 -0.13
C HIS D 236 -77.69 13.40 -0.03
N THR D 237 -78.43 14.30 0.62
CA THR D 237 -77.98 15.65 0.97
C THR D 237 -78.10 15.81 2.48
N PHE D 238 -77.18 16.58 3.07
CA PHE D 238 -77.00 16.52 4.53
C PHE D 238 -76.74 17.84 5.24
N GLY D 239 -76.39 18.93 4.55
CA GLY D 239 -75.70 20.03 5.20
C GLY D 239 -76.31 20.61 6.47
N ASP D 240 -77.42 21.35 6.36
CA ASP D 240 -77.93 21.83 5.08
C ASP D 240 -77.66 23.33 4.96
N ARG D 250 -72.48 25.86 -1.33
CA ARG D 250 -71.19 25.72 -0.66
C ARG D 250 -70.49 24.43 -1.03
N ASP D 251 -70.89 23.35 -0.37
CA ASP D 251 -70.22 22.07 -0.55
C ASP D 251 -70.37 21.58 -1.99
N SER D 252 -69.37 20.82 -2.42
CA SER D 252 -69.36 20.13 -3.71
C SER D 252 -69.55 18.63 -3.45
N TYR D 253 -70.67 18.08 -3.93
CA TYR D 253 -71.07 16.70 -3.72
C TYR D 253 -70.71 15.84 -4.93
N PHE D 254 -70.44 14.56 -4.66
CA PHE D 254 -69.61 13.74 -5.53
C PHE D 254 -70.18 12.32 -5.56
N TYR D 255 -69.38 11.39 -6.09
CA TYR D 255 -69.61 9.96 -6.02
C TYR D 255 -68.24 9.30 -5.93
N ALA D 256 -68.12 8.25 -5.11
CA ALA D 256 -66.81 7.66 -4.88
C ALA D 256 -66.90 6.20 -4.47
N VAL D 257 -65.85 5.44 -4.78
CA VAL D 257 -65.82 3.98 -4.59
C VAL D 257 -64.36 3.49 -4.65
N SER D 258 -64.02 2.51 -3.79
CA SER D 258 -62.64 2.04 -3.64
C SER D 258 -62.31 0.83 -4.49
N ASP D 259 -63.27 -0.04 -4.76
CA ASP D 259 -63.04 -1.24 -5.55
C ASP D 259 -64.39 -1.88 -5.82
N LEU D 260 -64.36 -2.98 -6.57
CA LEU D 260 -65.57 -3.71 -6.92
C LEU D 260 -65.25 -5.20 -7.01
N GLN D 261 -66.22 -6.03 -6.60
CA GLN D 261 -66.12 -7.48 -6.72
C GLN D 261 -67.40 -8.05 -7.29
N VAL D 262 -67.27 -8.90 -8.31
CA VAL D 262 -68.39 -9.62 -8.93
C VAL D 262 -67.95 -11.02 -9.31
N GLY D 263 -68.50 -12.03 -8.64
CA GLY D 263 -68.05 -13.39 -8.89
C GLY D 263 -68.92 -14.11 -9.91
N GLY D 264 -68.31 -15.01 -10.66
CA GLY D 264 -69.08 -15.71 -11.68
C GLY D 264 -68.33 -16.87 -12.27
N ARG D 265 -69.01 -17.55 -13.19
CA ARG D 265 -68.48 -18.68 -13.93
C ARG D 265 -68.74 -18.48 -15.41
N CYS D 266 -67.81 -18.92 -16.23
CA CYS D 266 -67.92 -18.68 -17.66
C CYS D 266 -68.98 -19.62 -18.23
N LYS D 267 -69.92 -19.06 -18.99
CA LYS D 267 -71.12 -19.79 -19.43
C LYS D 267 -70.74 -20.78 -20.50
N CYS D 268 -70.59 -22.05 -20.11
CA CYS D 268 -70.31 -23.13 -21.05
C CYS D 268 -71.40 -24.18 -21.05
N ASN D 269 -72.56 -23.89 -20.46
CA ASN D 269 -73.71 -24.78 -20.49
C ASN D 269 -73.40 -26.15 -19.89
N GLY D 270 -72.37 -26.24 -19.04
CA GLY D 270 -71.88 -27.51 -18.56
C GLY D 270 -71.11 -28.31 -19.58
N HIS D 271 -70.75 -27.70 -20.70
CA HIS D 271 -70.10 -28.37 -21.83
C HIS D 271 -68.63 -27.96 -22.02
N ALA D 272 -68.07 -27.17 -21.11
CA ALA D 272 -66.65 -26.85 -21.16
C ALA D 272 -66.19 -26.63 -19.73
N SER D 273 -65.04 -27.24 -19.39
CA SER D 273 -64.55 -27.13 -18.02
C SER D 273 -63.84 -25.80 -17.77
N ARG D 274 -63.63 -24.99 -18.80
CA ARG D 274 -62.98 -23.69 -18.66
C ARG D 274 -63.19 -22.92 -19.96
N CYS D 275 -62.53 -21.77 -20.07
CA CYS D 275 -62.66 -20.91 -21.24
C CYS D 275 -61.29 -20.39 -21.65
N VAL D 276 -61.00 -20.44 -22.95
CA VAL D 276 -59.70 -20.07 -23.50
C VAL D 276 -59.91 -19.05 -24.61
N ARG D 277 -58.81 -18.44 -25.03
CA ARG D 277 -58.87 -17.43 -26.08
C ARG D 277 -59.12 -18.09 -27.43
N ASP D 278 -59.66 -17.31 -28.35
CA ASP D 278 -59.85 -17.79 -29.70
C ASP D 278 -58.60 -17.48 -30.51
N ARG D 279 -58.54 -18.03 -31.72
CA ARG D 279 -57.43 -17.76 -32.61
C ARG D 279 -57.29 -16.29 -32.96
N ASP D 280 -58.34 -15.49 -32.75
CA ASP D 280 -58.32 -14.03 -32.88
C ASP D 280 -58.41 -13.35 -31.52
N ASP D 281 -57.82 -13.99 -30.49
CA ASP D 281 -57.73 -13.43 -29.13
C ASP D 281 -59.12 -13.14 -28.56
N ASN D 282 -59.93 -14.19 -28.38
CA ASN D 282 -61.28 -14.06 -27.86
C ASN D 282 -61.55 -15.16 -26.85
N LEU D 283 -61.72 -14.80 -25.57
CA LEU D 283 -61.87 -15.81 -24.53
C LEU D 283 -63.22 -16.49 -24.70
N VAL D 284 -63.18 -17.78 -25.03
CA VAL D 284 -64.36 -18.59 -25.32
C VAL D 284 -64.25 -19.89 -24.55
N CYS D 285 -65.40 -20.54 -24.35
CA CYS D 285 -65.36 -21.85 -23.73
C CYS D 285 -64.65 -22.84 -24.63
N ASP D 286 -63.80 -23.67 -24.02
CA ASP D 286 -63.26 -24.83 -24.71
C ASP D 286 -64.36 -25.88 -24.69
N CYS D 287 -65.37 -25.64 -25.53
CA CYS D 287 -66.61 -26.39 -25.47
C CYS D 287 -66.35 -27.87 -25.73
N LYS D 288 -66.48 -28.67 -24.68
CA LYS D 288 -66.34 -30.11 -24.76
C LYS D 288 -67.72 -30.67 -25.07
N HIS D 289 -67.89 -31.99 -24.93
CA HIS D 289 -69.18 -32.65 -25.15
C HIS D 289 -69.74 -32.34 -26.54
N ASN D 290 -68.86 -32.16 -27.52
CA ASN D 290 -69.23 -31.97 -28.92
C ASN D 290 -70.05 -30.69 -29.13
N THR D 291 -69.77 -29.65 -28.34
CA THR D 291 -70.51 -28.41 -28.40
C THR D 291 -69.64 -27.34 -29.05
N ALA D 292 -70.29 -26.32 -29.59
CA ALA D 292 -69.61 -25.23 -30.27
C ALA D 292 -70.22 -23.90 -29.83
N GLY D 293 -69.66 -22.80 -30.34
CA GLY D 293 -70.09 -21.49 -29.91
C GLY D 293 -69.28 -21.03 -28.73
N PRO D 294 -69.17 -19.71 -28.54
CA PRO D 294 -68.36 -19.20 -27.42
C PRO D 294 -68.88 -19.64 -26.07
N GLU D 295 -70.14 -20.06 -25.98
CA GLU D 295 -70.81 -20.43 -24.75
C GLU D 295 -71.23 -21.89 -24.74
N CYS D 296 -70.77 -22.67 -25.71
CA CYS D 296 -71.25 -24.04 -25.94
C CYS D 296 -72.73 -24.01 -26.31
N ASP D 297 -73.15 -22.88 -26.86
CA ASP D 297 -74.57 -22.65 -27.18
C ASP D 297 -75.04 -23.57 -28.30
N ARG D 298 -74.14 -23.95 -29.21
CA ARG D 298 -74.48 -24.78 -30.35
C ARG D 298 -73.64 -26.05 -30.32
N CYS D 299 -74.06 -27.03 -31.09
CA CYS D 299 -73.32 -28.27 -31.22
C CYS D 299 -72.15 -28.12 -32.20
N LYS D 300 -71.19 -29.04 -32.09
CA LYS D 300 -70.11 -29.11 -33.06
C LYS D 300 -70.70 -29.54 -34.40
N PRO D 301 -70.09 -29.15 -35.51
CA PRO D 301 -70.58 -29.60 -36.82
C PRO D 301 -70.72 -31.11 -36.94
N PHE D 302 -71.76 -31.53 -37.65
CA PHE D 302 -72.11 -32.94 -37.84
C PHE D 302 -72.52 -33.60 -36.52
N HIS D 303 -73.12 -32.82 -35.63
CA HIS D 303 -73.68 -33.42 -34.40
C HIS D 303 -75.15 -33.02 -34.35
N TYR D 304 -75.97 -33.63 -35.21
CA TYR D 304 -77.35 -33.19 -35.33
C TYR D 304 -78.37 -34.33 -35.33
N ASP D 305 -78.18 -35.41 -34.56
CA ASP D 305 -79.21 -36.44 -34.50
C ASP D 305 -80.29 -36.08 -33.49
N ARG D 306 -79.88 -35.66 -32.30
CA ARG D 306 -80.78 -35.07 -31.32
C ARG D 306 -80.25 -33.69 -30.97
N PRO D 307 -81.13 -32.71 -30.74
CA PRO D 307 -80.67 -31.33 -30.59
C PRO D 307 -79.75 -31.12 -29.40
N TRP D 308 -79.15 -29.93 -29.41
CA TRP D 308 -78.28 -29.49 -28.32
C TRP D 308 -79.08 -29.34 -27.04
N GLN D 309 -78.45 -29.69 -25.91
CA GLN D 309 -79.08 -29.54 -24.61
C GLN D 309 -78.00 -29.23 -23.58
N ARG D 310 -78.42 -28.81 -22.38
CA ARG D 310 -77.49 -28.46 -21.31
C ARG D 310 -77.27 -29.66 -20.39
N ALA D 311 -76.01 -29.85 -19.98
CA ALA D 311 -75.67 -30.98 -19.13
C ALA D 311 -76.38 -30.88 -17.78
N THR D 312 -77.06 -31.95 -17.39
CA THR D 312 -77.77 -32.05 -16.13
C THR D 312 -77.03 -33.03 -15.23
N ALA D 313 -77.36 -33.00 -13.93
CA ALA D 313 -76.76 -33.94 -12.99
C ALA D 313 -77.14 -35.37 -13.34
N ARG D 314 -78.36 -35.57 -13.84
CA ARG D 314 -78.79 -36.90 -14.26
C ARG D 314 -78.20 -37.28 -15.62
N GLU D 315 -78.23 -36.37 -16.59
CA GLU D 315 -77.79 -36.63 -17.96
C GLU D 315 -76.95 -35.47 -18.48
N ALA D 316 -75.84 -35.79 -19.15
CA ALA D 316 -74.99 -34.72 -19.70
C ALA D 316 -75.60 -34.05 -20.93
N ASN D 317 -76.81 -34.44 -21.33
CA ASN D 317 -77.56 -33.86 -22.44
C ASN D 317 -76.67 -33.28 -23.54
N GLU D 318 -75.78 -34.12 -24.05
CA GLU D 318 -74.75 -33.78 -25.03
C GLU D 318 -75.30 -33.63 -26.43
N CYS D 319 -74.42 -33.36 -27.39
CA CYS D 319 -74.77 -33.44 -28.81
C CYS D 319 -74.56 -34.86 -29.31
N VAL D 320 -75.16 -35.14 -30.47
CA VAL D 320 -75.03 -36.47 -31.05
C VAL D 320 -75.01 -36.37 -32.57
N ALA D 321 -74.05 -37.04 -33.18
CA ALA D 321 -73.83 -37.06 -34.63
C ALA D 321 -74.82 -37.98 -35.33
N CYS D 322 -74.81 -37.92 -36.65
CA CYS D 322 -75.56 -38.86 -37.48
C CYS D 322 -74.64 -40.05 -37.78
N ASN D 323 -75.23 -41.22 -37.98
CA ASN D 323 -74.46 -42.41 -38.33
C ASN D 323 -74.39 -42.53 -39.84
N CYS D 324 -73.17 -42.60 -40.39
CA CYS D 324 -72.98 -42.79 -41.83
C CYS D 324 -72.23 -44.06 -42.18
N ASN D 325 -71.90 -44.90 -41.19
CA ASN D 325 -71.13 -46.13 -41.42
C ASN D 325 -69.84 -45.85 -42.19
N LEU D 326 -69.14 -44.78 -41.79
CA LEU D 326 -67.85 -44.39 -42.39
C LEU D 326 -68.00 -44.08 -43.87
N HIS D 327 -69.11 -43.42 -44.25
CA HIS D 327 -69.36 -43.17 -45.67
C HIS D 327 -69.98 -41.81 -45.96
N ALA D 328 -69.95 -40.88 -45.01
CA ALA D 328 -70.37 -39.52 -45.27
C ALA D 328 -69.84 -38.62 -44.17
N ARG D 329 -69.74 -37.33 -44.50
CA ARG D 329 -69.30 -36.30 -43.57
C ARG D 329 -70.36 -35.25 -43.31
N ARG D 330 -71.46 -35.25 -44.06
CA ARG D 330 -72.55 -34.31 -43.85
C ARG D 330 -73.83 -35.10 -43.59
N CYS D 331 -74.72 -34.52 -42.80
CA CYS D 331 -75.99 -35.14 -42.49
C CYS D 331 -77.01 -34.08 -42.15
N ARG D 332 -78.28 -34.48 -42.14
CA ARG D 332 -79.31 -33.56 -41.68
C ARG D 332 -80.25 -34.26 -40.72
N PHE D 333 -81.36 -33.61 -40.37
CA PHE D 333 -82.27 -34.10 -39.34
C PHE D 333 -83.66 -33.54 -39.60
N ASN D 334 -84.66 -34.29 -39.12
CA ASN D 334 -86.04 -33.82 -39.08
C ASN D 334 -86.62 -34.12 -37.70
N MET D 335 -87.41 -33.18 -37.18
CA MET D 335 -87.97 -33.35 -35.84
C MET D 335 -88.89 -34.55 -35.81
N GLU D 336 -89.73 -34.69 -36.84
CA GLU D 336 -90.65 -35.81 -36.94
C GLU D 336 -89.89 -37.14 -36.90
N LEU D 337 -88.69 -37.17 -37.48
CA LEU D 337 -87.86 -38.37 -37.42
C LEU D 337 -87.56 -38.76 -35.97
N TYR D 338 -86.93 -37.86 -35.21
CA TYR D 338 -86.68 -38.13 -33.79
C TYR D 338 -88.00 -38.23 -33.02
N LYS D 339 -88.98 -37.39 -33.37
CA LYS D 339 -90.30 -37.45 -32.76
C LYS D 339 -90.90 -38.85 -32.90
N LEU D 340 -91.04 -39.32 -34.14
CA LEU D 340 -91.60 -40.65 -34.42
C LEU D 340 -90.63 -41.77 -34.09
N SER D 341 -89.38 -41.46 -33.76
CA SER D 341 -88.45 -42.47 -33.31
C SER D 341 -88.73 -42.90 -31.87
N GLY D 342 -89.85 -42.47 -31.30
CA GLY D 342 -90.06 -42.64 -29.88
C GLY D 342 -89.01 -41.92 -29.07
N ARG D 343 -88.55 -40.76 -29.57
CA ARG D 343 -87.43 -40.03 -29.01
C ARG D 343 -86.16 -40.90 -28.98
N LYS D 344 -85.72 -41.29 -30.19
CA LYS D 344 -84.51 -42.10 -30.26
C LYS D 344 -83.43 -41.55 -31.19
N SER D 345 -83.78 -41.18 -32.43
CA SER D 345 -82.81 -40.69 -33.39
C SER D 345 -83.53 -40.02 -34.55
N GLY D 346 -82.82 -39.13 -35.25
CA GLY D 346 -83.36 -38.47 -36.42
C GLY D 346 -82.32 -38.01 -37.43
N GLY D 347 -81.08 -38.44 -37.23
CA GLY D 347 -80.03 -38.04 -38.14
C GLY D 347 -80.15 -38.77 -39.46
N VAL D 348 -79.61 -38.15 -40.51
CA VAL D 348 -79.62 -38.74 -41.85
C VAL D 348 -78.50 -38.13 -42.68
N CYS D 349 -77.65 -38.97 -43.28
CA CYS D 349 -76.44 -38.48 -43.91
C CYS D 349 -76.72 -37.91 -45.30
N LEU D 350 -75.75 -37.13 -45.76
CA LEU D 350 -75.80 -36.45 -47.05
C LEU D 350 -74.58 -36.83 -47.87
N ASN D 351 -74.78 -36.98 -49.17
CA ASN D 351 -73.69 -37.28 -50.10
C ASN D 351 -72.97 -38.56 -49.72
N CYS D 352 -73.71 -39.67 -49.83
CA CYS D 352 -73.18 -40.96 -49.39
C CYS D 352 -72.23 -41.50 -50.45
N ARG D 353 -70.94 -41.40 -50.15
CA ARG D 353 -69.90 -41.78 -51.10
C ARG D 353 -69.65 -43.28 -50.99
N HIS D 354 -68.58 -43.76 -51.62
CA HIS D 354 -68.22 -45.17 -51.65
C HIS D 354 -69.35 -46.01 -52.24
N ASN D 355 -70.06 -45.45 -53.21
CA ASN D 355 -71.18 -46.12 -53.86
C ASN D 355 -72.23 -46.57 -52.85
N THR D 356 -72.29 -45.85 -51.72
CA THR D 356 -73.22 -46.12 -50.64
C THR D 356 -74.38 -45.12 -50.71
N ALA D 357 -75.44 -45.43 -49.97
CA ALA D 357 -76.62 -44.55 -49.96
C ALA D 357 -77.48 -44.91 -48.76
N GLY D 358 -78.24 -43.92 -48.28
CA GLY D 358 -79.17 -44.10 -47.20
C GLY D 358 -78.99 -43.08 -46.10
N ARG D 359 -79.88 -43.15 -45.12
CA ARG D 359 -79.76 -42.28 -43.95
C ARG D 359 -78.42 -42.47 -43.26
N HIS D 360 -77.94 -43.71 -43.20
CA HIS D 360 -76.62 -44.04 -42.72
C HIS D 360 -75.65 -44.39 -43.84
N CYS D 361 -75.98 -43.99 -45.08
CA CYS D 361 -75.24 -44.44 -46.26
C CYS D 361 -75.07 -45.96 -46.23
N HIS D 362 -76.15 -46.65 -45.84
CA HIS D 362 -76.10 -48.04 -45.39
C HIS D 362 -76.64 -49.03 -46.43
N TYR D 363 -76.56 -48.69 -47.72
CA TYR D 363 -76.85 -49.66 -48.78
C TYR D 363 -76.17 -49.22 -50.07
N CYS D 364 -75.84 -50.22 -50.90
CA CYS D 364 -75.15 -50.04 -52.17
C CYS D 364 -76.11 -49.63 -53.28
N LYS D 365 -75.65 -48.67 -54.10
CA LYS D 365 -76.45 -48.03 -55.15
C LYS D 365 -76.70 -48.95 -56.35
N GLU D 366 -77.40 -48.39 -57.35
CA GLU D 366 -77.68 -49.05 -58.62
C GLU D 366 -76.41 -49.26 -59.43
N GLY D 367 -76.21 -50.48 -59.92
CA GLY D 367 -74.98 -50.79 -60.61
C GLY D 367 -74.01 -51.57 -59.77
N PHE D 368 -74.05 -51.35 -58.45
CA PHE D 368 -73.19 -52.00 -57.48
C PHE D 368 -74.02 -52.92 -56.58
N TYR D 369 -73.34 -53.70 -55.73
CA TYR D 369 -74.01 -54.49 -54.72
C TYR D 369 -73.22 -54.45 -53.42
N ARG D 370 -73.79 -55.05 -52.38
CA ARG D 370 -73.20 -55.04 -51.04
C ARG D 370 -72.32 -56.26 -50.85
N ASP D 371 -71.03 -56.04 -50.58
CA ASP D 371 -70.13 -57.13 -50.23
C ASP D 371 -70.51 -57.64 -48.84
N LEU D 372 -71.42 -58.61 -48.80
CA LEU D 372 -71.96 -59.11 -47.53
C LEU D 372 -70.86 -59.63 -46.61
N SER D 373 -69.78 -60.18 -47.19
CA SER D 373 -68.64 -60.65 -46.42
C SER D 373 -67.90 -59.51 -45.72
N LYS D 374 -67.89 -58.39 -46.31
CA LYS D 374 -67.14 -57.25 -45.81
C LYS D 374 -67.92 -56.53 -44.71
N PRO D 375 -67.23 -55.82 -43.78
CA PRO D 375 -67.94 -55.15 -42.67
C PRO D 375 -69.02 -54.16 -43.05
N ILE D 376 -69.88 -53.82 -42.08
CA ILE D 376 -71.08 -53.04 -42.31
C ILE D 376 -70.79 -51.58 -42.64
N SER D 377 -69.57 -51.12 -42.35
CA SER D 377 -69.16 -49.73 -42.56
C SER D 377 -67.88 -49.63 -43.38
N HIS D 378 -67.45 -50.71 -44.02
CA HIS D 378 -66.19 -50.72 -44.75
C HIS D 378 -66.24 -49.86 -46.00
N ARG D 379 -65.07 -49.29 -46.34
CA ARG D 379 -64.93 -48.37 -47.46
C ARG D 379 -65.25 -49.05 -48.80
N LYS D 380 -65.09 -50.37 -48.88
CA LYS D 380 -65.34 -51.13 -50.11
C LYS D 380 -66.49 -52.12 -49.92
N ALA D 381 -67.47 -51.78 -49.07
CA ALA D 381 -68.60 -52.66 -48.83
C ALA D 381 -69.47 -52.83 -50.07
N CYS D 382 -69.33 -51.94 -51.04
CA CYS D 382 -70.06 -51.99 -52.30
C CYS D 382 -69.16 -52.46 -53.44
N LYS D 383 -69.67 -53.42 -54.21
CA LYS D 383 -68.99 -53.95 -55.38
C LYS D 383 -69.89 -53.79 -56.59
N GLU D 384 -69.29 -53.50 -57.75
CA GLU D 384 -70.06 -53.23 -58.94
C GLU D 384 -70.87 -54.46 -59.34
N CYS D 385 -72.02 -54.23 -59.98
CA CYS D 385 -72.79 -55.34 -60.51
C CYS D 385 -72.11 -55.70 -61.82
N ASP D 386 -71.11 -56.58 -61.70
CA ASP D 386 -70.39 -57.06 -62.87
C ASP D 386 -71.20 -58.22 -63.42
N CYS D 387 -72.37 -57.86 -63.94
CA CYS D 387 -73.28 -58.86 -64.45
C CYS D 387 -72.78 -59.36 -65.80
N HIS D 388 -72.88 -60.67 -65.97
CA HIS D 388 -72.45 -61.40 -67.15
C HIS D 388 -73.15 -60.82 -68.36
N PRO D 389 -72.44 -60.12 -69.26
CA PRO D 389 -73.12 -59.52 -70.42
C PRO D 389 -73.90 -60.53 -71.26
N VAL D 390 -73.63 -61.82 -71.07
CA VAL D 390 -74.39 -62.91 -71.70
C VAL D 390 -75.21 -63.69 -70.66
N GLY D 391 -74.54 -64.21 -69.62
CA GLY D 391 -75.23 -65.03 -68.63
C GLY D 391 -76.17 -64.25 -67.73
N ALA D 392 -75.92 -62.96 -67.56
CA ALA D 392 -76.79 -62.01 -66.86
C ALA D 392 -77.48 -61.10 -67.86
N ALA D 393 -78.66 -60.61 -67.50
CA ALA D 393 -79.45 -59.78 -68.42
C ALA D 393 -79.44 -58.31 -68.00
N GLY D 394 -79.76 -57.98 -66.76
CA GLY D 394 -79.74 -56.59 -66.36
C GLY D 394 -78.32 -56.10 -66.13
N GLN D 395 -78.16 -54.78 -66.03
CA GLN D 395 -76.83 -54.21 -65.83
C GLN D 395 -76.52 -54.10 -64.35
N THR D 396 -77.56 -54.09 -63.52
CA THR D 396 -77.51 -54.02 -62.08
C THR D 396 -77.95 -55.37 -61.51
N CYS D 397 -77.24 -55.77 -60.46
CA CYS D 397 -77.44 -57.01 -59.75
C CYS D 397 -78.10 -56.70 -58.41
N ASN D 398 -78.22 -57.72 -57.58
CA ASN D 398 -78.85 -57.56 -56.28
C ASN D 398 -78.00 -56.63 -55.43
N GLN D 399 -78.39 -55.34 -55.36
CA GLN D 399 -77.59 -54.35 -54.66
C GLN D 399 -77.25 -54.77 -53.23
N THR D 400 -78.08 -55.64 -52.66
CA THR D 400 -77.82 -56.31 -51.38
C THR D 400 -76.91 -57.54 -51.53
N THR D 401 -77.36 -58.55 -52.27
CA THR D 401 -76.61 -59.81 -52.43
C THR D 401 -75.55 -59.71 -53.52
N GLY D 402 -75.93 -59.21 -54.70
CA GLY D 402 -75.10 -59.21 -55.88
C GLY D 402 -75.56 -60.15 -56.97
N GLN D 403 -76.72 -60.79 -56.80
CA GLN D 403 -77.20 -61.77 -57.76
C GLN D 403 -77.53 -61.08 -59.08
N CYS D 404 -76.75 -61.39 -60.10
CA CYS D 404 -77.03 -60.96 -61.46
C CYS D 404 -78.16 -61.83 -62.00
N PRO D 405 -78.72 -61.50 -63.15
CA PRO D 405 -79.83 -62.32 -63.66
C PRO D 405 -79.38 -63.71 -64.10
N CYS D 406 -79.34 -64.63 -63.15
CA CYS D 406 -78.97 -66.01 -63.43
C CYS D 406 -79.98 -66.65 -64.37
N LYS D 407 -79.49 -67.22 -65.46
CA LYS D 407 -80.32 -67.89 -66.45
C LYS D 407 -80.43 -69.36 -66.09
N ASP D 408 -81.42 -70.01 -66.71
CA ASP D 408 -81.98 -71.31 -66.30
C ASP D 408 -81.07 -72.24 -65.51
N GLY D 409 -79.94 -72.65 -66.08
CA GLY D 409 -79.01 -73.51 -65.39
C GLY D 409 -77.80 -72.79 -64.84
N VAL D 410 -77.70 -71.48 -65.06
CA VAL D 410 -76.59 -70.71 -64.54
C VAL D 410 -76.84 -70.34 -63.09
N THR D 411 -75.80 -70.47 -62.26
CA THR D 411 -75.81 -70.03 -60.87
C THR D 411 -74.60 -69.13 -60.62
N GLY D 412 -74.32 -68.79 -59.36
CA GLY D 412 -73.28 -67.82 -59.07
C GLY D 412 -73.84 -66.42 -58.90
N ILE D 413 -73.08 -65.60 -58.17
CA ILE D 413 -73.53 -64.24 -57.84
C ILE D 413 -73.72 -63.44 -59.13
N THR D 414 -72.68 -63.32 -59.95
CA THR D 414 -72.79 -62.68 -61.25
C THR D 414 -73.30 -63.63 -62.34
N CYS D 415 -73.61 -64.90 -62.03
CA CYS D 415 -74.21 -65.82 -62.99
C CYS D 415 -73.38 -66.11 -64.24
N ASN D 416 -72.27 -66.83 -64.07
CA ASN D 416 -71.39 -67.17 -65.19
C ASN D 416 -71.30 -68.67 -65.46
N ARG D 417 -71.22 -69.49 -64.41
CA ARG D 417 -70.97 -70.92 -64.53
C ARG D 417 -72.24 -71.69 -64.92
N CYS D 418 -72.05 -72.94 -65.30
CA CYS D 418 -73.14 -73.89 -65.47
C CYS D 418 -73.30 -74.70 -64.18
N ALA D 419 -74.52 -75.19 -63.95
CA ALA D 419 -74.83 -75.90 -62.74
C ALA D 419 -74.58 -77.39 -62.95
N LYS D 420 -74.84 -78.18 -61.92
CA LYS D 420 -74.68 -79.63 -62.01
C LYS D 420 -75.58 -80.22 -63.09
N GLY D 421 -74.97 -80.89 -64.07
CA GLY D 421 -75.70 -81.38 -65.22
C GLY D 421 -75.89 -80.36 -66.32
N TYR D 422 -75.07 -79.32 -66.36
CA TYR D 422 -75.17 -78.27 -67.36
C TYR D 422 -73.81 -78.11 -68.02
N GLN D 423 -73.76 -78.35 -69.32
CA GLN D 423 -72.52 -78.32 -70.09
C GLN D 423 -72.38 -77.01 -70.84
N GLN D 424 -71.19 -76.41 -70.78
CA GLN D 424 -70.92 -75.21 -71.55
C GLN D 424 -70.94 -75.53 -73.03
N SER D 425 -71.56 -74.63 -73.80
CA SER D 425 -71.59 -74.72 -75.26
C SER D 425 -70.99 -73.43 -75.80
N ARG D 426 -70.44 -73.53 -77.01
CA ARG D 426 -69.83 -72.37 -77.64
C ARG D 426 -70.87 -71.36 -78.10
N SER D 427 -72.15 -71.62 -77.84
CA SER D 427 -73.19 -70.65 -78.16
C SER D 427 -72.93 -69.39 -77.38
N PRO D 428 -72.79 -68.23 -78.05
CA PRO D 428 -72.56 -66.97 -77.34
C PRO D 428 -73.78 -66.41 -76.61
N ILE D 429 -74.87 -67.18 -76.52
CA ILE D 429 -76.09 -66.76 -75.85
C ILE D 429 -76.49 -67.78 -74.78
N ALA D 430 -76.56 -69.06 -75.15
CA ALA D 430 -76.89 -70.13 -74.23
C ALA D 430 -75.71 -71.10 -74.23
N PRO D 431 -74.71 -70.86 -73.36
CA PRO D 431 -73.57 -71.77 -73.27
C PRO D 431 -73.95 -73.02 -72.47
N CYS D 432 -74.71 -72.84 -71.39
CA CYS D 432 -75.01 -73.91 -70.46
C CYS D 432 -76.29 -74.64 -70.89
N ILE D 433 -76.22 -75.97 -70.93
CA ILE D 433 -77.34 -76.80 -71.33
C ILE D 433 -77.46 -77.98 -70.36
N LYS D 434 -78.69 -78.24 -69.94
CA LYS D 434 -79.01 -79.35 -69.05
C LYS D 434 -78.67 -80.66 -69.74
N ILE D 435 -78.91 -81.76 -69.04
CA ILE D 435 -78.70 -83.10 -69.58
C ILE D 435 -80.06 -83.77 -69.66
N PRO D 436 -80.37 -84.49 -70.74
CA PRO D 436 -81.61 -85.25 -70.91
C PRO D 436 -81.67 -86.52 -70.06
N PRO E 19 41.11 -24.28 -43.75
CA PRO E 19 42.24 -23.36 -43.94
C PRO E 19 42.89 -23.54 -45.31
N ASP E 20 43.94 -24.35 -45.38
CA ASP E 20 44.60 -24.66 -46.64
C ASP E 20 44.61 -26.16 -46.87
N PRO E 21 43.94 -26.66 -47.92
CA PRO E 21 44.02 -28.11 -48.21
C PRO E 21 45.42 -28.55 -48.61
N CYS E 22 46.37 -27.63 -48.76
CA CYS E 22 47.76 -27.99 -48.98
C CYS E 22 48.42 -28.53 -47.72
N TYR E 23 47.74 -28.46 -46.57
CA TYR E 23 48.27 -28.95 -45.31
C TYR E 23 47.17 -29.69 -44.56
N ASP E 24 47.56 -30.78 -43.90
CA ASP E 24 46.61 -31.70 -43.28
C ASP E 24 46.02 -31.06 -42.02
N GLU E 25 45.12 -31.79 -41.37
CA GLU E 25 44.59 -31.44 -40.05
C GLU E 25 45.74 -31.05 -39.13
N HIS E 26 46.79 -31.87 -39.13
CA HIS E 26 48.00 -31.62 -38.37
C HIS E 26 48.98 -30.76 -39.15
N GLY E 27 48.47 -29.76 -39.89
CA GLY E 27 49.29 -28.97 -40.78
C GLY E 27 50.25 -29.72 -41.69
N LEU E 28 50.04 -31.03 -41.85
CA LEU E 28 50.95 -31.82 -42.68
C LEU E 28 50.72 -31.51 -44.16
N PRO E 29 51.76 -31.17 -44.92
CA PRO E 29 51.52 -30.82 -46.33
C PRO E 29 50.92 -31.98 -47.10
N ARG E 30 49.68 -31.78 -47.54
CA ARG E 30 48.91 -32.77 -48.30
C ARG E 30 48.49 -32.16 -49.62
N ARG E 31 48.19 -33.02 -50.59
CA ARG E 31 47.81 -32.58 -51.93
C ARG E 31 46.60 -31.65 -51.89
N CYS E 32 46.73 -30.46 -52.48
CA CYS E 32 45.65 -29.51 -52.60
C CYS E 32 45.34 -29.25 -54.08
N ILE E 33 44.08 -29.39 -54.45
CA ILE E 33 43.68 -29.41 -55.85
C ILE E 33 42.54 -28.41 -56.03
N PRO E 34 42.50 -27.64 -57.12
CA PRO E 34 41.31 -26.86 -57.43
C PRO E 34 40.11 -27.79 -57.65
N ASP E 35 38.95 -27.36 -57.19
CA ASP E 35 37.77 -28.20 -57.30
C ASP E 35 37.37 -28.35 -58.77
N PHE E 36 36.62 -29.42 -59.07
CA PHE E 36 36.25 -29.69 -60.45
C PHE E 36 35.19 -28.70 -60.91
N VAL E 37 35.52 -27.94 -61.95
CA VAL E 37 34.67 -26.89 -62.49
C VAL E 37 34.72 -26.96 -64.00
N ASN E 38 33.67 -26.45 -64.64
CA ASN E 38 33.72 -26.24 -66.07
C ASN E 38 34.72 -25.13 -66.37
N SER E 39 35.44 -25.28 -67.49
CA SER E 39 36.50 -24.36 -67.89
C SER E 39 36.04 -23.39 -68.99
N ALA E 40 35.37 -23.88 -70.04
CA ALA E 40 35.03 -23.07 -71.22
C ALA E 40 33.79 -22.18 -71.04
N PHE E 41 33.47 -21.72 -69.81
CA PHE E 41 32.31 -20.84 -69.61
C PHE E 41 32.74 -19.38 -69.80
N GLY E 42 32.33 -18.80 -70.93
CA GLY E 42 32.39 -17.36 -71.12
C GLY E 42 33.57 -16.82 -71.92
N LYS E 43 34.44 -17.66 -72.48
CA LYS E 43 35.60 -17.11 -73.17
C LYS E 43 35.25 -16.86 -74.63
N GLU E 44 35.99 -15.97 -75.28
CA GLU E 44 35.71 -15.70 -76.68
C GLU E 44 36.57 -16.60 -77.55
N VAL E 45 36.05 -16.88 -78.74
CA VAL E 45 36.63 -17.87 -79.64
C VAL E 45 36.70 -17.29 -81.04
N LYS E 46 37.87 -17.41 -81.66
CA LYS E 46 38.04 -17.12 -83.08
C LYS E 46 37.79 -18.39 -83.86
N VAL E 47 36.98 -18.28 -84.92
CA VAL E 47 36.53 -19.45 -85.68
C VAL E 47 36.92 -19.27 -87.13
N SER E 48 36.54 -20.21 -88.00
CA SER E 48 36.83 -20.06 -89.41
C SER E 48 35.76 -19.22 -90.11
N SER E 49 34.48 -19.52 -89.86
CA SER E 49 33.41 -18.75 -90.49
C SER E 49 32.11 -18.98 -89.73
N THR E 50 31.12 -18.15 -90.07
CA THR E 50 29.80 -18.16 -89.46
C THR E 50 28.84 -17.40 -90.38
N CYS E 51 27.57 -17.79 -90.35
CA CYS E 51 26.55 -17.18 -91.18
C CYS E 51 26.41 -15.68 -90.90
N GLY E 52 25.82 -14.96 -91.84
CA GLY E 52 25.42 -13.60 -91.55
C GLY E 52 26.32 -12.44 -91.96
N LYS E 53 27.43 -12.69 -92.65
CA LYS E 53 28.29 -11.60 -93.09
C LYS E 53 28.74 -11.83 -94.54
N PRO E 54 28.03 -11.26 -95.53
CA PRO E 54 26.77 -10.51 -95.36
C PRO E 54 25.61 -11.41 -94.92
N PRO E 55 24.49 -10.83 -94.42
CA PRO E 55 23.40 -11.67 -93.89
C PRO E 55 23.07 -12.83 -94.82
N SER E 56 23.13 -14.06 -94.29
CA SER E 56 22.96 -15.26 -95.09
C SER E 56 21.71 -15.98 -94.66
N ARG E 57 21.20 -16.81 -95.56
CA ARG E 57 19.99 -17.59 -95.33
C ARG E 57 20.37 -19.06 -95.20
N TYR E 58 19.41 -19.85 -94.72
CA TYR E 58 19.61 -21.28 -94.52
C TYR E 58 18.26 -21.92 -94.22
N CYS E 59 18.05 -23.12 -94.74
CA CYS E 59 16.80 -23.84 -94.54
C CYS E 59 17.04 -24.98 -93.56
N VAL E 60 15.99 -25.29 -92.78
CA VAL E 60 16.07 -26.24 -91.66
C VAL E 60 14.97 -27.28 -91.83
N VAL E 61 15.36 -28.55 -91.92
CA VAL E 61 14.42 -29.65 -92.14
C VAL E 61 14.12 -30.33 -90.82
N THR E 62 12.90 -30.86 -90.71
CA THR E 62 12.43 -31.62 -89.56
C THR E 62 11.63 -32.82 -90.07
N GLU E 63 11.66 -33.91 -89.31
CA GLU E 63 10.90 -35.09 -89.70
C GLU E 63 9.50 -35.01 -89.08
N LYS E 64 8.49 -35.31 -89.90
CA LYS E 64 7.11 -35.30 -89.41
C LYS E 64 6.50 -36.67 -89.63
N GLY E 65 6.48 -37.47 -88.57
CA GLY E 65 5.88 -38.78 -88.59
C GLY E 65 6.71 -39.77 -89.38
N GLU E 66 6.61 -39.68 -90.70
CA GLU E 66 7.36 -40.52 -91.64
C GLU E 66 7.98 -39.75 -92.79
N GLU E 67 7.47 -38.57 -93.14
CA GLU E 67 7.90 -37.81 -94.30
C GLU E 67 8.68 -36.58 -93.84
N GLN E 68 9.03 -35.72 -94.79
CA GLN E 68 9.96 -34.63 -94.55
C GLN E 68 9.20 -33.32 -94.48
N VAL E 69 9.80 -32.34 -93.79
CA VAL E 69 9.31 -30.97 -93.83
C VAL E 69 10.46 -30.04 -93.45
N ARG E 70 10.68 -29.01 -94.25
CA ARG E 70 11.86 -28.15 -94.10
C ARG E 70 11.42 -26.72 -93.85
N SER E 71 11.85 -26.15 -92.73
CA SER E 71 11.69 -24.73 -92.47
C SER E 71 12.91 -24.02 -93.03
N CYS E 72 12.98 -22.70 -92.90
CA CYS E 72 14.09 -22.00 -93.52
C CYS E 72 14.23 -20.64 -92.85
N HIS E 73 15.47 -20.18 -92.67
CA HIS E 73 15.69 -18.99 -91.86
C HIS E 73 16.82 -18.15 -92.44
N LEU E 74 17.16 -17.09 -91.71
CA LEU E 74 18.14 -16.09 -92.12
C LEU E 74 19.04 -15.81 -90.93
N CYS E 75 20.14 -15.13 -91.20
CA CYS E 75 21.15 -14.86 -90.19
C CYS E 75 21.64 -13.44 -90.40
N ASN E 76 21.26 -12.53 -89.51
CA ASN E 76 21.93 -11.25 -89.40
C ASN E 76 22.57 -11.13 -88.02
N ALA E 77 23.89 -10.91 -87.99
CA ALA E 77 24.54 -10.56 -86.73
C ALA E 77 24.05 -9.19 -86.25
N SER E 78 23.80 -8.26 -87.19
CA SER E 78 23.16 -6.99 -86.88
C SER E 78 21.73 -7.19 -86.41
N ASP E 79 21.14 -8.38 -86.61
CA ASP E 79 19.91 -8.71 -85.92
C ASP E 79 20.33 -9.40 -84.64
N PRO E 80 20.28 -8.72 -83.49
CA PRO E 80 20.74 -9.35 -82.25
C PRO E 80 20.03 -10.65 -81.97
N LYS E 81 18.70 -10.68 -82.11
CA LYS E 81 17.94 -11.89 -81.88
C LYS E 81 18.15 -12.93 -83.00
N ARG E 82 18.46 -12.48 -84.22
CA ARG E 82 18.81 -13.38 -85.31
C ARG E 82 20.32 -13.50 -85.49
N ALA E 83 21.10 -12.85 -84.63
CA ALA E 83 22.52 -13.16 -84.55
C ALA E 83 22.69 -14.51 -83.90
N HIS E 84 23.82 -15.15 -84.19
CA HIS E 84 24.15 -16.46 -83.62
C HIS E 84 25.62 -16.46 -83.28
N PRO E 85 26.00 -15.78 -82.20
CA PRO E 85 27.42 -15.62 -81.88
C PRO E 85 28.02 -16.89 -81.30
N PRO E 86 29.36 -17.01 -81.29
CA PRO E 86 29.97 -18.17 -80.62
C PRO E 86 29.68 -18.22 -79.13
N SER E 87 29.27 -17.09 -78.53
CA SER E 87 28.82 -17.10 -77.15
C SER E 87 27.64 -18.05 -76.97
N PHE E 88 26.84 -18.24 -78.03
CA PHE E 88 25.75 -19.20 -78.02
C PHE E 88 26.24 -20.60 -77.66
N LEU E 89 27.52 -20.86 -77.80
CA LEU E 89 28.10 -22.11 -77.36
C LEU E 89 28.54 -22.01 -75.90
N THR E 90 29.13 -20.87 -75.52
CA THR E 90 29.67 -20.71 -74.17
C THR E 90 28.64 -20.18 -73.18
N ASP E 91 27.56 -19.55 -73.67
CA ASP E 91 26.50 -19.07 -72.78
C ASP E 91 25.76 -20.27 -72.19
N LEU E 92 24.99 -20.02 -71.14
CA LEU E 92 24.20 -21.10 -70.58
C LEU E 92 23.06 -21.41 -71.55
N ASN E 93 22.90 -22.69 -71.86
CA ASN E 93 21.90 -23.13 -72.82
C ASN E 93 20.61 -23.44 -72.06
N ASN E 94 19.58 -22.62 -72.26
CA ASN E 94 18.28 -22.96 -71.72
C ASN E 94 17.68 -24.04 -72.61
N PRO E 95 17.35 -25.23 -72.09
CA PRO E 95 16.70 -26.25 -72.94
C PRO E 95 15.35 -25.82 -73.52
N HIS E 96 14.85 -24.64 -73.14
CA HIS E 96 13.62 -24.06 -73.65
C HIS E 96 13.89 -22.72 -74.33
N ASN E 97 15.13 -22.21 -74.26
CA ASN E 97 15.61 -21.04 -75.02
C ASN E 97 17.05 -21.38 -75.40
N LEU E 98 17.18 -22.10 -76.52
CA LEU E 98 18.48 -22.57 -76.93
C LEU E 98 19.34 -21.40 -77.41
N THR E 99 20.65 -21.66 -77.48
CA THR E 99 21.61 -20.66 -77.90
C THR E 99 22.30 -21.27 -79.12
N CYS E 100 21.64 -21.16 -80.27
CA CYS E 100 22.09 -21.82 -81.48
C CYS E 100 23.07 -20.93 -82.23
N TRP E 101 24.35 -21.30 -82.20
CA TRP E 101 25.28 -20.72 -83.15
C TRP E 101 25.04 -21.40 -84.49
N GLN E 102 25.36 -20.71 -85.58
CA GLN E 102 25.09 -21.27 -86.90
C GLN E 102 26.32 -21.12 -87.78
N SER E 103 26.50 -22.08 -88.68
CA SER E 103 27.59 -22.00 -89.64
C SER E 103 27.11 -21.37 -90.93
N ASP E 104 28.08 -21.02 -91.78
CA ASP E 104 27.75 -20.76 -93.16
C ASP E 104 27.31 -22.07 -93.81
N SER E 105 26.61 -21.96 -94.93
CA SER E 105 26.10 -23.16 -95.57
C SER E 105 26.88 -23.41 -96.85
N TYR E 106 26.48 -24.48 -97.56
CA TYR E 106 27.14 -24.91 -98.79
C TYR E 106 28.62 -25.16 -98.55
N VAL E 107 28.95 -25.77 -97.40
CA VAL E 107 30.32 -26.04 -97.01
C VAL E 107 30.36 -27.44 -96.41
N GLN E 108 31.43 -28.17 -96.72
CA GLN E 108 31.58 -29.55 -96.28
C GLN E 108 33.01 -29.97 -96.65
N TYR E 109 33.33 -31.22 -96.35
CA TYR E 109 34.55 -31.86 -96.82
C TYR E 109 34.67 -31.71 -98.34
N PRO E 110 35.87 -31.46 -98.88
CA PRO E 110 37.10 -31.26 -98.10
C PRO E 110 37.42 -29.79 -97.81
N HIS E 111 37.29 -29.34 -96.56
CA HIS E 111 37.66 -27.98 -96.20
C HIS E 111 37.90 -27.91 -94.70
N ASN E 112 38.81 -27.04 -94.30
CA ASN E 112 39.04 -26.87 -92.87
C ASN E 112 37.85 -26.13 -92.28
N VAL E 113 37.07 -26.81 -91.44
CA VAL E 113 36.03 -26.15 -90.65
C VAL E 113 36.63 -26.05 -89.26
N THR E 114 37.40 -24.98 -89.02
CA THR E 114 38.34 -24.89 -87.91
C THR E 114 37.83 -23.94 -86.83
N LEU E 115 38.01 -24.36 -85.57
CA LEU E 115 37.65 -23.55 -84.42
C LEU E 115 38.89 -23.39 -83.55
N THR E 116 39.12 -22.18 -83.04
CA THR E 116 40.36 -21.88 -82.34
C THR E 116 40.09 -21.46 -80.90
N LEU E 117 41.05 -21.76 -80.03
CA LEU E 117 41.02 -21.27 -78.65
C LEU E 117 42.41 -21.49 -78.07
N SER E 118 43.07 -20.41 -77.63
CA SER E 118 44.40 -20.52 -77.04
C SER E 118 44.35 -20.20 -75.55
N LEU E 119 44.82 -21.14 -74.74
CA LEU E 119 45.00 -21.06 -73.29
C LEU E 119 46.42 -20.59 -73.01
N GLY E 120 47.02 -21.03 -71.91
CA GLY E 120 48.27 -20.48 -71.45
C GLY E 120 48.56 -20.78 -69.99
N LYS E 121 47.59 -21.38 -69.31
CA LYS E 121 47.85 -22.08 -68.06
C LYS E 121 47.66 -23.56 -68.40
N LYS E 122 48.59 -24.39 -67.93
CA LYS E 122 48.55 -25.81 -68.26
C LYS E 122 47.47 -26.51 -67.44
N PHE E 123 46.74 -27.43 -68.08
CA PHE E 123 45.59 -28.07 -67.45
C PHE E 123 45.56 -29.56 -67.74
N GLU E 124 44.73 -30.25 -66.96
CA GLU E 124 44.32 -31.63 -67.18
C GLU E 124 42.82 -31.65 -67.45
N VAL E 125 42.39 -32.45 -68.43
CA VAL E 125 41.00 -32.45 -68.86
C VAL E 125 40.44 -33.86 -68.67
N THR E 126 39.17 -33.95 -68.27
CA THR E 126 38.52 -35.26 -68.20
C THR E 126 37.29 -35.40 -69.08
N TYR E 127 36.28 -34.54 -68.87
CA TYR E 127 35.01 -34.62 -69.59
C TYR E 127 34.91 -33.54 -70.66
N VAL E 128 34.32 -33.90 -71.81
CA VAL E 128 33.99 -32.94 -72.87
C VAL E 128 32.63 -33.29 -73.46
N SER E 129 31.66 -32.38 -73.32
CA SER E 129 30.29 -32.62 -73.79
C SER E 129 29.84 -31.48 -74.69
N LEU E 130 28.87 -31.77 -75.55
CA LEU E 130 28.35 -30.78 -76.48
C LEU E 130 26.82 -30.92 -76.57
N GLN E 131 26.18 -29.93 -77.20
CA GLN E 131 24.73 -29.95 -77.42
C GLN E 131 24.46 -29.18 -78.70
N PHE E 132 23.79 -29.81 -79.66
CA PHE E 132 23.73 -29.34 -81.04
C PHE E 132 22.40 -28.66 -81.39
N CYS E 133 22.47 -27.75 -82.36
CA CYS E 133 21.29 -27.31 -83.10
C CYS E 133 21.22 -27.87 -84.52
N SER E 134 22.30 -28.46 -85.01
CA SER E 134 22.34 -29.14 -86.30
C SER E 134 22.55 -30.63 -86.12
N PRO E 135 22.24 -31.42 -87.15
CA PRO E 135 22.50 -32.85 -87.07
C PRO E 135 23.99 -33.14 -86.97
N ARG E 136 24.29 -34.38 -86.62
CA ARG E 136 25.67 -34.80 -86.45
C ARG E 136 26.27 -35.22 -87.79
N PRO E 137 27.35 -34.56 -88.25
CA PRO E 137 28.00 -34.96 -89.50
C PRO E 137 28.77 -36.26 -89.35
N GLU E 138 29.55 -36.62 -90.36
CA GLU E 138 30.26 -37.90 -90.35
C GLU E 138 31.71 -37.78 -89.91
N SER E 139 32.50 -36.92 -90.56
CA SER E 139 33.95 -36.89 -90.35
C SER E 139 34.35 -35.74 -89.44
N MET E 140 35.15 -36.06 -88.43
CA MET E 140 35.69 -35.08 -87.49
C MET E 140 36.84 -35.73 -86.73
N ALA E 141 37.62 -34.90 -86.04
CA ALA E 141 38.75 -35.39 -85.27
C ALA E 141 38.87 -34.53 -84.01
N ILE E 142 39.78 -34.93 -83.13
CA ILE E 142 40.02 -34.21 -81.88
C ILE E 142 41.49 -33.80 -81.92
N TYR E 143 41.80 -32.60 -81.44
CA TYR E 143 43.18 -32.13 -81.39
C TYR E 143 43.45 -31.47 -80.04
N LYS E 144 44.71 -31.10 -79.84
CA LYS E 144 45.13 -30.31 -78.70
C LYS E 144 46.49 -29.70 -79.01
N SER E 145 46.93 -28.82 -78.12
CA SER E 145 48.24 -28.17 -78.20
C SER E 145 48.82 -28.12 -76.81
N MET E 146 49.94 -28.81 -76.62
CA MET E 146 50.72 -28.68 -75.40
C MET E 146 51.61 -27.44 -75.36
N ASP E 147 51.53 -26.57 -76.38
CA ASP E 147 52.23 -25.30 -76.44
C ASP E 147 51.21 -24.15 -76.45
N TYR E 148 51.69 -22.92 -76.68
CA TYR E 148 50.82 -21.74 -76.64
C TYR E 148 50.34 -21.41 -78.06
N GLY E 149 49.52 -22.31 -78.61
CA GLY E 149 48.87 -22.09 -79.89
C GLY E 149 49.73 -22.29 -81.12
N LYS E 150 50.89 -22.94 -80.98
CA LYS E 150 51.84 -23.13 -82.07
C LYS E 150 51.82 -24.52 -82.67
N THR E 151 51.99 -25.57 -81.86
CA THR E 151 51.99 -26.96 -82.28
C THR E 151 50.61 -27.58 -82.04
N TRP E 152 50.33 -28.67 -82.77
CA TRP E 152 49.04 -29.34 -82.72
C TRP E 152 49.22 -30.83 -82.90
N VAL E 153 48.53 -31.60 -82.05
CA VAL E 153 48.56 -33.06 -82.10
C VAL E 153 47.11 -33.53 -82.04
N PRO E 154 46.75 -34.64 -82.66
CA PRO E 154 45.36 -35.09 -82.61
C PRO E 154 45.03 -35.60 -81.21
N PHE E 155 43.76 -35.91 -80.99
CA PHE E 155 43.45 -36.50 -79.71
C PHE E 155 42.50 -37.67 -79.89
N GLN E 156 41.81 -37.70 -81.05
CA GLN E 156 41.04 -38.81 -81.66
C GLN E 156 40.35 -38.40 -82.96
N PHE E 157 39.84 -39.40 -83.69
CA PHE E 157 39.11 -39.22 -84.93
C PHE E 157 37.75 -39.93 -84.81
N TYR E 158 36.79 -39.53 -85.66
CA TYR E 158 35.47 -40.16 -85.67
C TYR E 158 34.85 -40.08 -87.06
N SER E 159 34.56 -41.23 -87.67
CA SER E 159 33.94 -41.32 -89.00
C SER E 159 33.47 -42.75 -89.22
N THR E 160 32.55 -42.92 -90.17
CA THR E 160 32.09 -44.26 -90.53
C THR E 160 33.21 -45.06 -91.17
N GLN E 161 33.83 -44.51 -92.20
CA GLN E 161 35.00 -45.12 -92.81
C GLN E 161 36.22 -44.41 -92.26
N CYS E 162 36.68 -44.84 -91.10
CA CYS E 162 37.91 -44.28 -90.56
C CYS E 162 39.07 -44.48 -91.51
N ARG E 163 38.98 -45.49 -92.38
CA ARG E 163 40.04 -45.78 -93.33
C ARG E 163 39.85 -44.92 -94.58
N LYS E 164 38.69 -45.05 -95.24
CA LYS E 164 38.47 -44.28 -96.47
C LYS E 164 38.54 -42.77 -96.22
N MET E 165 38.16 -42.31 -95.03
CA MET E 165 38.21 -40.89 -94.68
C MET E 165 39.50 -40.48 -93.97
N TYR E 166 39.89 -41.17 -92.90
CA TYR E 166 41.04 -40.77 -92.10
C TYR E 166 42.26 -41.65 -92.30
N ASN E 167 42.15 -42.69 -93.12
CA ASN E 167 43.17 -43.74 -93.21
C ASN E 167 43.42 -44.30 -91.80
N LYS E 168 42.32 -44.68 -91.14
CA LYS E 168 42.32 -45.09 -89.75
C LYS E 168 41.47 -46.35 -89.58
N PRO E 169 41.73 -47.14 -88.53
CA PRO E 169 40.83 -48.26 -88.25
C PRO E 169 39.64 -47.82 -87.42
N SER E 170 38.50 -48.48 -87.65
CA SER E 170 37.29 -48.19 -86.88
C SER E 170 37.32 -49.05 -85.63
N ARG E 171 37.14 -48.42 -84.46
CA ARG E 171 37.17 -49.09 -83.16
C ARG E 171 38.50 -49.81 -82.94
N ALA E 172 39.58 -49.02 -83.00
CA ALA E 172 40.91 -49.56 -82.79
C ALA E 172 41.11 -49.89 -81.31
N ALA E 173 42.22 -50.58 -81.03
CA ALA E 173 42.54 -51.00 -79.67
C ALA E 173 43.49 -50.01 -79.00
N ILE E 174 43.40 -49.93 -77.68
CA ILE E 174 44.25 -49.07 -76.87
C ILE E 174 45.40 -49.90 -76.34
N THR E 175 46.58 -49.76 -76.93
CA THR E 175 47.73 -50.49 -76.42
C THR E 175 48.14 -49.95 -75.05
N LYS E 176 48.51 -50.87 -74.15
CA LYS E 176 48.94 -50.50 -72.81
C LYS E 176 50.26 -49.73 -72.79
N GLN E 177 51.21 -50.14 -73.65
CA GLN E 177 52.53 -49.52 -73.71
C GLN E 177 52.53 -48.17 -74.43
N ASN E 178 51.50 -47.87 -75.21
CA ASN E 178 51.30 -46.58 -75.86
C ASN E 178 49.84 -46.18 -75.72
N GLU E 179 49.40 -45.94 -74.47
CA GLU E 179 48.03 -45.53 -74.19
C GLU E 179 47.73 -44.13 -74.71
N GLN E 180 48.65 -43.57 -75.49
CA GLN E 180 48.37 -42.37 -76.28
C GLN E 180 47.66 -42.71 -77.59
N GLU E 181 46.98 -43.84 -77.66
CA GLU E 181 46.31 -44.24 -78.88
C GLU E 181 45.15 -43.31 -79.21
N ALA E 182 44.95 -43.06 -80.51
CA ALA E 182 43.86 -42.24 -81.01
C ALA E 182 43.01 -43.11 -81.92
N ILE E 183 41.83 -43.48 -81.44
CA ILE E 183 40.97 -44.39 -82.17
C ILE E 183 39.93 -43.59 -82.94
N CYS E 184 39.31 -44.26 -83.91
CA CYS E 184 38.21 -43.73 -84.69
C CYS E 184 37.15 -44.81 -84.78
N THR E 185 35.89 -44.41 -84.87
CA THR E 185 34.83 -45.39 -85.01
C THR E 185 33.70 -44.85 -85.88
N ASP E 186 32.92 -45.80 -86.43
CA ASP E 186 31.68 -45.49 -87.14
C ASP E 186 30.50 -45.44 -86.19
N SER E 187 30.71 -45.86 -84.95
CA SER E 187 29.70 -45.84 -83.91
C SER E 187 29.33 -44.41 -83.56
N HIS E 188 28.05 -44.18 -83.33
CA HIS E 188 27.52 -42.91 -82.83
C HIS E 188 27.79 -41.75 -83.79
N THR E 189 27.98 -42.05 -85.08
CA THR E 189 27.99 -41.06 -86.14
C THR E 189 26.59 -40.87 -86.73
N ASP E 190 25.56 -41.30 -86.00
CA ASP E 190 24.18 -41.39 -86.42
C ASP E 190 23.41 -40.11 -86.14
N VAL E 191 22.26 -40.00 -86.79
CA VAL E 191 21.24 -39.01 -86.50
C VAL E 191 19.90 -39.75 -86.47
N ARG E 192 19.13 -39.59 -85.38
CA ARG E 192 19.27 -38.63 -84.26
C ARG E 192 20.61 -38.42 -83.51
N PRO E 193 20.87 -37.17 -83.07
CA PRO E 193 19.92 -36.05 -83.24
C PRO E 193 20.18 -35.03 -84.35
N LEU E 194 19.08 -34.39 -84.79
CA LEU E 194 19.13 -33.18 -85.59
C LEU E 194 19.51 -31.96 -84.77
N SER E 195 19.25 -31.99 -83.47
CA SER E 195 19.69 -30.94 -82.56
C SER E 195 19.83 -31.54 -81.17
N GLY E 196 20.58 -30.85 -80.31
CA GLY E 196 20.80 -31.38 -78.98
C GLY E 196 21.56 -32.68 -78.97
N GLY E 197 22.53 -32.83 -79.87
CA GLY E 197 23.28 -34.07 -79.95
C GLY E 197 24.06 -34.32 -78.67
N LEU E 198 24.13 -35.60 -78.30
CA LEU E 198 24.76 -36.01 -77.05
C LEU E 198 26.05 -36.74 -77.46
N ILE E 199 27.19 -36.08 -77.25
CA ILE E 199 28.48 -36.62 -77.59
C ILE E 199 29.34 -36.71 -76.33
N ALA E 200 29.83 -37.90 -76.04
CA ALA E 200 30.63 -38.12 -74.86
C ALA E 200 31.91 -38.85 -75.26
N PHE E 201 33.04 -38.33 -74.78
CA PHE E 201 34.34 -38.95 -74.98
C PHE E 201 34.98 -39.02 -73.61
N SER E 202 35.41 -40.21 -73.22
CA SER E 202 36.13 -40.42 -71.97
C SER E 202 37.55 -40.88 -72.29
N THR E 203 38.52 -40.00 -72.04
CA THR E 203 39.93 -40.34 -72.27
C THR E 203 40.39 -41.46 -71.34
N LEU E 204 39.79 -41.57 -70.16
CA LEU E 204 40.25 -42.53 -69.16
C LEU E 204 39.88 -43.97 -69.53
N ASP E 205 38.81 -44.13 -70.31
CA ASP E 205 38.35 -45.44 -70.75
C ASP E 205 39.28 -46.04 -71.81
N GLY E 206 39.49 -47.35 -71.71
CA GLY E 206 40.31 -48.06 -72.67
C GLY E 206 41.78 -48.07 -72.33
N ARG E 207 42.26 -47.08 -71.59
CA ARG E 207 43.69 -47.04 -71.24
C ARG E 207 43.96 -48.12 -70.20
N PRO E 208 44.81 -49.11 -70.49
CA PRO E 208 45.05 -50.17 -69.49
C PRO E 208 45.70 -49.68 -68.21
N THR E 209 46.52 -48.61 -68.26
CA THR E 209 47.18 -48.04 -67.08
C THR E 209 46.41 -46.84 -66.54
N ALA E 210 45.10 -46.77 -66.77
CA ALA E 210 44.29 -45.66 -66.28
C ALA E 210 43.93 -45.83 -64.82
N HIS E 211 43.87 -47.07 -64.33
CA HIS E 211 43.60 -47.31 -62.92
C HIS E 211 44.74 -46.82 -62.05
N ASP E 212 45.95 -46.80 -62.60
CA ASP E 212 47.10 -46.18 -61.96
C ASP E 212 47.45 -44.91 -62.72
N PHE E 213 46.51 -43.96 -62.77
CA PHE E 213 46.81 -42.73 -63.50
C PHE E 213 47.82 -41.89 -62.75
N ASP E 214 47.78 -41.94 -61.41
CA ASP E 214 48.68 -41.12 -60.61
C ASP E 214 50.15 -41.46 -60.87
N ASN E 215 50.41 -42.69 -61.32
CA ASN E 215 51.75 -43.16 -61.68
C ASN E 215 51.82 -43.54 -63.16
N SER E 216 51.02 -42.87 -63.99
CA SER E 216 51.02 -43.04 -65.44
C SER E 216 51.41 -41.69 -66.03
N PRO E 217 52.70 -41.35 -65.99
CA PRO E 217 53.12 -40.01 -66.45
C PRO E 217 52.80 -39.75 -67.92
N VAL E 218 52.90 -40.77 -68.78
CA VAL E 218 52.47 -40.62 -70.17
C VAL E 218 51.00 -40.24 -70.24
N LEU E 219 50.16 -40.87 -69.39
CA LEU E 219 48.78 -40.44 -69.26
C LEU E 219 48.70 -39.10 -68.53
N GLN E 220 49.55 -38.90 -67.51
CA GLN E 220 49.71 -37.60 -66.85
C GLN E 220 50.29 -36.57 -67.81
N ASP E 221 50.92 -37.03 -68.90
CA ASP E 221 51.23 -36.19 -70.05
C ASP E 221 50.13 -36.22 -71.10
N TRP E 222 49.44 -37.36 -71.30
CA TRP E 222 48.32 -37.39 -72.23
C TRP E 222 47.21 -36.45 -71.80
N VAL E 223 47.10 -36.20 -70.49
CA VAL E 223 46.17 -35.19 -69.96
C VAL E 223 46.76 -33.80 -70.01
N THR E 224 48.08 -33.66 -70.18
CA THR E 224 48.71 -32.35 -70.29
C THR E 224 48.22 -31.72 -71.59
N ALA E 225 47.65 -30.52 -71.50
CA ALA E 225 47.11 -29.84 -72.65
C ALA E 225 47.06 -28.35 -72.36
N THR E 226 47.48 -27.55 -73.33
CA THR E 226 47.42 -26.10 -73.21
C THR E 226 46.38 -25.52 -74.16
N ASP E 227 46.50 -25.75 -75.47
CA ASP E 227 45.53 -25.22 -76.42
C ASP E 227 44.84 -26.36 -77.15
N ILE E 228 43.64 -26.08 -77.66
CA ILE E 228 42.78 -27.11 -78.25
C ILE E 228 42.39 -26.64 -79.65
N LYS E 229 42.35 -27.58 -80.59
CA LYS E 229 41.98 -27.30 -81.97
C LYS E 229 40.92 -28.30 -82.39
N VAL E 230 39.92 -27.81 -83.12
CA VAL E 230 38.85 -28.65 -83.66
C VAL E 230 38.59 -28.21 -85.08
N THR E 231 38.75 -29.14 -86.03
CA THR E 231 38.50 -28.90 -87.45
C THR E 231 37.54 -29.96 -87.96
N PHE E 232 36.59 -29.55 -88.81
CA PHE E 232 35.66 -30.47 -89.44
C PHE E 232 35.86 -30.45 -90.94
N SER E 233 35.43 -31.54 -91.58
CA SER E 233 35.34 -31.58 -93.03
C SER E 233 33.94 -32.05 -93.39
N ARG E 234 33.61 -33.29 -93.03
CA ARG E 234 32.33 -33.91 -93.39
C ARG E 234 31.38 -34.00 -92.20
N ASP E 251 18.99 -26.98 -101.83
CA ASP E 251 19.11 -27.17 -100.40
C ASP E 251 20.29 -26.39 -99.78
N SER E 252 20.11 -25.94 -98.53
CA SER E 252 21.19 -25.36 -97.73
C SER E 252 21.49 -26.23 -96.52
N TYR E 253 22.67 -26.88 -96.52
CA TYR E 253 23.15 -27.68 -95.39
C TYR E 253 24.21 -26.88 -94.64
N PHE E 254 24.22 -27.05 -93.33
CA PHE E 254 24.88 -26.12 -92.43
C PHE E 254 25.43 -26.88 -91.23
N TYR E 255 25.83 -26.13 -90.21
CA TYR E 255 26.20 -26.66 -88.90
C TYR E 255 25.77 -25.67 -87.84
N ALA E 256 25.27 -26.20 -86.72
CA ALA E 256 24.71 -25.38 -85.65
C ALA E 256 24.78 -26.16 -84.33
N VAL E 257 24.84 -25.42 -83.22
CA VAL E 257 25.12 -25.98 -81.88
C VAL E 257 24.56 -25.02 -80.83
N SER E 258 23.95 -25.60 -79.78
CA SER E 258 23.23 -24.84 -78.76
C SER E 258 24.01 -24.55 -77.50
N ASP E 259 24.99 -25.38 -77.15
CA ASP E 259 25.69 -25.26 -75.86
C ASP E 259 27.14 -25.71 -76.01
N LEU E 260 27.88 -25.55 -74.91
CA LEU E 260 29.25 -26.03 -74.77
C LEU E 260 29.45 -26.35 -73.30
N GLN E 261 30.02 -27.53 -73.02
CA GLN E 261 30.34 -27.91 -71.65
C GLN E 261 31.68 -28.65 -71.65
N VAL E 262 32.62 -28.21 -70.82
CA VAL E 262 33.87 -28.95 -70.60
C VAL E 262 34.37 -28.66 -69.18
N GLY E 263 34.61 -29.71 -68.40
CA GLY E 263 35.01 -29.58 -67.02
C GLY E 263 36.49 -29.83 -66.80
N GLY E 264 37.05 -29.19 -65.77
CA GLY E 264 38.45 -29.40 -65.48
C GLY E 264 38.87 -28.81 -64.16
N ARG E 265 40.14 -29.04 -63.82
CA ARG E 265 40.77 -28.52 -62.61
C ARG E 265 42.12 -27.92 -62.99
N CYS E 266 42.49 -26.84 -62.29
CA CYS E 266 43.70 -26.14 -62.67
C CYS E 266 44.92 -26.94 -62.23
N LYS E 267 45.85 -27.19 -63.16
CA LYS E 267 46.95 -28.11 -62.91
C LYS E 267 47.97 -27.42 -62.01
N CYS E 268 47.91 -27.74 -60.72
CA CYS E 268 48.86 -27.25 -59.73
C CYS E 268 49.62 -28.40 -59.09
N ASN E 269 49.56 -29.58 -59.68
CA ASN E 269 50.28 -30.75 -59.20
C ASN E 269 49.89 -31.11 -57.77
N GLY E 270 48.69 -30.68 -57.37
CA GLY E 270 48.32 -30.83 -55.98
C GLY E 270 49.01 -29.87 -55.04
N HIS E 271 49.67 -28.83 -55.59
CA HIS E 271 50.45 -27.89 -54.81
C HIS E 271 49.80 -26.51 -54.72
N ALA E 272 48.61 -26.33 -55.29
CA ALA E 272 47.84 -25.11 -55.15
C ALA E 272 46.37 -25.48 -55.25
N SER E 273 45.57 -24.91 -54.35
CA SER E 273 44.15 -25.23 -54.30
C SER E 273 43.34 -24.47 -55.35
N ARG E 274 43.95 -23.56 -56.09
CA ARG E 274 43.25 -22.82 -57.14
C ARG E 274 44.28 -22.09 -57.99
N CYS E 275 43.80 -21.24 -58.89
CA CYS E 275 44.65 -20.47 -59.78
C CYS E 275 44.15 -19.03 -59.87
N VAL E 276 45.09 -18.09 -59.79
CA VAL E 276 44.80 -16.67 -59.78
C VAL E 276 45.65 -15.99 -60.85
N ARG E 277 45.31 -14.73 -61.14
CA ARG E 277 46.00 -14.01 -62.20
C ARG E 277 47.36 -13.52 -61.72
N ASP E 278 48.13 -12.89 -62.62
CA ASP E 278 49.44 -12.32 -62.33
C ASP E 278 49.27 -10.82 -62.13
N ARG E 279 50.36 -10.20 -61.67
CA ARG E 279 50.46 -8.75 -61.55
C ARG E 279 50.27 -8.06 -62.88
N ASP E 280 50.48 -8.78 -64.00
CA ASP E 280 50.20 -8.35 -65.36
C ASP E 280 49.06 -9.17 -65.97
N ASP E 281 48.10 -9.59 -65.13
CA ASP E 281 46.89 -10.30 -65.56
C ASP E 281 47.24 -11.62 -66.28
N ASN E 282 47.81 -12.57 -65.52
CA ASN E 282 48.17 -13.89 -66.08
C ASN E 282 47.82 -14.99 -65.08
N LEU E 283 46.89 -15.88 -65.45
CA LEU E 283 46.35 -16.88 -64.53
C LEU E 283 47.42 -17.92 -64.17
N VAL E 284 47.76 -17.98 -62.87
CA VAL E 284 48.81 -18.85 -62.35
C VAL E 284 48.30 -19.58 -61.11
N CYS E 285 48.92 -20.73 -60.84
CA CYS E 285 48.65 -21.45 -59.61
C CYS E 285 49.24 -20.69 -58.43
N ASP E 286 48.51 -20.68 -57.31
CA ASP E 286 49.10 -20.20 -56.05
C ASP E 286 49.94 -21.34 -55.47
N CYS E 287 51.07 -21.56 -56.13
CA CYS E 287 51.88 -22.76 -55.88
C CYS E 287 52.42 -22.80 -54.46
N LYS E 288 51.87 -23.72 -53.67
CA LYS E 288 52.28 -24.04 -52.30
C LYS E 288 53.11 -25.33 -52.33
N HIS E 289 53.38 -25.90 -51.15
CA HIS E 289 54.23 -27.10 -51.04
C HIS E 289 55.61 -26.83 -51.61
N ASN E 290 56.09 -25.60 -51.41
CA ASN E 290 57.42 -25.19 -51.82
C ASN E 290 57.58 -25.20 -53.33
N THR E 291 56.50 -24.99 -54.06
CA THR E 291 56.51 -25.09 -55.51
C THR E 291 56.41 -23.72 -56.15
N ALA E 292 56.89 -23.63 -57.38
CA ALA E 292 56.90 -22.40 -58.16
C ALA E 292 56.46 -22.73 -59.57
N GLY E 293 56.38 -21.69 -60.41
CA GLY E 293 55.87 -21.86 -61.74
C GLY E 293 54.37 -21.68 -61.72
N PRO E 294 53.79 -21.26 -62.85
CA PRO E 294 52.33 -21.06 -62.89
C PRO E 294 51.53 -22.33 -62.63
N GLU E 295 52.15 -23.52 -62.66
CA GLU E 295 51.47 -24.78 -62.47
C GLU E 295 52.00 -25.55 -61.27
N CYS E 296 52.87 -24.94 -60.47
CA CYS E 296 53.64 -25.62 -59.42
C CYS E 296 54.57 -26.66 -60.00
N ASP E 297 54.90 -26.49 -61.28
CA ASP E 297 55.71 -27.45 -62.03
C ASP E 297 57.16 -27.46 -61.56
N ARG E 298 57.65 -26.36 -60.98
CA ARG E 298 59.03 -26.24 -60.54
C ARG E 298 59.07 -25.87 -59.06
N CYS E 299 60.25 -26.05 -58.46
CA CYS E 299 60.47 -25.65 -57.08
C CYS E 299 60.75 -24.14 -57.00
N LYS E 300 60.53 -23.59 -55.80
CA LYS E 300 60.87 -22.21 -55.54
C LYS E 300 62.39 -22.04 -55.49
N PRO E 301 62.89 -20.83 -55.76
CA PRO E 301 64.32 -20.57 -55.67
C PRO E 301 64.89 -20.96 -54.31
N PHE E 302 66.12 -21.48 -54.33
CA PHE E 302 66.81 -21.95 -53.12
C PHE E 302 66.11 -23.19 -52.54
N HIS E 303 65.43 -23.97 -53.40
CA HIS E 303 64.81 -25.23 -52.96
C HIS E 303 65.34 -26.41 -53.80
N TYR E 304 66.58 -26.83 -53.52
CA TYR E 304 67.18 -27.85 -54.38
C TYR E 304 67.83 -28.98 -53.58
N ASP E 305 67.21 -29.45 -52.50
CA ASP E 305 67.78 -30.60 -51.80
C ASP E 305 67.34 -31.90 -52.45
N ARG E 306 66.04 -32.05 -52.68
CA ARG E 306 65.58 -33.13 -53.51
C ARG E 306 64.81 -32.55 -54.69
N PRO E 307 64.82 -33.20 -55.84
CA PRO E 307 64.26 -32.58 -57.05
C PRO E 307 62.78 -32.26 -56.94
N TRP E 308 62.26 -31.53 -57.92
CA TRP E 308 60.84 -31.21 -57.91
C TRP E 308 60.03 -32.49 -58.04
N GLN E 309 58.90 -32.54 -57.33
CA GLN E 309 58.01 -33.69 -57.40
C GLN E 309 56.58 -33.20 -57.28
N ARG E 310 55.64 -34.08 -57.63
CA ARG E 310 54.21 -33.81 -57.61
C ARG E 310 53.59 -34.45 -56.38
N ALA E 311 52.61 -33.75 -55.78
CA ALA E 311 51.95 -34.26 -54.59
C ALA E 311 51.23 -35.56 -54.88
N THR E 312 51.59 -36.62 -54.18
CA THR E 312 50.97 -37.93 -54.36
C THR E 312 50.08 -38.27 -53.18
N ALA E 313 49.24 -39.28 -53.37
CA ALA E 313 48.41 -39.77 -52.27
C ALA E 313 49.29 -40.30 -51.16
N ARG E 314 50.43 -40.90 -51.52
CA ARG E 314 51.39 -41.36 -50.52
C ARG E 314 52.18 -40.19 -49.93
N GLU E 315 52.65 -39.27 -50.78
CA GLU E 315 53.49 -38.16 -50.34
C GLU E 315 53.07 -36.87 -51.04
N ALA E 316 52.97 -35.77 -50.28
CA ALA E 316 52.69 -34.51 -50.98
C ALA E 316 53.91 -34.01 -51.73
N ASN E 317 54.97 -34.82 -51.76
CA ASN E 317 56.24 -34.61 -52.46
C ASN E 317 56.52 -33.14 -52.76
N GLU E 318 56.55 -32.36 -51.68
CA GLU E 318 56.83 -30.93 -51.76
C GLU E 318 58.30 -30.72 -52.07
N CYS E 319 58.64 -29.48 -52.43
CA CYS E 319 60.06 -29.17 -52.60
C CYS E 319 60.70 -28.89 -51.25
N VAL E 320 62.03 -28.87 -51.24
CA VAL E 320 62.78 -28.68 -50.00
C VAL E 320 63.99 -27.81 -50.28
N ALA E 321 64.22 -26.84 -49.41
CA ALA E 321 65.30 -25.88 -49.56
C ALA E 321 66.65 -26.52 -49.27
N CYS E 322 67.71 -25.78 -49.56
CA CYS E 322 69.04 -26.20 -49.17
C CYS E 322 69.29 -25.76 -47.75
N ASN E 323 70.14 -26.49 -47.04
CA ASN E 323 70.50 -26.13 -45.68
C ASN E 323 71.78 -25.33 -45.73
N CYS E 324 71.74 -24.09 -45.22
CA CYS E 324 72.90 -23.23 -45.13
C CYS E 324 73.18 -22.71 -43.73
N ASN E 325 72.38 -23.10 -42.75
CA ASN E 325 72.54 -22.66 -41.37
C ASN E 325 72.61 -21.14 -41.31
N LEU E 326 71.76 -20.48 -42.11
CA LEU E 326 71.66 -19.01 -42.15
C LEU E 326 72.97 -18.35 -42.60
N HIS E 327 73.54 -18.88 -43.69
CA HIS E 327 74.82 -18.37 -44.18
C HIS E 327 74.88 -18.28 -45.69
N ALA E 328 73.74 -18.23 -46.39
CA ALA E 328 73.77 -18.14 -47.83
C ALA E 328 72.47 -17.56 -48.34
N ARG E 329 72.52 -17.07 -49.58
CA ARG E 329 71.37 -16.49 -50.26
C ARG E 329 70.92 -17.29 -51.47
N ARG E 330 71.84 -18.06 -52.05
CA ARG E 330 71.58 -18.93 -53.20
C ARG E 330 72.14 -20.31 -52.91
N CYS E 331 71.62 -21.30 -53.64
CA CYS E 331 72.14 -22.65 -53.50
C CYS E 331 71.95 -23.38 -54.83
N ARG E 332 72.67 -24.48 -54.99
CA ARG E 332 72.53 -25.32 -56.16
C ARG E 332 72.38 -26.78 -55.73
N PHE E 333 72.43 -27.67 -56.70
CA PHE E 333 72.21 -29.08 -56.40
C PHE E 333 72.89 -29.92 -57.47
N ASN E 334 73.32 -31.12 -57.07
CA ASN E 334 73.76 -32.13 -58.00
C ASN E 334 73.17 -33.46 -57.54
N MET E 335 72.72 -34.28 -58.50
CA MET E 335 72.01 -35.51 -58.16
C MET E 335 72.90 -36.48 -57.38
N GLU E 336 74.19 -36.55 -57.75
CA GLU E 336 75.12 -37.45 -57.05
C GLU E 336 75.08 -37.22 -55.55
N LEU E 337 74.93 -35.96 -55.14
CA LEU E 337 74.72 -35.64 -53.73
C LEU E 337 73.48 -36.36 -53.20
N TYR E 338 72.32 -36.12 -53.82
CA TYR E 338 71.10 -36.82 -53.42
C TYR E 338 71.23 -38.32 -53.64
N LYS E 339 71.83 -38.73 -54.77
CA LYS E 339 72.09 -40.14 -55.03
C LYS E 339 72.93 -40.77 -53.92
N LEU E 340 74.11 -40.20 -53.68
CA LEU E 340 75.01 -40.72 -52.65
C LEU E 340 74.47 -40.48 -51.25
N SER E 341 73.41 -39.69 -51.10
CA SER E 341 72.73 -39.54 -49.83
C SER E 341 71.80 -40.71 -49.53
N GLY E 342 71.88 -41.79 -50.32
CA GLY E 342 70.89 -42.85 -50.25
C GLY E 342 69.51 -42.34 -50.58
N ARG E 343 69.42 -41.36 -51.48
CA ARG E 343 68.19 -40.64 -51.76
C ARG E 343 67.61 -40.00 -50.49
N LYS E 344 68.39 -39.10 -49.90
CA LYS E 344 67.87 -38.42 -48.70
C LYS E 344 68.00 -36.90 -48.76
N SER E 345 69.09 -36.37 -49.33
CA SER E 345 69.32 -34.93 -49.35
C SER E 345 70.37 -34.60 -50.41
N GLY E 346 70.32 -33.39 -50.94
CA GLY E 346 71.30 -32.97 -51.94
C GLY E 346 71.56 -31.48 -52.01
N GLY E 347 71.05 -30.73 -51.04
CA GLY E 347 71.23 -29.29 -51.09
C GLY E 347 72.66 -28.91 -50.80
N VAL E 348 73.06 -27.76 -51.32
CA VAL E 348 74.41 -27.23 -51.15
C VAL E 348 74.36 -25.74 -51.41
N CYS E 349 74.98 -24.97 -50.51
CA CYS E 349 74.85 -23.52 -50.51
C CYS E 349 75.78 -22.83 -51.50
N LEU E 350 75.43 -21.56 -51.74
CA LEU E 350 76.19 -20.63 -52.54
C LEU E 350 76.40 -19.38 -51.69
N ASN E 351 77.60 -18.79 -51.77
CA ASN E 351 77.95 -17.56 -51.06
C ASN E 351 77.81 -17.72 -49.54
N CYS E 352 78.68 -18.57 -48.99
CA CYS E 352 78.67 -18.88 -47.56
C CYS E 352 79.37 -17.77 -46.79
N ARG E 353 78.57 -16.88 -46.17
CA ARG E 353 79.09 -15.71 -45.48
C ARG E 353 79.38 -16.03 -44.01
N HIS E 354 79.72 -14.99 -43.23
CA HIS E 354 79.98 -15.09 -41.80
C HIS E 354 81.11 -16.09 -41.50
N ASN E 355 82.16 -16.05 -42.32
CA ASN E 355 83.34 -16.90 -42.15
C ASN E 355 82.97 -18.37 -42.17
N THR E 356 81.84 -18.70 -42.79
CA THR E 356 81.37 -20.07 -42.92
C THR E 356 81.63 -20.54 -44.34
N ALA E 357 81.58 -21.85 -44.52
CA ALA E 357 81.79 -22.48 -45.82
C ALA E 357 81.30 -23.92 -45.73
N GLY E 358 80.93 -24.47 -46.87
CA GLY E 358 80.55 -25.86 -46.92
C GLY E 358 79.21 -26.05 -47.60
N ARG E 359 78.84 -27.33 -47.71
CA ARG E 359 77.53 -27.68 -48.25
C ARG E 359 76.40 -27.00 -47.49
N HIS E 360 76.54 -26.91 -46.16
CA HIS E 360 75.62 -26.15 -45.31
C HIS E 360 76.24 -24.86 -44.78
N CYS E 361 77.34 -24.39 -45.38
CA CYS E 361 78.14 -23.31 -44.80
C CYS E 361 78.41 -23.63 -43.32
N HIS E 362 78.74 -24.90 -43.07
CA HIS E 362 78.65 -25.51 -41.75
C HIS E 362 80.00 -25.74 -41.09
N TYR E 363 81.01 -24.91 -41.40
CA TYR E 363 82.27 -24.95 -40.67
C TYR E 363 82.96 -23.60 -40.79
N CYS E 364 83.78 -23.28 -39.79
CA CYS E 364 84.52 -22.04 -39.78
C CYS E 364 85.72 -22.15 -40.72
N LYS E 365 85.91 -21.14 -41.56
CA LYS E 365 86.94 -21.17 -42.58
C LYS E 365 88.33 -20.99 -41.98
N GLU E 366 89.34 -21.05 -42.84
CA GLU E 366 90.73 -20.85 -42.43
C GLU E 366 90.97 -19.41 -41.98
N GLY E 367 91.58 -19.25 -40.82
CA GLY E 367 91.71 -17.95 -40.21
C GLY E 367 90.90 -17.81 -38.97
N PHE E 368 89.75 -18.49 -38.94
CA PHE E 368 88.80 -18.48 -37.82
C PHE E 368 88.80 -19.86 -37.17
N TYR E 369 88.05 -20.00 -36.07
CA TYR E 369 87.83 -21.29 -35.41
C TYR E 369 86.37 -21.40 -35.07
N ARG E 370 85.99 -22.53 -34.47
CA ARG E 370 84.60 -22.79 -34.13
C ARG E 370 84.37 -22.22 -32.73
N ASP E 371 83.57 -21.16 -32.64
CA ASP E 371 83.15 -20.64 -31.35
C ASP E 371 82.07 -21.57 -30.81
N LEU E 372 82.52 -22.65 -30.18
CA LEU E 372 81.60 -23.68 -29.68
C LEU E 372 80.63 -23.12 -28.64
N SER E 373 81.03 -22.07 -27.92
CA SER E 373 80.13 -21.46 -26.95
C SER E 373 78.89 -20.93 -27.63
N LYS E 374 79.03 -20.40 -28.85
CA LYS E 374 77.89 -19.93 -29.62
C LYS E 374 77.21 -21.12 -30.27
N PRO E 375 75.93 -20.99 -30.64
CA PRO E 375 75.25 -22.13 -31.29
C PRO E 375 75.94 -22.52 -32.58
N ILE E 376 75.59 -23.72 -33.07
CA ILE E 376 76.30 -24.31 -34.20
C ILE E 376 76.09 -23.51 -35.48
N SER E 377 75.10 -22.60 -35.48
CA SER E 377 74.75 -21.81 -36.65
C SER E 377 74.76 -20.30 -36.35
N HIS E 378 75.44 -19.87 -35.28
CA HIS E 378 75.42 -18.47 -34.89
C HIS E 378 76.10 -17.59 -35.94
N ARG E 379 75.63 -16.35 -36.02
CA ARG E 379 76.11 -15.41 -37.04
C ARG E 379 77.59 -15.10 -36.89
N LYS E 380 78.12 -15.16 -35.67
CA LYS E 380 79.56 -14.99 -35.43
C LYS E 380 80.13 -16.21 -34.74
N ALA E 381 79.61 -17.39 -35.08
CA ALA E 381 80.05 -18.65 -34.50
C ALA E 381 81.45 -19.00 -34.92
N CYS E 382 81.98 -18.22 -35.85
CA CYS E 382 83.35 -18.37 -36.32
C CYS E 382 84.12 -17.17 -35.83
N LYS E 383 85.15 -17.40 -35.03
CA LYS E 383 85.99 -16.33 -34.51
C LYS E 383 87.43 -16.54 -34.96
N GLU E 384 88.14 -15.44 -35.18
CA GLU E 384 89.50 -15.53 -35.70
C GLU E 384 90.38 -16.28 -34.72
N CYS E 385 91.43 -16.91 -35.24
CA CYS E 385 92.37 -17.58 -34.35
C CYS E 385 93.21 -16.44 -33.79
N ASP E 386 92.80 -15.93 -32.63
CA ASP E 386 93.51 -14.84 -32.00
C ASP E 386 94.66 -15.45 -31.21
N CYS E 387 95.61 -15.99 -31.94
CA CYS E 387 96.75 -16.68 -31.36
C CYS E 387 97.76 -15.70 -30.81
N HIS E 388 98.38 -16.07 -29.69
CA HIS E 388 99.35 -15.26 -28.99
C HIS E 388 100.49 -14.87 -29.93
N PRO E 389 100.65 -13.59 -30.24
CA PRO E 389 101.71 -13.17 -31.17
C PRO E 389 103.12 -13.56 -30.74
N VAL E 390 103.32 -13.92 -29.46
CA VAL E 390 104.60 -14.39 -28.93
C VAL E 390 104.50 -15.87 -28.55
N GLY E 391 103.53 -16.21 -27.69
CA GLY E 391 103.37 -17.56 -27.18
C GLY E 391 102.86 -18.58 -28.18
N ALA E 392 102.18 -18.13 -29.24
CA ALA E 392 101.77 -19.05 -30.30
C ALA E 392 102.81 -19.01 -31.41
N ALA E 393 103.08 -20.17 -32.00
CA ALA E 393 104.16 -20.28 -32.98
C ALA E 393 103.67 -19.91 -34.38
N GLY E 394 102.42 -20.21 -34.68
CA GLY E 394 101.80 -19.93 -35.95
C GLY E 394 100.53 -19.12 -35.75
N GLN E 395 99.84 -18.80 -36.84
CA GLN E 395 98.65 -17.97 -36.77
C GLN E 395 97.36 -18.77 -36.70
N THR E 396 97.27 -19.89 -37.44
CA THR E 396 96.07 -20.69 -37.45
C THR E 396 95.94 -21.50 -36.16
N CYS E 397 94.75 -22.08 -35.98
CA CYS E 397 94.45 -22.86 -34.79
C CYS E 397 93.55 -24.03 -35.19
N ASN E 398 93.52 -25.09 -34.36
CA ASN E 398 92.77 -26.30 -34.70
C ASN E 398 91.30 -25.95 -34.84
N GLN E 399 90.82 -25.86 -36.10
CA GLN E 399 89.52 -25.30 -36.43
C GLN E 399 88.41 -25.87 -35.54
N THR E 400 88.58 -27.12 -35.13
CA THR E 400 87.73 -27.77 -34.14
C THR E 400 88.03 -27.27 -32.73
N THR E 401 89.27 -27.48 -32.25
CA THR E 401 89.67 -27.11 -30.90
C THR E 401 90.04 -25.63 -30.77
N GLY E 402 90.25 -24.92 -31.88
CA GLY E 402 90.74 -23.56 -31.80
C GLY E 402 92.09 -23.46 -31.12
N GLN E 403 92.75 -24.60 -30.91
CA GLN E 403 94.03 -24.60 -30.22
C GLN E 403 95.06 -23.84 -31.03
N CYS E 404 95.54 -22.74 -30.46
CA CYS E 404 96.56 -21.96 -31.11
C CYS E 404 97.87 -22.73 -31.10
N PRO E 405 98.84 -22.33 -31.89
CA PRO E 405 100.08 -23.12 -31.92
C PRO E 405 100.89 -22.94 -30.64
N CYS E 406 100.56 -23.71 -29.61
CA CYS E 406 101.33 -23.65 -28.37
C CYS E 406 102.73 -24.15 -28.69
N LYS E 407 103.71 -23.29 -28.48
CA LYS E 407 105.08 -23.65 -28.80
C LYS E 407 105.70 -24.32 -27.59
N ASP E 408 106.77 -25.06 -27.85
CA ASP E 408 107.19 -26.22 -27.04
C ASP E 408 106.77 -26.16 -25.58
N GLY E 409 107.17 -25.13 -24.85
CA GLY E 409 106.75 -25.07 -23.47
C GLY E 409 105.59 -24.14 -23.20
N VAL E 410 105.08 -23.46 -24.21
CA VAL E 410 103.95 -22.57 -24.04
C VAL E 410 102.66 -23.38 -24.03
N THR E 411 101.75 -23.01 -23.13
CA THR E 411 100.41 -23.57 -23.07
C THR E 411 99.38 -22.45 -23.02
N GLY E 412 98.13 -22.77 -22.75
CA GLY E 412 97.05 -21.80 -22.84
C GLY E 412 96.29 -21.91 -24.15
N ILE E 413 95.03 -21.46 -24.12
CA ILE E 413 94.16 -21.61 -25.28
C ILE E 413 94.74 -20.86 -26.49
N THR E 414 95.00 -19.56 -26.32
CA THR E 414 95.72 -18.78 -27.31
C THR E 414 97.22 -18.99 -27.21
N CYS E 415 97.65 -19.90 -26.32
CA CYS E 415 99.06 -20.22 -26.04
C CYS E 415 99.77 -19.00 -25.44
N ASN E 416 99.31 -18.66 -24.24
CA ASN E 416 99.80 -17.52 -23.47
C ASN E 416 100.52 -17.91 -22.19
N ARG E 417 99.98 -18.84 -21.41
CA ARG E 417 100.56 -19.24 -20.14
C ARG E 417 101.71 -20.20 -20.35
N CYS E 418 102.53 -20.36 -19.32
CA CYS E 418 103.57 -21.37 -19.29
C CYS E 418 103.07 -22.61 -18.55
N ALA E 419 103.66 -23.75 -18.87
CA ALA E 419 103.15 -25.00 -18.32
C ALA E 419 103.81 -25.32 -16.99
N LYS E 420 103.33 -26.40 -16.36
CA LYS E 420 103.91 -26.86 -15.10
C LYS E 420 105.36 -27.30 -15.30
N GLY E 421 106.28 -26.66 -14.59
CA GLY E 421 107.67 -26.95 -14.83
C GLY E 421 108.22 -26.22 -16.02
N TYR E 422 107.56 -25.15 -16.45
CA TYR E 422 108.00 -24.36 -17.60
C TYR E 422 108.04 -22.91 -17.11
N GLN E 423 109.23 -22.34 -17.08
CA GLN E 423 109.41 -21.01 -16.54
C GLN E 423 109.33 -19.97 -17.64
N GLN E 424 108.46 -18.96 -17.46
CA GLN E 424 108.35 -17.90 -18.44
C GLN E 424 109.59 -17.00 -18.39
N SER E 425 110.05 -16.59 -19.56
CA SER E 425 111.18 -15.67 -19.69
C SER E 425 110.74 -14.42 -20.44
N ARG E 426 111.38 -13.30 -20.11
CA ARG E 426 111.11 -12.07 -20.84
C ARG E 426 111.78 -12.07 -22.20
N SER E 427 112.41 -13.19 -22.57
CA SER E 427 112.96 -13.33 -23.91
C SER E 427 111.81 -13.16 -24.90
N PRO E 428 111.92 -12.26 -25.86
CA PRO E 428 110.82 -12.01 -26.79
C PRO E 428 110.58 -13.16 -27.77
N ILE E 429 111.24 -14.31 -27.55
CA ILE E 429 111.17 -15.46 -28.44
C ILE E 429 110.75 -16.73 -27.70
N ALA E 430 111.46 -17.06 -26.61
CA ALA E 430 111.20 -18.29 -25.85
C ALA E 430 110.80 -17.94 -24.43
N PRO E 431 109.48 -17.81 -24.13
CA PRO E 431 109.08 -17.50 -22.76
C PRO E 431 109.23 -18.69 -21.82
N CYS E 432 108.75 -19.88 -22.19
CA CYS E 432 108.67 -21.01 -21.26
C CYS E 432 109.91 -21.89 -21.29
N ILE E 433 110.44 -22.22 -20.10
CA ILE E 433 111.64 -23.03 -19.94
C ILE E 433 111.40 -24.10 -18.89
N LYS E 434 111.83 -25.33 -19.21
CA LYS E 434 111.74 -26.48 -18.34
C LYS E 434 112.49 -26.22 -17.03
N ILE E 435 112.29 -27.12 -16.07
CA ILE E 435 112.96 -27.00 -14.77
C ILE E 435 113.91 -28.19 -14.63
N PRO E 436 115.13 -27.99 -14.09
CA PRO E 436 116.09 -29.07 -13.83
C PRO E 436 115.65 -29.97 -12.68
N PRO F 19 -35.12 27.84 1.70
CA PRO F 19 -35.75 28.41 0.50
C PRO F 19 -35.86 29.92 0.60
N ASP F 20 -37.08 30.44 0.48
CA ASP F 20 -37.32 31.86 0.64
C ASP F 20 -37.47 32.15 2.13
N PRO F 21 -36.60 32.96 2.73
CA PRO F 21 -36.76 33.27 4.17
C PRO F 21 -38.06 34.00 4.46
N CYS F 22 -38.79 34.41 3.43
CA CYS F 22 -40.13 34.95 3.54
C CYS F 22 -41.16 33.87 3.76
N TYR F 23 -40.76 32.59 3.75
CA TYR F 23 -41.66 31.47 3.94
C TYR F 23 -40.99 30.45 4.87
N ASP F 24 -41.80 29.86 5.76
CA ASP F 24 -41.32 29.07 6.88
C ASP F 24 -40.81 27.70 6.41
N GLU F 25 -40.35 26.91 7.37
CA GLU F 25 -39.97 25.52 7.14
C GLU F 25 -41.02 24.81 6.29
N HIS F 26 -42.29 24.94 6.67
CA HIS F 26 -43.42 24.44 5.88
C HIS F 26 -43.95 25.50 4.93
N GLY F 27 -43.06 26.28 4.31
CA GLY F 27 -43.44 27.41 3.48
C GLY F 27 -44.41 28.42 4.06
N LEU F 28 -44.58 28.50 5.37
CA LEU F 28 -45.50 29.49 5.94
C LEU F 28 -44.91 30.87 5.74
N PRO F 29 -45.66 31.85 5.21
CA PRO F 29 -45.04 33.14 4.91
C PRO F 29 -44.51 33.84 6.16
N ARG F 30 -43.38 33.31 6.67
CA ARG F 30 -42.77 33.87 7.85
C ARG F 30 -42.14 35.22 7.53
N ARG F 31 -42.03 36.06 8.55
CA ARG F 31 -41.42 37.36 8.38
C ARG F 31 -39.96 37.22 7.96
N CYS F 32 -39.60 37.89 6.86
CA CYS F 32 -38.25 37.85 6.32
C CYS F 32 -37.60 39.23 6.39
N ILE F 33 -36.35 39.24 6.85
CA ILE F 33 -35.67 40.46 7.26
C ILE F 33 -34.31 40.57 6.56
N PRO F 34 -33.96 41.75 6.03
CA PRO F 34 -32.57 41.97 5.59
C PRO F 34 -31.61 41.94 6.77
N ASP F 35 -30.44 41.34 6.55
CA ASP F 35 -29.48 41.23 7.63
C ASP F 35 -28.92 42.60 8.01
N PHE F 36 -28.39 42.69 9.23
CA PHE F 36 -27.85 43.95 9.72
C PHE F 36 -26.52 44.23 9.03
N VAL F 37 -26.44 45.34 8.30
CA VAL F 37 -25.29 45.67 7.46
C VAL F 37 -24.96 47.15 7.62
N ASN F 38 -23.70 47.49 7.37
CA ASN F 38 -23.31 48.89 7.35
C ASN F 38 -24.01 49.61 6.21
N SER F 39 -24.38 50.87 6.47
CA SER F 39 -25.16 51.67 5.53
C SER F 39 -24.30 52.67 4.75
N ALA F 40 -23.49 53.47 5.43
CA ALA F 40 -22.70 54.52 4.77
C ALA F 40 -21.39 54.02 4.16
N PHE F 41 -21.34 52.77 3.69
CA PHE F 41 -20.08 52.24 3.15
C PHE F 41 -20.06 52.55 1.66
N GLY F 42 -19.27 53.57 1.31
CA GLY F 42 -18.98 53.88 -0.08
C GLY F 42 -19.86 54.96 -0.68
N LYS F 43 -20.71 55.62 0.10
CA LYS F 43 -21.69 56.53 -0.46
C LYS F 43 -21.09 57.94 -0.53
N GLU F 44 -21.65 58.76 -1.40
CA GLU F 44 -21.15 60.12 -1.55
C GLU F 44 -22.00 61.08 -0.73
N VAL F 45 -21.34 62.14 -0.24
CA VAL F 45 -21.97 63.14 0.59
C VAL F 45 -21.48 64.51 0.14
N LYS F 46 -22.42 65.45 -0.06
CA LYS F 46 -22.07 66.84 -0.26
C LYS F 46 -22.02 67.53 1.09
N VAL F 47 -20.94 68.30 1.32
CA VAL F 47 -20.66 68.90 2.61
C VAL F 47 -20.51 70.41 2.43
N SER F 48 -20.20 71.12 3.51
CA SER F 48 -20.05 72.58 3.39
C SER F 48 -18.65 72.99 2.94
N SER F 49 -17.62 72.56 3.66
CA SER F 49 -16.26 72.91 3.27
C SER F 49 -15.28 71.96 3.93
N THR F 50 -14.05 71.97 3.42
CA THR F 50 -12.99 71.09 3.89
C THR F 50 -11.66 71.63 3.40
N CYS F 51 -10.58 71.14 4.03
CA CYS F 51 -9.24 71.59 3.67
C CYS F 51 -9.00 71.39 2.17
N GLY F 52 -8.06 72.17 1.65
CA GLY F 52 -7.64 72.03 0.27
C GLY F 52 -8.29 73.01 -0.69
N LYS F 53 -9.24 73.83 -0.24
CA LYS F 53 -9.89 74.84 -1.09
C LYS F 53 -10.04 76.18 -0.39
N PRO F 54 -9.06 77.08 -0.52
CA PRO F 54 -7.74 76.83 -1.15
C PRO F 54 -6.92 75.92 -0.24
N PRO F 55 -5.78 75.34 -0.73
CA PRO F 55 -4.98 74.45 0.14
C PRO F 55 -4.77 75.09 1.51
N SER F 56 -5.17 74.40 2.57
CA SER F 56 -5.19 74.95 3.91
C SER F 56 -4.20 74.24 4.80
N ARG F 57 -3.86 74.87 5.92
CA ARG F 57 -2.93 74.32 6.89
C ARG F 57 -3.71 73.88 8.13
N TYR F 58 -3.04 73.15 9.01
CA TYR F 58 -3.68 72.66 10.22
C TYR F 58 -2.62 72.12 11.16
N CYS F 59 -2.80 72.37 12.46
CA CYS F 59 -1.82 71.96 13.43
C CYS F 59 -2.33 70.80 14.28
N VAL F 60 -1.41 69.91 14.67
CA VAL F 60 -1.70 68.65 15.35
C VAL F 60 -0.79 68.51 16.56
N VAL F 61 -1.36 68.37 17.76
CA VAL F 61 -0.56 68.23 18.98
C VAL F 61 -0.46 66.74 19.34
N THR F 62 0.66 66.36 19.99
CA THR F 62 0.86 65.02 20.50
C THR F 62 1.44 65.13 21.91
N GLU F 63 1.00 64.23 22.80
CA GLU F 63 1.46 64.22 24.19
C GLU F 63 2.55 63.15 24.34
N LYS F 64 3.81 63.58 24.37
CA LYS F 64 4.91 62.65 24.60
C LYS F 64 5.01 62.40 26.10
N GLY F 65 4.21 61.45 26.57
CA GLY F 65 4.24 61.05 27.96
C GLY F 65 3.68 62.09 28.91
N GLU F 66 4.47 63.16 29.14
CA GLU F 66 4.07 64.21 30.06
C GLU F 66 4.07 65.59 29.42
N GLU F 67 5.18 66.01 28.81
CA GLU F 67 5.24 67.35 28.27
C GLU F 67 4.54 67.40 26.90
N GLN F 68 4.59 68.57 26.29
CA GLN F 68 3.77 68.83 25.12
C GLN F 68 4.63 68.89 23.85
N VAL F 69 4.01 68.55 22.72
CA VAL F 69 4.61 68.80 21.42
C VAL F 69 3.50 68.84 20.36
N ARG F 70 3.48 69.91 19.56
CA ARG F 70 2.41 70.16 18.61
C ARG F 70 3.03 70.19 17.22
N SER F 71 2.57 69.30 16.33
CA SER F 71 2.96 69.31 14.93
C SER F 71 1.94 70.13 14.15
N CYS F 72 2.14 70.28 12.84
CA CYS F 72 1.23 71.08 12.05
C CYS F 72 1.44 70.72 10.58
N HIS F 73 0.37 70.67 9.80
CA HIS F 73 0.45 70.20 8.43
C HIS F 73 -0.47 71.03 7.56
N LEU F 74 -0.59 70.62 6.30
CA LEU F 74 -1.37 71.33 5.30
C LEU F 74 -2.17 70.32 4.50
N CYS F 75 -3.08 70.84 3.67
CA CYS F 75 -3.99 70.01 2.90
C CYS F 75 -4.22 70.62 1.53
N ASN F 76 -3.83 69.92 0.46
CA ASN F 76 -4.36 70.22 -0.86
C ASN F 76 -5.27 69.08 -1.29
N ALA F 77 -6.53 69.40 -1.61
CA ALA F 77 -7.43 68.40 -2.16
C ALA F 77 -6.94 67.90 -3.52
N SER F 78 -6.41 68.81 -4.34
CA SER F 78 -5.74 68.40 -5.58
C SER F 78 -4.44 67.64 -5.31
N ASP F 79 -3.92 67.63 -4.07
CA ASP F 79 -2.84 66.73 -3.69
C ASP F 79 -3.49 65.45 -3.19
N PRO F 80 -3.45 64.35 -3.97
CA PRO F 80 -4.19 63.14 -3.60
C PRO F 80 -3.85 62.61 -2.22
N LYS F 81 -2.57 62.41 -1.94
CA LYS F 81 -2.12 61.91 -0.65
C LYS F 81 -2.19 62.98 0.45
N ARG F 82 -2.23 64.26 0.10
CA ARG F 82 -2.42 65.34 1.07
C ARG F 82 -3.87 65.84 1.11
N ALA F 83 -4.73 65.32 0.25
CA ALA F 83 -6.17 65.56 0.33
C ALA F 83 -6.76 64.83 1.52
N HIS F 84 -7.96 65.26 1.91
CA HIS F 84 -8.69 64.64 3.01
C HIS F 84 -10.15 64.52 2.57
N PRO F 85 -10.44 63.57 1.67
CA PRO F 85 -11.79 63.46 1.11
C PRO F 85 -12.75 62.82 2.08
N PRO F 86 -14.07 63.00 1.88
CA PRO F 86 -15.05 62.25 2.69
C PRO F 86 -15.01 60.75 2.45
N SER F 87 -14.40 60.29 1.35
CA SER F 87 -14.23 58.86 1.13
C SER F 87 -13.45 58.23 2.28
N PHE F 88 -12.60 59.04 2.92
CA PHE F 88 -11.91 58.63 4.13
C PHE F 88 -12.86 58.21 5.24
N LEU F 89 -14.12 58.65 5.16
CA LEU F 89 -15.18 58.28 6.08
C LEU F 89 -15.99 57.06 5.63
N THR F 90 -16.14 56.86 4.32
CA THR F 90 -16.91 55.75 3.77
C THR F 90 -16.07 54.50 3.47
N ASP F 91 -14.74 54.63 3.35
CA ASP F 91 -13.86 53.49 3.06
C ASP F 91 -13.81 52.54 4.25
N LEU F 92 -13.28 51.34 4.03
CA LEU F 92 -13.03 50.44 5.16
C LEU F 92 -11.85 50.97 5.96
N ASN F 93 -12.00 51.02 7.29
CA ASN F 93 -10.95 51.60 8.13
C ASN F 93 -9.92 50.56 8.49
N ASN F 94 -8.71 50.71 7.97
CA ASN F 94 -7.63 49.87 8.43
C ASN F 94 -7.14 50.44 9.76
N PRO F 95 -7.23 49.67 10.87
CA PRO F 95 -6.69 50.18 12.16
C PRO F 95 -5.19 50.43 12.12
N HIS F 96 -4.57 50.11 10.98
CA HIS F 96 -3.14 50.31 10.75
C HIS F 96 -2.85 51.23 9.56
N ASN F 97 -3.88 51.62 8.81
CA ASN F 97 -3.77 52.68 7.79
C ASN F 97 -5.10 53.43 7.85
N LEU F 98 -5.17 54.41 8.76
CA LEU F 98 -6.39 55.14 8.98
C LEU F 98 -6.67 56.07 7.78
N THR F 99 -7.91 56.52 7.68
CA THR F 99 -8.35 57.35 6.55
C THR F 99 -8.92 58.65 7.13
N CYS F 100 -8.03 59.58 7.44
CA CYS F 100 -8.43 60.79 8.16
C CYS F 100 -8.94 61.85 7.19
N TRP F 101 -10.25 62.09 7.21
CA TRP F 101 -10.81 63.27 6.55
C TRP F 101 -10.58 64.48 7.45
N GLN F 102 -10.46 65.65 6.82
CA GLN F 102 -10.27 66.89 7.56
C GLN F 102 -11.08 68.00 6.92
N SER F 103 -11.53 68.95 7.75
CA SER F 103 -12.20 70.17 7.29
C SER F 103 -11.19 71.30 7.10
N ASP F 104 -11.66 72.43 6.59
CA ASP F 104 -10.87 73.64 6.66
C ASP F 104 -10.67 74.03 8.10
N SER F 105 -9.70 74.89 8.34
CA SER F 105 -9.36 75.30 9.68
C SER F 105 -9.81 76.74 9.87
N TYR F 106 -9.47 77.32 11.02
CA TYR F 106 -9.87 78.68 11.37
C TYR F 106 -11.39 78.83 11.34
N VAL F 107 -12.07 77.84 11.92
CA VAL F 107 -13.54 77.81 11.95
C VAL F 107 -13.96 77.22 13.29
N GLN F 108 -15.10 77.69 13.80
CA GLN F 108 -15.60 77.28 15.10
C GLN F 108 -17.04 77.78 15.24
N TYR F 109 -17.67 77.45 16.36
CA TYR F 109 -18.91 78.10 16.76
C TYR F 109 -18.69 79.61 16.81
N PRO F 110 -19.69 80.42 16.40
CA PRO F 110 -20.99 79.96 15.93
C PRO F 110 -21.07 79.77 14.42
N HIS F 111 -21.13 78.50 14.00
CA HIS F 111 -21.28 78.19 12.59
C HIS F 111 -21.90 76.81 12.51
N ASN F 112 -22.83 76.63 11.55
CA ASN F 112 -23.42 75.31 11.36
C ASN F 112 -22.37 74.47 10.62
N VAL F 113 -21.52 73.79 11.38
CA VAL F 113 -20.60 72.85 10.72
C VAL F 113 -21.42 71.59 10.52
N THR F 114 -22.16 71.58 9.41
CA THR F 114 -23.25 70.64 9.18
C THR F 114 -22.90 69.66 8.06
N LEU F 115 -23.26 68.39 8.28
CA LEU F 115 -23.14 67.37 7.26
C LEU F 115 -24.51 66.73 7.07
N THR F 116 -24.86 66.50 5.81
CA THR F 116 -26.19 66.07 5.40
C THR F 116 -26.08 64.76 4.64
N LEU F 117 -27.22 64.10 4.45
CA LEU F 117 -27.30 62.89 3.64
C LEU F 117 -28.73 62.61 3.18
N SER F 118 -28.95 62.47 1.87
CA SER F 118 -30.25 62.08 1.33
C SER F 118 -30.09 60.63 0.89
N LEU F 119 -30.92 59.74 1.48
CA LEU F 119 -30.84 58.30 1.20
C LEU F 119 -31.73 57.92 0.00
N GLY F 120 -33.03 57.90 0.22
CA GLY F 120 -33.96 57.41 -0.77
C GLY F 120 -34.70 56.16 -0.34
N LYS F 121 -34.30 55.54 0.76
CA LYS F 121 -34.98 54.39 1.33
C LYS F 121 -35.07 54.57 2.85
N LYS F 122 -36.22 54.19 3.41
CA LYS F 122 -36.45 54.26 4.85
C LYS F 122 -35.72 53.13 5.54
N PHE F 123 -35.18 53.42 6.74
CA PHE F 123 -34.38 52.43 7.46
C PHE F 123 -34.71 52.45 8.94
N GLU F 124 -34.31 51.38 9.63
CA GLU F 124 -34.30 51.32 11.09
C GLU F 124 -32.87 51.19 11.58
N VAL F 125 -32.53 51.97 12.61
CA VAL F 125 -31.17 52.08 13.13
C VAL F 125 -31.19 51.71 14.62
N THR F 126 -30.09 51.14 15.10
CA THR F 126 -29.96 50.85 16.52
C THR F 126 -28.81 51.62 17.18
N TYR F 127 -27.57 51.45 16.72
CA TYR F 127 -26.41 52.09 17.33
C TYR F 127 -25.85 53.22 16.46
N VAL F 128 -25.02 54.05 17.08
CA VAL F 128 -24.31 55.15 16.43
C VAL F 128 -22.84 55.16 16.87
N SER F 129 -21.93 55.06 15.89
CA SER F 129 -20.50 54.97 16.16
C SER F 129 -19.77 56.12 15.46
N LEU F 130 -18.62 56.50 16.02
CA LEU F 130 -17.79 57.59 15.50
C LEU F 130 -16.33 57.19 15.58
N GLN F 131 -15.48 58.04 14.98
CA GLN F 131 -14.04 57.88 14.96
C GLN F 131 -13.41 59.27 14.91
N PHE F 132 -12.11 59.33 15.18
CA PHE F 132 -11.45 60.62 15.32
C PHE F 132 -9.99 60.53 14.88
N CYS F 133 -9.54 61.54 14.12
CA CYS F 133 -8.14 61.92 13.99
C CYS F 133 -7.83 63.24 14.67
N SER F 134 -8.88 63.99 14.99
CA SER F 134 -8.79 65.24 15.73
C SER F 134 -9.34 64.97 17.12
N PRO F 135 -9.13 65.88 18.07
CA PRO F 135 -9.73 65.67 19.38
C PRO F 135 -11.25 65.68 19.30
N ARG F 136 -11.87 65.15 20.35
CA ARG F 136 -13.31 65.11 20.39
C ARG F 136 -13.82 66.47 20.82
N PRO F 137 -14.60 67.16 20.00
CA PRO F 137 -15.06 68.49 20.38
C PRO F 137 -16.13 68.46 21.45
N GLU F 138 -16.71 69.63 21.74
CA GLU F 138 -17.71 69.73 22.78
C GLU F 138 -19.13 69.76 22.21
N SER F 139 -19.42 70.67 21.29
CA SER F 139 -20.77 70.91 20.78
C SER F 139 -20.94 70.33 19.38
N MET F 140 -22.03 69.59 19.19
CA MET F 140 -22.43 68.99 17.93
C MET F 140 -23.91 68.65 18.04
N ALA F 141 -24.54 68.35 16.90
CA ALA F 141 -25.96 68.08 16.94
C ALA F 141 -26.33 66.98 15.95
N ILE F 142 -27.59 66.56 16.04
CA ILE F 142 -28.13 65.51 15.18
C ILE F 142 -29.36 66.06 14.47
N TYR F 143 -29.54 65.66 13.20
CA TYR F 143 -30.80 65.89 12.51
C TYR F 143 -31.22 64.63 11.76
N LYS F 144 -32.44 64.64 11.22
CA LYS F 144 -32.87 63.55 10.36
C LYS F 144 -34.10 64.03 9.58
N SER F 145 -34.53 63.20 8.64
CA SER F 145 -35.74 63.49 7.90
C SER F 145 -36.53 62.21 7.72
N MET F 146 -37.77 62.16 8.22
CA MET F 146 -38.64 61.08 7.75
C MET F 146 -39.10 61.31 6.32
N ASP F 147 -38.61 62.40 5.71
CA ASP F 147 -38.83 62.80 4.33
C ASP F 147 -37.51 62.63 3.58
N TYR F 148 -37.51 63.06 2.33
CA TYR F 148 -36.33 62.94 1.49
C TYR F 148 -35.55 64.26 1.44
N GLY F 149 -34.96 64.61 2.58
CA GLY F 149 -34.12 65.78 2.67
C GLY F 149 -34.82 67.12 2.74
N LYS F 150 -36.12 67.15 3.07
CA LYS F 150 -36.93 68.37 3.06
C LYS F 150 -37.20 68.90 4.46
N THR F 151 -37.80 68.09 5.34
CA THR F 151 -38.03 68.44 6.73
C THR F 151 -36.89 67.84 7.57
N TRP F 152 -36.65 68.41 8.74
CA TRP F 152 -35.51 67.93 9.53
C TRP F 152 -35.82 68.01 11.02
N VAL F 153 -35.51 66.92 11.75
CA VAL F 153 -35.76 66.87 13.19
C VAL F 153 -34.57 66.30 13.98
N PRO F 154 -34.32 66.85 15.18
CA PRO F 154 -33.20 66.39 16.03
C PRO F 154 -33.44 65.15 16.89
N PHE F 155 -32.44 64.85 17.70
CA PHE F 155 -32.44 63.80 18.72
C PHE F 155 -31.77 64.30 19.98
N GLN F 156 -31.17 63.38 20.73
CA GLN F 156 -30.42 63.74 21.93
C GLN F 156 -29.41 64.87 21.67
N PHE F 157 -28.91 65.45 22.74
CA PHE F 157 -27.96 66.55 22.65
C PHE F 157 -26.71 66.19 23.43
N TYR F 158 -25.61 66.86 23.09
CA TYR F 158 -24.35 66.63 23.79
C TYR F 158 -23.62 67.96 23.87
N SER F 159 -23.47 68.46 25.09
CA SER F 159 -22.84 69.75 25.39
C SER F 159 -22.68 69.84 26.90
N THR F 160 -21.88 70.81 27.35
CA THR F 160 -21.78 71.08 28.78
C THR F 160 -23.02 71.80 29.31
N GLN F 161 -23.43 72.89 28.66
CA GLN F 161 -24.64 73.63 29.01
C GLN F 161 -25.78 73.26 28.07
N CYS F 162 -26.52 72.22 28.43
CA CYS F 162 -27.70 71.84 27.66
C CYS F 162 -28.73 72.97 27.65
N ARG F 163 -28.70 73.83 28.67
CA ARG F 163 -29.64 74.93 28.80
C ARG F 163 -29.18 76.18 28.06
N LYS F 164 -28.01 76.72 28.44
CA LYS F 164 -27.57 77.98 27.85
C LYS F 164 -27.44 77.88 26.33
N MET F 165 -27.08 76.71 25.80
CA MET F 165 -26.95 76.53 24.36
C MET F 165 -28.23 75.97 23.72
N TYR F 166 -28.77 74.87 24.26
CA TYR F 166 -29.90 74.22 23.63
C TYR F 166 -31.22 74.49 24.31
N ASN F 167 -31.21 75.22 25.43
CA ASN F 167 -32.40 75.39 26.27
C ASN F 167 -32.98 74.02 26.65
N LYS F 168 -32.10 73.17 27.16
CA LYS F 168 -32.44 71.78 27.43
C LYS F 168 -31.93 71.36 28.80
N PRO F 169 -32.53 70.34 29.40
CA PRO F 169 -31.97 69.77 30.64
C PRO F 169 -30.88 68.76 30.30
N SER F 170 -29.90 68.67 31.21
CA SER F 170 -28.79 67.73 31.05
C SER F 170 -29.17 66.39 31.63
N ARG F 171 -29.03 65.32 30.84
CA ARG F 171 -29.32 63.96 31.24
C ARG F 171 -30.75 63.83 31.76
N ALA F 172 -31.70 64.20 30.90
CA ALA F 172 -33.09 64.08 31.28
C ALA F 172 -33.49 62.61 31.34
N ALA F 173 -34.68 62.36 31.88
CA ALA F 173 -35.16 60.99 32.04
C ALA F 173 -36.02 60.62 30.84
N ILE F 174 -36.04 59.33 30.52
CA ILE F 174 -36.85 58.84 29.42
C ILE F 174 -38.18 58.42 30.04
N THR F 175 -39.16 59.32 29.98
CA THR F 175 -40.49 58.99 30.46
C THR F 175 -41.15 58.03 29.48
N LYS F 176 -41.92 57.08 30.03
CA LYS F 176 -42.68 56.17 29.17
C LYS F 176 -43.75 56.92 28.38
N GLN F 177 -44.33 57.96 29.00
CA GLN F 177 -45.40 58.75 28.40
C GLN F 177 -44.90 59.59 27.24
N ASN F 178 -43.58 59.85 27.17
CA ASN F 178 -42.97 60.45 26.00
C ASN F 178 -41.66 59.69 25.76
N GLU F 179 -41.77 58.52 25.11
CA GLU F 179 -40.55 57.84 24.71
C GLU F 179 -39.84 58.59 23.58
N GLN F 180 -40.48 59.65 23.06
CA GLN F 180 -39.91 60.62 22.14
C GLN F 180 -39.16 61.74 22.86
N GLU F 181 -38.71 61.51 24.10
CA GLU F 181 -37.99 62.55 24.82
C GLU F 181 -36.65 62.81 24.13
N ALA F 182 -36.19 64.04 24.23
CA ALA F 182 -34.90 64.44 23.67
C ALA F 182 -34.06 64.92 24.84
N ILE F 183 -33.14 64.07 25.28
CA ILE F 183 -32.31 64.36 26.44
C ILE F 183 -31.00 64.96 25.96
N CYS F 184 -30.25 65.53 26.88
CA CYS F 184 -28.93 66.10 26.57
C CYS F 184 -27.96 65.61 27.63
N THR F 185 -26.74 65.25 27.23
CA THR F 185 -25.72 64.82 28.17
C THR F 185 -24.33 65.31 27.73
N ASP F 186 -23.41 65.33 28.70
CA ASP F 186 -22.01 65.70 28.48
C ASP F 186 -21.09 64.51 28.26
N SER F 187 -21.62 63.29 28.25
CA SER F 187 -20.79 62.10 28.22
C SER F 187 -19.90 62.02 26.98
N HIS F 188 -18.65 61.61 27.19
CA HIS F 188 -17.71 61.28 26.13
C HIS F 188 -17.44 62.46 25.18
N THR F 189 -17.54 63.68 25.72
CA THR F 189 -17.05 64.86 25.04
C THR F 189 -15.61 65.19 25.46
N ASP F 190 -14.92 64.23 26.07
CA ASP F 190 -13.60 64.45 26.68
C ASP F 190 -12.46 64.21 25.69
N VAL F 191 -11.32 64.84 25.99
CA VAL F 191 -10.05 64.55 25.33
C VAL F 191 -8.97 64.51 26.41
N ARG F 192 -8.22 63.41 26.50
CA ARG F 192 -8.21 62.21 25.63
C ARG F 192 -9.60 61.51 25.54
N PRO F 193 -9.95 60.98 24.35
CA PRO F 193 -9.07 60.95 23.17
C PRO F 193 -8.99 62.25 22.36
N LEU F 194 -7.75 62.72 22.22
CA LEU F 194 -7.37 63.76 21.27
C LEU F 194 -7.29 63.22 19.85
N SER F 195 -7.18 61.90 19.70
CA SER F 195 -7.28 61.23 18.42
C SER F 195 -7.86 59.83 18.68
N GLY F 196 -8.44 59.23 17.65
CA GLY F 196 -9.06 57.93 17.87
C GLY F 196 -10.21 57.95 18.86
N GLY F 197 -10.95 59.06 18.92
CA GLY F 197 -12.05 59.16 19.85
C GLY F 197 -13.14 58.17 19.52
N LEU F 198 -13.72 57.59 20.55
CA LEU F 198 -14.70 56.53 20.43
C LEU F 198 -16.04 57.01 20.96
N ILE F 199 -17.03 57.15 20.07
CA ILE F 199 -18.37 57.57 20.44
C ILE F 199 -19.35 56.47 20.05
N ALA F 200 -20.09 55.96 21.03
CA ALA F 200 -21.07 54.92 20.82
C ALA F 200 -22.41 55.39 21.39
N PHE F 201 -23.47 55.26 20.61
CA PHE F 201 -24.81 55.66 21.04
C PHE F 201 -25.82 54.55 20.75
N SER F 202 -26.64 54.23 21.75
CA SER F 202 -27.73 53.28 21.62
C SER F 202 -29.05 54.01 21.85
N THR F 203 -29.91 54.07 20.82
CA THR F 203 -31.17 54.79 20.93
C THR F 203 -32.08 54.20 22.02
N LEU F 204 -32.02 52.88 22.21
CA LEU F 204 -32.91 52.21 23.15
C LEU F 204 -32.51 52.40 24.61
N ASP F 205 -31.30 52.88 24.88
CA ASP F 205 -30.86 53.04 26.26
C ASP F 205 -31.72 54.07 26.96
N GLY F 206 -32.13 53.75 28.19
CA GLY F 206 -33.00 54.61 28.95
C GLY F 206 -34.47 54.42 28.66
N ARG F 207 -34.83 53.90 27.48
CA ARG F 207 -36.23 53.73 27.12
C ARG F 207 -36.85 52.59 27.94
N PRO F 208 -37.84 52.86 28.79
CA PRO F 208 -38.46 51.77 29.57
C PRO F 208 -39.22 50.78 28.70
N THR F 209 -39.73 51.20 27.54
CA THR F 209 -40.54 50.37 26.65
C THR F 209 -39.74 49.79 25.48
N ALA F 210 -38.44 49.59 25.64
CA ALA F 210 -37.62 49.04 24.56
C ALA F 210 -37.75 47.53 24.44
N HIS F 211 -38.10 46.84 25.53
CA HIS F 211 -38.27 45.39 25.56
C HIS F 211 -39.45 44.91 24.73
N ASP F 212 -40.39 45.79 24.41
CA ASP F 212 -41.53 45.42 23.56
C ASP F 212 -41.61 46.38 22.36
N PHE F 213 -40.51 46.47 21.60
CA PHE F 213 -40.48 47.39 20.46
C PHE F 213 -41.45 46.96 19.37
N ASP F 214 -41.62 45.65 19.16
CA ASP F 214 -42.55 45.20 18.13
C ASP F 214 -43.97 45.63 18.43
N ASN F 215 -44.27 45.90 19.70
CA ASN F 215 -45.56 46.44 20.15
C ASN F 215 -45.39 47.84 20.74
N SER F 216 -44.34 48.55 20.32
CA SER F 216 -44.07 49.93 20.72
C SER F 216 -44.03 50.73 19.42
N PRO F 217 -45.19 51.04 18.84
CA PRO F 217 -45.21 51.74 17.55
C PRO F 217 -44.55 53.10 17.57
N VAL F 218 -44.66 53.82 18.69
CA VAL F 218 -43.93 55.08 18.84
C VAL F 218 -42.43 54.83 18.71
N LEU F 219 -41.94 53.73 19.30
CA LEU F 219 -40.55 53.34 19.07
C LEU F 219 -40.35 52.88 17.63
N GLN F 220 -41.34 52.17 17.07
CA GLN F 220 -41.33 51.81 15.66
C GLN F 220 -41.41 53.05 14.76
N ASP F 221 -41.87 54.18 15.31
CA ASP F 221 -41.71 55.49 14.67
C ASP F 221 -40.44 56.20 15.12
N TRP F 222 -40.01 56.02 16.39
CA TRP F 222 -38.79 56.65 16.86
C TRP F 222 -37.57 56.18 16.08
N VAL F 223 -37.64 54.96 15.52
CA VAL F 223 -36.60 54.40 14.65
C VAL F 223 -36.71 54.86 13.21
N THR F 224 -37.81 55.51 12.83
CA THR F 224 -38.00 55.94 11.45
C THR F 224 -36.95 56.98 11.09
N ALA F 225 -36.28 56.77 9.95
CA ALA F 225 -35.28 57.71 9.46
C ALA F 225 -35.07 57.48 7.98
N THR F 226 -35.09 58.57 7.19
CA THR F 226 -34.79 58.48 5.76
C THR F 226 -33.52 59.26 5.42
N ASP F 227 -33.46 60.57 5.69
CA ASP F 227 -32.28 61.38 5.42
C ASP F 227 -31.75 61.91 6.74
N ILE F 228 -30.43 62.12 6.83
CA ILE F 228 -29.78 62.47 8.09
C ILE F 228 -28.92 63.72 7.90
N LYS F 229 -28.93 64.60 8.91
CA LYS F 229 -28.13 65.82 8.94
C LYS F 229 -27.48 65.93 10.31
N VAL F 230 -26.21 66.37 10.34
CA VAL F 230 -25.45 66.51 11.57
C VAL F 230 -24.67 67.82 11.52
N THR F 231 -24.79 68.64 12.58
CA THR F 231 -24.15 69.95 12.67
C THR F 231 -23.16 70.01 13.82
N PHE F 232 -22.01 70.66 13.58
CA PHE F 232 -21.00 70.91 14.61
C PHE F 232 -20.84 72.40 14.82
N SER F 233 -20.44 72.78 16.03
CA SER F 233 -20.11 74.17 16.30
C SER F 233 -18.78 74.38 17.00
N ARG F 234 -18.65 73.81 18.20
CA ARG F 234 -17.56 74.07 19.15
C ARG F 234 -16.48 72.98 19.15
N LEU F 235 -15.26 73.39 19.50
CA LEU F 235 -14.12 72.53 19.78
C LEU F 235 -13.38 73.12 20.96
N HIS F 236 -12.82 72.26 21.81
CA HIS F 236 -12.11 72.72 22.99
C HIS F 236 -10.87 73.50 22.59
N THR F 237 -10.61 74.58 23.31
CA THR F 237 -9.37 75.35 23.18
C THR F 237 -8.54 75.01 24.41
N PHE F 238 -7.75 73.92 24.31
CA PHE F 238 -7.10 73.37 25.49
C PHE F 238 -5.91 74.20 25.96
N GLY F 239 -5.10 74.75 25.04
CA GLY F 239 -3.84 75.37 25.42
C GLY F 239 -3.95 76.57 26.34
N ASP F 240 -4.46 77.70 25.86
CA ASP F 240 -4.79 77.89 24.44
C ASP F 240 -4.28 79.25 23.94
N ARG F 250 -2.56 81.34 16.90
CA ARG F 250 -1.27 80.67 17.02
C ARG F 250 -1.38 79.24 16.51
N ASP F 251 -2.61 78.74 16.43
CA ASP F 251 -2.88 77.38 16.01
C ASP F 251 -3.95 77.40 14.93
N SER F 252 -3.93 76.39 14.08
CA SER F 252 -4.97 76.18 13.08
C SER F 252 -5.84 75.04 13.58
N TYR F 253 -7.06 75.37 14.01
CA TYR F 253 -7.99 74.39 14.57
C TYR F 253 -9.03 73.98 13.53
N PHE F 254 -9.40 72.70 13.58
CA PHE F 254 -10.13 72.03 12.52
C PHE F 254 -10.94 70.90 13.18
N TYR F 255 -11.45 69.99 12.35
CA TYR F 255 -12.08 68.76 12.80
C TYR F 255 -11.69 67.66 11.83
N ALA F 256 -11.50 66.45 12.38
CA ALA F 256 -11.00 65.34 11.58
C ALA F 256 -11.50 64.02 12.14
N VAL F 257 -11.55 63.01 11.27
CA VAL F 257 -12.16 61.70 11.56
C VAL F 257 -11.62 60.69 10.55
N SER F 258 -11.39 59.46 11.03
CA SER F 258 -10.70 58.42 10.27
C SER F 258 -11.61 57.54 9.43
N ASP F 259 -12.85 57.32 9.86
CA ASP F 259 -13.74 56.47 9.06
C ASP F 259 -15.15 56.61 9.63
N LEU F 260 -16.09 55.93 8.99
CA LEU F 260 -17.45 55.86 9.51
C LEU F 260 -18.06 54.52 9.13
N GLN F 261 -18.76 53.92 10.09
CA GLN F 261 -19.50 52.69 9.90
C GLN F 261 -20.84 52.86 10.59
N VAL F 262 -21.93 52.52 9.90
CA VAL F 262 -23.29 52.58 10.47
C VAL F 262 -24.05 51.35 10.00
N GLY F 263 -24.44 50.49 10.93
CA GLY F 263 -25.09 49.26 10.56
C GLY F 263 -26.60 49.39 10.57
N GLY F 264 -27.24 48.62 9.70
CA GLY F 264 -28.69 48.70 9.63
C GLY F 264 -29.29 47.61 8.76
N ARG F 265 -30.62 47.62 8.71
CA ARG F 265 -31.41 46.72 7.90
C ARG F 265 -32.43 47.55 7.14
N CYS F 266 -32.70 47.14 5.92
CA CYS F 266 -33.56 47.92 5.05
C CYS F 266 -35.01 47.77 5.49
N LYS F 267 -35.72 48.88 5.65
CA LYS F 267 -37.04 48.91 6.28
C LYS F 267 -38.07 48.30 5.34
N CYS F 268 -38.40 47.03 5.58
CA CYS F 268 -39.43 46.31 4.83
C CYS F 268 -40.56 45.81 5.74
N ASN F 269 -40.66 46.34 6.96
CA ASN F 269 -41.72 45.98 7.90
C ASN F 269 -41.74 44.48 8.20
N GLY F 270 -40.63 43.79 7.98
CA GLY F 270 -40.64 42.35 8.11
C GLY F 270 -41.31 41.62 6.96
N HIS F 271 -41.57 42.29 5.85
CA HIS F 271 -42.31 41.64 4.76
C HIS F 271 -41.44 41.33 3.55
N ALA F 272 -40.27 41.96 3.45
CA ALA F 272 -39.30 41.65 2.40
C ALA F 272 -37.98 41.31 3.06
N SER F 273 -37.33 40.27 2.58
CA SER F 273 -36.08 39.81 3.17
C SER F 273 -34.90 40.67 2.78
N ARG F 274 -35.11 41.64 1.90
CA ARG F 274 -34.03 42.50 1.43
C ARG F 274 -34.65 43.68 0.70
N CYS F 275 -33.79 44.44 0.03
CA CYS F 275 -34.18 45.57 -0.79
C CYS F 275 -33.39 45.45 -2.08
N VAL F 276 -34.06 45.70 -3.20
CA VAL F 276 -33.47 45.52 -4.50
C VAL F 276 -33.55 46.85 -5.24
N ARG F 277 -32.73 46.99 -6.27
CA ARG F 277 -32.67 48.23 -7.00
C ARG F 277 -33.89 48.30 -7.91
N ASP F 278 -34.45 49.50 -8.07
CA ASP F 278 -35.59 49.63 -8.97
C ASP F 278 -35.09 49.95 -10.37
N ARG F 279 -36.01 49.88 -11.34
CA ARG F 279 -35.72 50.24 -12.72
C ARG F 279 -35.32 51.70 -12.88
N ASP F 280 -35.62 52.54 -11.90
CA ASP F 280 -35.19 53.93 -11.84
C ASP F 280 -34.14 54.15 -10.74
N ASP F 281 -33.31 53.14 -10.51
CA ASP F 281 -32.19 53.20 -9.56
C ASP F 281 -32.70 53.54 -8.16
N ASN F 282 -33.51 52.64 -7.59
CA ASN F 282 -34.08 52.85 -6.26
C ASN F 282 -33.98 51.55 -5.47
N LEU F 283 -33.15 51.53 -4.42
CA LEU F 283 -33.00 50.33 -3.62
C LEU F 283 -34.29 50.23 -2.80
N VAL F 284 -35.17 49.32 -3.20
CA VAL F 284 -36.49 49.21 -2.60
C VAL F 284 -36.71 47.77 -2.16
N CYS F 285 -37.61 47.60 -1.19
CA CYS F 285 -37.91 46.26 -0.72
C CYS F 285 -38.57 45.42 -1.80
N ASP F 286 -38.12 44.19 -1.91
CA ASP F 286 -38.79 43.17 -2.72
C ASP F 286 -39.94 42.62 -1.87
N CYS F 287 -40.98 43.44 -1.74
CA CYS F 287 -42.01 43.19 -0.76
C CYS F 287 -42.76 41.89 -1.01
N LYS F 288 -42.48 40.90 -0.16
CA LYS F 288 -43.20 39.64 -0.15
C LYS F 288 -44.37 39.75 0.82
N HIS F 289 -44.98 38.62 1.16
CA HIS F 289 -46.11 38.58 2.10
C HIS F 289 -47.24 39.48 1.65
N ASN F 290 -47.38 39.63 0.33
CA ASN F 290 -48.46 40.38 -0.30
C ASN F 290 -48.42 41.87 0.04
N THR F 291 -47.24 42.43 0.30
CA THR F 291 -47.12 43.82 0.71
C THR F 291 -46.54 44.64 -0.44
N ALA F 292 -46.79 45.95 -0.40
CA ALA F 292 -46.32 46.84 -1.46
C ALA F 292 -45.74 48.11 -0.84
N GLY F 293 -45.26 48.98 -1.70
CA GLY F 293 -44.55 50.16 -1.26
C GLY F 293 -43.08 49.84 -1.13
N PRO F 294 -42.20 50.84 -1.26
CA PRO F 294 -40.76 50.58 -1.17
C PRO F 294 -40.34 50.02 0.17
N GLU F 295 -41.21 50.08 1.19
CA GLU F 295 -40.91 49.63 2.54
C GLU F 295 -41.83 48.50 2.99
N CYS F 296 -42.65 47.96 2.07
CA CYS F 296 -43.69 47.00 2.39
C CYS F 296 -44.76 47.59 3.28
N ASP F 297 -44.88 48.93 3.27
CA ASP F 297 -45.77 49.72 4.11
C ASP F 297 -47.24 49.58 3.73
N ARG F 298 -47.55 49.21 2.49
CA ARG F 298 -48.92 49.08 2.02
C ARG F 298 -49.11 47.69 1.42
N CYS F 299 -50.37 47.33 1.18
CA CYS F 299 -50.65 46.09 0.48
C CYS F 299 -50.45 46.28 -1.03
N LYS F 300 -50.20 45.16 -1.72
CA LYS F 300 -50.14 45.17 -3.17
C LYS F 300 -51.52 45.43 -3.73
N PRO F 301 -51.62 45.96 -4.96
CA PRO F 301 -52.94 46.13 -5.56
C PRO F 301 -53.69 44.80 -5.54
N PHE F 302 -54.99 44.87 -5.23
CA PHE F 302 -55.81 43.67 -5.08
C PHE F 302 -55.33 42.81 -3.92
N HIS F 303 -54.67 43.43 -2.94
CA HIS F 303 -54.26 42.70 -1.74
C HIS F 303 -54.83 43.32 -0.47
N TYR F 304 -56.10 43.75 -0.48
CA TYR F 304 -56.67 44.54 0.60
C TYR F 304 -57.91 43.90 1.22
N ASP F 305 -57.92 42.57 1.40
CA ASP F 305 -59.05 41.96 2.11
C ASP F 305 -59.05 42.40 3.57
N ARG F 306 -57.88 42.37 4.20
CA ARG F 306 -57.71 43.06 5.48
C ARG F 306 -56.58 44.06 5.31
N PRO F 307 -56.62 45.19 6.02
CA PRO F 307 -55.67 46.27 5.74
C PRO F 307 -54.23 45.85 5.97
N TRP F 308 -53.31 46.67 5.46
CA TRP F 308 -51.90 46.39 5.66
C TRP F 308 -51.53 46.53 7.12
N GLN F 309 -50.62 45.68 7.57
CA GLN F 309 -50.09 45.76 8.92
C GLN F 309 -48.64 45.30 8.87
N ARG F 310 -47.89 45.60 9.93
CA ARG F 310 -46.48 45.26 10.00
C ARG F 310 -46.30 43.90 10.66
N ALA F 311 -45.35 43.12 10.15
CA ALA F 311 -45.07 41.81 10.72
C ALA F 311 -44.60 41.97 12.16
N THR F 312 -45.28 41.29 13.09
CA THR F 312 -44.95 41.33 14.50
C THR F 312 -44.34 40.01 14.92
N ALA F 313 -43.70 40.02 16.10
CA ALA F 313 -43.12 38.78 16.62
C ALA F 313 -44.20 37.74 16.86
N ARG F 314 -45.39 38.17 17.27
CA ARG F 314 -46.50 37.23 17.43
C ARG F 314 -47.18 36.89 16.11
N GLU F 315 -47.42 37.88 15.23
CA GLU F 315 -48.14 37.66 13.97
C GLU F 315 -47.44 38.39 12.83
N ALA F 316 -47.30 37.72 11.69
CA ALA F 316 -46.67 38.36 10.53
C ALA F 316 -47.60 39.34 9.84
N ASN F 317 -48.83 39.50 10.35
CA ASN F 317 -49.86 40.43 9.85
C ASN F 317 -49.68 40.79 8.38
N GLU F 318 -49.65 39.77 7.53
CA GLU F 318 -49.44 39.97 6.10
C GLU F 318 -50.69 40.55 5.44
N CYS F 319 -50.52 41.03 4.21
CA CYS F 319 -51.68 41.45 3.44
C CYS F 319 -52.30 40.23 2.77
N VAL F 320 -53.54 40.40 2.32
CA VAL F 320 -54.32 39.30 1.75
C VAL F 320 -55.18 39.85 0.61
N ALA F 321 -55.23 39.11 -0.49
CA ALA F 321 -55.92 39.56 -1.70
C ALA F 321 -57.43 39.56 -1.51
N CYS F 322 -58.11 40.14 -2.49
CA CYS F 322 -59.57 40.18 -2.52
C CYS F 322 -60.09 38.86 -3.09
N ASN F 323 -61.32 38.51 -2.76
CA ASN F 323 -61.95 37.32 -3.32
C ASN F 323 -62.92 37.74 -4.40
N CYS F 324 -62.66 37.30 -5.64
CA CYS F 324 -63.55 37.54 -6.77
C CYS F 324 -64.01 36.27 -7.46
N ASN F 325 -63.59 35.09 -6.99
CA ASN F 325 -63.97 33.83 -7.62
C ASN F 325 -63.70 33.86 -9.13
N LEU F 326 -62.56 34.47 -9.51
CA LEU F 326 -62.16 34.58 -10.92
C LEU F 326 -63.19 35.38 -11.73
N HIS F 327 -63.60 36.53 -11.18
CA HIS F 327 -64.68 37.26 -11.84
C HIS F 327 -64.51 38.78 -11.84
N ALA F 328 -63.30 39.30 -11.62
CA ALA F 328 -63.10 40.74 -11.64
C ALA F 328 -61.61 41.03 -11.79
N ARG F 329 -61.30 42.30 -12.08
CA ARG F 329 -59.94 42.76 -12.26
C ARG F 329 -59.48 43.76 -11.21
N ARG F 330 -60.41 44.44 -10.54
CA ARG F 330 -60.13 45.42 -9.51
C ARG F 330 -60.98 45.16 -8.28
N CYS F 331 -60.52 45.64 -7.11
CA CYS F 331 -61.29 45.48 -5.89
C CYS F 331 -60.99 46.63 -4.93
N ARG F 332 -61.84 46.78 -3.92
CA ARG F 332 -61.62 47.75 -2.86
C ARG F 332 -61.91 47.09 -1.51
N PHE F 333 -61.95 47.90 -0.45
CA PHE F 333 -62.13 47.42 0.91
C PHE F 333 -62.73 48.53 1.77
N ASN F 334 -63.46 48.13 2.82
CA ASN F 334 -63.90 49.06 3.86
C ASN F 334 -63.66 48.45 5.23
N MET F 335 -63.21 49.28 6.17
CA MET F 335 -62.86 48.79 7.51
C MET F 335 -64.09 48.29 8.25
N GLU F 336 -65.23 48.98 8.12
CA GLU F 336 -66.43 48.54 8.82
C GLU F 336 -66.74 47.09 8.53
N LEU F 337 -66.47 46.65 7.30
CA LEU F 337 -66.56 45.23 6.97
C LEU F 337 -65.68 44.43 7.92
N TYR F 338 -64.39 44.75 7.96
CA TYR F 338 -63.48 44.09 8.89
C TYR F 338 -63.91 44.33 10.33
N LYS F 339 -64.36 45.56 10.64
CA LYS F 339 -64.89 45.86 11.96
C LYS F 339 -66.04 44.94 12.31
N LEU F 340 -67.10 44.96 11.50
CA LEU F 340 -68.27 44.13 11.76
C LEU F 340 -68.03 42.65 11.48
N SER F 341 -66.91 42.29 10.84
CA SER F 341 -66.62 40.88 10.62
C SER F 341 -66.10 40.18 11.86
N GLY F 342 -66.10 40.84 13.01
CA GLY F 342 -65.40 40.24 14.14
C GLY F 342 -63.92 40.07 13.86
N ARG F 343 -63.33 41.01 13.11
CA ARG F 343 -61.93 40.91 12.65
C ARG F 343 -61.73 39.66 11.79
N LYS F 344 -62.41 39.63 10.64
CA LYS F 344 -62.27 38.45 9.78
C LYS F 344 -61.84 38.68 8.34
N SER F 345 -62.46 39.63 7.62
CA SER F 345 -62.21 39.75 6.18
C SER F 345 -62.65 41.13 5.70
N GLY F 346 -62.94 41.25 4.40
CA GLY F 346 -63.44 42.50 3.84
C GLY F 346 -63.10 42.91 2.41
N GLY F 347 -62.50 42.03 1.61
CA GLY F 347 -62.22 42.39 0.24
C GLY F 347 -63.49 42.39 -0.61
N VAL F 348 -63.49 43.21 -1.67
CA VAL F 348 -64.66 43.31 -2.56
C VAL F 348 -64.29 43.84 -3.94
N CYS F 349 -64.78 43.15 -4.99
CA CYS F 349 -64.39 43.29 -6.38
C CYS F 349 -65.07 44.45 -7.11
N LEU F 350 -64.49 44.80 -8.27
CA LEU F 350 -64.96 45.84 -9.17
C LEU F 350 -65.09 45.35 -10.60
N ASN F 351 -66.12 45.84 -11.30
CA ASN F 351 -66.32 45.62 -12.74
C ASN F 351 -66.43 44.13 -13.09
N CYS F 352 -67.53 43.53 -12.66
CA CYS F 352 -67.74 42.10 -12.80
C CYS F 352 -68.12 41.74 -14.23
N ARG F 353 -67.16 41.24 -15.00
CA ARG F 353 -67.42 40.88 -16.39
C ARG F 353 -67.87 39.42 -16.48
N HIS F 354 -68.10 38.97 -17.72
CA HIS F 354 -68.37 37.56 -18.03
C HIS F 354 -69.52 36.95 -17.21
N ASN F 355 -70.68 37.63 -17.27
CA ASN F 355 -71.90 37.16 -16.61
C ASN F 355 -71.74 37.04 -15.10
N THR F 356 -70.88 37.87 -14.53
CA THR F 356 -70.67 37.85 -13.10
C THR F 356 -71.20 39.14 -12.46
N ALA F 357 -71.49 39.07 -11.17
CA ALA F 357 -71.94 40.20 -10.37
C ALA F 357 -71.86 39.81 -8.90
N GLY F 358 -71.57 40.79 -8.04
CA GLY F 358 -71.54 40.58 -6.60
C GLY F 358 -70.27 41.09 -5.98
N ARG F 359 -70.21 40.97 -4.64
CA ARG F 359 -69.01 41.34 -3.88
C ARG F 359 -67.79 40.57 -4.37
N HIS F 360 -67.97 39.27 -4.63
CA HIS F 360 -66.97 38.44 -5.28
C HIS F 360 -67.33 38.24 -6.74
N CYS F 361 -68.16 39.12 -7.27
CA CYS F 361 -68.80 38.95 -8.57
C CYS F 361 -69.39 37.54 -8.64
N HIS F 362 -69.98 37.13 -7.52
CA HIS F 362 -70.26 35.74 -7.16
C HIS F 362 -71.74 35.38 -7.23
N TYR F 363 -72.50 36.03 -8.11
CA TYR F 363 -73.88 35.59 -8.32
C TYR F 363 -74.31 36.04 -9.71
N CYS F 364 -75.31 35.33 -10.24
CA CYS F 364 -75.88 35.73 -11.51
C CYS F 364 -76.73 36.97 -11.24
N LYS F 365 -76.53 38.01 -12.03
CA LYS F 365 -77.18 39.29 -11.83
C LYS F 365 -78.65 39.20 -12.20
N GLU F 366 -79.36 40.32 -12.16
CA GLU F 366 -80.76 40.32 -12.57
C GLU F 366 -80.72 40.01 -14.06
N GLY F 367 -80.86 38.72 -14.37
CA GLY F 367 -80.49 38.20 -15.67
C GLY F 367 -80.47 36.69 -15.69
N PHE F 368 -79.29 36.15 -15.96
CA PHE F 368 -79.02 34.72 -16.04
C PHE F 368 -79.40 33.99 -14.75
N TYR F 369 -79.26 32.67 -14.74
CA TYR F 369 -79.48 31.85 -13.55
C TYR F 369 -78.26 30.96 -13.35
N ARG F 370 -78.27 30.19 -12.26
CA ARG F 370 -77.12 29.39 -11.87
C ARG F 370 -77.19 27.99 -12.48
N ASP F 371 -76.26 27.71 -13.39
CA ASP F 371 -76.04 26.37 -13.90
C ASP F 371 -75.33 25.55 -12.83
N LEU F 372 -76.09 24.89 -11.97
CA LEU F 372 -75.50 24.16 -10.85
C LEU F 372 -74.51 23.11 -11.32
N SER F 373 -74.75 22.52 -12.49
CA SER F 373 -73.84 21.52 -13.02
C SER F 373 -72.47 22.10 -13.33
N LYS F 374 -72.42 23.32 -13.72
CA LYS F 374 -71.17 23.93 -14.11
C LYS F 374 -70.43 24.41 -12.86
N PRO F 375 -69.09 24.49 -12.89
CA PRO F 375 -68.37 24.93 -11.69
C PRO F 375 -68.72 26.36 -11.30
N ILE F 376 -68.33 26.70 -10.06
CA ILE F 376 -68.71 27.95 -9.43
C ILE F 376 -68.04 29.19 -10.04
N SER F 377 -66.97 29.02 -10.83
CA SER F 377 -66.23 30.18 -11.33
C SER F 377 -66.00 30.20 -12.84
N HIS F 378 -66.74 29.40 -13.60
CA HIS F 378 -66.51 29.35 -15.05
C HIS F 378 -66.87 30.66 -15.73
N ARG F 379 -66.15 30.95 -16.83
CA ARG F 379 -66.40 32.17 -17.59
C ARG F 379 -67.81 32.19 -18.18
N LYS F 380 -68.42 31.02 -18.37
CA LYS F 380 -69.79 30.86 -18.83
C LYS F 380 -70.65 30.19 -17.75
N ALA F 381 -70.32 30.44 -16.48
CA ALA F 381 -71.00 29.77 -15.38
C ALA F 381 -72.47 30.14 -15.30
N CYS F 382 -72.77 31.44 -15.26
CA CYS F 382 -74.15 31.89 -15.23
C CYS F 382 -74.86 31.50 -16.51
N LYS F 383 -76.07 30.97 -16.37
CA LYS F 383 -76.88 30.49 -17.49
C LYS F 383 -78.19 31.26 -17.58
N GLU F 384 -78.65 31.48 -18.81
CA GLU F 384 -79.80 32.33 -19.04
C GLU F 384 -81.07 31.72 -18.44
N CYS F 385 -82.00 32.60 -18.04
CA CYS F 385 -83.31 32.15 -17.59
C CYS F 385 -84.08 31.90 -18.88
N ASP F 386 -84.13 30.63 -19.30
CA ASP F 386 -84.89 30.28 -20.49
C ASP F 386 -86.33 30.02 -20.08
N CYS F 387 -87.00 31.11 -19.71
CA CYS F 387 -88.38 31.02 -19.26
C CYS F 387 -89.29 30.82 -20.46
N HIS F 388 -90.28 29.95 -20.30
CA HIS F 388 -91.22 29.63 -21.35
C HIS F 388 -91.94 30.91 -21.78
N PRO F 389 -91.71 31.40 -23.00
CA PRO F 389 -92.33 32.67 -23.41
C PRO F 389 -93.84 32.65 -23.32
N VAL F 390 -94.44 31.45 -23.25
CA VAL F 390 -95.87 31.27 -23.03
C VAL F 390 -96.14 30.60 -21.69
N GLY F 391 -95.50 29.46 -21.42
CA GLY F 391 -95.76 28.70 -20.22
C GLY F 391 -95.27 29.36 -18.93
N ALA F 392 -94.27 30.23 -19.03
CA ALA F 392 -93.80 31.05 -17.92
C ALA F 392 -94.40 32.44 -18.07
N ALA F 393 -94.73 33.08 -16.94
CA ALA F 393 -95.43 34.37 -17.02
C ALA F 393 -94.44 35.52 -17.26
N GLY F 394 -93.54 35.73 -16.31
CA GLY F 394 -92.52 36.75 -16.47
C GLY F 394 -91.26 36.22 -17.13
N GLN F 395 -90.34 37.13 -17.43
CA GLN F 395 -89.09 36.82 -18.10
C GLN F 395 -87.95 36.59 -17.09
N THR F 396 -88.27 36.63 -15.81
CA THR F 396 -87.29 36.43 -14.74
C THR F 396 -87.53 35.07 -14.11
N CYS F 397 -86.48 34.29 -13.97
CA CYS F 397 -86.58 32.97 -13.37
C CYS F 397 -86.00 33.05 -11.96
N ASN F 398 -86.36 32.07 -11.13
CA ASN F 398 -85.82 32.06 -9.78
C ASN F 398 -84.33 31.79 -9.93
N GLN F 399 -83.57 32.83 -10.33
CA GLN F 399 -82.20 32.68 -10.81
C GLN F 399 -81.36 31.74 -9.94
N THR F 400 -81.75 31.60 -8.67
CA THR F 400 -81.18 30.62 -7.78
C THR F 400 -81.67 29.23 -8.20
N THR F 401 -83.00 29.02 -8.11
CA THR F 401 -83.66 27.77 -8.47
C THR F 401 -83.96 27.69 -9.97
N GLY F 402 -83.70 28.77 -10.71
CA GLY F 402 -84.13 28.90 -12.09
C GLY F 402 -85.61 28.81 -12.31
N GLN F 403 -86.41 28.78 -11.24
CA GLN F 403 -87.84 28.63 -11.37
C GLN F 403 -88.45 29.84 -12.07
N CYS F 404 -88.98 29.60 -13.27
CA CYS F 404 -89.64 30.62 -14.05
C CYS F 404 -91.03 30.88 -13.49
N PRO F 405 -91.71 31.93 -13.92
CA PRO F 405 -93.06 32.18 -13.40
C PRO F 405 -94.12 31.24 -13.96
N CYS F 406 -94.28 30.07 -13.36
CA CYS F 406 -95.32 29.14 -13.79
C CYS F 406 -96.70 29.72 -13.53
N LYS F 407 -97.54 29.74 -14.56
CA LYS F 407 -98.87 30.33 -14.47
C LYS F 407 -99.95 29.31 -14.14
N ASP F 408 -100.45 29.38 -12.90
CA ASP F 408 -101.80 29.00 -12.49
C ASP F 408 -102.10 27.51 -12.58
N GLY F 409 -101.32 26.80 -13.38
CA GLY F 409 -101.46 25.36 -13.49
C GLY F 409 -100.19 24.79 -14.06
N VAL F 410 -99.23 25.68 -14.24
CA VAL F 410 -97.92 25.34 -14.75
C VAL F 410 -97.01 25.03 -13.58
N THR F 411 -96.18 24.00 -13.73
CA THR F 411 -95.09 23.73 -12.81
C THR F 411 -93.81 23.50 -13.61
N GLY F 412 -92.74 23.05 -12.96
CA GLY F 412 -91.48 22.95 -13.68
C GLY F 412 -90.63 24.19 -13.51
N ILE F 413 -89.31 23.99 -13.62
CA ILE F 413 -88.37 25.09 -13.37
C ILE F 413 -88.56 26.20 -14.40
N THR F 414 -88.46 25.88 -15.68
CA THR F 414 -88.74 26.88 -16.71
C THR F 414 -90.22 27.05 -16.99
N CYS F 415 -91.09 26.34 -16.27
CA CYS F 415 -92.54 26.40 -16.47
C CYS F 415 -92.93 25.97 -17.88
N ASN F 416 -92.71 24.69 -18.12
CA ASN F 416 -93.01 24.02 -19.38
C ASN F 416 -94.14 23.02 -19.22
N ARG F 417 -94.12 22.24 -18.14
CA ARG F 417 -95.14 21.26 -17.86
C ARG F 417 -96.36 21.93 -17.24
N CYS F 418 -97.49 21.24 -17.29
CA CYS F 418 -98.66 21.64 -16.53
C CYS F 418 -98.68 20.84 -15.23
N ALA F 419 -99.37 21.36 -14.23
CA ALA F 419 -99.34 20.71 -12.93
C ALA F 419 -100.41 19.64 -12.86
N LYS F 420 -100.46 18.95 -11.72
CA LYS F 420 -101.44 17.89 -11.52
C LYS F 420 -102.85 18.43 -11.64
N GLY F 421 -103.62 17.87 -12.58
CA GLY F 421 -104.96 18.37 -12.81
C GLY F 421 -105.08 19.55 -13.75
N TYR F 422 -104.16 19.68 -14.70
CA TYR F 422 -104.16 20.82 -15.61
C TYR F 422 -104.10 20.35 -17.06
N GLN F 423 -105.13 20.70 -17.84
CA GLN F 423 -105.24 20.27 -19.22
C GLN F 423 -104.55 21.28 -20.12
N GLN F 424 -103.59 20.80 -20.92
CA GLN F 424 -102.86 21.69 -21.80
C GLN F 424 -103.70 22.17 -22.99
N SER F 425 -103.58 23.47 -23.30
CA SER F 425 -104.18 24.05 -24.47
C SER F 425 -103.10 24.75 -25.29
N ARG F 426 -103.29 24.77 -26.61
CA ARG F 426 -102.39 25.47 -27.52
C ARG F 426 -102.66 26.97 -27.56
N SER F 427 -103.49 27.47 -26.64
CA SER F 427 -103.80 28.88 -26.55
C SER F 427 -102.52 29.70 -26.39
N PRO F 428 -102.39 30.80 -27.15
CA PRO F 428 -101.17 31.62 -27.05
C PRO F 428 -101.04 32.33 -25.71
N ILE F 429 -101.96 32.12 -24.78
CA ILE F 429 -101.86 32.73 -23.45
C ILE F 429 -101.99 31.68 -22.35
N ALA F 430 -103.09 30.92 -22.36
CA ALA F 430 -103.35 29.96 -21.28
C ALA F 430 -103.27 28.51 -21.74
N PRO F 431 -102.13 27.84 -21.55
CA PRO F 431 -102.03 26.42 -21.92
C PRO F 431 -102.75 25.48 -20.96
N CYS F 432 -102.56 25.63 -19.66
CA CYS F 432 -103.06 24.64 -18.70
C CYS F 432 -104.46 25.01 -18.22
N ILE F 433 -105.31 23.98 -18.15
CA ILE F 433 -106.72 24.11 -17.80
C ILE F 433 -107.00 23.09 -16.71
N LYS F 434 -107.68 23.52 -15.64
CA LYS F 434 -107.96 22.58 -14.57
C LYS F 434 -108.82 21.44 -15.11
N ILE F 435 -108.69 20.28 -14.48
CA ILE F 435 -109.46 19.10 -14.87
C ILE F 435 -110.30 18.63 -13.68
N PRO F 436 -111.52 18.14 -13.91
CA PRO F 436 -112.36 17.59 -12.84
C PRO F 436 -111.83 16.27 -12.30
N PRO G 19 37.93 -23.58 16.22
CA PRO G 19 37.92 -22.12 16.36
C PRO G 19 39.29 -21.55 16.02
N ASP G 20 40.10 -21.33 17.05
CA ASP G 20 41.49 -20.89 16.84
C ASP G 20 42.41 -21.93 17.47
N PRO G 21 43.20 -22.67 16.68
CA PRO G 21 44.15 -23.62 17.27
C PRO G 21 45.24 -22.95 18.08
N CYS G 22 45.28 -21.62 18.05
CA CYS G 22 46.20 -20.90 18.93
C CYS G 22 45.72 -20.86 20.37
N TYR G 23 44.48 -21.28 20.63
CA TYR G 23 43.90 -21.34 21.97
C TYR G 23 43.04 -22.59 22.08
N ASP G 24 43.08 -23.24 23.24
CA ASP G 24 42.45 -24.54 23.39
C ASP G 24 40.92 -24.39 23.42
N GLU G 25 40.23 -25.53 23.49
CA GLU G 25 38.81 -25.53 23.80
C GLU G 25 38.53 -24.64 25.02
N HIS G 26 39.37 -24.78 26.05
CA HIS G 26 39.34 -23.97 27.25
C HIS G 26 40.11 -22.67 27.06
N GLY G 27 40.05 -22.10 25.85
CA GLY G 27 40.83 -20.94 25.48
C GLY G 27 42.30 -20.98 25.84
N LEU G 28 42.82 -22.15 26.19
CA LEU G 28 44.22 -22.24 26.61
C LEU G 28 45.14 -22.11 25.40
N PRO G 29 46.10 -21.18 25.43
CA PRO G 29 46.98 -21.02 24.26
C PRO G 29 47.79 -22.28 24.00
N ARG G 30 47.57 -22.88 22.83
CA ARG G 30 48.29 -24.07 22.43
C ARG G 30 48.99 -23.77 21.11
N ARG G 31 50.01 -24.57 20.81
CA ARG G 31 50.79 -24.38 19.59
C ARG G 31 49.89 -24.50 18.36
N CYS G 32 49.84 -23.43 17.57
CA CYS G 32 49.06 -23.38 16.34
C CYS G 32 49.98 -23.22 15.14
N ILE G 33 49.78 -24.05 14.12
CA ILE G 33 50.74 -24.24 13.05
C ILE G 33 50.03 -24.01 11.72
N PRO G 34 50.63 -23.27 10.79
CA PRO G 34 50.11 -23.23 9.41
C PRO G 34 50.24 -24.59 8.75
N ASP G 35 49.24 -24.94 7.94
CA ASP G 35 49.26 -26.24 7.32
C ASP G 35 50.41 -26.35 6.33
N PHE G 36 50.86 -27.58 6.08
CA PHE G 36 51.98 -27.82 5.19
C PHE G 36 51.44 -27.65 3.78
N VAL G 37 51.92 -26.62 3.06
CA VAL G 37 51.37 -26.28 1.75
C VAL G 37 52.49 -25.87 0.80
N ASN G 38 52.24 -26.05 -0.48
CA ASN G 38 53.10 -25.49 -1.52
C ASN G 38 52.93 -23.98 -1.57
N SER G 39 54.04 -23.29 -1.80
CA SER G 39 54.06 -21.84 -1.87
C SER G 39 54.35 -21.32 -3.28
N ALA G 40 55.36 -21.88 -3.96
CA ALA G 40 55.85 -21.35 -5.23
C ALA G 40 54.98 -21.70 -6.43
N PHE G 41 53.66 -21.84 -6.26
CA PHE G 41 52.79 -22.22 -7.36
C PHE G 41 52.37 -20.97 -8.11
N GLY G 42 52.90 -20.80 -9.33
CA GLY G 42 52.50 -19.71 -10.20
C GLY G 42 53.46 -18.54 -10.22
N LYS G 43 54.66 -18.67 -9.66
CA LYS G 43 55.52 -17.53 -9.43
C LYS G 43 56.38 -17.22 -10.65
N GLU G 44 56.91 -15.99 -10.66
CA GLU G 44 57.83 -15.53 -11.69
C GLU G 44 59.24 -15.66 -11.13
N VAL G 45 60.19 -15.90 -12.01
CA VAL G 45 61.56 -16.17 -11.61
C VAL G 45 62.49 -15.37 -12.51
N LYS G 46 63.48 -14.71 -11.91
CA LYS G 46 64.55 -14.11 -12.68
C LYS G 46 65.56 -15.22 -12.95
N VAL G 47 65.95 -15.35 -14.21
CA VAL G 47 66.74 -16.48 -14.66
C VAL G 47 68.03 -15.93 -15.27
N SER G 48 68.88 -16.86 -15.70
CA SER G 48 70.09 -16.45 -16.40
C SER G 48 69.81 -16.29 -17.89
N SER G 49 69.10 -17.25 -18.47
CA SER G 49 68.73 -17.23 -19.88
C SER G 49 67.59 -18.22 -20.08
N THR G 50 67.02 -18.19 -21.28
CA THR G 50 65.87 -19.02 -21.64
C THR G 50 65.82 -19.10 -23.16
N CYS G 51 65.33 -20.22 -23.67
CA CYS G 51 65.22 -20.36 -25.11
C CYS G 51 64.29 -19.29 -25.63
N GLY G 52 64.46 -18.92 -26.89
CA GLY G 52 63.57 -17.98 -27.52
C GLY G 52 64.03 -16.55 -27.48
N LYS G 53 65.11 -16.25 -26.75
CA LYS G 53 65.69 -14.91 -26.69
C LYS G 53 67.21 -15.01 -26.75
N PRO G 54 67.81 -14.93 -27.95
CA PRO G 54 67.12 -14.84 -29.25
C PRO G 54 66.39 -16.14 -29.56
N PRO G 55 65.43 -16.15 -30.54
CA PRO G 55 64.65 -17.37 -30.80
C PRO G 55 65.54 -18.60 -30.89
N SER G 56 65.25 -19.61 -30.07
CA SER G 56 66.13 -20.76 -29.94
C SER G 56 65.44 -22.03 -30.42
N ARG G 57 66.26 -23.01 -30.73
CA ARG G 57 65.83 -24.33 -31.16
C ARG G 57 66.40 -25.35 -30.18
N TYR G 58 65.94 -26.60 -30.32
CA TYR G 58 66.45 -27.68 -29.48
C TYR G 58 65.99 -29.00 -30.06
N CYS G 59 66.91 -29.97 -30.06
CA CYS G 59 66.66 -31.31 -30.59
C CYS G 59 66.60 -32.30 -29.43
N VAL G 60 65.81 -33.36 -29.61
CA VAL G 60 65.51 -34.31 -28.54
C VAL G 60 65.80 -35.71 -29.05
N VAL G 61 66.74 -36.43 -28.40
CA VAL G 61 67.05 -37.81 -28.77
C VAL G 61 66.32 -38.72 -27.76
N THR G 62 65.85 -39.86 -28.25
CA THR G 62 65.20 -40.86 -27.40
C THR G 62 65.61 -42.25 -27.87
N GLU G 63 65.61 -43.20 -26.93
CA GLU G 63 65.93 -44.58 -27.23
C GLU G 63 64.63 -45.34 -27.48
N LYS G 64 64.61 -46.13 -28.56
CA LYS G 64 63.46 -47.00 -28.86
C LYS G 64 63.93 -48.42 -28.62
N GLY G 65 63.51 -48.96 -27.47
CA GLY G 65 63.88 -50.30 -27.07
C GLY G 65 65.33 -50.36 -26.62
N GLU G 66 66.26 -50.33 -27.58
CA GLU G 66 67.69 -50.36 -27.23
C GLU G 66 68.52 -49.32 -27.97
N GLU G 67 68.11 -48.90 -29.17
CA GLU G 67 68.90 -47.97 -29.97
C GLU G 67 68.25 -46.59 -29.94
N GLN G 68 68.86 -45.66 -30.66
CA GLN G 68 68.56 -44.24 -30.48
C GLN G 68 67.72 -43.70 -31.64
N VAL G 69 67.02 -42.61 -31.37
CA VAL G 69 66.32 -41.83 -32.39
C VAL G 69 66.15 -40.41 -31.88
N ARG G 70 66.45 -39.42 -32.72
CA ARG G 70 66.57 -38.03 -32.29
C ARG G 70 65.49 -37.21 -32.95
N SER G 71 64.61 -36.62 -32.12
CA SER G 71 63.62 -35.67 -32.54
C SER G 71 64.18 -34.25 -32.35
N CYS G 72 63.39 -33.24 -32.70
CA CYS G 72 63.89 -31.88 -32.59
C CYS G 72 62.70 -30.93 -32.64
N HIS G 73 62.82 -29.81 -31.92
CA HIS G 73 61.72 -28.88 -31.78
C HIS G 73 62.28 -27.47 -31.86
N LEU G 74 61.42 -26.49 -31.61
CA LEU G 74 61.77 -25.08 -31.74
C LEU G 74 61.29 -24.35 -30.49
N CYS G 75 61.76 -23.12 -30.32
CA CYS G 75 61.31 -22.30 -29.21
C CYS G 75 61.30 -20.86 -29.74
N ASN G 76 60.12 -20.30 -29.96
CA ASN G 76 60.01 -18.86 -30.12
C ASN G 76 59.25 -18.36 -28.90
N ALA G 77 59.88 -17.48 -28.12
CA ALA G 77 59.18 -16.86 -27.00
C ALA G 77 58.01 -16.02 -27.50
N SER G 78 58.18 -15.36 -28.66
CA SER G 78 57.08 -14.64 -29.29
C SER G 78 55.99 -15.57 -29.79
N ASP G 79 56.26 -16.87 -29.94
CA ASP G 79 55.22 -17.86 -30.22
C ASP G 79 54.76 -18.45 -28.90
N PRO G 80 53.57 -18.10 -28.40
CA PRO G 80 53.14 -18.60 -27.08
C PRO G 80 53.16 -20.13 -26.99
N LYS G 81 52.61 -20.82 -27.99
CA LYS G 81 52.60 -22.28 -27.98
C LYS G 81 54.00 -22.85 -28.16
N ARG G 82 54.88 -22.10 -28.81
CA ARG G 82 56.27 -22.49 -28.96
C ARG G 82 57.17 -21.79 -27.93
N ALA G 83 56.64 -20.83 -27.17
CA ALA G 83 57.35 -20.29 -26.03
C ALA G 83 57.33 -21.28 -24.89
N HIS G 84 58.33 -21.17 -24.03
CA HIS G 84 58.44 -22.03 -22.85
C HIS G 84 58.99 -21.19 -21.71
N PRO G 85 58.16 -20.34 -21.12
CA PRO G 85 58.62 -19.41 -20.07
C PRO G 85 58.80 -20.13 -18.73
N PRO G 86 59.48 -19.51 -17.76
CA PRO G 86 59.60 -20.14 -16.43
C PRO G 86 58.28 -20.35 -15.72
N SER G 87 57.21 -19.68 -16.14
CA SER G 87 55.89 -19.97 -15.60
C SER G 87 55.51 -21.43 -15.81
N PHE G 88 56.06 -22.06 -16.86
CA PHE G 88 55.88 -23.48 -17.11
C PHE G 88 56.39 -24.35 -15.96
N LEU G 89 57.25 -23.82 -15.09
CA LEU G 89 57.75 -24.55 -13.93
C LEU G 89 56.84 -24.41 -12.73
N THR G 90 56.24 -23.24 -12.54
CA THR G 90 55.38 -22.99 -11.40
C THR G 90 53.91 -23.30 -11.66
N ASP G 91 53.50 -23.41 -12.93
CA ASP G 91 52.11 -23.70 -13.28
C ASP G 91 51.75 -25.14 -12.89
N LEU G 92 50.46 -25.45 -12.93
CA LEU G 92 50.02 -26.81 -12.65
C LEU G 92 50.48 -27.77 -13.74
N ASN G 93 51.01 -28.92 -13.32
CA ASN G 93 51.55 -29.93 -14.22
C ASN G 93 50.48 -30.96 -14.54
N ASN G 94 49.97 -30.92 -15.76
CA ASN G 94 49.12 -32.00 -16.22
C ASN G 94 50.03 -33.11 -16.73
N PRO G 95 50.01 -34.31 -16.14
CA PRO G 95 50.82 -35.41 -16.70
C PRO G 95 50.41 -35.80 -18.11
N HIS G 96 49.36 -35.18 -18.65
CA HIS G 96 48.87 -35.39 -20.01
C HIS G 96 48.95 -34.11 -20.83
N ASN G 97 49.28 -32.97 -20.20
CA ASN G 97 49.55 -31.71 -20.89
C ASN G 97 50.65 -31.00 -20.08
N LEU G 98 51.90 -31.36 -20.37
CA LEU G 98 53.03 -30.83 -19.61
C LEU G 98 53.29 -29.37 -19.94
N THR G 99 54.04 -28.72 -19.06
CA THR G 99 54.42 -27.32 -19.22
C THR G 99 55.93 -27.26 -19.14
N CYS G 100 56.60 -27.57 -20.24
CA CYS G 100 58.06 -27.65 -20.23
C CYS G 100 58.63 -26.26 -20.48
N TRP G 101 59.26 -25.68 -19.47
CA TRP G 101 60.10 -24.52 -19.72
C TRP G 101 61.38 -25.02 -20.36
N GLN G 102 61.99 -24.18 -21.19
CA GLN G 102 63.20 -24.60 -21.89
C GLN G 102 64.25 -23.52 -21.82
N SER G 103 65.51 -23.95 -21.74
CA SER G 103 66.66 -23.07 -21.80
C SER G 103 67.17 -22.99 -23.23
N ASP G 104 68.14 -22.10 -23.44
CA ASP G 104 68.95 -22.17 -24.66
C ASP G 104 69.86 -23.38 -24.52
N SER G 105 70.80 -23.56 -25.43
CA SER G 105 71.62 -24.76 -25.39
C SER G 105 73.08 -24.39 -25.56
N TYR G 106 73.92 -25.42 -25.72
CA TYR G 106 75.37 -25.28 -25.88
C TYR G 106 76.01 -24.60 -24.68
N VAL G 107 75.62 -25.04 -23.49
CA VAL G 107 76.16 -24.50 -22.24
C VAL G 107 76.25 -25.63 -21.23
N GLN G 108 77.30 -25.60 -20.42
CA GLN G 108 77.59 -26.61 -19.40
C GLN G 108 78.75 -26.06 -18.57
N TYR G 109 79.22 -26.85 -17.61
CA TYR G 109 80.46 -26.52 -16.93
C TYR G 109 81.56 -26.30 -17.97
N PRO G 110 82.41 -25.27 -17.81
CA PRO G 110 82.26 -24.34 -16.70
C PRO G 110 81.41 -23.11 -17.04
N HIS G 111 80.19 -23.05 -16.50
CA HIS G 111 79.32 -21.89 -16.65
C HIS G 111 78.32 -21.91 -15.52
N ASN G 112 77.97 -20.73 -15.00
CA ASN G 112 76.94 -20.68 -13.97
C ASN G 112 75.59 -20.92 -14.63
N VAL G 113 74.94 -22.04 -14.31
CA VAL G 113 73.59 -22.25 -14.79
C VAL G 113 72.70 -21.84 -13.63
N THR G 114 72.44 -20.53 -13.50
CA THR G 114 71.93 -19.96 -12.26
C THR G 114 70.48 -19.51 -12.43
N LEU G 115 69.64 -19.90 -11.46
CA LEU G 115 68.26 -19.46 -11.34
C LEU G 115 68.08 -18.95 -9.92
N THR G 116 67.33 -17.86 -9.76
CA THR G 116 67.25 -17.16 -8.50
C THR G 116 65.85 -17.21 -7.91
N LEU G 117 65.77 -17.00 -6.59
CA LEU G 117 64.50 -16.89 -5.89
C LEU G 117 64.65 -16.28 -4.49
N SER G 118 63.98 -15.17 -4.23
CA SER G 118 63.92 -14.54 -2.91
C SER G 118 62.49 -14.66 -2.39
N LEU G 119 62.31 -15.21 -1.17
CA LEU G 119 60.97 -15.35 -0.64
C LEU G 119 60.53 -14.09 0.08
N GLY G 120 61.06 -13.85 1.27
CA GLY G 120 60.66 -12.74 2.11
C GLY G 120 60.05 -13.13 3.45
N LYS G 121 59.80 -14.41 3.68
CA LYS G 121 59.31 -14.92 4.95
C LYS G 121 60.05 -16.21 5.30
N LYS G 122 60.33 -16.39 6.59
CA LYS G 122 61.03 -17.58 7.05
C LYS G 122 60.10 -18.78 6.94
N PHE G 123 60.65 -19.90 6.47
CA PHE G 123 59.85 -21.10 6.24
C PHE G 123 60.65 -22.34 6.66
N GLU G 124 59.93 -23.45 6.84
CA GLU G 124 60.52 -24.77 6.94
C GLU G 124 60.01 -25.63 5.80
N VAL G 125 60.91 -26.39 5.17
CA VAL G 125 60.59 -27.15 3.97
C VAL G 125 60.88 -28.62 4.23
N THR G 126 60.07 -29.50 3.66
CA THR G 126 60.35 -30.94 3.72
C THR G 126 60.52 -31.59 2.36
N TYR G 127 59.49 -31.50 1.50
CA TYR G 127 59.49 -32.14 0.20
C TYR G 127 59.72 -31.13 -0.92
N VAL G 128 60.47 -31.56 -1.95
CA VAL G 128 60.67 -30.78 -3.17
C VAL G 128 60.56 -31.73 -4.37
N SER G 129 59.64 -31.43 -5.29
CA SER G 129 59.44 -32.33 -6.42
C SER G 129 59.53 -31.56 -7.73
N LEU G 130 60.01 -32.27 -8.77
CA LEU G 130 60.21 -31.74 -10.11
C LEU G 130 59.80 -32.80 -11.12
N GLN G 131 59.78 -32.42 -12.40
CA GLN G 131 59.49 -33.35 -13.48
C GLN G 131 60.25 -32.89 -14.72
N PHE G 132 61.01 -33.78 -15.34
CA PHE G 132 61.95 -33.37 -16.37
C PHE G 132 61.33 -33.49 -17.76
N CYS G 133 61.67 -32.54 -18.61
CA CYS G 133 61.53 -32.69 -20.06
C CYS G 133 62.89 -32.90 -20.71
N SER G 134 63.97 -32.76 -19.94
CA SER G 134 65.35 -32.98 -20.36
C SER G 134 65.97 -34.12 -19.55
N PRO G 135 67.10 -34.66 -20.01
CA PRO G 135 67.79 -35.66 -19.18
C PRO G 135 68.36 -35.07 -17.90
N ARG G 136 68.67 -35.96 -16.97
CA ARG G 136 69.20 -35.57 -15.67
C ARG G 136 70.72 -35.48 -15.73
N PRO G 137 71.32 -34.31 -15.46
CA PRO G 137 72.78 -34.17 -15.48
C PRO G 137 73.48 -34.82 -14.30
N GLU G 138 74.78 -34.59 -14.16
CA GLU G 138 75.59 -35.20 -13.11
C GLU G 138 75.91 -34.23 -11.98
N SER G 139 76.52 -33.08 -12.26
CA SER G 139 77.01 -32.19 -11.21
C SER G 139 76.10 -30.99 -11.01
N MET G 140 75.73 -30.76 -9.76
CA MET G 140 74.95 -29.59 -9.33
C MET G 140 75.08 -29.49 -7.82
N ALA G 141 74.71 -28.33 -7.29
CA ALA G 141 74.79 -28.11 -5.85
C ALA G 141 73.62 -27.21 -5.47
N ILE G 142 73.45 -27.02 -4.17
CA ILE G 142 72.36 -26.23 -3.63
C ILE G 142 72.95 -25.11 -2.79
N TYR G 143 72.28 -23.96 -2.80
CA TYR G 143 72.56 -22.85 -1.90
C TYR G 143 71.27 -22.43 -1.22
N LYS G 144 71.39 -21.44 -0.34
CA LYS G 144 70.24 -20.80 0.28
C LYS G 144 70.70 -19.46 0.81
N SER G 145 69.73 -18.63 1.18
CA SER G 145 69.98 -17.31 1.74
C SER G 145 68.98 -17.10 2.87
N MET G 146 69.47 -17.03 4.10
CA MET G 146 68.70 -16.62 5.26
C MET G 146 68.59 -15.09 5.38
N ASP G 147 68.98 -14.40 4.32
CA ASP G 147 68.94 -12.93 4.21
C ASP G 147 68.10 -12.55 2.99
N TYR G 148 68.16 -11.28 2.60
CA TYR G 148 67.39 -10.79 1.46
C TYR G 148 68.23 -10.81 0.17
N GLY G 149 68.67 -12.01 -0.21
CA GLY G 149 69.38 -12.22 -1.46
C GLY G 149 70.83 -11.75 -1.50
N LYS G 150 71.40 -11.43 -0.33
CA LYS G 150 72.77 -10.90 -0.21
C LYS G 150 73.76 -11.98 0.21
N THR G 151 73.47 -12.68 1.32
CA THR G 151 74.30 -13.76 1.81
C THR G 151 73.86 -15.06 1.15
N TRP G 152 74.79 -16.01 1.04
CA TRP G 152 74.49 -17.27 0.37
C TRP G 152 75.28 -18.37 1.07
N VAL G 153 74.62 -19.47 1.39
CA VAL G 153 75.28 -20.60 2.03
C VAL G 153 74.83 -21.87 1.30
N PRO G 154 75.69 -22.89 1.15
CA PRO G 154 75.28 -24.07 0.40
C PRO G 154 74.29 -24.95 1.17
N PHE G 155 73.78 -26.00 0.54
CA PHE G 155 72.90 -26.90 1.28
C PHE G 155 73.21 -28.37 1.06
N GLN G 156 73.23 -28.82 -0.19
CA GLN G 156 73.64 -30.18 -0.52
C GLN G 156 74.36 -30.15 -1.86
N PHE G 157 75.08 -31.23 -2.17
CA PHE G 157 75.77 -31.36 -3.44
C PHE G 157 75.35 -32.63 -4.16
N TYR G 158 75.61 -32.65 -5.47
CA TYR G 158 75.37 -33.81 -6.32
C TYR G 158 76.42 -33.79 -7.43
N SER G 159 77.24 -34.84 -7.47
CA SER G 159 78.27 -34.96 -8.50
C SER G 159 78.87 -36.35 -8.42
N THR G 160 79.43 -36.81 -9.55
CA THR G 160 80.27 -38.00 -9.51
C THR G 160 81.63 -37.66 -8.91
N GLN G 161 82.21 -36.55 -9.36
CA GLN G 161 83.44 -36.02 -8.78
C GLN G 161 83.01 -34.94 -7.80
N CYS G 162 82.60 -35.39 -6.62
CA CYS G 162 82.27 -34.45 -5.57
C CYS G 162 83.48 -33.63 -5.16
N ARG G 163 84.67 -34.21 -5.32
CA ARG G 163 85.92 -33.57 -4.94
C ARG G 163 86.51 -32.74 -6.09
N LYS G 164 86.82 -33.38 -7.22
CA LYS G 164 87.46 -32.66 -8.31
C LYS G 164 86.58 -31.51 -8.82
N MET G 165 85.26 -31.67 -8.76
CA MET G 165 84.35 -30.62 -9.20
C MET G 165 83.93 -29.69 -8.06
N TYR G 166 83.48 -30.26 -6.94
CA TYR G 166 82.93 -29.47 -5.83
C TYR G 166 83.80 -29.43 -4.59
N ASN G 167 84.95 -30.11 -4.59
CA ASN G 167 85.80 -30.25 -3.41
C ASN G 167 85.03 -30.84 -2.24
N LYS G 168 84.33 -31.94 -2.52
CA LYS G 168 83.42 -32.55 -1.55
C LYS G 168 83.62 -34.07 -1.53
N PRO G 169 83.28 -34.71 -0.42
CA PRO G 169 83.24 -36.17 -0.39
C PRO G 169 81.89 -36.71 -0.87
N SER G 170 81.92 -37.89 -1.49
CA SER G 170 80.70 -38.50 -2.00
C SER G 170 80.04 -39.33 -0.90
N ARG G 171 78.75 -39.07 -0.67
CA ARG G 171 77.92 -39.79 0.31
C ARG G 171 78.53 -39.74 1.71
N ALA G 172 78.83 -38.54 2.18
CA ALA G 172 79.35 -38.42 3.54
C ALA G 172 78.24 -38.64 4.55
N ALA G 173 78.64 -38.75 5.82
CA ALA G 173 77.72 -38.96 6.92
C ALA G 173 77.36 -37.63 7.57
N ILE G 174 76.21 -37.61 8.25
CA ILE G 174 75.72 -36.43 8.93
C ILE G 174 76.15 -36.55 10.39
N THR G 175 77.21 -35.82 10.74
CA THR G 175 77.67 -35.79 12.13
C THR G 175 76.65 -35.06 13.00
N LYS G 176 76.49 -35.52 14.25
CA LYS G 176 75.56 -34.88 15.19
C LYS G 176 76.00 -33.46 15.53
N GLN G 177 77.30 -33.24 15.72
CA GLN G 177 77.80 -31.92 16.12
C GLN G 177 77.73 -30.91 14.97
N ASN G 178 77.65 -31.39 13.72
CA ASN G 178 77.35 -30.53 12.57
C ASN G 178 76.37 -31.31 11.67
N GLU G 179 75.09 -31.33 12.07
CA GLU G 179 74.08 -31.89 11.19
C GLU G 179 73.80 -30.95 10.03
N GLN G 180 74.40 -29.77 10.05
CA GLN G 180 74.38 -28.82 8.96
C GLN G 180 75.44 -29.10 7.90
N GLU G 181 76.01 -30.31 7.89
CA GLU G 181 76.99 -30.66 6.87
C GLU G 181 76.32 -30.80 5.52
N ALA G 182 77.06 -30.48 4.47
CA ALA G 182 76.55 -30.58 3.11
C ALA G 182 77.41 -31.60 2.37
N ILE G 183 76.84 -32.78 2.16
CA ILE G 183 77.52 -33.91 1.55
C ILE G 183 77.28 -33.84 0.06
N CYS G 184 77.99 -34.66 -0.70
CA CYS G 184 77.80 -34.79 -2.13
C CYS G 184 77.66 -36.26 -2.47
N THR G 185 76.95 -36.55 -3.55
CA THR G 185 76.84 -37.93 -4.00
C THR G 185 76.71 -37.99 -5.52
N ASP G 186 77.06 -39.16 -6.07
CA ASP G 186 76.85 -39.51 -7.47
C ASP G 186 75.57 -40.29 -7.70
N SER G 187 74.84 -40.61 -6.65
CA SER G 187 73.62 -41.40 -6.72
C SER G 187 72.54 -40.69 -7.54
N HIS G 188 71.76 -41.51 -8.26
CA HIS G 188 70.59 -41.04 -9.00
C HIS G 188 70.94 -40.02 -10.08
N THR G 189 72.16 -40.07 -10.59
CA THR G 189 72.57 -39.31 -11.76
C THR G 189 72.37 -40.10 -13.06
N ASP G 190 71.58 -41.17 -13.02
CA ASP G 190 71.44 -42.03 -14.18
C ASP G 190 70.32 -41.51 -15.08
N VAL G 191 70.41 -41.85 -16.35
CA VAL G 191 69.34 -41.65 -17.34
C VAL G 191 69.34 -42.88 -18.24
N ARG G 192 68.18 -43.49 -18.49
CA ARG G 192 66.80 -43.10 -18.12
C ARG G 192 66.52 -43.01 -16.59
N PRO G 193 65.66 -42.05 -16.15
CA PRO G 193 64.93 -41.09 -16.99
C PRO G 193 65.69 -39.89 -17.55
N LEU G 194 65.64 -39.83 -18.88
CA LEU G 194 65.99 -38.69 -19.72
C LEU G 194 64.89 -37.63 -19.75
N SER G 195 63.69 -37.95 -19.27
CA SER G 195 62.63 -36.97 -19.09
C SER G 195 61.77 -37.45 -17.92
N GLY G 196 61.03 -36.50 -17.33
CA GLY G 196 60.26 -36.83 -16.15
C GLY G 196 61.13 -37.30 -15.00
N GLY G 197 62.38 -36.87 -14.96
CA GLY G 197 63.27 -37.30 -13.91
C GLY G 197 62.86 -36.72 -12.56
N LEU G 198 62.99 -37.53 -11.52
CA LEU G 198 62.58 -37.14 -10.19
C LEU G 198 63.83 -37.12 -9.31
N ILE G 199 64.30 -35.92 -8.97
CA ILE G 199 65.43 -35.74 -8.08
C ILE G 199 64.97 -34.90 -6.91
N ALA G 200 65.02 -35.46 -5.71
CA ALA G 200 64.59 -34.77 -4.50
C ALA G 200 65.68 -34.85 -3.44
N PHE G 201 65.35 -34.34 -2.25
CA PHE G 201 66.23 -34.37 -1.10
C PHE G 201 65.40 -34.05 0.14
N SER G 202 65.60 -34.81 1.21
CA SER G 202 64.94 -34.57 2.49
C SER G 202 65.98 -34.03 3.47
N THR G 203 65.74 -32.80 3.95
CA THR G 203 66.67 -32.12 4.83
C THR G 203 66.91 -32.91 6.12
N LEU G 204 65.92 -33.67 6.54
CA LEU G 204 65.98 -34.42 7.80
C LEU G 204 66.84 -35.68 7.70
N ASP G 205 67.15 -36.13 6.48
CA ASP G 205 67.87 -37.39 6.28
C ASP G 205 69.29 -37.32 6.81
N GLY G 206 69.70 -38.37 7.53
CA GLY G 206 71.04 -38.44 8.06
C GLY G 206 71.16 -37.72 9.39
N ARG G 207 70.29 -36.73 9.61
CA ARG G 207 70.34 -35.92 10.82
C ARG G 207 69.88 -36.77 12.00
N PRO G 208 70.74 -37.02 13.00
CA PRO G 208 70.32 -37.84 14.14
C PRO G 208 69.26 -37.19 15.02
N THR G 209 69.23 -35.85 15.11
CA THR G 209 68.32 -35.13 16.01
C THR G 209 67.05 -34.63 15.31
N ALA G 210 66.60 -35.28 14.23
CA ALA G 210 65.39 -34.86 13.54
C ALA G 210 64.12 -35.34 14.22
N HIS G 211 64.21 -36.43 15.02
CA HIS G 211 63.05 -37.00 15.69
C HIS G 211 62.46 -36.09 16.76
N ASP G 212 63.24 -35.17 17.31
CA ASP G 212 62.73 -34.17 18.26
C ASP G 212 63.14 -32.77 17.78
N PHE G 213 62.75 -32.42 16.56
CA PHE G 213 63.16 -31.15 15.97
C PHE G 213 62.60 -29.97 16.76
N ASP G 214 61.45 -30.13 17.41
CA ASP G 214 60.85 -29.03 18.17
C ASP G 214 61.79 -28.53 19.28
N ASN G 215 62.72 -29.37 19.73
CA ASN G 215 63.71 -29.01 20.74
C ASN G 215 65.14 -29.05 20.19
N SER G 216 65.30 -28.81 18.89
CA SER G 216 66.61 -28.77 18.22
C SER G 216 66.75 -27.39 17.58
N PRO G 217 67.12 -26.37 18.37
CA PRO G 217 67.18 -25.00 17.83
C PRO G 217 68.15 -24.84 16.67
N VAL G 218 69.28 -25.55 16.70
CA VAL G 218 70.20 -25.58 15.56
C VAL G 218 69.48 -26.13 14.32
N LEU G 219 68.68 -27.18 14.50
CA LEU G 219 67.81 -27.63 13.40
C LEU G 219 66.68 -26.64 13.16
N GLN G 220 66.12 -26.07 14.24
CA GLN G 220 65.18 -24.96 14.12
C GLN G 220 65.85 -23.73 13.51
N ASP G 221 67.19 -23.70 13.51
CA ASP G 221 68.02 -22.81 12.70
C ASP G 221 68.43 -23.41 11.36
N TRP G 222 68.71 -24.72 11.30
CA TRP G 222 69.08 -25.37 10.04
C TRP G 222 67.94 -25.28 9.02
N VAL G 223 66.70 -25.16 9.50
CA VAL G 223 65.53 -24.96 8.65
C VAL G 223 65.35 -23.51 8.23
N THR G 224 66.06 -22.57 8.85
CA THR G 224 65.93 -21.16 8.50
C THR G 224 66.43 -20.95 7.06
N ALA G 225 65.61 -20.32 6.24
CA ALA G 225 65.95 -20.00 4.86
C ALA G 225 65.02 -18.92 4.37
N THR G 226 65.58 -17.92 3.68
CA THR G 226 64.79 -16.83 3.09
C THR G 226 64.86 -16.82 1.57
N ASP G 227 66.04 -16.75 0.96
CA ASP G 227 66.14 -16.71 -0.50
C ASP G 227 66.88 -17.93 -1.04
N ILE G 228 66.55 -18.32 -2.27
CA ILE G 228 67.06 -19.54 -2.88
C ILE G 228 67.63 -19.23 -4.27
N LYS G 229 68.82 -19.75 -4.55
CA LYS G 229 69.45 -19.63 -5.85
C LYS G 229 70.07 -20.99 -6.17
N VAL G 230 69.97 -21.42 -7.43
CA VAL G 230 70.48 -22.72 -7.85
C VAL G 230 71.29 -22.57 -9.13
N THR G 231 72.54 -23.06 -9.10
CA THR G 231 73.47 -23.02 -10.22
C THR G 231 73.94 -24.43 -10.54
N PHE G 232 74.08 -24.73 -11.84
CA PHE G 232 74.56 -26.01 -12.32
C PHE G 232 75.90 -25.84 -13.02
N SER G 233 76.64 -26.96 -13.10
CA SER G 233 77.86 -27.01 -13.88
C SER G 233 77.77 -28.14 -14.90
N ARG G 234 77.73 -29.39 -14.43
CA ARG G 234 77.71 -30.55 -15.34
C ARG G 234 76.31 -31.18 -15.38
N ARG G 250 77.03 -31.80 -34.04
CA ARG G 250 75.90 -32.67 -34.36
C ARG G 250 74.89 -32.71 -33.22
N ASP G 251 75.34 -32.43 -32.01
CA ASP G 251 74.50 -32.54 -30.83
C ASP G 251 74.32 -31.20 -30.13
N SER G 252 73.12 -31.02 -29.58
CA SER G 252 72.78 -29.90 -28.71
C SER G 252 72.29 -30.43 -27.37
N TYR G 253 73.02 -30.14 -26.28
CA TYR G 253 72.58 -30.53 -24.95
C TYR G 253 71.91 -29.32 -24.29
N PHE G 254 70.88 -29.60 -23.51
CA PHE G 254 69.96 -28.56 -23.04
C PHE G 254 69.44 -28.98 -21.68
N TYR G 255 68.49 -28.19 -21.15
CA TYR G 255 67.76 -28.58 -19.96
C TYR G 255 66.34 -28.04 -20.04
N ALA G 256 65.38 -28.85 -19.59
CA ALA G 256 63.96 -28.53 -19.67
C ALA G 256 63.24 -29.34 -18.60
N VAL G 257 62.11 -28.81 -18.13
CA VAL G 257 61.37 -29.34 -16.98
C VAL G 257 59.91 -28.88 -17.09
N SER G 258 58.99 -29.75 -16.70
CA SER G 258 57.57 -29.49 -16.88
C SER G 258 56.93 -28.78 -15.70
N ASP G 259 57.45 -28.95 -14.49
CA ASP G 259 56.84 -28.31 -13.34
C ASP G 259 57.79 -28.39 -12.15
N LEU G 260 57.42 -27.70 -11.07
CA LEU G 260 58.10 -27.72 -9.80
C LEU G 260 57.06 -27.62 -8.69
N GLN G 261 57.19 -28.44 -7.66
CA GLN G 261 56.29 -28.41 -6.52
C GLN G 261 57.10 -28.56 -5.25
N VAL G 262 56.85 -27.69 -4.27
CA VAL G 262 57.54 -27.73 -2.98
C VAL G 262 56.59 -27.28 -1.88
N GLY G 263 56.47 -28.08 -0.82
CA GLY G 263 55.56 -27.81 0.27
C GLY G 263 56.29 -27.22 1.49
N GLY G 264 55.56 -26.44 2.27
CA GLY G 264 56.15 -25.84 3.45
C GLY G 264 55.12 -25.22 4.38
N ARG G 265 55.63 -24.69 5.49
CA ARG G 265 54.82 -24.03 6.52
C ARG G 265 55.44 -22.70 6.91
N CYS G 266 54.61 -21.70 7.13
CA CYS G 266 55.09 -20.36 7.38
C CYS G 266 55.61 -20.26 8.82
N LYS G 267 56.81 -19.71 8.99
CA LYS G 267 57.48 -19.74 10.30
C LYS G 267 56.82 -18.79 11.28
N CYS G 268 55.92 -19.33 12.11
CA CYS G 268 55.27 -18.59 13.17
C CYS G 268 55.53 -19.19 14.55
N ASN G 269 56.51 -20.10 14.66
CA ASN G 269 56.93 -20.68 15.92
C ASN G 269 55.79 -21.40 16.66
N GLY G 270 54.75 -21.80 15.94
CA GLY G 270 53.57 -22.35 16.58
C GLY G 270 52.69 -21.34 17.28
N HIS G 271 52.92 -20.04 17.06
CA HIS G 271 52.16 -18.98 17.70
C HIS G 271 51.22 -18.28 16.70
N ALA G 272 51.18 -18.76 15.46
CA ALA G 272 50.23 -18.29 14.45
C ALA G 272 49.95 -19.44 13.51
N SER G 273 48.67 -19.63 13.20
CA SER G 273 48.21 -20.72 12.34
C SER G 273 48.37 -20.42 10.86
N ARG G 274 48.84 -19.23 10.50
CA ARG G 274 48.99 -18.86 9.09
C ARG G 274 49.81 -17.59 8.99
N CYS G 275 49.89 -17.06 7.77
CA CYS G 275 50.61 -15.83 7.46
C CYS G 275 49.77 -15.02 6.49
N VAL G 276 49.63 -13.72 6.77
CA VAL G 276 48.79 -12.82 5.97
C VAL G 276 49.59 -11.58 5.58
N ARG G 277 49.05 -10.83 4.62
CA ARG G 277 49.71 -9.65 4.10
C ARG G 277 49.62 -8.48 5.08
N ASP G 278 50.54 -7.52 4.90
CA ASP G 278 50.60 -6.29 5.68
C ASP G 278 49.80 -5.22 4.96
N ARG G 279 49.67 -4.07 5.62
CA ARG G 279 48.98 -2.91 5.05
C ARG G 279 49.63 -2.41 3.77
N ASP G 280 50.88 -2.79 3.51
CA ASP G 280 51.54 -2.57 2.22
C ASP G 280 51.74 -3.89 1.49
N ASP G 281 50.81 -4.83 1.70
CA ASP G 281 50.77 -6.12 1.01
C ASP G 281 52.07 -6.90 1.28
N ASN G 282 52.28 -7.28 2.54
CA ASN G 282 53.50 -7.95 2.97
C ASN G 282 53.15 -9.10 3.91
N LEU G 283 53.49 -10.33 3.50
CA LEU G 283 53.07 -11.52 4.25
C LEU G 283 53.74 -11.60 5.62
N VAL G 284 52.92 -11.60 6.68
CA VAL G 284 53.37 -11.63 8.06
C VAL G 284 52.59 -12.69 8.82
N CYS G 285 53.21 -13.22 9.88
CA CYS G 285 52.51 -14.15 10.76
C CYS G 285 51.47 -13.41 11.58
N ASP G 286 50.29 -14.03 11.74
CA ASP G 286 49.31 -13.52 12.68
C ASP G 286 49.65 -13.98 14.09
N CYS G 287 50.72 -13.40 14.63
CA CYS G 287 51.26 -13.86 15.91
C CYS G 287 50.27 -13.61 17.04
N LYS G 288 49.68 -14.70 17.56
CA LYS G 288 48.83 -14.72 18.73
C LYS G 288 49.74 -14.90 19.95
N HIS G 289 49.19 -15.24 21.12
CA HIS G 289 49.97 -15.47 22.34
C HIS G 289 50.78 -14.24 22.71
N ASN G 290 50.25 -13.04 22.45
CA ASN G 290 50.88 -11.79 22.81
C ASN G 290 52.22 -11.58 22.08
N THR G 291 52.33 -12.13 20.85
CA THR G 291 53.56 -12.08 20.08
C THR G 291 53.41 -11.13 18.90
N ALA G 292 54.55 -10.67 18.41
CA ALA G 292 54.58 -9.72 17.31
C ALA G 292 55.65 -10.18 16.34
N GLY G 293 55.81 -9.39 15.28
CA GLY G 293 56.72 -9.70 14.22
C GLY G 293 56.08 -10.52 13.13
N PRO G 294 56.59 -10.36 11.90
CA PRO G 294 56.04 -11.13 10.78
C PRO G 294 56.20 -12.63 10.91
N GLU G 295 57.03 -13.09 11.85
CA GLU G 295 57.33 -14.51 12.00
C GLU G 295 57.01 -15.01 13.40
N CYS G 296 56.35 -14.19 14.24
CA CYS G 296 56.15 -14.47 15.66
C CYS G 296 57.49 -14.58 16.39
N ASP G 297 58.49 -13.92 15.83
CA ASP G 297 59.85 -14.01 16.35
C ASP G 297 59.98 -13.36 17.71
N ARG G 298 59.17 -12.35 17.99
CA ARG G 298 59.22 -11.62 19.26
C ARG G 298 57.82 -11.54 19.87
N CYS G 299 57.79 -11.14 21.14
CA CYS G 299 56.54 -10.86 21.81
C CYS G 299 56.00 -9.51 21.34
N LYS G 300 54.72 -9.28 21.62
CA LYS G 300 54.13 -7.99 21.30
C LYS G 300 54.83 -6.92 22.14
N PRO G 301 54.84 -5.67 21.65
CA PRO G 301 55.44 -4.59 22.43
C PRO G 301 54.86 -4.52 23.84
N PHE G 302 55.71 -4.14 24.80
CA PHE G 302 55.33 -4.10 26.21
C PHE G 302 55.06 -5.51 26.74
N HIS G 303 55.90 -6.48 26.32
CA HIS G 303 55.78 -7.85 26.83
C HIS G 303 57.18 -8.32 27.26
N TYR G 304 57.57 -7.97 28.48
CA TYR G 304 58.95 -8.19 28.93
C TYR G 304 58.99 -8.87 30.29
N ASP G 305 58.07 -9.79 30.59
CA ASP G 305 58.16 -10.47 31.88
C ASP G 305 59.03 -11.73 31.88
N ARG G 306 58.71 -12.69 31.02
CA ARG G 306 59.51 -13.88 30.83
C ARG G 306 59.95 -14.01 29.38
N PRO G 307 61.10 -14.63 29.11
CA PRO G 307 61.68 -14.57 27.76
C PRO G 307 60.79 -15.23 26.72
N TRP G 308 61.08 -14.89 25.47
CA TRP G 308 60.38 -15.43 24.32
C TRP G 308 60.79 -16.88 24.06
N GLN G 309 59.83 -17.71 23.66
CA GLN G 309 60.10 -19.10 23.27
C GLN G 309 59.12 -19.52 22.18
N ARG G 310 59.35 -20.72 21.63
CA ARG G 310 58.53 -21.27 20.56
C ARG G 310 57.45 -22.18 21.15
N ALA G 311 56.24 -22.10 20.57
CA ALA G 311 55.13 -22.93 21.02
C ALA G 311 55.45 -24.40 20.72
N THR G 312 55.44 -25.22 21.75
CA THR G 312 55.69 -26.65 21.65
C THR G 312 54.45 -27.44 22.02
N ALA G 313 54.47 -28.74 21.69
CA ALA G 313 53.42 -29.64 22.15
C ALA G 313 53.44 -29.75 23.67
N ARG G 314 54.63 -29.68 24.26
CA ARG G 314 54.75 -29.70 25.72
C ARG G 314 54.30 -28.39 26.35
N GLU G 315 54.73 -27.27 25.78
CA GLU G 315 54.38 -25.95 26.30
C GLU G 315 54.12 -24.98 25.16
N ALA G 316 53.04 -24.20 25.27
CA ALA G 316 52.81 -23.19 24.23
C ALA G 316 53.69 -21.97 24.39
N ASN G 317 54.55 -21.95 25.41
CA ASN G 317 55.52 -20.88 25.71
C ASN G 317 55.05 -19.52 25.21
N GLU G 318 53.89 -19.10 25.71
CA GLU G 318 53.28 -17.84 25.29
C GLU G 318 54.05 -16.64 25.85
N CYS G 319 53.83 -15.48 25.22
CA CYS G 319 54.39 -14.24 25.73
C CYS G 319 53.46 -13.60 26.75
N VAL G 320 53.99 -12.65 27.51
CA VAL G 320 53.25 -12.00 28.59
C VAL G 320 53.71 -10.56 28.73
N ALA G 321 52.74 -9.66 28.89
CA ALA G 321 53.02 -8.23 29.04
C ALA G 321 53.61 -7.95 30.42
N CYS G 322 54.06 -6.71 30.61
CA CYS G 322 54.55 -6.28 31.91
C CYS G 322 53.39 -5.81 32.77
N ASN G 323 53.55 -5.93 34.09
CA ASN G 323 52.55 -5.45 35.03
C ASN G 323 52.94 -4.08 35.54
N CYS G 324 52.07 -3.10 35.34
CA CYS G 324 52.23 -1.76 35.89
C CYS G 324 51.08 -1.38 36.80
N ASN G 325 50.13 -2.28 37.04
CA ASN G 325 48.96 -1.99 37.86
C ASN G 325 48.26 -0.74 37.35
N LEU G 326 48.13 -0.65 36.02
CA LEU G 326 47.48 0.47 35.35
C LEU G 326 48.22 1.79 35.63
N HIS G 327 49.55 1.74 35.53
CA HIS G 327 50.33 2.91 35.89
C HIS G 327 51.52 3.16 34.96
N ALA G 328 51.56 2.56 33.76
CA ALA G 328 52.63 2.86 32.83
C ALA G 328 52.24 2.40 31.43
N ARG G 329 52.96 2.93 30.45
CA ARG G 329 52.75 2.59 29.05
C ARG G 329 53.94 1.90 28.40
N ARG G 330 55.13 1.98 28.99
CA ARG G 330 56.33 1.38 28.44
C ARG G 330 56.99 0.47 29.47
N CYS G 331 57.67 -0.57 29.00
CA CYS G 331 58.39 -1.46 29.91
C CYS G 331 59.53 -2.14 29.16
N ARG G 332 60.48 -2.68 29.93
CA ARG G 332 61.59 -3.46 29.38
C ARG G 332 61.86 -4.66 30.31
N PHE G 333 62.99 -5.34 30.08
CA PHE G 333 63.32 -6.57 30.79
C PHE G 333 64.83 -6.77 30.87
N ASN G 334 65.27 -7.43 31.93
CA ASN G 334 66.64 -7.93 32.03
C ASN G 334 66.65 -9.35 32.58
N MET G 335 67.51 -10.19 31.98
CA MET G 335 67.56 -11.60 32.33
C MET G 335 68.11 -11.85 33.73
N GLU G 336 69.16 -11.11 34.13
CA GLU G 336 69.82 -11.36 35.41
C GLU G 336 68.85 -11.37 36.59
N LEU G 337 67.89 -10.44 36.61
CA LEU G 337 66.81 -10.49 37.58
C LEU G 337 65.98 -11.75 37.40
N TYR G 338 65.54 -12.02 36.16
CA TYR G 338 64.80 -13.23 35.84
C TYR G 338 65.59 -14.48 36.19
N LYS G 339 66.91 -14.45 36.04
CA LYS G 339 67.76 -15.58 36.42
C LYS G 339 67.51 -15.98 37.87
N LEU G 340 67.76 -15.05 38.80
CA LEU G 340 67.59 -15.28 40.23
C LEU G 340 66.14 -15.36 40.67
N SER G 341 65.19 -15.06 39.79
CA SER G 341 63.77 -15.19 40.08
C SER G 341 63.30 -16.64 40.05
N GLY G 342 64.23 -17.60 40.04
CA GLY G 342 63.89 -18.98 39.74
C GLY G 342 63.32 -19.14 38.36
N ARG G 343 63.67 -18.24 37.45
CA ARG G 343 63.18 -18.20 36.07
C ARG G 343 61.65 -18.16 36.00
N LYS G 344 61.09 -17.07 36.54
CA LYS G 344 59.64 -16.88 36.52
C LYS G 344 59.16 -15.50 36.04
N SER G 345 59.88 -14.40 36.30
CA SER G 345 59.42 -13.08 35.89
C SER G 345 60.59 -12.09 35.84
N GLY G 346 60.42 -11.06 35.00
CA GLY G 346 61.41 -9.99 34.88
C GLY G 346 60.90 -8.65 34.38
N GLY G 347 59.59 -8.45 34.32
CA GLY G 347 59.07 -7.22 33.75
C GLY G 347 59.31 -6.02 34.65
N VAL G 348 59.38 -4.85 34.01
CA VAL G 348 59.58 -3.58 34.71
C VAL G 348 59.04 -2.42 33.89
N CYS G 349 58.19 -1.59 34.51
CA CYS G 349 57.47 -0.54 33.83
C CYS G 349 58.30 0.74 33.67
N LEU G 350 57.83 1.61 32.77
CA LEU G 350 58.48 2.88 32.48
C LEU G 350 57.46 4.02 32.56
N ASN G 351 57.91 5.17 33.07
CA ASN G 351 57.12 6.41 33.12
C ASN G 351 55.82 6.24 33.91
N CYS G 352 55.98 6.06 35.20
CA CYS G 352 54.85 5.79 36.10
C CYS G 352 54.10 7.07 36.41
N ARG G 353 52.96 7.26 35.75
CA ARG G 353 52.14 8.47 35.91
C ARG G 353 51.17 8.27 37.08
N HIS G 354 50.25 9.21 37.24
CA HIS G 354 49.23 9.17 38.30
C HIS G 354 49.84 9.06 39.69
N ASN G 355 50.95 9.78 39.88
CA ASN G 355 51.65 9.86 41.16
C ASN G 355 52.09 8.48 41.65
N THR G 356 52.28 7.54 40.71
CA THR G 356 52.74 6.18 41.00
C THR G 356 54.20 6.02 40.59
N ALA G 357 54.82 4.93 41.06
CA ALA G 357 56.23 4.65 40.76
C ALA G 357 56.56 3.20 41.08
N GLY G 358 57.59 2.67 40.41
CA GLY G 358 58.12 1.35 40.71
C GLY G 358 58.28 0.47 39.48
N ARG G 359 58.85 -0.71 39.73
CA ARG G 359 59.02 -1.72 38.69
C ARG G 359 57.69 -2.08 38.06
N HIS G 360 56.65 -2.20 38.88
CA HIS G 360 55.28 -2.34 38.44
C HIS G 360 54.54 -1.03 38.57
N CYS G 361 55.28 0.07 38.65
CA CYS G 361 54.72 1.38 38.98
C CYS G 361 53.77 1.24 40.16
N HIS G 362 54.20 0.43 41.14
CA HIS G 362 53.34 -0.19 42.14
C HIS G 362 53.44 0.47 43.50
N TYR G 363 53.82 1.74 43.56
CA TYR G 363 53.75 2.49 44.80
C TYR G 363 53.73 3.98 44.49
N CYS G 364 53.12 4.74 45.39
CA CYS G 364 53.05 6.18 45.23
C CYS G 364 54.38 6.82 45.58
N LYS G 365 54.81 7.75 44.73
CA LYS G 365 56.12 8.36 44.87
C LYS G 365 56.17 9.28 46.10
N GLU G 366 57.34 9.88 46.30
CA GLU G 366 57.55 10.77 47.43
C GLU G 366 56.65 12.00 47.33
N GLY G 367 55.96 12.31 48.42
CA GLY G 367 54.96 13.33 48.41
C GLY G 367 53.57 12.79 48.60
N PHE G 368 53.36 11.55 48.20
CA PHE G 368 52.08 10.86 48.27
C PHE G 368 52.18 9.73 49.30
N TYR G 369 51.05 9.06 49.54
CA TYR G 369 50.99 7.91 50.42
C TYR G 369 50.10 6.86 49.76
N ARG G 370 49.88 5.73 50.44
CA ARG G 370 49.09 4.64 49.91
C ARG G 370 47.66 4.79 50.41
N ASP G 371 46.73 4.99 49.50
CA ASP G 371 45.31 4.94 49.84
C ASP G 371 44.91 3.49 50.04
N LEU G 372 45.10 2.96 51.26
CA LEU G 372 44.81 1.55 51.50
C LEU G 372 43.35 1.23 51.20
N SER G 373 42.44 2.20 51.38
CA SER G 373 41.05 1.98 51.02
C SER G 373 40.90 1.79 49.51
N LYS G 374 41.73 2.47 48.71
CA LYS G 374 41.67 2.33 47.26
C LYS G 374 42.45 1.08 46.83
N PRO G 375 42.10 0.50 45.68
CA PRO G 375 42.83 -0.66 45.19
C PRO G 375 44.29 -0.34 44.90
N ILE G 376 45.10 -1.38 44.75
CA ILE G 376 46.53 -1.22 44.55
C ILE G 376 46.86 -0.57 43.22
N SER G 377 45.86 -0.48 42.33
CA SER G 377 46.03 0.03 40.97
C SER G 377 45.09 1.18 40.65
N HIS G 378 44.53 1.84 41.66
CA HIS G 378 43.54 2.91 41.42
C HIS G 378 44.18 4.07 40.67
N ARG G 379 43.37 4.71 39.81
CA ARG G 379 43.87 5.81 38.98
C ARG G 379 44.29 7.00 39.83
N LYS G 380 43.66 7.19 40.98
CA LYS G 380 43.98 8.22 41.96
C LYS G 380 44.36 7.58 43.29
N ALA G 381 45.01 6.41 43.22
CA ALA G 381 45.43 5.70 44.41
C ALA G 381 46.46 6.49 45.19
N CYS G 382 47.09 7.47 44.57
CA CYS G 382 48.08 8.32 45.20
C CYS G 382 47.54 9.74 45.39
N LYS G 383 47.61 10.22 46.62
CA LYS G 383 47.21 11.58 46.97
C LYS G 383 48.36 12.24 47.73
N GLU G 384 48.49 13.56 47.57
CA GLU G 384 49.63 14.27 48.13
C GLU G 384 49.65 14.12 49.65
N CYS G 385 50.85 14.22 50.24
CA CYS G 385 50.96 14.01 51.67
C CYS G 385 50.24 15.12 52.41
N ASP G 386 49.56 14.73 53.49
CA ASP G 386 48.83 15.69 54.32
C ASP G 386 49.44 15.72 55.71
N CYS G 387 50.72 16.04 55.81
CA CYS G 387 51.37 16.04 57.11
C CYS G 387 50.88 17.24 57.92
N HIS G 388 50.66 17.02 59.22
CA HIS G 388 50.16 18.08 60.06
C HIS G 388 51.14 19.23 59.99
N PRO G 389 50.71 20.39 59.52
CA PRO G 389 51.64 21.49 59.26
C PRO G 389 52.48 21.94 60.44
N VAL G 390 52.06 21.65 61.68
CA VAL G 390 52.79 22.04 62.90
C VAL G 390 53.27 20.81 63.66
N GLY G 391 52.34 19.91 64.00
CA GLY G 391 52.65 18.75 64.83
C GLY G 391 53.55 17.74 64.15
N ALA G 392 53.64 17.76 62.82
CA ALA G 392 54.57 16.91 62.11
C ALA G 392 55.84 17.73 61.88
N ALA G 393 56.99 17.10 62.08
CA ALA G 393 58.27 17.81 61.96
C ALA G 393 58.73 17.88 60.51
N GLY G 394 57.84 17.52 59.58
CA GLY G 394 58.10 17.59 58.16
C GLY G 394 56.78 17.43 57.43
N GLN G 395 56.83 17.73 56.14
CA GLN G 395 55.67 17.65 55.26
C GLN G 395 55.63 16.36 54.45
N THR G 396 56.57 15.46 54.74
CA THR G 396 56.73 14.20 54.03
C THR G 396 56.10 13.13 54.91
N CYS G 397 55.19 12.35 54.33
CA CYS G 397 54.52 11.31 55.07
C CYS G 397 55.21 9.98 54.78
N ASN G 398 55.18 9.07 55.76
CA ASN G 398 55.87 7.80 55.64
C ASN G 398 55.14 6.97 54.58
N GLN G 399 55.57 7.09 53.32
CA GLN G 399 54.81 6.63 52.16
C GLN G 399 54.18 5.26 52.34
N THR G 400 54.82 4.40 53.14
CA THR G 400 54.19 3.15 53.55
C THR G 400 53.14 3.40 54.64
N THR G 401 53.57 3.90 55.80
CA THR G 401 52.69 4.16 56.94
C THR G 401 51.99 5.53 56.86
N GLY G 402 52.43 6.41 55.96
CA GLY G 402 51.98 7.80 55.94
C GLY G 402 52.26 8.57 57.20
N GLN G 403 53.01 7.99 58.14
CA GLN G 403 53.32 8.64 59.41
C GLN G 403 54.20 9.85 59.17
N CYS G 404 53.66 11.03 59.47
CA CYS G 404 54.38 12.26 59.38
C CYS G 404 55.35 12.34 60.55
N PRO G 405 56.28 13.28 60.54
CA PRO G 405 57.26 13.32 61.65
C PRO G 405 56.68 13.82 62.97
N CYS G 406 56.09 12.92 63.77
CA CYS G 406 55.53 13.32 65.06
C CYS G 406 56.61 13.81 66.01
N LYS G 407 56.41 15.02 66.54
CA LYS G 407 57.31 15.60 67.51
C LYS G 407 56.81 15.25 68.91
N ASP G 408 57.72 15.38 69.88
CA ASP G 408 57.67 14.67 71.17
C ASP G 408 56.29 14.28 71.68
N GLY G 409 55.40 15.25 71.89
CA GLY G 409 54.08 14.93 72.37
C GLY G 409 53.00 14.93 71.32
N VAL G 410 53.36 15.19 70.06
CA VAL G 410 52.39 15.17 68.98
C VAL G 410 52.11 13.73 68.58
N THR G 411 50.83 13.41 68.35
CA THR G 411 50.46 12.09 67.84
C THR G 411 49.57 12.22 66.61
N GLY G 412 49.03 11.10 66.16
CA GLY G 412 48.29 11.08 64.90
C GLY G 412 49.17 10.71 63.72
N ILE G 413 48.53 10.13 62.69
CA ILE G 413 49.26 9.71 61.50
C ILE G 413 49.90 10.91 60.81
N THR G 414 49.09 11.94 60.56
CA THR G 414 49.63 13.20 60.06
C THR G 414 50.35 13.98 61.14
N CYS G 415 50.38 13.44 62.36
CA CYS G 415 50.99 14.05 63.54
C CYS G 415 50.29 15.35 63.88
N ASN G 416 49.01 15.26 64.23
CA ASN G 416 48.17 16.40 64.54
C ASN G 416 47.71 16.46 65.99
N ARG G 417 47.26 15.35 66.55
CA ARG G 417 46.71 15.35 67.89
C ARG G 417 47.84 15.39 68.92
N CYS G 418 47.53 15.83 70.12
CA CYS G 418 48.45 15.72 71.24
C CYS G 418 48.16 14.41 71.98
N ALA G 419 49.17 13.86 72.63
CA ALA G 419 48.92 12.54 73.18
C ALA G 419 48.20 12.66 74.52
N LYS G 420 47.76 11.53 75.06
CA LYS G 420 47.15 11.55 76.39
C LYS G 420 48.26 11.93 77.37
N GLY G 421 48.07 13.04 78.09
CA GLY G 421 49.11 13.69 78.87
C GLY G 421 49.85 14.75 78.10
N TYR G 422 49.32 15.15 76.93
CA TYR G 422 49.80 16.28 76.14
C TYR G 422 48.60 17.09 75.70
N GLN G 423 48.55 18.34 76.14
CA GLN G 423 47.46 19.24 75.80
C GLN G 423 47.93 20.18 74.70
N GLN G 424 47.00 20.53 73.80
CA GLN G 424 47.37 21.44 72.72
C GLN G 424 47.75 22.79 73.30
N SER G 425 48.85 23.36 72.81
CA SER G 425 49.33 24.66 73.24
C SER G 425 49.44 25.59 72.05
N ARG G 426 49.24 26.89 72.31
CA ARG G 426 49.37 27.89 71.26
C ARG G 426 50.82 28.27 70.96
N SER G 427 51.79 27.68 71.66
CA SER G 427 53.20 27.91 71.35
C SER G 427 53.50 27.42 69.93
N PRO G 428 54.07 28.25 69.06
CA PRO G 428 54.34 27.80 67.68
C PRO G 428 55.47 26.77 67.54
N ILE G 429 56.03 26.26 68.65
CA ILE G 429 57.12 25.28 68.59
C ILE G 429 56.78 24.01 69.38
N ALA G 430 56.13 24.18 70.53
CA ALA G 430 55.77 23.06 71.41
C ALA G 430 54.26 23.03 71.51
N PRO G 431 53.59 22.27 70.65
CA PRO G 431 52.13 22.19 70.69
C PRO G 431 51.67 21.28 71.82
N CYS G 432 52.33 20.12 71.97
CA CYS G 432 51.94 19.11 72.95
C CYS G 432 53.02 19.02 74.02
N ILE G 433 52.62 19.12 75.29
CA ILE G 433 53.56 19.14 76.41
C ILE G 433 53.04 18.28 77.55
N LYS G 434 53.95 17.52 78.17
CA LYS G 434 53.59 16.74 79.36
C LYS G 434 53.08 17.68 80.45
N ILE G 435 52.40 17.11 81.44
CA ILE G 435 51.91 17.90 82.57
C ILE G 435 52.56 17.32 83.84
N PRO G 436 52.97 18.17 84.81
CA PRO G 436 53.50 17.64 86.09
C PRO G 436 52.41 17.01 86.97
N PRO H 19 47.56 28.82 -19.37
CA PRO H 19 47.77 27.37 -19.47
C PRO H 19 48.66 26.85 -18.35
N ASP H 20 49.96 26.76 -18.61
CA ASP H 20 50.93 26.36 -17.61
C ASP H 20 52.01 27.42 -17.51
N PRO H 21 52.17 28.10 -16.37
CA PRO H 21 53.21 29.14 -16.26
C PRO H 21 54.64 28.62 -16.42
N CYS H 22 54.84 27.31 -16.50
CA CYS H 22 56.16 26.78 -16.84
C CYS H 22 56.45 26.90 -18.33
N TYR H 23 55.45 27.29 -19.11
CA TYR H 23 55.55 27.47 -20.56
C TYR H 23 54.78 28.72 -20.93
N ASP H 24 55.30 29.50 -21.86
CA ASP H 24 54.66 30.79 -22.14
C ASP H 24 53.36 30.53 -22.89
N GLU H 25 52.62 31.60 -23.22
CA GLU H 25 51.50 31.44 -24.14
C GLU H 25 51.93 30.64 -25.37
N HIS H 26 53.11 30.94 -25.93
CA HIS H 26 53.72 30.17 -27.00
C HIS H 26 54.59 29.04 -26.45
N GLY H 27 54.14 28.38 -25.38
CA GLY H 27 54.94 27.37 -24.73
C GLY H 27 56.40 27.69 -24.42
N LEU H 28 56.78 28.96 -24.43
CA LEU H 28 58.17 29.33 -24.18
C LEU H 28 58.52 29.09 -22.71
N PRO H 29 59.65 28.45 -22.43
CA PRO H 29 59.97 28.14 -21.02
C PRO H 29 60.08 29.40 -20.18
N ARG H 30 59.13 29.56 -19.26
CA ARG H 30 59.05 30.70 -18.37
C ARG H 30 58.89 30.22 -16.93
N ARG H 31 59.27 31.09 -15.98
CA ARG H 31 59.17 30.76 -14.57
C ARG H 31 57.74 30.47 -14.15
N CYS H 32 57.54 29.33 -13.49
CA CYS H 32 56.27 28.97 -12.87
C CYS H 32 56.50 28.87 -11.37
N ILE H 33 55.68 29.59 -10.60
CA ILE H 33 56.00 29.85 -9.19
C ILE H 33 54.81 29.57 -8.27
N PRO H 34 55.03 28.91 -7.13
CA PRO H 34 54.00 28.92 -6.07
C PRO H 34 53.85 30.33 -5.52
N ASP H 35 52.60 30.70 -5.22
CA ASP H 35 52.32 32.05 -4.75
C ASP H 35 52.92 32.29 -3.37
N PHE H 36 53.07 33.57 -3.04
CA PHE H 36 53.60 33.96 -1.74
C PHE H 36 52.53 33.67 -0.69
N VAL H 37 52.84 32.79 0.26
CA VAL H 37 51.82 32.28 1.18
C VAL H 37 52.36 32.16 2.60
N ASN H 38 51.42 32.21 3.55
CA ASN H 38 51.66 31.82 4.93
C ASN H 38 51.87 30.30 4.99
N SER H 39 52.73 29.87 5.93
CA SER H 39 53.07 28.46 6.02
C SER H 39 52.60 27.78 7.31
N ALA H 40 52.71 28.45 8.46
CA ALA H 40 52.49 27.76 9.74
C ALA H 40 51.03 27.52 10.08
N PHE H 41 50.09 28.21 9.42
CA PHE H 41 48.67 28.12 9.72
C PHE H 41 48.11 26.69 9.80
N GLY H 42 47.72 26.27 11.01
CA GLY H 42 46.91 25.10 11.25
C GLY H 42 47.67 23.84 11.64
N LYS H 43 48.99 23.91 11.77
CA LYS H 43 49.76 22.69 12.00
C LYS H 43 49.90 22.42 13.50
N GLU H 44 50.32 21.20 13.81
CA GLU H 44 50.50 20.81 15.19
C GLU H 44 51.92 21.16 15.64
N VAL H 45 52.06 21.45 16.93
CA VAL H 45 53.32 21.96 17.47
C VAL H 45 53.64 21.24 18.78
N LYS H 46 54.87 20.76 18.89
CA LYS H 46 55.40 20.27 20.15
C LYS H 46 56.10 21.43 20.86
N VAL H 47 55.79 21.61 22.14
CA VAL H 47 56.28 22.76 22.89
C VAL H 47 57.05 22.28 24.11
N SER H 48 57.56 23.23 24.90
CA SER H 48 58.24 22.85 26.13
C SER H 48 57.28 22.72 27.30
N SER H 49 56.42 23.73 27.50
CA SER H 49 55.43 23.66 28.56
C SER H 49 54.35 24.70 28.28
N THR H 50 53.22 24.55 28.97
CA THR H 50 52.07 25.44 28.80
C THR H 50 51.12 25.24 29.98
N CYS H 51 50.37 26.29 30.31
CA CYS H 51 49.41 26.25 31.40
C CYS H 51 48.35 25.16 31.15
N GLY H 52 47.71 24.75 32.24
CA GLY H 52 46.56 23.84 32.22
C GLY H 52 46.88 22.40 32.58
N LYS H 53 48.17 22.04 32.63
CA LYS H 53 48.59 20.72 33.09
C LYS H 53 49.83 20.89 33.98
N PRO H 54 49.64 21.00 35.31
CA PRO H 54 48.34 21.05 35.98
C PRO H 54 47.58 22.36 35.73
N PRO H 55 46.27 22.38 35.98
CA PRO H 55 45.50 23.62 35.77
C PRO H 55 46.19 24.82 36.42
N SER H 56 46.36 25.89 35.66
CA SER H 56 47.19 27.00 36.10
C SER H 56 46.35 28.25 36.37
N ARG H 57 46.98 29.22 37.02
CA ARG H 57 46.42 30.51 37.38
C ARG H 57 47.31 31.58 36.76
N TYR H 58 46.79 32.81 36.68
CA TYR H 58 47.56 33.94 36.18
C TYR H 58 46.81 35.24 36.42
N CYS H 59 47.53 36.28 36.83
CA CYS H 59 46.97 37.59 37.07
C CYS H 59 47.44 38.55 35.98
N VAL H 60 46.59 39.52 35.65
CA VAL H 60 46.78 40.41 34.50
C VAL H 60 46.67 41.86 34.95
N VAL H 61 47.75 42.65 34.77
CA VAL H 61 47.76 44.06 35.16
C VAL H 61 47.49 44.92 33.93
N THR H 62 46.79 46.04 34.12
CA THR H 62 46.48 46.99 33.07
C THR H 62 46.62 48.41 33.60
N GLU H 63 47.00 49.33 32.71
CA GLU H 63 47.14 50.74 33.06
C GLU H 63 45.82 51.44 32.78
N LYS H 64 45.33 52.20 33.77
CA LYS H 64 44.09 52.95 33.61
C LYS H 64 44.36 54.43 33.84
N GLY H 65 44.43 55.19 32.75
CA GLY H 65 44.63 56.63 32.82
C GLY H 65 46.04 57.02 33.23
N GLU H 66 46.33 56.87 34.53
CA GLU H 66 47.66 57.17 35.06
C GLU H 66 48.22 56.10 35.98
N GLU H 67 47.40 55.30 36.66
CA GLU H 67 47.85 54.32 37.62
C GLU H 67 47.58 52.91 37.08
N GLN H 68 47.83 51.91 37.93
CA GLN H 68 47.85 50.52 37.53
C GLN H 68 46.60 49.82 38.08
N VAL H 69 46.22 48.72 37.44
CA VAL H 69 45.15 47.87 37.94
C VAL H 69 45.32 46.46 37.39
N ARG H 70 45.23 45.45 38.26
CA ARG H 70 45.61 44.08 37.91
C ARG H 70 44.40 43.17 38.04
N SER H 71 44.03 42.53 36.93
CA SER H 71 43.00 41.49 36.87
C SER H 71 43.68 40.13 37.06
N CYS H 72 42.90 39.05 37.04
CA CYS H 72 43.50 37.75 37.28
C CYS H 72 42.57 36.64 36.82
N HIS H 73 43.13 35.57 36.26
CA HIS H 73 42.34 34.48 35.70
C HIS H 73 43.07 33.15 35.95
N LEU H 74 42.54 32.07 35.38
CA LEU H 74 43.08 30.73 35.58
C LEU H 74 43.11 30.02 34.24
N CYS H 75 43.76 28.85 34.22
CA CYS H 75 43.95 28.07 33.00
C CYS H 75 43.78 26.59 33.32
N ASN H 76 42.71 25.98 32.81
CA ASN H 76 42.66 24.52 32.72
C ASN H 76 42.65 24.15 31.25
N ALA H 77 43.63 23.35 30.82
CA ALA H 77 43.63 22.82 29.47
C ALA H 77 42.42 21.92 29.25
N SER H 78 42.03 21.17 30.28
CA SER H 78 40.80 20.38 30.24
C SER H 78 39.56 21.27 30.16
N ASP H 79 39.69 22.56 30.45
CA ASP H 79 38.62 23.52 30.18
C ASP H 79 38.86 24.08 28.77
N PRO H 80 38.08 23.67 27.77
CA PRO H 80 38.35 24.14 26.39
C PRO H 80 38.33 25.66 26.26
N LYS H 81 37.29 26.31 26.77
CA LYS H 81 37.19 27.75 26.68
C LYS H 81 38.18 28.47 27.60
N ARG H 82 38.63 27.81 28.67
CA ARG H 82 39.66 28.37 29.54
C ARG H 82 41.05 27.82 29.23
N ALA H 83 41.16 26.85 28.32
CA ALA H 83 42.46 26.43 27.82
C ALA H 83 43.04 27.51 26.92
N HIS H 84 44.35 27.45 26.76
CA HIS H 84 45.07 28.38 25.90
C HIS H 84 46.10 27.58 25.12
N PRO H 85 45.65 26.79 24.15
CA PRO H 85 46.54 25.91 23.40
C PRO H 85 47.33 26.68 22.36
N PRO H 86 48.40 26.09 21.81
CA PRO H 86 49.08 26.74 20.67
C PRO H 86 48.18 26.87 19.46
N SER H 87 47.07 26.14 19.41
CA SER H 87 46.10 26.36 18.35
C SER H 87 45.61 27.80 18.35
N PHE H 88 45.63 28.44 19.53
CA PHE H 88 45.36 29.88 19.61
C PHE H 88 46.37 30.69 18.79
N LEU H 89 47.51 30.10 18.43
CA LEU H 89 48.50 30.73 17.59
C LEU H 89 48.29 30.45 16.10
N THR H 90 47.70 29.30 15.77
CA THR H 90 47.45 28.89 14.40
C THR H 90 46.05 29.25 13.91
N ASP H 91 45.10 29.50 14.81
CA ASP H 91 43.72 29.82 14.43
C ASP H 91 43.64 31.19 13.76
N LEU H 92 42.48 31.48 13.16
CA LEU H 92 42.27 32.80 12.57
C LEU H 92 42.29 33.87 13.65
N ASN H 93 43.00 34.96 13.39
CA ASN H 93 43.19 36.03 14.37
C ASN H 93 42.08 37.06 14.20
N ASN H 94 41.07 37.00 15.07
CA ASN H 94 40.04 38.02 15.08
C ASN H 94 40.49 39.17 15.97
N PRO H 95 40.65 40.40 15.46
CA PRO H 95 40.95 41.53 16.35
C PRO H 95 39.86 41.80 17.38
N HIS H 96 38.74 41.06 17.34
CA HIS H 96 37.63 41.15 18.27
C HIS H 96 37.37 39.84 19.00
N ASN H 97 38.04 38.76 18.59
CA ASN H 97 38.01 37.46 19.28
C ASN H 97 39.42 36.86 19.24
N LEU H 98 40.40 37.60 19.77
CA LEU H 98 41.79 37.16 19.68
C LEU H 98 41.95 35.83 20.43
N THR H 99 43.03 35.14 20.12
CA THR H 99 43.26 33.78 20.59
C THR H 99 44.58 33.72 21.34
N CYS H 100 44.55 34.05 22.62
CA CYS H 100 45.76 34.17 23.41
C CYS H 100 46.17 32.79 23.92
N TRP H 101 47.28 32.27 23.38
CA TRP H 101 47.92 31.13 24.00
C TRP H 101 48.68 31.65 25.22
N GLN H 102 48.90 30.78 26.20
CA GLN H 102 49.52 31.24 27.43
C GLN H 102 50.69 30.34 27.80
N SER H 103 51.73 30.95 28.37
CA SER H 103 52.89 30.23 28.85
C SER H 103 52.72 29.91 30.32
N ASP H 104 53.56 29.00 30.81
CA ASP H 104 53.70 28.87 32.24
C ASP H 104 54.38 30.11 32.80
N SER H 105 54.20 30.34 34.08
CA SER H 105 54.69 31.56 34.69
C SER H 105 55.83 31.24 35.65
N TYR H 106 56.30 32.29 36.33
CA TYR H 106 57.40 32.20 37.28
C TYR H 106 58.65 31.64 36.59
N VAL H 107 58.95 32.24 35.43
CA VAL H 107 60.04 31.80 34.57
C VAL H 107 60.77 33.02 34.05
N GLN H 108 62.10 32.89 33.88
CA GLN H 108 62.96 33.98 33.45
C GLN H 108 64.32 33.36 33.11
N TYR H 109 65.21 34.20 32.59
CA TYR H 109 66.62 33.86 32.44
C TYR H 109 67.21 33.41 33.77
N PRO H 110 68.12 32.43 33.78
CA PRO H 110 68.63 31.67 32.63
C PRO H 110 67.92 30.33 32.39
N HIS H 111 67.10 30.23 31.34
CA HIS H 111 66.43 28.95 31.05
C HIS H 111 66.04 28.91 29.57
N ASN H 112 66.08 27.71 29.01
CA ASN H 112 65.70 27.52 27.61
C ASN H 112 64.19 27.67 27.47
N VAL H 113 63.75 28.63 26.66
CA VAL H 113 62.33 28.82 26.35
C VAL H 113 62.15 28.44 24.89
N THR H 114 61.94 27.15 24.62
CA THR H 114 61.96 26.61 23.26
C THR H 114 60.59 26.08 22.87
N LEU H 115 60.14 26.42 21.66
CA LEU H 115 58.94 25.87 21.07
C LEU H 115 59.30 25.32 19.69
N THR H 116 58.76 24.15 19.33
CA THR H 116 59.21 23.46 18.13
C THR H 116 58.10 23.25 17.11
N LEU H 117 58.49 23.24 15.84
CA LEU H 117 57.60 22.91 14.73
C LEU H 117 58.45 22.67 13.48
N SER H 118 58.32 21.52 12.82
CA SER H 118 59.09 21.28 11.61
C SER H 118 58.22 21.58 10.39
N LEU H 119 58.87 21.67 9.21
CA LEU H 119 58.16 22.04 7.98
C LEU H 119 57.91 20.84 7.08
N GLY H 120 58.96 20.22 6.53
CA GLY H 120 58.83 19.20 5.53
C GLY H 120 59.04 19.70 4.11
N LYS H 121 59.09 21.02 3.92
CA LYS H 121 59.43 21.63 2.64
C LYS H 121 60.34 22.83 2.90
N LYS H 122 61.34 23.00 2.04
CA LYS H 122 62.24 24.15 2.12
C LYS H 122 61.59 25.36 1.46
N PHE H 123 61.76 26.53 2.07
CA PHE H 123 61.13 27.75 1.58
C PHE H 123 62.09 28.93 1.63
N GLU H 124 61.68 29.99 0.93
CA GLU H 124 62.26 31.32 1.08
C GLU H 124 61.18 32.18 1.71
N VAL H 125 61.55 32.95 2.74
CA VAL H 125 60.58 33.66 3.55
C VAL H 125 60.88 35.15 3.48
N THR H 126 59.81 35.96 3.43
CA THR H 126 59.92 37.42 3.49
C THR H 126 59.17 37.99 4.68
N TYR H 127 57.87 37.70 4.83
CA TYR H 127 57.06 38.31 5.87
C TYR H 127 56.88 37.35 7.06
N VAL H 128 56.95 37.91 8.26
CA VAL H 128 56.65 37.19 9.50
C VAL H 128 55.90 38.15 10.42
N SER H 129 54.65 37.84 10.75
CA SER H 129 53.88 38.77 11.58
C SER H 129 53.30 38.04 12.79
N LEU H 130 53.12 38.78 13.87
CA LEU H 130 52.55 38.26 15.11
C LEU H 130 51.64 39.30 15.72
N GLN H 131 50.82 38.87 16.67
CA GLN H 131 49.95 39.76 17.45
C GLN H 131 49.90 39.21 18.86
N PHE H 132 50.19 40.05 19.84
CA PHE H 132 50.49 39.62 21.19
C PHE H 132 49.29 39.83 22.11
N CYS H 133 49.14 38.93 23.08
CA CYS H 133 48.32 39.23 24.25
C CYS H 133 49.14 39.56 25.49
N SER H 134 50.44 39.29 25.46
CA SER H 134 51.36 39.65 26.54
C SER H 134 52.33 40.72 26.06
N PRO H 135 53.00 41.40 26.99
CA PRO H 135 54.03 42.35 26.58
C PRO H 135 55.24 41.69 25.94
N ARG H 136 56.13 42.53 25.39
CA ARG H 136 57.34 42.10 24.71
C ARG H 136 58.50 41.99 25.68
N PRO H 137 59.11 40.80 25.78
CA PRO H 137 60.26 40.61 26.68
C PRO H 137 61.52 41.30 26.19
N GLU H 138 62.65 41.04 26.83
CA GLU H 138 63.90 41.72 26.50
C GLU H 138 64.83 40.89 25.63
N SER H 139 65.23 39.70 26.09
CA SER H 139 66.26 38.92 25.41
C SER H 139 65.64 37.74 24.66
N MET H 140 66.04 37.59 23.40
CA MET H 140 65.62 36.47 22.57
C MET H 140 66.56 36.39 21.37
N ALA H 141 66.48 35.27 20.65
CA ALA H 141 67.32 35.08 19.48
C ALA H 141 66.52 34.29 18.45
N ILE H 142 67.08 34.17 17.25
CA ILE H 142 66.46 33.45 16.15
C ILE H 142 67.43 32.36 15.70
N TYR H 143 66.90 31.22 15.30
CA TYR H 143 67.69 30.13 14.71
C TYR H 143 66.99 29.60 13.47
N LYS H 144 67.64 28.64 12.81
CA LYS H 144 67.04 27.93 11.69
C LYS H 144 67.81 26.63 11.49
N SER H 145 67.25 25.78 10.63
CA SER H 145 67.86 24.50 10.29
C SER H 145 67.66 24.27 8.80
N MET H 146 68.76 24.21 8.05
CA MET H 146 68.73 23.80 6.65
C MET H 146 68.61 22.27 6.49
N ASP H 147 68.40 21.55 7.60
CA ASP H 147 68.19 20.11 7.63
C ASP H 147 66.84 19.83 8.28
N TYR H 148 66.56 18.56 8.55
CA TYR H 148 65.30 18.12 9.15
C TYR H 148 65.46 17.97 10.67
N GLY H 149 65.73 19.09 11.34
CA GLY H 149 65.78 19.14 12.80
C GLY H 149 67.05 18.65 13.45
N LYS H 150 68.14 18.48 12.69
CA LYS H 150 69.41 17.96 13.20
C LYS H 150 70.44 19.07 13.39
N THR H 151 70.72 19.86 12.34
CA THR H 151 71.66 20.96 12.42
C THR H 151 70.89 22.24 12.75
N TRP H 152 71.58 23.19 13.37
CA TRP H 152 70.91 24.42 13.79
C TRP H 152 71.89 25.59 13.74
N VAL H 153 71.43 26.70 13.16
CA VAL H 153 72.22 27.93 13.09
C VAL H 153 71.33 29.10 13.48
N PRO H 154 71.92 30.13 14.11
CA PRO H 154 71.10 31.29 14.51
C PRO H 154 70.66 32.11 13.31
N PHE H 155 69.86 33.15 13.51
CA PHE H 155 69.51 33.97 12.35
C PHE H 155 69.68 35.45 12.71
N GLN H 156 69.08 35.89 13.82
CA GLN H 156 69.30 37.25 14.32
C GLN H 156 69.20 37.26 15.84
N PHE H 157 69.62 38.37 16.44
CA PHE H 157 69.51 38.53 17.88
C PHE H 157 68.69 39.77 18.19
N TYR H 158 68.11 39.78 19.39
CA TYR H 158 67.33 40.89 19.94
C TYR H 158 67.44 40.87 21.45
N SER H 159 67.97 41.95 22.02
CA SER H 159 68.09 42.10 23.46
C SER H 159 68.49 43.53 23.77
N THR H 160 68.21 43.97 25.00
CA THR H 160 68.78 45.24 25.44
C THR H 160 70.27 45.06 25.71
N GLN H 161 70.63 43.99 26.40
CA GLN H 161 72.02 43.61 26.59
C GLN H 161 72.37 42.55 25.57
N CYS H 162 72.66 43.01 24.35
CA CYS H 162 73.09 42.10 23.31
C CYS H 162 74.41 41.44 23.67
N ARG H 163 75.24 42.11 24.48
CA ARG H 163 76.54 41.60 24.87
C ARG H 163 76.43 40.71 26.10
N LYS H 164 75.94 41.28 27.21
CA LYS H 164 75.88 40.51 28.45
C LYS H 164 75.03 39.25 28.29
N MET H 165 74.02 39.29 27.43
CA MET H 165 73.17 38.13 27.19
C MET H 165 73.66 37.27 26.02
N TYR H 166 73.91 37.88 24.85
CA TYR H 166 74.25 37.16 23.64
C TYR H 166 75.69 37.34 23.17
N ASN H 167 76.50 38.12 23.88
CA ASN H 167 77.84 38.47 23.42
C ASN H 167 77.77 39.13 22.05
N LYS H 168 76.92 40.15 21.94
CA LYS H 168 76.62 40.77 20.67
C LYS H 168 76.70 42.29 20.78
N PRO H 169 77.03 42.97 19.67
CA PRO H 169 76.94 44.43 19.64
C PRO H 169 75.54 44.87 19.29
N SER H 170 75.15 46.04 19.80
CA SER H 170 73.82 46.55 19.51
C SER H 170 73.85 47.27 18.17
N ARG H 171 72.96 46.85 17.26
CA ARG H 171 72.84 47.43 15.91
C ARG H 171 74.18 47.37 15.16
N ALA H 172 74.69 46.15 15.00
CA ALA H 172 75.92 45.97 14.26
C ALA H 172 75.67 46.22 12.77
N ALA H 173 76.76 46.26 12.00
CA ALA H 173 76.65 46.54 10.58
C ALA H 173 76.59 45.26 9.77
N ILE H 174 75.87 45.33 8.64
CA ILE H 174 75.76 44.23 7.70
C ILE H 174 76.78 44.48 6.60
N THR H 175 77.94 43.82 6.70
CA THR H 175 78.93 43.95 5.65
C THR H 175 78.43 43.23 4.40
N LYS H 176 78.76 43.81 3.23
CA LYS H 176 78.39 43.17 1.97
C LYS H 176 79.08 41.81 1.82
N GLN H 177 80.29 41.70 2.36
CA GLN H 177 81.08 40.46 2.27
C GLN H 177 80.48 39.36 3.14
N ASN H 178 79.64 39.72 4.13
CA ASN H 178 78.87 38.81 4.96
C ASN H 178 77.46 39.41 5.13
N GLU H 179 76.71 39.51 4.03
CA GLU H 179 75.34 39.99 4.12
C GLU H 179 74.46 39.08 4.94
N GLN H 180 74.99 37.95 5.39
CA GLN H 180 74.37 37.05 6.35
C GLN H 180 74.65 37.45 7.81
N GLU H 181 74.98 38.73 8.06
CA GLU H 181 75.29 39.17 9.41
C GLU H 181 74.05 39.13 10.29
N ALA H 182 74.25 38.82 11.56
CA ALA H 182 73.18 38.79 12.55
C ALA H 182 73.48 39.80 13.64
N ILE H 183 72.71 40.89 13.65
CA ILE H 183 72.91 41.98 14.58
C ILE H 183 71.90 41.83 15.72
N CYS H 184 72.08 42.64 16.75
CA CYS H 184 71.18 42.69 17.89
C CYS H 184 70.85 44.13 18.21
N THR H 185 69.62 44.36 18.68
CA THR H 185 69.20 45.70 19.08
C THR H 185 68.18 45.60 20.21
N ASP H 186 67.99 46.73 20.90
CA ASP H 186 66.95 46.89 21.91
C ASP H 186 65.66 47.44 21.29
N SER H 187 65.67 47.75 20.00
CA SER H 187 64.51 48.31 19.32
C SER H 187 63.34 47.34 19.34
N HIS H 188 62.14 47.91 19.50
CA HIS H 188 60.88 47.18 19.46
C HIS H 188 60.79 46.14 20.58
N THR H 189 61.57 46.32 21.65
CA THR H 189 61.42 45.58 22.89
C THR H 189 60.57 46.34 23.91
N ASP H 190 59.86 47.38 23.47
CA ASP H 190 59.15 48.27 24.37
C ASP H 190 57.72 47.77 24.62
N VAL H 191 57.18 48.17 25.76
CA VAL H 191 55.77 47.97 26.07
C VAL H 191 55.25 49.24 26.74
N ARG H 192 54.16 49.81 26.22
CA ARG H 192 53.31 49.32 25.11
C ARG H 192 54.09 49.07 23.80
N PRO H 193 53.72 48.02 23.02
CA PRO H 193 52.56 47.17 23.32
C PRO H 193 52.72 46.10 24.41
N LEU H 194 51.88 46.23 25.44
CA LEU H 194 51.62 45.18 26.41
C LEU H 194 50.71 44.10 25.86
N SER H 195 49.93 44.43 24.83
CA SER H 195 49.12 43.46 24.11
C SER H 195 49.03 43.93 22.65
N GLY H 196 48.72 42.98 21.77
CA GLY H 196 48.67 43.28 20.35
C GLY H 196 49.99 43.76 19.79
N GLY H 197 51.11 43.34 20.41
CA GLY H 197 52.41 43.78 19.93
C GLY H 197 52.73 43.17 18.58
N LEU H 198 53.32 43.98 17.71
CA LEU H 198 53.66 43.55 16.37
C LEU H 198 55.17 43.61 16.21
N ILE H 199 55.82 42.45 16.14
CA ILE H 199 57.25 42.34 15.91
C ILE H 199 57.44 41.54 14.64
N ALA H 200 58.05 42.17 13.63
CA ALA H 200 58.27 41.54 12.35
C ALA H 200 59.74 41.65 11.96
N PHE H 201 60.06 41.13 10.77
CA PHE H 201 61.40 41.20 10.22
C PHE H 201 61.36 40.73 8.78
N SER H 202 62.01 41.48 7.89
CA SER H 202 62.15 41.12 6.48
C SER H 202 63.61 40.76 6.23
N THR H 203 63.84 39.50 5.86
CA THR H 203 65.20 39.01 5.64
C THR H 203 65.91 39.80 4.55
N LEU H 204 65.16 40.38 3.61
CA LEU H 204 65.73 41.07 2.47
C LEU H 204 66.33 42.43 2.82
N ASP H 205 65.95 42.99 3.96
CA ASP H 205 66.39 44.32 4.36
C ASP H 205 67.88 44.36 4.68
N GLY H 206 68.56 45.42 4.21
CA GLY H 206 69.95 45.66 4.51
C GLY H 206 70.95 44.98 3.58
N ARG H 207 70.56 43.91 2.91
CA ARG H 207 71.50 43.19 2.05
C ARG H 207 71.78 44.01 0.79
N PRO H 208 73.04 44.39 0.54
CA PRO H 208 73.35 45.14 -0.69
C PRO H 208 73.03 44.35 -1.95
N THR H 209 73.05 43.01 -1.91
CA THR H 209 72.72 42.17 -3.05
C THR H 209 71.27 41.69 -3.01
N ALA H 210 70.38 42.42 -2.31
CA ALA H 210 68.98 42.03 -2.22
C ALA H 210 68.16 42.53 -3.41
N HIS H 211 68.57 43.66 -4.02
CA HIS H 211 67.87 44.17 -5.19
C HIS H 211 68.02 43.23 -6.36
N ASP H 212 69.08 42.41 -6.34
CA ASP H 212 69.27 41.32 -7.28
C ASP H 212 69.45 40.03 -6.50
N PHE H 213 68.46 39.72 -5.64
CA PHE H 213 68.55 38.52 -4.82
C PHE H 213 68.45 37.29 -5.70
N ASP H 214 67.72 37.40 -6.81
CA ASP H 214 67.62 36.30 -7.76
C ASP H 214 68.99 35.94 -8.33
N ASN H 215 69.94 36.87 -8.26
CA ASN H 215 71.33 36.65 -8.66
C ASN H 215 72.27 36.76 -7.46
N SER H 216 71.75 36.47 -6.26
CA SER H 216 72.50 36.46 -5.01
C SER H 216 72.37 35.06 -4.41
N PRO H 217 73.14 34.08 -4.91
CA PRO H 217 72.98 32.70 -4.41
C PRO H 217 73.29 32.56 -2.93
N VAL H 218 74.25 33.34 -2.40
CA VAL H 218 74.48 33.38 -0.96
C VAL H 218 73.24 33.85 -0.23
N LEU H 219 72.54 34.85 -0.79
CA LEU H 219 71.23 35.21 -0.27
C LEU H 219 70.22 34.12 -0.57
N GLN H 220 70.30 33.53 -1.78
CA GLN H 220 69.52 32.33 -2.12
C GLN H 220 69.93 31.14 -1.25
N ASP H 221 71.09 31.22 -0.61
CA ASP H 221 71.45 30.37 0.52
C ASP H 221 71.02 30.98 1.85
N TRP H 222 71.09 32.31 1.99
CA TRP H 222 70.63 32.95 3.23
C TRP H 222 69.14 32.71 3.46
N VAL H 223 68.38 32.54 2.37
CA VAL H 223 66.95 32.20 2.45
C VAL H 223 66.71 30.72 2.67
N THR H 224 67.74 29.87 2.56
CA THR H 224 67.54 28.44 2.75
C THR H 224 67.11 28.19 4.19
N ALA H 225 66.00 27.49 4.35
CA ALA H 225 65.49 27.18 5.68
C ALA H 225 64.55 26.00 5.57
N THR H 226 64.77 25.01 6.43
CA THR H 226 63.88 23.86 6.55
C THR H 226 63.21 23.81 7.92
N ASP H 227 63.98 23.80 9.00
CA ASP H 227 63.43 23.82 10.35
C ASP H 227 63.91 25.07 11.08
N ILE H 228 63.11 25.55 12.03
CA ILE H 228 63.37 26.81 12.71
C ILE H 228 63.27 26.57 14.22
N LYS H 229 64.17 27.20 14.98
CA LYS H 229 64.17 27.11 16.43
C LYS H 229 64.36 28.51 17.02
N VAL H 230 63.65 28.81 18.10
CA VAL H 230 63.78 30.10 18.78
C VAL H 230 63.78 29.85 20.29
N THR H 231 64.80 30.37 20.97
CA THR H 231 64.94 30.26 22.41
C THR H 231 65.03 31.66 23.00
N PHE H 232 64.40 31.85 24.14
CA PHE H 232 64.38 33.14 24.84
C PHE H 232 65.15 33.00 26.14
N SER H 233 65.65 34.13 26.65
CA SER H 233 66.30 34.10 27.96
C SER H 233 65.69 35.11 28.93
N ARG H 234 65.85 36.40 28.65
CA ARG H 234 65.44 37.45 29.58
C ARG H 234 64.13 38.09 29.13
N LEU H 235 63.17 38.14 30.06
CA LEU H 235 61.93 38.87 29.89
C LEU H 235 62.16 40.36 30.15
N ARG H 250 54.65 38.29 44.67
CA ARG H 250 53.27 38.70 44.42
C ARG H 250 52.85 38.40 43.00
N ASP H 251 53.57 38.98 42.04
CA ASP H 251 53.18 38.91 40.65
C ASP H 251 53.66 37.62 40.00
N SER H 252 52.87 37.16 39.02
CA SER H 252 53.19 36.03 38.16
C SER H 252 53.41 36.54 36.74
N TYR H 253 54.64 36.39 36.23
CA TYR H 253 55.00 36.82 34.87
C TYR H 253 55.02 35.62 33.93
N PHE H 254 54.61 35.87 32.70
CA PHE H 254 54.20 34.81 31.77
C PHE H 254 54.57 35.26 30.36
N TYR H 255 54.03 34.54 29.37
CA TYR H 255 54.14 34.92 27.97
C TYR H 255 52.86 34.54 27.25
N ALA H 256 52.41 35.39 26.32
CA ALA H 256 51.14 35.20 25.63
C ALA H 256 51.17 35.91 24.28
N VAL H 257 50.33 35.40 23.37
CA VAL H 257 50.29 35.87 21.98
C VAL H 257 48.98 35.40 21.37
N SER H 258 48.40 36.23 20.49
CA SER H 258 47.05 35.99 19.98
C SER H 258 47.02 35.16 18.71
N ASP H 259 48.06 35.21 17.88
CA ASP H 259 48.06 34.46 16.63
C ASP H 259 49.47 34.51 16.07
N LEU H 260 49.67 33.83 14.94
CA LEU H 260 50.93 33.87 14.22
C LEU H 260 50.66 33.82 12.72
N GLN H 261 51.39 34.67 11.98
CA GLN H 261 51.33 34.76 10.54
C GLN H 261 52.75 34.92 10.00
N VAL H 262 53.02 34.26 8.89
CA VAL H 262 54.31 34.34 8.22
C VAL H 262 54.03 34.38 6.72
N GLY H 263 55.05 34.70 5.93
CA GLY H 263 54.86 34.77 4.49
C GLY H 263 56.09 34.23 3.78
N GLY H 264 55.87 33.50 2.69
CA GLY H 264 56.98 32.89 1.97
C GLY H 264 56.48 32.29 0.67
N ARG H 265 57.41 31.70 -0.08
CA ARG H 265 57.08 31.05 -1.34
C ARG H 265 57.71 29.67 -1.38
N CYS H 266 56.99 28.72 -1.98
CA CYS H 266 57.46 27.35 -2.00
C CYS H 266 58.59 27.21 -3.01
N LYS H 267 59.72 26.65 -2.56
CA LYS H 267 60.93 26.63 -3.38
C LYS H 267 60.85 25.53 -4.43
N CYS H 268 60.50 25.92 -5.66
CA CYS H 268 60.54 25.04 -6.82
C CYS H 268 61.50 25.56 -7.88
N ASN H 269 62.36 26.51 -7.51
CA ASN H 269 63.40 27.03 -8.39
C ASN H 269 62.83 27.62 -9.67
N GLY H 270 61.56 27.99 -9.66
CA GLY H 270 60.87 28.40 -10.86
C GLY H 270 60.54 27.28 -11.82
N HIS H 271 60.71 26.02 -11.41
CA HIS H 271 60.48 24.86 -12.28
C HIS H 271 59.21 24.12 -11.90
N ALA H 272 58.45 24.63 -10.93
CA ALA H 272 57.13 24.12 -10.59
C ALA H 272 56.32 25.29 -10.06
N SER H 273 55.09 25.42 -10.53
CA SER H 273 54.20 26.51 -10.16
C SER H 273 53.55 26.30 -8.79
N ARG H 274 53.82 25.18 -8.14
CA ARG H 274 53.16 24.85 -6.88
C ARG H 274 53.95 23.74 -6.18
N CYS H 275 53.38 23.25 -5.09
CA CYS H 275 53.98 22.16 -4.32
C CYS H 275 52.85 21.20 -3.97
N VAL H 276 53.06 19.91 -4.21
CA VAL H 276 52.02 18.90 -4.04
C VAL H 276 52.54 17.76 -3.17
N ARG H 277 51.60 16.93 -2.71
CA ARG H 277 51.94 15.80 -1.88
C ARG H 277 52.53 14.65 -2.72
N ASP H 278 53.28 13.79 -2.05
CA ASP H 278 53.85 12.59 -2.65
C ASP H 278 52.91 11.42 -2.39
N ARG H 279 53.23 10.28 -3.01
CA ARG H 279 52.45 9.07 -2.81
C ARG H 279 52.45 8.59 -1.36
N ASP H 280 53.38 9.06 -0.54
CA ASP H 280 53.39 8.80 0.89
C ASP H 280 53.09 10.08 1.68
N ASP H 281 52.25 10.95 1.12
CA ASP H 281 51.80 12.19 1.77
C ASP H 281 52.99 13.07 2.14
N ASN H 282 53.71 13.53 1.10
CA ASN H 282 54.95 14.29 1.25
C ASN H 282 54.96 15.44 0.26
N LEU H 283 55.06 16.68 0.76
CA LEU H 283 54.96 17.86 -0.09
C LEU H 283 56.16 17.95 -1.04
N VAL H 284 55.89 17.89 -2.35
CA VAL H 284 56.92 17.92 -3.37
C VAL H 284 56.54 18.94 -4.43
N CYS H 285 57.54 19.50 -5.10
CA CYS H 285 57.31 20.37 -6.24
C CYS H 285 56.91 19.51 -7.45
N ASP H 286 55.93 19.98 -8.22
CA ASP H 286 55.61 19.36 -9.50
C ASP H 286 56.62 19.82 -10.55
N CYS H 287 57.82 19.27 -10.43
CA CYS H 287 58.99 19.79 -11.13
C CYS H 287 58.86 19.67 -12.64
N LYS H 288 58.57 20.79 -13.28
CA LYS H 288 58.59 20.95 -14.72
C LYS H 288 59.95 21.52 -15.11
N HIS H 289 60.07 22.05 -16.34
CA HIS H 289 61.34 22.59 -16.85
C HIS H 289 62.40 21.49 -16.87
N ASN H 290 61.95 20.26 -17.07
CA ASN H 290 62.81 19.08 -17.18
C ASN H 290 63.55 18.81 -15.88
N THR H 291 62.98 19.24 -14.76
CA THR H 291 63.64 19.14 -13.46
C THR H 291 62.98 18.05 -12.64
N ALA H 292 63.72 17.55 -11.65
CA ALA H 292 63.24 16.47 -10.81
C ALA H 292 63.53 16.82 -9.36
N GLY H 293 63.12 15.91 -8.48
CA GLY H 293 63.23 16.14 -7.07
C GLY H 293 62.00 16.82 -6.52
N PRO H 294 61.74 16.62 -5.23
CA PRO H 294 60.58 17.28 -4.61
C PRO H 294 60.68 18.80 -4.63
N GLU H 295 61.84 19.36 -4.99
CA GLU H 295 62.07 20.80 -4.94
C GLU H 295 62.44 21.39 -6.28
N CYS H 296 62.40 20.59 -7.36
CA CYS H 296 62.89 20.98 -8.69
C CYS H 296 64.38 21.28 -8.68
N ASP H 297 65.08 20.74 -7.68
CA ASP H 297 66.48 21.03 -7.46
C ASP H 297 67.39 20.40 -8.50
N ARG H 298 66.99 19.26 -9.07
CA ARG H 298 67.82 18.51 -10.02
C ARG H 298 67.08 18.22 -11.32
N CYS H 299 67.85 17.77 -12.30
CA CYS H 299 67.29 17.34 -13.58
C CYS H 299 66.64 15.97 -13.44
N LYS H 300 65.77 15.65 -14.39
CA LYS H 300 65.15 14.34 -14.44
C LYS H 300 66.21 13.30 -14.78
N PRO H 301 66.02 12.05 -14.34
CA PRO H 301 66.92 10.98 -14.76
C PRO H 301 67.00 10.89 -16.27
N PHE H 302 68.19 10.56 -16.77
CA PHE H 302 68.48 10.52 -18.21
C PHE H 302 68.37 11.91 -18.83
N HIS H 303 68.53 12.97 -18.00
CA HIS H 303 68.55 14.37 -18.47
C HIS H 303 69.84 15.04 -18.03
N TYR H 304 70.95 14.70 -18.67
CA TYR H 304 72.24 15.18 -18.22
C TYR H 304 73.12 15.73 -19.34
N ASP H 305 72.55 16.47 -20.29
CA ASP H 305 73.41 17.15 -21.27
C ASP H 305 73.91 18.47 -20.70
N ARG H 306 73.00 19.25 -20.11
CA ARG H 306 73.44 20.41 -19.36
C ARG H 306 72.96 20.28 -17.92
N PRO H 307 73.75 20.72 -16.95
CA PRO H 307 73.37 20.54 -15.54
C PRO H 307 72.12 21.31 -15.20
N TRP H 308 71.56 20.97 -14.04
CA TRP H 308 70.37 21.66 -13.56
C TRP H 308 70.66 23.11 -13.23
N GLN H 309 69.67 23.97 -13.47
CA GLN H 309 69.74 25.38 -13.13
C GLN H 309 68.36 25.87 -12.72
N ARG H 310 68.31 27.07 -12.15
CA ARG H 310 67.06 27.66 -11.70
C ARG H 310 66.52 28.56 -12.80
N ALA H 311 65.19 28.55 -12.98
CA ALA H 311 64.58 29.39 -14.00
C ALA H 311 64.82 30.86 -13.67
N THR H 312 65.43 31.57 -14.61
CA THR H 312 65.72 32.99 -14.46
C THR H 312 64.81 33.82 -15.38
N ALA H 313 64.77 35.12 -15.10
CA ALA H 313 64.01 36.04 -15.95
C ALA H 313 64.63 36.11 -17.34
N ARG H 314 65.96 36.05 -17.42
CA ARG H 314 66.63 36.07 -18.71
C ARG H 314 66.50 34.73 -19.43
N GLU H 315 66.68 33.62 -18.70
CA GLU H 315 66.63 32.29 -19.27
C GLU H 315 65.86 31.37 -18.32
N ALA H 316 64.98 30.53 -18.86
CA ALA H 316 64.29 29.60 -17.99
C ALA H 316 65.19 28.46 -17.53
N ASN H 317 66.44 28.45 -18.00
CA ASN H 317 67.48 27.47 -17.67
C ASN H 317 66.90 26.11 -17.26
N GLU H 318 66.09 25.55 -18.15
CA GLU H 318 65.51 24.24 -17.92
C GLU H 318 66.57 23.16 -18.12
N CYS H 319 66.26 21.95 -17.65
CA CYS H 319 67.14 20.83 -17.89
C CYS H 319 66.93 20.25 -19.29
N VAL H 320 67.83 19.37 -19.69
CA VAL H 320 67.80 18.79 -21.04
C VAL H 320 68.21 17.32 -20.97
N ALA H 321 67.46 16.47 -21.67
CA ALA H 321 67.74 15.05 -21.68
C ALA H 321 68.98 14.75 -22.52
N CYS H 322 69.45 13.52 -22.42
CA CYS H 322 70.52 13.04 -23.29
C CYS H 322 69.92 12.45 -24.55
N ASN H 323 70.68 12.52 -25.63
CA ASN H 323 70.28 11.96 -26.91
C ASN H 323 70.92 10.59 -27.07
N CYS H 324 70.08 9.56 -27.28
CA CYS H 324 70.52 8.21 -27.61
C CYS H 324 69.96 7.74 -28.94
N ASN H 325 69.22 8.59 -29.65
CA ASN H 325 68.63 8.23 -30.93
C ASN H 325 67.84 6.94 -30.80
N LEU H 326 67.07 6.84 -29.71
CA LEU H 326 66.22 5.69 -29.42
C LEU H 326 67.03 4.41 -29.25
N HIS H 327 68.18 4.51 -28.57
CA HIS H 327 69.04 3.33 -28.48
C HIS H 327 69.72 3.17 -27.11
N ALA H 328 69.22 3.82 -26.07
CA ALA H 328 69.74 3.63 -24.73
C ALA H 328 68.70 4.14 -23.74
N ARG H 329 68.87 3.74 -22.49
CA ARG H 329 67.91 4.09 -21.45
C ARG H 329 68.46 5.00 -20.37
N ARG H 330 69.78 5.00 -20.16
CA ARG H 330 70.40 5.78 -19.11
C ARG H 330 71.52 6.66 -19.66
N CYS H 331 71.79 7.75 -18.95
CA CYS H 331 72.90 8.62 -19.29
C CYS H 331 73.40 9.32 -18.04
N ARG H 332 74.61 9.85 -18.14
CA ARG H 332 75.22 10.64 -17.08
C ARG H 332 75.83 11.89 -17.70
N PHE H 333 76.66 12.62 -16.94
CA PHE H 333 77.17 13.89 -17.43
C PHE H 333 78.54 14.17 -16.81
N ASN H 334 79.36 14.92 -17.56
CA ASN H 334 80.62 15.46 -17.07
C ASN H 334 80.72 16.92 -17.50
N MET H 335 81.19 17.77 -16.58
CA MET H 335 81.20 19.22 -16.84
C MET H 335 82.18 19.58 -17.96
N GLU H 336 83.37 18.95 -17.98
CA GLU H 336 84.35 19.25 -19.02
C GLU H 336 83.73 19.07 -20.40
N LEU H 337 82.85 18.07 -20.55
CA LEU H 337 82.07 17.91 -21.77
C LEU H 337 81.28 19.18 -22.03
N TYR H 338 80.50 19.63 -21.04
CA TYR H 338 79.78 20.89 -21.16
C TYR H 338 80.78 22.04 -21.30
N LYS H 339 81.79 22.08 -20.43
CA LYS H 339 82.80 23.15 -20.48
C LYS H 339 83.43 23.27 -21.85
N LEU H 340 84.02 22.17 -22.34
CA LEU H 340 84.70 22.18 -23.63
C LEU H 340 83.74 22.25 -24.82
N SER H 341 82.44 22.13 -24.59
CA SER H 341 81.47 22.34 -25.65
C SER H 341 81.22 23.82 -25.89
N GLY H 342 82.09 24.69 -25.39
CA GLY H 342 81.74 26.09 -25.25
C GLY H 342 80.63 26.28 -24.24
N ARG H 343 80.58 25.38 -23.25
CA ARG H 343 79.54 25.32 -22.22
C ARG H 343 78.14 25.23 -22.81
N LYS H 344 77.91 24.18 -23.64
CA LYS H 344 76.56 23.95 -24.17
C LYS H 344 76.09 22.50 -24.28
N SER H 345 76.88 21.47 -23.96
CA SER H 345 76.41 20.08 -24.11
C SER H 345 77.29 19.10 -23.34
N GLY H 346 76.66 18.05 -22.79
CA GLY H 346 77.38 17.00 -22.08
C GLY H 346 76.73 15.63 -22.00
N GLY H 347 75.69 15.38 -22.79
CA GLY H 347 74.99 14.11 -22.71
C GLY H 347 75.78 12.97 -23.34
N VAL H 348 75.54 11.76 -22.86
CA VAL H 348 76.20 10.57 -23.38
C VAL H 348 75.44 9.31 -23.00
N CYS H 349 75.21 8.42 -23.96
CA CYS H 349 74.42 7.23 -23.69
C CYS H 349 75.26 6.11 -23.11
N LEU H 350 74.57 5.21 -22.43
CA LEU H 350 75.17 4.02 -21.84
C LEU H 350 74.35 2.81 -22.25
N ASN H 351 75.04 1.71 -22.53
CA ASN H 351 74.39 0.45 -22.91
C ASN H 351 73.48 0.68 -24.13
N CYS H 352 74.14 0.92 -25.26
CA CYS H 352 73.44 1.30 -26.48
C CYS H 352 72.78 0.06 -27.07
N ARG H 353 71.45 0.01 -26.97
CA ARG H 353 70.68 -1.19 -27.27
C ARG H 353 70.50 -1.31 -28.79
N HIS H 354 69.89 -2.41 -29.22
CA HIS H 354 69.80 -2.82 -30.64
C HIS H 354 71.18 -2.86 -31.28
N ASN H 355 72.17 -3.31 -30.50
CA ASN H 355 73.54 -3.48 -30.97
C ASN H 355 74.09 -2.17 -31.56
N THR H 356 73.69 -1.05 -30.98
CA THR H 356 74.10 0.28 -31.38
C THR H 356 75.24 0.74 -30.46
N ALA H 357 75.87 1.88 -30.80
CA ALA H 357 76.98 2.36 -29.99
C ALA H 357 77.23 3.84 -30.24
N GLY H 358 77.74 4.51 -29.21
CA GLY H 358 78.15 5.90 -29.27
C GLY H 358 77.59 6.73 -28.12
N ARG H 359 78.05 7.99 -28.09
CA ARG H 359 77.55 8.95 -27.12
C ARG H 359 76.04 9.12 -27.22
N HIS H 360 75.53 9.14 -28.46
CA HIS H 360 74.10 9.11 -28.77
C HIS H 360 73.69 7.75 -29.29
N CYS H 361 74.49 6.72 -29.01
CA CYS H 361 74.37 5.45 -29.70
C CYS H 361 74.32 5.71 -31.20
N HIS H 362 75.15 6.67 -31.64
CA HIS H 362 74.96 7.37 -32.90
C HIS H 362 75.92 6.93 -33.99
N TYR H 363 76.41 5.68 -33.95
CA TYR H 363 77.14 5.10 -35.06
C TYR H 363 77.07 3.58 -34.94
N CYS H 364 77.10 2.89 -36.08
CA CYS H 364 77.02 1.44 -36.06
C CYS H 364 78.34 0.84 -35.63
N LYS H 365 78.29 -0.08 -34.68
CA LYS H 365 79.52 -0.66 -34.16
C LYS H 365 80.11 -1.66 -35.16
N GLU H 366 81.19 -2.31 -34.73
CA GLU H 366 81.94 -3.25 -35.55
C GLU H 366 81.09 -4.45 -35.97
N GLY H 367 81.08 -4.75 -37.27
CA GLY H 367 80.30 -5.82 -37.86
C GLY H 367 79.26 -5.36 -38.84
N PHE H 368 78.59 -4.24 -38.55
CA PHE H 368 77.53 -3.71 -39.38
C PHE H 368 77.92 -2.33 -39.93
N TYR H 369 77.06 -1.78 -40.80
CA TYR H 369 77.17 -0.42 -41.35
C TYR H 369 75.82 0.27 -41.20
N ARG H 370 75.78 1.54 -41.60
CA ARG H 370 74.61 2.39 -41.41
C ARG H 370 73.71 2.34 -42.64
N ASP H 371 72.44 1.97 -42.44
CA ASP H 371 71.45 2.05 -43.52
C ASP H 371 71.12 3.52 -43.79
N LEU H 372 71.93 4.17 -44.63
CA LEU H 372 71.82 5.61 -44.85
C LEU H 372 70.45 6.05 -45.38
N SER H 373 69.78 5.19 -46.18
CA SER H 373 68.47 5.55 -46.71
C SER H 373 67.44 5.71 -45.60
N LYS H 374 67.58 4.93 -44.53
CA LYS H 374 66.75 4.77 -43.36
C LYS H 374 67.04 5.92 -42.38
N PRO H 375 66.11 6.28 -41.50
CA PRO H 375 66.36 7.40 -40.59
C PRO H 375 67.56 7.16 -39.67
N ILE H 376 68.07 8.26 -39.10
CA ILE H 376 69.33 8.21 -38.36
C ILE H 376 69.22 7.45 -37.04
N SER H 377 67.99 7.24 -36.56
CA SER H 377 67.74 6.60 -35.27
C SER H 377 66.78 5.42 -35.34
N HIS H 378 66.54 4.87 -36.53
CA HIS H 378 65.56 3.80 -36.64
C HIS H 378 66.05 2.56 -35.90
N ARG H 379 65.09 1.68 -35.58
CA ARG H 379 65.36 0.49 -34.79
C ARG H 379 66.43 -0.39 -35.43
N LYS H 380 66.48 -0.43 -36.75
CA LYS H 380 67.49 -1.16 -37.52
C LYS H 380 68.27 -0.22 -38.44
N ALA H 381 68.57 1.00 -37.98
CA ALA H 381 69.25 1.99 -38.81
C ALA H 381 70.62 1.52 -39.28
N CYS H 382 71.15 0.46 -38.67
CA CYS H 382 72.43 -0.13 -39.02
C CYS H 382 72.23 -1.46 -39.77
N LYS H 383 72.94 -1.62 -40.90
CA LYS H 383 72.89 -2.82 -41.73
C LYS H 383 74.28 -3.41 -41.92
N GLU H 384 74.34 -4.73 -41.99
CA GLU H 384 75.64 -5.41 -42.05
C GLU H 384 76.37 -5.05 -43.35
N CYS H 385 77.70 -5.15 -43.29
CA CYS H 385 78.53 -4.92 -44.46
C CYS H 385 78.51 -6.16 -45.33
N ASP H 386 77.77 -6.11 -46.44
CA ASP H 386 77.72 -7.22 -47.37
C ASP H 386 78.89 -7.13 -48.35
N CYS H 387 80.08 -7.34 -47.80
CA CYS H 387 81.30 -7.27 -48.59
C CYS H 387 81.43 -8.55 -49.41
N HIS H 388 81.87 -8.41 -50.67
CA HIS H 388 82.02 -9.57 -51.53
C HIS H 388 83.02 -10.56 -50.96
N PRO H 389 82.57 -11.73 -50.50
CA PRO H 389 83.53 -12.71 -49.96
C PRO H 389 84.57 -13.16 -50.97
N VAL H 390 84.33 -12.88 -52.26
CA VAL H 390 85.24 -13.19 -53.37
C VAL H 390 85.93 -11.92 -53.89
N GLY H 391 85.15 -10.94 -54.36
CA GLY H 391 85.69 -9.70 -54.93
C GLY H 391 86.24 -8.70 -53.92
N ALA H 392 85.75 -8.74 -52.68
CA ALA H 392 86.27 -7.92 -51.59
C ALA H 392 87.22 -8.79 -50.77
N ALA H 393 88.30 -8.19 -50.28
CA ALA H 393 89.30 -9.00 -49.58
C ALA H 393 88.90 -9.27 -48.14
N GLY H 394 88.16 -8.34 -47.51
CA GLY H 394 87.65 -8.53 -46.18
C GLY H 394 86.16 -8.27 -46.14
N GLN H 395 85.56 -8.59 -44.99
CA GLN H 395 84.13 -8.43 -44.80
C GLN H 395 83.75 -7.13 -44.08
N THR H 396 84.71 -6.28 -43.75
CA THR H 396 84.40 -5.02 -43.07
C THR H 396 84.37 -3.97 -44.16
N CYS H 397 83.26 -3.24 -44.24
CA CYS H 397 83.12 -2.22 -45.27
C CYS H 397 83.53 -0.89 -44.67
N ASN H 398 83.93 0.05 -45.53
CA ASN H 398 84.39 1.33 -45.02
C ASN H 398 83.21 2.00 -44.32
N GLN H 399 83.16 1.96 -42.98
CA GLN H 399 81.98 2.46 -42.27
C GLN H 399 81.60 3.86 -42.73
N THR H 400 82.57 4.60 -43.28
CA THR H 400 82.30 5.87 -43.97
C THR H 400 81.71 5.63 -45.38
N THR H 401 82.51 5.05 -46.29
CA THR H 401 82.12 4.79 -47.69
C THR H 401 81.44 3.43 -47.92
N GLY H 402 81.46 2.52 -46.94
CA GLY H 402 81.06 1.14 -47.19
C GLY H 402 81.93 0.42 -48.20
N GLN H 403 83.04 1.03 -48.61
CA GLN H 403 83.93 0.41 -49.59
C GLN H 403 84.55 -0.83 -48.99
N CYS H 404 84.19 -1.98 -49.53
CA CYS H 404 84.74 -3.23 -49.08
C CYS H 404 86.16 -3.33 -49.60
N PRO H 405 86.95 -4.26 -49.11
CA PRO H 405 88.34 -4.33 -49.58
C PRO H 405 88.45 -4.82 -51.02
N CYS H 406 88.34 -3.90 -51.97
CA CYS H 406 88.44 -4.27 -53.38
C CYS H 406 89.83 -4.80 -53.69
N LYS H 407 89.88 -6.02 -54.19
CA LYS H 407 91.11 -6.67 -54.58
C LYS H 407 91.38 -6.37 -56.05
N ASP H 408 92.62 -6.62 -56.45
CA ASP H 408 93.38 -5.85 -57.42
C ASP H 408 92.56 -5.16 -58.50
N GLY H 409 91.84 -5.94 -59.30
CA GLY H 409 91.03 -5.38 -60.35
C GLY H 409 89.56 -5.33 -60.05
N VAL H 410 89.16 -5.75 -58.86
CA VAL H 410 87.75 -5.71 -58.49
C VAL H 410 87.41 -4.29 -58.08
N THR H 411 86.24 -3.82 -58.52
CA THR H 411 85.74 -2.51 -58.10
C THR H 411 84.34 -2.64 -57.53
N GLY H 412 83.68 -1.51 -57.26
CA GLY H 412 82.40 -1.56 -56.57
C GLY H 412 82.55 -1.43 -55.07
N ILE H 413 81.50 -0.89 -54.44
CA ILE H 413 81.55 -0.65 -52.99
C ILE H 413 81.74 -1.95 -52.22
N THR H 414 80.93 -2.96 -52.52
CA THR H 414 81.16 -4.29 -51.96
C THR H 414 82.24 -5.04 -52.71
N CYS H 415 82.81 -4.45 -53.78
CA CYS H 415 83.84 -5.08 -54.62
C CYS H 415 83.33 -6.36 -55.27
N ASN H 416 82.35 -6.18 -56.16
CA ASN H 416 81.75 -7.28 -56.89
C ASN H 416 82.09 -7.23 -58.38
N ARG H 417 82.02 -6.06 -58.98
CA ARG H 417 82.24 -5.93 -60.41
C ARG H 417 83.74 -6.02 -60.70
N CYS H 418 84.07 -6.36 -61.94
CA CYS H 418 85.44 -6.22 -62.39
C CYS H 418 85.54 -4.86 -63.08
N ALA H 419 86.70 -4.24 -63.00
CA ALA H 419 86.76 -2.87 -63.48
C ALA H 419 87.05 -2.88 -64.97
N LYS H 420 87.13 -1.69 -65.57
CA LYS H 420 87.42 -1.58 -66.99
C LYS H 420 88.78 -2.21 -67.28
N GLY H 421 88.79 -3.17 -68.21
CA GLY H 421 89.95 -3.98 -68.49
C GLY H 421 90.07 -5.20 -67.60
N TYR H 422 89.00 -5.60 -66.92
CA TYR H 422 88.98 -6.81 -66.11
C TYR H 422 87.74 -7.59 -66.50
N GLN H 423 87.94 -8.77 -67.07
CA GLN H 423 86.84 -9.64 -67.45
C GLN H 423 86.73 -10.72 -66.39
N GLN H 424 85.49 -11.11 -66.09
CA GLN H 424 85.28 -12.12 -65.06
C GLN H 424 86.01 -13.39 -65.43
N SER H 425 86.70 -13.97 -64.46
CA SER H 425 87.35 -15.26 -64.62
C SER H 425 86.78 -16.19 -63.56
N ARG H 426 86.63 -17.45 -63.92
CA ARG H 426 86.11 -18.46 -63.00
C ARG H 426 87.15 -18.95 -62.01
N SER H 427 88.34 -18.36 -61.98
CA SER H 427 89.32 -18.73 -60.97
C SER H 427 88.70 -18.49 -59.59
N PRO H 428 88.68 -19.50 -58.71
CA PRO H 428 88.08 -19.30 -57.38
C PRO H 428 88.88 -18.38 -56.47
N ILE H 429 89.95 -17.75 -56.97
CA ILE H 429 90.76 -16.83 -56.17
C ILE H 429 90.90 -15.49 -56.89
N ALA H 430 91.02 -15.51 -58.22
CA ALA H 430 91.19 -14.31 -59.03
C ALA H 430 90.06 -14.16 -60.04
N PRO H 431 88.99 -13.40 -59.70
CA PRO H 431 87.91 -13.17 -60.68
C PRO H 431 88.30 -12.15 -61.74
N CYS H 432 88.86 -11.02 -61.30
CA CYS H 432 89.17 -9.90 -62.19
C CYS H 432 90.67 -9.90 -62.51
N ILE H 433 91.00 -9.94 -63.81
CA ILE H 433 92.38 -9.94 -64.29
C ILE H 433 92.45 -9.05 -65.51
N LYS H 434 93.52 -8.22 -65.58
CA LYS H 434 93.74 -7.41 -66.75
C LYS H 434 93.89 -8.30 -67.99
N ILE H 435 93.80 -7.68 -69.15
CA ILE H 435 93.91 -8.40 -70.42
C ILE H 435 95.13 -7.91 -71.18
N PRO H 436 95.87 -8.79 -71.88
CA PRO H 436 97.01 -8.42 -72.72
C PRO H 436 96.59 -7.67 -73.99
C1 NAG I . -63.56 -40.39 50.84
C2 NAG I . -63.91 -41.83 51.08
C3 NAG I . -62.66 -42.69 50.95
C4 NAG I . -61.93 -42.38 49.64
C5 NAG I . -61.87 -40.89 49.29
C6 NAG I . -61.47 -40.68 47.84
C7 NAG I . -65.30 -43.06 52.70
C8 NAG I . -65.85 -43.08 54.09
N2 NAG I . -64.52 -42.02 52.39
O3 NAG I . -63.10 -44.04 50.95
O4 NAG I . -60.55 -42.73 49.77
O5 NAG I . -63.14 -40.23 49.49
O6 NAG I . -62.56 -40.85 46.96
O7 NAG I . -65.54 -43.94 51.87
C1 NAG I . -60.34 -44.12 50.02
C2 NAG I . -59.67 -44.76 48.81
C3 NAG I . -58.37 -45.47 49.21
C4 NAG I . -58.54 -46.34 50.45
C5 NAG I . -59.34 -45.63 51.54
C6 NAG I . -58.68 -45.63 52.89
C7 NAG I . -61.27 -45.39 47.04
C8 NAG I . -61.09 -44.01 46.49
N2 NAG I . -60.58 -45.69 48.14
O3 NAG I . -57.35 -44.51 49.44
O4 NAG I . -59.14 -47.59 50.13
O5 NAG I . -59.52 -44.26 51.17
O6 NAG I . -59.12 -46.73 53.70
O7 NAG I . -62.02 -46.21 46.51
C1 BMA I . -58.12 -48.52 49.69
C2 BMA I . -57.22 -49.06 50.90
C3 BMA I . -58.08 -49.89 51.89
C4 BMA I . -59.28 -50.53 51.20
C5 BMA I . -58.89 -50.85 49.74
C6 BMA I . -59.89 -51.77 49.07
O2 BMA I . -56.49 -48.06 51.66
O3 BMA I . -58.52 -49.12 52.98
O4 BMA I . -59.68 -51.71 51.89
O5 BMA I . -58.73 -49.62 48.98
O6 BMA I . -60.02 -52.92 49.92
C1 MAN I . -57.91 -49.67 54.17
C2 MAN I . -59.08 -49.89 55.19
C3 MAN I . -58.55 -50.03 56.62
C4 MAN I . -57.31 -49.15 56.91
C5 MAN I . -57.09 -48.10 55.82
C6 MAN I . -55.85 -47.25 56.03
O2 MAN I . -59.81 -51.09 54.90
O3 MAN I . -58.29 -51.40 56.95
O4 MAN I . -57.48 -48.49 58.17
O5 MAN I . -56.90 -48.77 54.59
O6 MAN I . -55.66 -46.44 54.87
C1 MAN I . -58.96 -53.85 49.61
C2 MAN I . -59.39 -55.28 50.03
C3 MAN I . -58.16 -56.06 50.53
C4 MAN I . -56.93 -55.75 49.68
C5 MAN I . -56.56 -54.26 49.83
C6 MAN I . -56.02 -53.62 48.56
O2 MAN I . -59.91 -56.03 48.92
O3 MAN I . -58.41 -57.46 50.56
O4 MAN I . -55.83 -56.55 50.10
O5 MAN I . -57.72 -53.51 50.24
O6 MAN I . -55.88 -52.21 48.78
C1 NAG J . -77.76 -17.85 64.91
C2 NAG J . -77.01 -18.72 65.89
C3 NAG J . -77.13 -18.17 67.29
C4 NAG J . -76.36 -16.85 67.39
C5 NAG J . -76.63 -15.95 66.18
C6 NAG J . -75.43 -15.75 65.28
C7 NAG J . -76.72 -21.09 65.34
C8 NAG J . -75.36 -20.72 64.83
N2 NAG J . -77.46 -20.10 65.83
O3 NAG J . -76.57 -19.16 68.14
O4 NAG J . -76.68 -16.10 68.56
O5 NAG J . -77.72 -16.44 65.35
O6 NAG J . -75.81 -15.42 63.96
O7 NAG J . -77.12 -22.26 65.30
C1 NAG J . -76.93 -16.87 69.77
C2 NAG J . -75.65 -17.08 70.61
C3 NAG J . -75.99 -17.87 71.87
C4 NAG J . -77.11 -17.19 72.64
C5 NAG J . -78.33 -16.97 71.73
C6 NAG J . -79.44 -16.21 72.41
C7 NAG J . -73.32 -17.41 69.85
C8 NAG J . -72.96 -16.24 70.71
N2 NAG J . -74.61 -17.76 69.84
O3 NAG J . -74.82 -17.98 72.68
O4 NAG J . -77.50 -18.01 73.74
O5 NAG J . -77.94 -16.21 70.58
O6 NAG J . -79.48 -16.44 73.81
O7 NAG J . -72.48 -18.02 69.20
C1 NAG K . -20.65 10.66 65.50
C2 NAG K . -22.06 10.28 65.91
C3 NAG K . -22.29 8.82 65.55
C4 NAG K . -21.92 8.56 64.09
C5 NAG K . -20.63 9.25 63.63
C6 NAG K . -20.50 9.24 62.12
C7 NAG K . -23.54 10.67 67.82
C8 NAG K . -23.64 10.87 69.30
N2 NAG K . -22.30 10.50 67.33
O3 NAG K . -23.64 8.49 65.80
O4 NAG K . -21.61 7.18 63.93
O5 NAG K . -20.55 10.62 64.08
O6 NAG K . -21.60 9.87 61.47
O7 NAG K . -24.54 10.67 67.09
C1 NAG K . -22.67 6.18 63.90
C2 NAG K . -23.97 6.53 63.15
C3 NAG K . -24.80 5.29 62.80
C4 NAG K . -24.00 4.03 62.48
C5 NAG K . -22.66 3.93 63.21
C6 NAG K . -21.69 2.95 62.58
C7 NAG K . -25.24 8.63 63.32
C8 NAG K . -24.87 8.87 61.89
N2 NAG K . -24.78 7.50 63.87
O3 NAG K . -25.69 5.59 61.72
O4 NAG K . -24.78 2.90 62.83
O5 NAG K . -22.00 5.19 63.22
O6 NAG K . -20.50 2.82 63.34
O7 NAG K . -25.91 9.43 63.96
C1 BMA K . -25.57 2.34 61.76
C2 BMA K . -24.78 1.19 61.07
C3 BMA K . -24.45 0.10 62.12
C4 BMA K . -25.48 0.08 63.26
C5 BMA K . -26.85 0.49 62.69
C6 BMA K . -28.01 0.28 63.66
O2 BMA K . -23.57 1.63 60.46
O3 BMA K . -23.18 0.34 62.65
O4 BMA K . -25.52 -1.22 63.86
O5 BMA K . -26.80 1.90 62.34
O6 BMA K . -27.95 -1.06 64.17
C1 MAN K . -22.34 -0.80 62.70
C2 MAN K . -21.82 -0.80 64.15
C3 MAN K . -20.53 -1.63 64.31
C4 MAN K . -19.59 -1.53 63.07
C5 MAN K . -20.02 -0.39 62.12
C6 MAN K . -19.15 -0.31 60.87
O2 MAN K . -22.77 -1.40 65.06
O3 MAN K . -20.81 -2.98 64.63
O4 MAN K . -18.24 -1.32 63.49
O5 MAN K . -21.37 -0.65 61.69
O6 MAN K . -19.74 0.66 59.98
C1 MAN K . -28.38 -2.00 63.16
C2 MAN K . -29.24 -3.09 63.83
C3 MAN K . -28.95 -4.45 63.18
C4 MAN K . -28.78 -4.30 61.65
C5 MAN K . -27.54 -3.42 61.34
C6 MAN K . -27.71 -2.52 60.12
O2 MAN K . -30.64 -2.84 63.65
O3 MAN K . -29.96 -5.41 63.48
O4 MAN K . -28.59 -5.58 61.06
O5 MAN K . -27.25 -2.57 62.50
O6 MAN K . -26.58 -1.63 60.05
C1 NAG L . -3.94 31.32 80.37
C2 NAG L . -3.29 29.97 80.56
C3 NAG L . -2.05 30.08 81.40
C4 NAG L . -0.98 30.82 80.62
C5 NAG L . -1.55 32.06 79.91
C6 NAG L . -1.55 31.96 78.40
C7 NAG L . -4.55 27.83 80.56
C8 NAG L . -3.87 27.55 79.25
N2 NAG L . -4.23 29.01 81.15
O3 NAG L . -1.66 28.74 81.68
O4 NAG L . 0.13 31.23 81.41
O5 NAG L . -2.88 32.37 80.34
O6 NAG L . -2.42 32.92 77.81
O7 NAG L . -5.33 27.04 81.07
C1 NAG L . 0.46 30.42 82.58
C2 NAG L . 1.39 29.24 82.22
C3 NAG L . 1.72 28.44 83.48
C4 NAG L . 2.28 29.34 84.56
C5 NAG L . 1.33 30.51 84.83
C6 NAG L . 1.88 31.50 85.82
C7 NAG L . 1.37 28.07 80.05
C8 NAG L . 2.73 28.66 79.81
N2 NAG L . 0.78 28.38 81.22
O3 NAG L . 2.66 27.42 83.16
O4 NAG L . 2.47 28.61 85.77
O5 NAG L . 1.07 31.23 83.61
O6 NAG L . 2.85 30.91 86.67
O7 NAG L . 0.83 27.34 79.23
C1 NAG M . 4.20 -65.11 -19.52
C2 NAG M . 5.10 -65.99 -18.69
C3 NAG M . 4.95 -65.62 -17.23
C4 NAG M . 5.10 -64.11 -17.02
C5 NAG M . 4.42 -63.27 -18.10
C6 NAG M . 4.90 -61.82 -18.07
C7 NAG M . 5.65 -68.24 -19.53
C8 NAG M . 5.20 -69.65 -19.65
N2 NAG M . 4.81 -67.40 -18.90
O3 NAG M . 5.97 -66.32 -16.50
O4 NAG M . 4.40 -63.70 -15.85
O5 NAG M . 4.65 -63.78 -19.43
O6 NAG M . 6.30 -61.71 -18.27
O7 NAG M . 6.73 -67.84 -19.98
C1 NAG M . 4.81 -64.27 -14.60
C2 NAG M . 5.82 -63.32 -13.94
C3 NAG M . 6.10 -63.68 -12.46
C4 NAG M . 4.89 -64.23 -11.70
C5 NAG M . 3.92 -65.04 -12.56
C6 NAG M . 2.55 -65.23 -11.92
C7 NAG M . 7.47 -62.10 -15.28
C8 NAG M . 6.59 -60.91 -15.10
N2 NAG M . 7.06 -63.24 -14.68
O3 NAG M . 6.61 -62.54 -11.82
O4 NAG M . 5.28 -65.01 -10.58
O5 NAG M . 3.69 -64.38 -13.81
O6 NAG M . 2.63 -65.82 -10.64
O7 NAG M . 8.52 -62.05 -15.91
C1 BMA M . 5.64 -64.13 -9.49
C2 BMA M . 4.46 -64.00 -8.44
C3 BMA M . 4.17 -65.36 -7.77
C4 BMA M . 5.41 -66.26 -7.77
C5 BMA M . 6.67 -65.37 -7.65
C6 BMA M . 7.93 -66.15 -7.42
O2 BMA M . 3.26 -63.51 -9.06
O3 BMA M . 3.09 -66.05 -8.36
O4 BMA M . 5.36 -67.18 -6.69
O5 BMA M . 6.85 -64.62 -8.87
O6 BMA M . 7.71 -67.05 -6.35
C1 MAN M . 1.93 -65.87 -7.51
C2 MAN M . 1.08 -67.17 -7.57
C3 MAN M . -0.33 -66.96 -7.03
C4 MAN M . -0.92 -65.56 -7.37
C5 MAN M . -0.09 -64.85 -8.44
C6 MAN M . -0.59 -63.44 -8.75
O2 MAN M . 1.65 -68.22 -6.76
O3 MAN M . -0.41 -67.21 -5.63
O4 MAN M . -2.26 -65.69 -7.83
O5 MAN M . 1.25 -64.70 -7.93
O6 MAN M . 0.35 -62.81 -9.61
C1 MAN M . 8.55 -66.60 -5.25
C2 MAN M . 8.64 -67.75 -4.21
C3 MAN M . 8.64 -67.16 -2.81
C4 MAN M . 9.48 -65.87 -2.75
C5 MAN M . 8.85 -64.78 -3.66
C6 MAN M . 9.86 -63.91 -4.38
O2 MAN M . 9.88 -68.47 -4.35
O3 MAN M . 9.11 -68.10 -1.84
O4 MAN M . 9.55 -65.39 -1.42
O5 MAN M . 8.01 -65.42 -4.67
O6 MAN M . 9.16 -63.08 -5.30
C1 NAG N . -10.45 -72.66 -45.70
C2 NAG N . -11.12 -73.53 -44.64
C3 NAG N . -12.45 -74.04 -45.15
C4 NAG N . -13.42 -72.86 -45.25
C5 NAG N . -12.77 -71.66 -45.95
C6 NAG N . -12.61 -70.45 -45.06
C7 NAG N . -10.07 -74.99 -42.95
C8 NAG N . -10.79 -74.17 -41.92
N2 NAG N . -10.26 -74.63 -44.24
O3 NAG N . -12.91 -75.02 -44.23
O4 NAG N . -14.62 -73.22 -45.95
O5 NAG N . -11.48 -71.96 -46.52
O6 NAG N . -11.64 -69.54 -45.57
O7 NAG N . -9.34 -75.93 -42.65
C1 NAG N . -15.49 -74.17 -45.27
C2 NAG N . -16.44 -73.52 -44.23
C3 NAG N . -17.35 -74.59 -43.64
C4 NAG N . -18.09 -75.35 -44.73
C5 NAG N . -17.09 -75.92 -45.73
C6 NAG N . -17.76 -76.59 -46.91
C7 NAG N . -15.66 -71.51 -43.04
C8 NAG N . -16.44 -70.71 -44.04
N2 NAG N . -15.70 -72.84 -43.18
O3 NAG N . -18.29 -73.97 -42.75
O4 NAG N . -18.85 -76.41 -44.16
O5 NAG N . -16.28 -74.87 -46.27
O6 NAG N . -18.70 -77.58 -46.50
O7 NAG N . -15.02 -70.97 -42.13
C1 NAG O . -52.09 18.16 -11.73
C2 NAG O . -51.58 19.57 -11.82
C3 NAG O . -50.08 19.55 -12.05
C4 NAG O . -49.38 18.64 -11.05
C5 NAG O . -50.14 17.34 -10.74
C6 NAG O . -49.62 16.70 -9.48
C7 NAG O . -52.27 21.65 -12.95
C8 NAG O . -52.99 22.24 -14.10
N2 NAG O . -52.25 20.31 -12.88
O3 NAG O . -49.59 20.88 -11.91
O4 NAG O . -48.19 18.13 -11.62
O5 NAG O . -51.56 17.55 -10.57
O6 NAG O . -50.18 17.28 -8.31
O7 NAG O . -51.71 22.34 -12.10
C1 NAG O . -47.18 19.14 -11.82
C2 NAG O . -46.11 18.98 -10.74
C3 NAG O . -44.88 19.86 -11.01
C4 NAG O . -44.51 20.02 -12.48
C5 NAG O . -45.69 19.97 -13.44
C6 NAG O . -45.29 19.72 -14.88
C7 NAG O . -46.72 18.30 -8.47
C8 NAG O . -46.19 16.95 -8.85
N2 NAG O . -46.65 19.24 -9.41
O3 NAG O . -43.78 19.31 -10.29
O4 NAG O . -43.84 21.26 -12.67
O5 NAG O . -46.60 18.93 -13.07
O6 NAG O . -45.39 20.89 -15.69
O7 NAG O . -47.19 18.52 -7.36
C1 BMA O . -42.45 21.19 -12.34
C2 BMA O . -41.56 20.81 -13.57
C3 BMA O . -41.72 21.88 -14.66
C4 BMA O . -42.10 23.26 -14.07
C5 BMA O . -41.44 23.39 -12.67
C6 BMA O . -41.53 24.79 -12.05
O2 BMA O . -41.93 19.54 -14.16
O3 BMA O . -42.62 21.52 -15.68
O4 BMA O . -41.70 24.32 -14.93
O5 BMA O . -42.09 22.46 -11.77
O6 BMA O . -41.10 25.77 -13.01
C1 MAN O . -41.80 21.65 -16.88
C2 MAN O . -42.43 22.80 -17.77
C3 MAN O . -41.89 22.79 -19.21
C4 MAN O . -41.66 21.35 -19.75
C5 MAN O . -42.33 20.29 -18.85
C6 MAN O . -42.09 18.87 -19.32
O2 MAN O . -42.08 24.11 -17.25
O3 MAN O . -40.72 23.59 -19.34
O4 MAN O . -42.21 21.27 -21.05
O5 MAN O . -41.77 20.37 -17.55
O6 MAN O . -42.59 17.98 -18.31
C1 MAN O . -39.66 25.73 -13.19
C2 MAN O . -39.15 27.17 -13.27
C3 MAN O . -38.02 27.24 -14.30
C4 MAN O . -37.11 26.00 -14.22
C5 MAN O . -37.93 24.73 -14.59
C6 MAN O . -37.53 23.50 -13.78
O2 MAN O . -38.58 27.59 -12.03
O3 MAN O . -37.25 28.43 -14.16
O4 MAN O . -36.02 26.12 -15.14
O5 MAN O . -39.33 24.99 -14.36
O6 MAN O . -38.46 22.45 -14.09
C1 NAG P . -79.83 10.35 -20.80
C2 NAG P . -78.97 10.66 -22.01
C3 NAG P . -79.71 10.33 -23.29
C4 NAG P . -79.89 8.82 -23.40
C5 NAG P . -80.34 8.21 -22.07
C6 NAG P . -79.31 7.31 -21.42
C7 NAG P . -77.27 12.42 -21.75
C8 NAG P . -76.29 11.32 -21.46
N2 NAG P . -78.53 12.04 -22.00
O3 NAG P . -78.89 10.82 -24.34
O4 NAG P . -80.84 8.44 -24.39
O5 NAG P . -80.72 9.20 -21.09
O6 NAG P . -79.61 7.07 -20.06
O7 NAG P . -76.93 13.60 -21.76
C1 NAG P . -80.95 9.27 -25.57
C2 NAG P . -80.02 8.79 -26.70
C3 NAG P . -80.20 9.66 -27.93
C4 NAG P . -81.66 9.69 -28.35
C5 NAG P . -82.54 10.12 -27.18
C6 NAG P . -84.02 10.07 -27.48
C7 NAG P . -77.76 7.82 -26.46
C8 NAG P . -78.29 6.61 -27.16
N2 NAG P . -78.62 8.82 -26.26
O3 NAG P . -79.39 9.15 -28.99
O4 NAG P . -81.84 10.61 -29.42
O5 NAG P . -82.32 9.25 -26.06
O6 NAG P . -84.30 10.34 -28.86
O7 NAG P . -76.59 7.88 -26.07
C1 NAG Q . 20.01 -6.87 -89.62
C2 NAG Q . 19.27 -6.26 -90.79
C3 NAG Q . 18.54 -5.01 -90.34
C4 NAG Q . 17.72 -5.27 -89.08
C5 NAG Q . 18.43 -6.15 -88.05
C6 NAG Q . 17.47 -6.63 -86.98
C7 NAG Q . 19.79 -5.63 -93.12
C8 NAG Q . 20.89 -5.35 -94.10
N2 NAG Q . 20.19 -5.97 -91.88
O3 NAG Q . 17.67 -4.63 -91.40
O4 NAG Q . 17.41 -4.09 -88.34
O5 NAG Q . 19.07 -7.29 -88.64
O6 NAG Q . 16.42 -7.42 -87.52
O7 NAG Q . 18.60 -5.55 -93.41
C1 NAG Q . 17.17 -2.87 -89.07
C2 NAG Q . 15.67 -2.77 -89.40
C3 NAG Q . 15.28 -1.36 -89.88
C4 NAG Q . 16.04 -0.21 -89.22
C5 NAG Q . 17.48 -0.55 -88.86
C6 NAG Q . 18.10 0.42 -87.87
C7 NAG Q . 14.53 -4.85 -90.00
C8 NAG Q . 14.16 -4.96 -88.54
N2 NAG Q . 15.25 -3.78 -90.35
O3 NAG Q . 13.88 -1.19 -89.71
O4 NAG Q . 16.00 0.96 -90.03
O5 NAG Q . 17.54 -1.84 -88.25
O6 NAG Q . 18.11 1.75 -88.36
O7 NAG Q . 14.20 -5.70 -90.82
C1 BMA Q . 14.80 1.70 -89.69
C2 BMA Q . 15.15 2.99 -88.87
C3 BMA Q . 16.00 3.96 -89.72
C4 BMA Q . 15.71 3.78 -91.23
C5 BMA Q . 14.24 3.37 -91.41
C6 BMA Q . 13.75 3.41 -92.86
O2 BMA Q . 15.90 2.69 -87.69
O3 BMA Q . 17.37 3.83 -89.46
O4 BMA Q . 16.01 4.98 -91.94
O5 BMA Q . 14.06 2.02 -90.90
O6 BMA Q . 14.06 4.69 -93.43
C1 MAN Q . 17.83 5.14 -89.06
C2 MAN Q . 19.18 5.40 -89.78
C3 MAN Q . 19.95 6.57 -89.16
C4 MAN Q . 19.78 6.68 -87.62
C5 MAN Q . 19.17 5.39 -87.03
C6 MAN Q . 18.94 5.49 -85.53
O2 MAN Q . 18.99 5.75 -91.16
O3 MAN Q . 19.61 7.81 -89.78
O4 MAN Q . 21.04 6.90 -87.01
O5 MAN Q . 17.88 5.20 -87.63
O6 MAN Q . 18.21 4.34 -85.10
C1 MAN Q . 13.16 5.67 -92.87
C2 MAN Q . 12.69 6.59 -94.01
C3 MAN Q . 12.58 8.02 -93.48
C4 MAN Q . 12.01 8.06 -92.05
C5 MAN Q . 12.99 7.34 -91.10
C6 MAN Q . 12.30 6.55 -89.98
O2 MAN Q . 11.37 6.24 -94.44
O3 MAN Q . 11.79 8.84 -94.34
O4 MAN Q . 11.85 9.39 -91.61
O5 MAN Q . 13.82 6.42 -91.85
O6 MAN Q . 13.29 5.80 -89.28
C1 NAG R . 43.78 -26.04 -94.17
C2 NAG R . 44.26 -24.61 -94.39
C3 NAG R . 45.77 -24.56 -94.46
C4 NAG R . 46.35 -24.87 -93.09
C5 NAG R . 45.65 -26.08 -92.46
C6 NAG R . 44.84 -25.74 -91.22
C7 NAG R . 42.71 -23.09 -95.56
C8 NAG R . 42.27 -22.63 -94.19
N2 NAG R . 43.66 -24.04 -95.59
O3 NAG R . 46.10 -23.22 -94.87
O4 NAG R . 47.75 -25.16 -93.14
O5 NAG R . 44.78 -26.78 -93.37
O6 NAG R . 43.93 -26.78 -90.91
O7 NAG R . 42.23 -22.62 -96.58
C1 NAG R . 48.56 -24.28 -93.95
C2 NAG R . 49.16 -23.13 -93.12
C3 NAG R . 50.02 -22.23 -94.01
C4 NAG R . 51.09 -23.07 -94.72
C5 NAG R . 50.44 -24.22 -95.49
C6 NAG R . 51.44 -25.15 -96.12
C7 NAG R . 48.16 -21.95 -91.19
C8 NAG R . 49.37 -22.36 -90.41
N2 NAG R . 48.12 -22.34 -92.48
O3 NAG R . 50.64 -21.23 -93.22
O4 NAG R . 51.81 -22.25 -95.64
O5 NAG R . 49.64 -25.01 -94.59
O6 NAG R . 52.59 -25.31 -95.29
O7 NAG R . 47.25 -21.28 -90.70
C1 NAG S . -2.03 70.43 -5.09
C2 NAG S . -0.93 71.38 -5.45
C3 NAG S . -0.38 71.01 -6.83
C4 NAG S . -0.05 69.53 -6.91
C5 NAG S . -1.09 68.61 -6.22
C6 NAG S . -0.55 67.21 -6.03
C7 NAG S . -0.55 73.79 -5.23
C8 NAG S . -1.19 75.15 -5.23
N2 NAG S . -1.38 72.76 -5.42
O3 NAG S . 0.78 71.80 -7.06
O4 NAG S . -0.08 69.07 -8.26
O5 NAG S . -1.50 69.12 -4.95
O6 NAG S . 0.59 67.19 -5.18
O7 NAG S . 0.66 73.64 -5.09
C1 NAG S . 0.90 69.66 -9.18
C2 NAG S . 2.26 68.98 -9.06
C3 NAG S . 3.22 69.37 -10.20
C4 NAG S . 2.54 69.59 -11.55
C5 NAG S . 1.11 70.12 -11.47
C6 NAG S . 0.31 69.93 -12.74
C7 NAG S . 3.19 68.24 -6.91
C8 NAG S . 2.86 66.85 -7.35
N2 NAG S . 2.89 69.23 -7.77
O3 NAG S . 4.21 68.36 -10.33
O4 NAG S . 3.32 70.49 -12.33
O5 NAG S . 0.38 69.45 -10.44
O6 NAG S . 0.91 70.55 -13.87
O7 NAG S . 3.71 68.48 -5.83
C1 BMA S . 4.39 69.81 -13.01
C2 BMA S . 4.01 69.61 -14.50
C3 BMA S . 3.84 70.96 -15.18
C4 BMA S . 4.68 72.06 -14.51
C5 BMA S . 5.97 71.42 -13.96
C6 BMA S . 6.99 72.45 -13.49
O2 BMA S . 2.78 68.90 -14.66
O3 BMA S . 2.51 71.36 -15.21
O4 BMA S . 4.98 73.09 -15.44
O5 BMA S . 5.62 70.55 -12.84
O6 BMA S . 7.15 73.41 -14.54
C1 MAN S . 2.20 71.70 -16.56
C2 MAN S . 1.41 73.03 -16.47
C3 MAN S . 0.61 73.30 -17.72
C4 MAN S . 0.03 72.01 -18.38
C5 MAN S . 0.13 70.81 -17.42
C6 MAN S . -0.36 69.52 -18.04
O2 MAN S . 2.29 74.16 -16.30
O3 MAN S . 1.36 74.04 -18.67
O4 MAN S . -1.32 72.20 -18.75
O5 MAN S . 1.51 70.61 -17.11
O6 MAN S . -0.04 68.44 -17.16
C1 MAN S . 8.15 72.95 -15.49
C2 MAN S . 8.84 74.19 -16.10
C3 MAN S . 9.16 73.89 -17.57
C4 MAN S . 9.66 72.45 -17.75
C5 MAN S . 8.52 71.45 -17.39
C6 MAN S . 8.99 70.19 -16.69
O2 MAN S . 10.09 74.48 -15.46
O3 MAN S . 10.12 74.81 -18.10
O4 MAN S . 10.04 72.21 -19.11
O5 MAN S . 7.57 72.12 -16.50
O6 MAN S . 7.86 69.46 -16.24
C1 NAG T . -27.58 77.86 10.61
C2 NAG T . -27.72 78.54 9.26
C3 NAG T . -29.11 79.11 9.09
C4 NAG T . -30.12 77.97 8.97
C5 NAG T . -29.86 76.88 10.02
C6 NAG T . -29.40 75.56 9.45
C7 NAG T . -25.81 79.54 8.09
C8 NAG T . -25.88 78.35 7.17
N2 NAG T . -26.72 79.57 9.07
O3 NAG T . -29.06 79.89 7.90
O4 NAG T . -31.47 78.41 9.09
O5 NAG T . -28.89 77.28 11.02
O6 NAG T . -28.72 74.77 10.41
O7 NAG T . -24.97 80.42 7.95
C1 NAG T . -31.86 79.48 8.16
C2 NAG T . -32.43 78.93 6.85
C3 NAG T . -32.81 80.10 5.93
C4 NAG T . -33.76 81.05 6.65
C5 NAG T . -33.15 81.50 7.98
C6 NAG T . -34.08 82.37 8.80
C7 NAG T . -31.65 76.76 5.98
C8 NAG T . -32.93 76.18 6.51
N2 NAG T . -31.46 78.07 6.17
O3 NAG T . -33.43 79.61 4.75
O4 NAG T . -34.01 82.19 5.85
O5 NAG T . -32.83 80.35 8.79
O6 NAG T . -34.61 83.45 8.04
O7 NAG T . -30.81 76.07 5.41
C1 NAG U . 57.77 -16.52 -33.64
C2 NAG U . 58.10 -15.95 -34.98
C3 NAG U . 56.82 -15.47 -35.66
C4 NAG U . 55.76 -16.56 -35.65
C5 NAG U . 55.69 -17.36 -34.33
C6 NAG U . 54.93 -18.64 -34.49
C7 NAG U . 60.36 -15.02 -35.19
C8 NAG U . 61.22 -13.81 -35.03
N2 NAG U . 59.07 -14.86 -34.89
O3 NAG U . 57.17 -15.12 -37.00
O4 NAG U . 54.45 -15.98 -35.76
O5 NAG U . 56.99 -17.68 -33.81
O6 NAG U . 55.76 -19.78 -34.36
O7 NAG U . 60.81 -16.10 -35.57
C1 NAG U . 54.22 -15.00 -36.81
C2 NAG U . 53.32 -15.66 -37.86
C3 NAG U . 52.79 -14.65 -38.90
C4 NAG U . 52.47 -13.26 -38.35
C5 NAG U . 53.39 -12.82 -37.22
C6 NAG U . 52.86 -11.64 -36.42
C7 NAG U . 53.65 -18.04 -38.31
C8 NAG U . 52.53 -18.29 -37.33
N2 NAG U . 53.98 -16.77 -38.52
O3 NAG U . 51.63 -15.22 -39.50
O4 NAG U . 52.53 -12.29 -39.39
O5 NAG U . 53.57 -13.89 -36.28
O6 NAG U . 52.38 -10.60 -37.25
O7 NAG U . 54.23 -18.97 -38.87
C1 BMA U . 51.31 -12.33 -40.18
C2 BMA U . 50.34 -11.15 -39.83
C3 BMA U . 51.00 -9.81 -40.15
C4 BMA U . 52.06 -9.96 -41.26
C5 BMA U . 51.60 -11.07 -42.25
C6 BMA U . 52.44 -11.15 -43.53
O2 BMA U . 49.99 -11.14 -38.43
O3 BMA U . 51.57 -9.19 -39.01
O4 BMA U . 52.24 -8.72 -41.93
O5 BMA U . 51.69 -12.34 -41.57
O6 BMA U . 52.53 -9.85 -44.11
C1 MAN U . 50.88 -7.93 -38.83
C2 MAN U . 51.80 -6.80 -39.38
C3 MAN U . 51.36 -5.41 -38.93
C4 MAN U . 50.80 -5.39 -37.49
C5 MAN U . 51.11 -6.69 -36.74
C6 MAN U . 50.53 -6.73 -35.35
O2 MAN U . 51.77 -6.74 -40.82
O3 MAN U . 50.44 -4.83 -39.84
O4 MAN U . 51.34 -4.29 -36.77
O5 MAN U . 50.52 -7.78 -37.46
O6 MAN U . 50.73 -8.03 -34.83
C1 MAN U . 51.26 -9.48 -44.70
C2 MAN U . 51.54 -8.76 -46.01
C3 MAN U . 50.54 -7.62 -46.19
C4 MAN U . 49.13 -8.04 -45.72
C5 MAN U . 49.14 -8.33 -44.22
C6 MAN U . 48.23 -9.49 -43.80
O2 MAN U . 51.37 -9.63 -47.13
O3 MAN U . 50.51 -7.16 -47.53
O4 MAN U . 48.19 -6.99 -45.97
O5 MAN U . 50.50 -8.65 -43.81
O6 MAN U . 48.47 -9.77 -42.41
C1 NAG V . 79.50 -16.99 -11.73
C2 NAG V . 79.18 -15.51 -11.78
C3 NAG V . 80.04 -14.75 -10.79
C4 NAG V . 79.63 -15.12 -9.37
C5 NAG V . 79.41 -16.63 -9.22
C6 NAG V . 77.96 -17.02 -8.99
C7 NAG V . 78.34 -14.67 -13.94
C8 NAG V . 76.96 -14.89 -13.39
N2 NAG V . 79.37 -14.98 -13.12
O3 NAG V . 79.82 -13.37 -11.04
O4 NAG V . 80.58 -14.72 -8.39
O5 NAG V . 79.90 -17.38 -10.36
O6 NAG V . 77.68 -18.33 -9.47
O7 NAG V . 78.53 -14.23 -15.07
C1 NAG V . 81.29 -13.46 -8.61
C2 NAG V . 80.54 -12.30 -7.89
C3 NAG V . 81.32 -11.00 -8.08
C4 NAG V . 82.75 -11.16 -7.62
C5 NAG V . 83.41 -12.35 -8.32
C6 NAG V . 84.80 -12.64 -7.81
C7 NAG V . 78.09 -12.41 -7.63
C8 NAG V . 78.36 -12.83 -6.22
N2 NAG V . 79.18 -12.17 -8.39
O3 NAG V . 80.67 -9.96 -7.37
O4 NAG V . 83.50 -9.99 -7.92
O5 NAG V . 82.64 -13.54 -8.09
O6 NAG V . 85.31 -11.56 -7.04
O7 NAG V . 76.97 -12.28 -8.08
C1 NAG W . 39.16 21.74 34.31
C2 NAG W . 38.80 21.72 35.77
C3 NAG W . 37.41 21.13 35.93
C4 NAG W . 36.41 21.79 35.00
C5 NAG W . 36.96 22.08 33.59
C6 NAG W . 36.09 23.04 32.82
C7 NAG W . 40.47 21.50 37.56
C8 NAG W . 41.42 20.57 38.26
N2 NAG W . 39.77 20.97 36.55
O3 NAG W . 37.03 21.34 37.29
O4 NAG W . 35.28 20.95 34.74
O5 NAG W . 38.29 22.61 33.62
O6 NAG W . 35.88 24.26 33.54
O7 NAG W . 40.35 22.68 37.89
C1 NAG W . 34.89 19.96 35.72
C2 NAG W . 33.64 20.52 36.41
C3 NAG W . 32.95 19.48 37.31
C4 NAG W . 32.99 18.05 36.78
C5 NAG W . 34.27 17.71 36.01
C6 NAG W . 34.16 16.44 35.18
C7 NAG W . 33.61 22.95 36.73
C8 NAG W . 32.89 23.02 35.40
N2 NAG W . 33.93 21.73 37.16
O3 NAG W . 31.61 19.89 37.53
O4 NAG W . 32.73 17.07 37.79
O5 NAG W . 34.59 18.76 35.11
O6 NAG W . 34.19 15.27 35.97
O7 NAG W . 33.88 23.96 37.37
C1 BMA W . 31.26 16.97 37.90
C2 BMA W . 30.67 15.86 36.87
C3 BMA W . 31.16 14.46 37.19
C4 BMA W . 31.51 14.30 38.69
C5 BMA W . 30.56 15.20 39.52
C6 BMA W . 30.58 14.91 41.01
O2 BMA W . 30.98 16.15 35.50
O3 BMA W . 32.26 14.10 36.38
O4 BMA W . 31.40 12.94 39.09
O5 BMA W . 30.91 16.58 39.29
O6 BMA W . 30.37 13.49 41.20
C1 MAN W . 32.08 12.70 36.10
C2 MAN W . 33.46 12.01 36.39
C3 MAN W . 33.54 10.62 35.77
C4 MAN W . 32.79 10.50 34.41
C5 MAN W . 32.45 11.87 33.83
C6 MAN W . 31.68 11.79 32.53
O2 MAN W . 33.68 11.83 37.79
O3 MAN W . 33.06 9.62 36.69
O4 MAN W . 33.60 9.81 33.47
O5 MAN W . 31.60 12.54 34.76
O6 MAN W . 31.26 13.11 32.18
C1 MAN W . 28.97 13.17 40.96
C2 MAN W . 28.48 12.18 42.04
C3 MAN W . 27.48 11.20 41.42
C4 MAN W . 26.55 11.93 40.40
C5 MAN W . 27.38 12.48 39.22
C6 MAN W . 26.88 13.82 38.69
O2 MAN W . 27.78 12.86 43.09
O3 MAN W . 26.70 10.52 42.39
O4 MAN W . 25.56 11.03 39.90
O5 MAN W . 28.77 12.65 39.64
O6 MAN W . 27.82 14.29 37.73
C1 NAG X . 69.18 24.03 27.74
C2 NAG X . 68.88 22.55 27.57
C3 NAG X . 70.14 21.78 27.23
C4 NAG X . 70.61 22.17 25.83
C5 NAG X . 70.54 23.69 25.62
C6 NAG X . 69.50 24.12 24.60
C7 NAG X . 66.95 21.66 28.81
C8 NAG X . 66.16 21.88 27.55
N2 NAG X . 68.24 21.99 28.76
O3 NAG X . 69.80 20.40 27.29
O4 NAG X . 71.94 21.74 25.52
O5 NAG X . 70.30 24.41 26.84
O6 NAG X . 69.25 25.52 24.66
O7 NAG X . 66.43 21.20 29.82
C1 NAG X . 72.48 20.56 26.18
C2 NAG X . 72.09 19.27 25.44
C3 NAG X . 72.73 18.06 26.13
C4 NAG X . 74.23 18.25 26.26
C5 NAG X . 74.54 19.57 26.97
C6 NAG X . 76.02 19.87 27.04
C7 NAG X . 69.95 18.94 24.24
C8 NAG X . 70.76 18.92 22.97
N2 NAG X . 70.64 19.10 25.37
O3 NAG X . 72.44 16.89 25.39
O4 NAG X . 74.80 17.18 27.01
O5 NAG X . 73.93 20.66 26.26
O6 NAG X . 76.79 18.85 26.42
O7 NAG X . 68.74 18.81 24.23
C1 NAG Y . -56.49 -28.21 37.69
C2 NAG Y . -56.45 -29.33 36.64
C3 NAG Y . -56.55 -30.69 37.33
C4 NAG Y . -55.47 -30.82 38.40
C5 NAG Y . -55.52 -29.64 39.37
C6 NAG Y . -54.40 -29.64 40.38
C7 NAG Y . -57.55 -29.79 34.47
C8 NAG Y . -58.73 -29.48 33.60
N2 NAG Y . -57.52 -29.16 35.66
O3 NAG Y . -56.40 -31.72 36.36
O4 NAG Y . -55.65 -32.03 39.12
O5 NAG Y . -55.43 -28.41 38.64
O6 NAG Y . -53.54 -30.76 40.19
O7 NAG Y . -56.66 -30.55 34.12
C1 NAG Z . -28.27 37.83 89.66
C2 NAG Z . -29.33 38.60 90.49
C3 NAG Z . -30.28 39.41 89.59
C4 NAG Z . -29.51 40.26 88.59
C5 NAG Z . -28.54 39.39 87.81
C6 NAG Z . -27.70 40.17 86.83
C7 NAG Z . -30.88 36.73 91.22
C8 NAG Z . -31.14 36.33 89.79
N2 NAG Z . -30.05 37.78 91.45
O3 NAG Z . -31.09 40.25 90.41
O4 NAG Z . -30.40 40.90 87.70
O5 NAG Z . -27.63 38.73 88.71
O6 NAG Z . -28.19 41.49 86.64
O7 NAG Z . -31.40 36.13 92.15
C1 NAG AA . -17.89 20.48 48.59
C2 NAG AA . -19.06 19.89 47.79
C3 NAG AA . -19.50 18.57 48.41
C4 NAG AA . -18.31 17.62 48.54
C5 NAG AA . -17.16 18.29 49.29
C6 NAG AA . -15.91 17.46 49.34
C7 NAG AA . -20.52 21.47 46.60
C8 NAG AA . -21.69 22.40 46.71
N2 NAG AA . -20.17 20.82 47.72
O3 NAG AA . -20.50 17.97 47.60
O4 NAG AA . -18.70 16.45 49.25
O5 NAG AA . -16.81 19.53 48.65
O6 NAG AA . -16.17 16.08 49.13
O7 NAG AA . -19.92 21.31 45.54
C1 NAG BA . 68.13 38.26 50.16
C2 NAG BA . 68.49 39.16 51.36
C3 NAG BA . 68.13 40.63 51.10
C4 NAG BA . 68.68 41.10 49.76
C5 NAG BA . 68.21 40.16 48.66
C6 NAG BA . 68.75 40.53 47.29
C7 NAG BA . 66.67 38.56 53.02
C8 NAG BA . 65.59 38.98 52.04
N2 NAG BA . 67.96 38.69 52.64
O3 NAG BA . 68.67 41.43 52.15
O4 NAG BA . 68.23 42.42 49.47
O5 NAG BA . 68.67 38.83 48.94
O6 NAG BA . 69.41 41.79 47.30
O7 NAG BA . 66.38 38.14 54.13
C1 NAG CA . 7.32 -48.08 -26.32
C2 NAG CA . 8.30 -47.64 -25.23
C3 NAG CA . 8.23 -48.59 -24.05
C4 NAG CA . 6.80 -48.73 -23.55
C5 NAG CA . 5.87 -49.09 -24.70
C6 NAG CA . 4.40 -49.12 -24.30
C7 NAG CA . 10.48 -46.53 -25.50
C8 NAG CA . 11.85 -46.61 -26.11
N2 NAG CA . 9.67 -47.56 -25.74
O3 NAG CA . 9.06 -48.12 -22.99
O4 NAG CA . 6.71 -49.71 -22.54
O5 NAG CA . 6.00 -48.14 -25.77
O6 NAG CA . 4.25 -49.11 -22.90
O7 NAG CA . 10.13 -45.56 -24.83
C1 NAG DA . -71.28 -25.39 -62.00
C2 NAG DA . -72.15 -25.93 -63.18
C3 NAG DA . -71.41 -25.80 -64.52
C4 NAG DA . -70.83 -24.41 -64.70
C5 NAG DA . -69.97 -24.03 -63.50
C6 NAG DA . -69.38 -22.64 -63.59
C7 NAG DA . -71.89 -28.44 -62.82
C8 NAG DA . -70.39 -28.32 -62.96
N2 NAG DA . -72.63 -27.30 -62.97
O3 NAG DA . -72.32 -26.07 -65.59
O4 NAG DA . -70.06 -24.31 -65.89
O5 NAG DA . -70.78 -24.06 -62.33
O6 NAG DA . -69.88 -21.91 -64.69
O7 NAG DA . -72.42 -29.52 -62.61
C1 NAG EA . -50.73 2.38 -1.33
C2 NAG EA . -49.73 2.96 -0.32
C3 NAG EA . -49.15 4.27 -0.85
C4 NAG EA . -48.57 4.06 -2.24
C5 NAG EA . -49.60 3.43 -3.17
C6 NAG EA . -49.06 3.10 -4.55
C7 NAG EA . -49.68 3.06 2.14
C8 NAG EA . -50.48 3.29 3.38
N2 NAG EA . -50.35 3.15 0.98
O3 NAG EA . -48.14 4.72 0.03
O4 NAG EA . -48.16 5.31 -2.79
O5 NAG EA . -50.09 2.21 -2.61
O6 NAG EA . -48.07 4.04 -4.97
O7 NAG EA . -48.48 2.82 2.17
C1 NAG FA . -81.46 -60.59 -53.37
C2 NAG FA . -82.84 -60.46 -54.03
C3 NAG FA . -83.95 -61.05 -53.15
C4 NAG FA . -83.60 -62.46 -52.72
C5 NAG FA . -82.23 -62.47 -52.05
C6 NAG FA . -81.76 -63.84 -51.63
C7 NAG FA . -83.29 -57.97 -53.73
C8 NAG FA . -83.13 -58.08 -52.24
N2 NAG FA . -83.15 -59.10 -54.47
O3 NAG FA . -85.16 -61.05 -53.89
O4 NAG FA . -84.56 -62.96 -51.81
O5 NAG FA . -81.24 -61.96 -52.96
O6 NAG FA . -82.86 -64.74 -51.43
O7 NAG FA . -83.55 -56.90 -54.26
C1 NAG GA . 14.92 -16.21 -75.16
C2 NAG GA . 13.42 -15.94 -75.24
C3 NAG GA . 13.17 -14.66 -76.05
C4 NAG GA . 13.97 -13.50 -75.46
C5 NAG GA . 15.44 -13.88 -75.35
C6 NAG GA . 16.28 -12.82 -74.66
C7 NAG GA . 12.25 -18.11 -75.11
C8 NAG GA . 11.52 -19.17 -75.88
N2 NAG GA . 12.70 -17.06 -75.82
O3 NAG GA . 11.78 -14.35 -76.04
O4 NAG GA . 13.85 -12.36 -76.30
O5 NAG GA . 15.59 -15.08 -74.58
O6 NAG GA . 15.73 -11.52 -74.79
O7 NAG GA . 12.44 -18.20 -73.90
C1 NAG HA . 91.89 -30.99 -32.90
C2 NAG HA . 92.72 -32.07 -33.63
C3 NAG HA . 92.20 -33.49 -33.35
C4 NAG HA . 92.03 -33.73 -31.85
C5 NAG HA . 91.15 -32.63 -31.26
C6 NAG HA . 90.96 -32.76 -29.77
C7 NAG HA . 91.92 -31.80 -36.02
C8 NAG HA . 90.49 -32.08 -35.61
N2 NAG HA . 92.86 -31.82 -35.07
O3 NAG HA . 93.12 -34.44 -33.87
O4 NAG HA . 91.43 -34.99 -31.63
O5 NAG HA . 91.76 -31.35 -31.50
O6 NAG HA . 91.37 -34.03 -29.29
O7 NAG HA . 92.19 -31.55 -37.19
C1 NAG IA . -2.18 53.75 3.29
C2 NAG IA . -0.65 53.89 3.25
C3 NAG IA . -0.26 54.96 2.22
C4 NAG IA . -0.89 54.66 0.87
C5 NAG IA . -2.40 54.47 1.01
C6 NAG IA . -3.07 54.05 -0.28
C7 NAG IA . 0.12 53.28 5.50
C8 NAG IA . 0.68 53.80 6.80
N2 NAG IA . -0.11 54.20 4.55
O3 NAG IA . 1.16 55.02 2.09
O4 NAG IA . -0.64 55.74 -0.04
O5 NAG IA . -2.67 53.45 1.98
O6 NAG IA . -2.71 54.89 -1.37
O7 NAG IA . -0.12 52.09 5.33
C1 NAG JA . -86.89 30.08 -5.24
C2 NAG JA . -88.22 30.58 -4.63
C3 NAG JA . -88.33 30.23 -3.13
C4 NAG JA . -88.04 28.75 -2.91
C5 NAG JA . -86.68 28.38 -3.52
C6 NAG JA . -86.36 26.92 -3.41
C7 NAG JA . -87.81 33.08 -4.48
C8 NAG JA . -86.57 32.86 -3.65
N2 NAG JA . -88.50 32.00 -4.89
O3 NAG JA . -89.64 30.52 -2.67
O4 NAG JA . -88.02 28.45 -1.53
O5 NAG JA . -86.70 28.69 -4.93
O6 NAG JA . -87.44 26.18 -2.86
O7 NAG JA . -88.17 34.21 -4.79
C1 NAG KA . 47.16 -27.92 -23.07
C2 NAG KA . 46.15 -28.29 -24.16
C3 NAG KA . 45.99 -27.12 -25.13
C4 NAG KA . 45.63 -25.84 -24.37
C5 NAG KA . 46.64 -25.58 -23.25
C6 NAG KA . 46.26 -24.41 -22.37
C7 NAG KA . 45.67 -30.35 -25.41
C8 NAG KA . 46.26 -31.55 -26.09
N2 NAG KA . 46.55 -29.49 -24.87
O3 NAG KA . 44.99 -27.42 -26.08
O4 NAG KA . 45.62 -24.73 -25.26
O5 NAG KA . 46.74 -26.73 -22.40
O6 NAG KA . 46.13 -23.21 -23.12
O7 NAG KA . 44.46 -30.18 -25.34
C1 NAG LA . 57.31 3.85 58.46
C2 NAG LA . 58.76 4.14 58.90
C3 NAG LA . 59.47 2.87 59.40
C4 NAG LA . 58.62 2.15 60.45
C5 NAG LA . 57.23 1.87 59.89
C6 NAG LA . 56.32 1.20 60.89
C7 NAG LA . 59.94 4.46 56.66
C8 NAG LA . 59.51 3.08 56.21
N2 NAG LA . 59.55 4.85 57.89
O3 NAG LA . 60.72 3.23 59.95
O4 NAG LA . 59.24 0.92 60.82
O5 NAG LA . 56.61 3.11 59.51
O6 NAG LA . 57.01 0.80 62.06
O7 NAG LA . 60.60 5.19 55.94
C1 NAG MA . 34.86 33.90 20.35
C2 NAG MA . 33.54 34.31 21.02
C3 NAG MA . 33.07 33.21 21.97
C4 NAG MA . 32.98 31.87 21.23
C5 NAG MA . 34.31 31.56 20.54
C6 NAG MA . 34.25 30.31 19.69
C7 NAG MA . 32.65 36.38 22.05
C8 NAG MA . 33.00 37.64 22.78
N2 NAG MA . 33.68 35.58 21.73
O3 NAG MA . 31.80 33.55 22.53
O4 NAG MA . 32.68 30.83 22.15
O5 NAG MA . 34.67 32.65 19.66
O6 NAG MA . 33.62 29.23 20.36
O7 NAG MA . 31.49 36.09 21.77
C1 NAG NA . 86.45 5.68 -46.35
C2 NAG NA . 87.96 5.63 -46.10
C3 NAG NA . 88.58 7.03 -46.03
C4 NAG NA . 88.16 7.87 -47.21
C5 NAG NA . 86.64 7.89 -47.32
C6 NAG NA . 86.13 8.68 -48.51
C7 NAG NA . 88.03 4.98 -43.65
C8 NAG NA . 87.22 6.19 -43.25
N2 NAG NA . 88.33 4.80 -44.95
O3 NAG NA . 90.00 6.90 -46.02
O4 NAG NA . 88.63 9.21 -47.07
O5 NAG NA . 86.16 6.55 -47.47
O6 NAG NA . 87.18 9.15 -49.34
O7 NAG NA . 88.41 4.17 -42.80
#